data_7S00
#
_entry.id   7S00
#
_cell.length_a   112.858
_cell.length_b   166.270
_cell.length_c   307.215
_cell.angle_alpha   90.000
_cell.angle_beta   90.000
_cell.angle_gamma   90.000
#
_symmetry.space_group_name_H-M   'P 21 21 21'
#
loop_
_entity.id
_entity.type
_entity.pdbx_description
1 polymer 'DNA-directed RNA polymerase beta subunit'
2 polymer 'DNA-directed RNA polymerase'
3 polymer 'DNA-directed RNA polymerase'
4 polymer "DNA-directed RNA polymerase beta' subunit"
5 non-polymer 'ZINC ION'
#
loop_
_entity_poly.entity_id
_entity_poly.type
_entity_poly.pdbx_seq_one_letter_code
_entity_poly.pdbx_strand_id
1 'polypeptide(L)'
;MISNFRKFHGNKNQEKFNENLILNKENESILNYLDPICKTLEIIPEITYLGSSVEPINKVYKFNKEEKTSDIERSELQLI
KMSFLIEKDDKKEEINKFIYFPKLIDSQYFIINGNRYYPIYQLLDSGTYRTNKALTLKTLLMPIVLREKKETFDDINGET
HTMLNVDLDLFKSKVPFLIYFFSKFGFEGTLEYFGLQDLIHVLMKEDLDQLDEDEINDNVIFMITKNISLVVDKNFFSNK
NNQIIIATLLNCFNTRIKIDKIYEKDYWVKKLGGYFTTNNSNKQEKGEGIILSFERILDEWTKKILRTEEKNKEDIYSVV
RWMINNYLALVKQDNMNLANKRIRLYEYLLHPLLIKFSKGTYRVLNNRNSNKFEKIKTIFSNIQEGFLVKKIINNELLRY
DNSVNSISLFTLILRYTQSGPQSPFSSNSTNNKLRGLHPSYLGRLGLTSTSAGDPGASGSLTPFLELPENSYMHFTEEPE
INLNIDDISIDEVIES
;
c,e
2 'polypeptide(L)'
;MDDISVIKNEDYEGSHRFLAEELLMPNANKTDGNRSTMFCSHLAQAVTLQKAEPPLVYTNFENQVGKYSTAGYRKANSNY
KVIEKIYKNDYNYVLIVQDQETGEYTLFERAECEFLTEHYGFQWDNDKIDSLKKDDTIEKDTVLYKNTCYDENMNFGYGV
NLNAAYFSYKNETLEDAIVISESAAKKLGTFSVNKVKVSVNTNDILLNLYGDNENYKGFPDIGEHIKNQIIASRRRFDYN
TALYELKNLNEMRDSDTPFFADGKIVDIEIFSNVPEEELKVQKYNEQVLYYINKQKEFSNNVYQKLKKIVEGKDNNVSDK
LLHFYNNCKMRIDENISYTYQNSKFSGFIMEFTILEEEPLNKGSKITGRYGNKGVISKILPDDQMPTVAEGRFKGLKADI
CLNPLGVFNRLNPSQLIEQELNWIAKFIRKDMEEAGSNEEKVSILLDFLNRVNKEETELMEEFINSLNKTELEEFLNDII
ENGIPICQKPFFGNIGLDELWELYNHYDHIDYFKCEGISTPLIIGEIYMVRLKHEPHSKFSARSTSFMNLRGLPAKSKNF
KEHKDLYSKTPVRIGNMEISNLSLTNEMGSIMDMLNSYSNNETNRRELIMQLLTGNPFDTNIDLSDVESGTSKILKSLFT
CLGLSIDDVEEEWENKLNGKVEDEK
;
C,E
3 'polypeptide(L)'
;MEKTYNLNDILLSNEYEKIKEDIKEEIINDMASKKVKYSNTSEFAKNDFLKDEFIDLVVDGETYEITYGNLITLLIVARP
FNHFKVPMTEDLLFDLSDLKEYQNYYTTLLEHFGYSNEIKSIIKDVISELAIFSGDINVTFGNTVSIKSLIDLGNKVKRF
RELLHYRLPNDEALEFNDIEAIIKKNLDEIMKILSETDNMLRYYIDSGAGINSKQFGQVLSLVGSKPDLFGKIIPYPINT
SFLRGLDVRSFYINALGARKALITNYQQVRNSGYLTRKISMLLMDTKLIDLDDCGSHENNYLSINVENKDVLKRFSKRSY
LNNNGELVEIDINDESLIGQVIKIPSPTTCASNEGVCRKCYGKLFDINKDLNIGMIAVLLLTDPLTQRLLSAKHLLETRS
SKIDWGTNFEENFIVNRNLIYPKVYNGTVIIKEDDFKEDEETEEQVFDTFTLKSGNRFISISSPMRLFLNKDLKKQLDES
FYNIEEMQFEIPLNKLDEGDSFATFIMDNNELSKPLREIKDLIETNKYIKDHNVNEVVNYFIYLLNESGINIQSVHSELI
IREMMKLDDSDRTQFKNDKMPDYEIFRITDANLKGDSLSRSLLFEQVKKQLTTLDYDTFNKTKSSILDKLL
;
D,F
4 'polypeptide(L)'
;MGSSHHHHHHSSGENLYFQGHHMGKKLSLIDFNEIYNEENLITRANPIENHEFSDDGIYSERIFGSYNEDDDDKDIDTIG
WINIEPYYIINPILFTIIKKCIPSINKIINYQQSIDQNGENIDLTEEIGEDDYIGLVKFKDNFDDLLEKYTDKKKYQKEY
DFLIENHDKIFINKLPVFSHKLRPATLLTGSKGKVLAFDEINNYYNFVIEYINQINEGVVSDDSIDLLLLPLLYNMQFYA
NNILTRIISEYLRGKKGFLRKNIMGSRINFSARNVITPLIGHPIDEVAMPYKTFAELYKFQLINLISKVKGINYNEALKF
WEKGILGFNQELYNYMEELITKTKGGCTFLLNRNPTISIGSILYLKIGLIKKDYKDLTLGISNNLLSALSGDYDGDVLNI
IPVFDNKMKEHFSLLSPQNFLVDRNNGRFNGDFDLQKDQILGIFILNN
;
d,f
#
loop_
_chem_comp.id
_chem_comp.type
_chem_comp.name
_chem_comp.formula
ZN non-polymer 'ZINC ION' 'Zn 2'
#
# COMPACT_ATOMS: atom_id res chain seq x y z
N MET A 1 81.52 13.50 -21.82
CA MET A 1 80.62 14.21 -22.72
C MET A 1 79.43 14.82 -21.99
N ILE A 2 78.37 15.10 -22.74
CA ILE A 2 77.18 15.72 -22.18
C ILE A 2 76.48 14.77 -21.23
N SER A 3 76.38 13.48 -21.59
CA SER A 3 75.65 12.53 -20.75
C SER A 3 76.31 12.39 -19.38
N ASN A 4 77.64 12.35 -19.35
CA ASN A 4 78.34 12.23 -18.08
C ASN A 4 78.09 13.45 -17.21
N PHE A 5 78.09 14.65 -17.81
CA PHE A 5 77.79 15.85 -17.06
C PHE A 5 76.36 15.83 -16.53
N ARG A 6 75.42 15.34 -17.33
CA ARG A 6 74.02 15.32 -16.90
C ARG A 6 73.84 14.39 -15.72
N LYS A 7 74.47 13.21 -15.76
CA LYS A 7 74.44 12.31 -14.61
C LYS A 7 75.09 12.96 -13.40
N PHE A 8 76.23 13.64 -13.62
CA PHE A 8 76.93 14.30 -12.53
C PHE A 8 76.06 15.35 -11.86
N HIS A 9 75.35 16.15 -12.66
CA HIS A 9 74.45 17.15 -12.10
C HIS A 9 73.29 16.51 -11.36
N GLY A 10 72.72 15.43 -11.94
CA GLY A 10 71.62 14.75 -11.28
C GLY A 10 72.00 14.21 -9.92
N ASN A 11 73.23 13.68 -9.80
CA ASN A 11 73.69 13.17 -8.52
C ASN A 11 73.97 14.28 -7.51
N LYS A 12 74.29 15.49 -7.99
CA LYS A 12 74.63 16.61 -7.12
C LYS A 12 73.44 17.54 -6.88
N ASN A 13 72.22 17.05 -7.07
CA ASN A 13 71.03 17.92 -7.03
C ASN A 13 70.86 18.61 -5.68
N GLN A 14 71.12 17.90 -4.58
CA GLN A 14 70.95 18.33 -3.19
C GLN A 14 69.48 18.30 -2.79
N GLU A 15 68.55 18.14 -3.73
CA GLU A 15 67.14 17.90 -3.44
C GLU A 15 66.85 16.45 -3.81
N LYS A 16 66.68 15.61 -2.80
CA LYS A 16 66.61 14.17 -3.01
C LYS A 16 65.26 13.63 -2.55
N PHE A 17 64.73 12.69 -3.32
CA PHE A 17 63.44 12.07 -3.02
C PHE A 17 63.54 11.19 -1.77
N ASN A 18 62.44 11.08 -1.05
CA ASN A 18 62.37 10.23 0.13
C ASN A 18 62.20 8.78 -0.33
N GLU A 19 63.29 8.01 -0.28
CA GLU A 19 63.23 6.62 -0.72
C GLU A 19 62.27 5.80 0.14
N ASN A 20 62.17 6.14 1.43
CA ASN A 20 61.30 5.39 2.33
C ASN A 20 59.84 5.55 1.97
N LEU A 21 59.43 6.74 1.49
CA LEU A 21 58.04 6.91 1.05
C LEU A 21 57.78 6.11 -0.22
N ILE A 22 58.70 6.18 -1.18
CA ILE A 22 58.52 5.49 -2.46
C ILE A 22 58.47 3.98 -2.24
N LEU A 23 59.24 3.48 -1.28
CA LEU A 23 59.38 2.05 -1.04
C LEU A 23 58.65 1.59 0.21
N ASN A 24 57.75 2.42 0.76
CA ASN A 24 57.02 2.05 1.96
C ASN A 24 56.14 0.83 1.76
N LYS A 25 55.71 0.57 0.52
CA LYS A 25 54.90 -0.61 0.26
C LYS A 25 55.62 -1.88 0.68
N GLU A 26 56.93 -1.93 0.41
CA GLU A 26 57.72 -3.10 0.77
C GLU A 26 57.90 -3.20 2.29
N ASN A 27 58.11 -2.07 2.95
CA ASN A 27 58.42 -2.03 4.37
C ASN A 27 57.17 -2.03 5.26
N GLU A 28 55.98 -2.16 4.68
CA GLU A 28 54.76 -2.31 5.46
C GLU A 28 54.52 -3.79 5.72
N SER A 29 54.07 -4.09 6.93
CA SER A 29 53.91 -5.47 7.39
C SER A 29 52.44 -5.81 7.55
N ILE A 30 52.02 -6.94 6.98
CA ILE A 30 50.64 -7.37 7.08
C ILE A 30 50.28 -7.74 8.51
N LEU A 31 51.25 -8.28 9.27
CA LEU A 31 50.96 -8.81 10.60
C LEU A 31 50.43 -7.72 11.53
N ASN A 32 50.94 -6.49 11.39
CA ASN A 32 50.54 -5.40 12.28
C ASN A 32 49.04 -5.18 12.23
N TYR A 33 48.45 -5.26 11.03
CA TYR A 33 47.01 -5.12 10.86
C TYR A 33 46.27 -6.43 11.07
N LEU A 34 46.90 -7.56 10.78
CA LEU A 34 46.23 -8.84 10.92
C LEU A 34 45.97 -9.19 12.38
N ASP A 35 46.90 -8.84 13.27
CA ASP A 35 46.77 -9.25 14.67
C ASP A 35 45.50 -8.73 15.33
N PRO A 36 45.14 -7.43 15.24
CA PRO A 36 43.88 -7.00 15.87
C PRO A 36 42.64 -7.62 15.27
N ILE A 37 42.62 -7.81 13.95
CA ILE A 37 41.48 -8.43 13.30
C ILE A 37 41.26 -9.84 13.83
N CYS A 38 42.36 -10.58 14.05
CA CYS A 38 42.24 -11.90 14.65
C CYS A 38 41.83 -11.82 16.11
N LYS A 39 42.36 -10.85 16.85
CA LYS A 39 42.04 -10.72 18.26
C LYS A 39 40.60 -10.28 18.51
N THR A 40 39.92 -9.76 17.50
CA THR A 40 38.48 -9.54 17.63
C THR A 40 37.74 -10.84 17.93
N LEU A 41 38.26 -11.97 17.45
CA LEU A 41 37.68 -13.27 17.72
C LEU A 41 37.83 -13.68 19.19
N GLU A 42 38.83 -13.14 19.89
CA GLU A 42 39.10 -13.55 21.27
C GLU A 42 37.94 -13.26 22.23
N ILE A 43 36.93 -12.51 21.80
CA ILE A 43 35.74 -12.30 22.62
C ILE A 43 35.11 -13.63 23.02
N ILE A 44 35.17 -14.63 22.13
CA ILE A 44 34.69 -15.96 22.47
C ILE A 44 35.64 -16.60 23.49
N PRO A 45 35.13 -17.15 24.59
CA PRO A 45 36.06 -17.65 25.64
C PRO A 45 36.91 -18.80 25.16
N GLU A 46 36.33 -19.70 24.35
CA GLU A 46 37.09 -20.83 23.82
C GLU A 46 38.24 -20.37 22.94
N ILE A 47 37.99 -19.38 22.09
CA ILE A 47 38.99 -18.93 21.12
C ILE A 47 39.98 -18.00 21.79
N THR A 48 41.27 -18.34 21.67
CA THR A 48 42.37 -17.49 22.07
C THR A 48 43.32 -17.42 20.88
N TYR A 49 43.74 -16.20 20.52
CA TYR A 49 44.54 -16.01 19.31
C TYR A 49 46.01 -16.11 19.67
N LEU A 50 46.68 -17.11 19.10
CA LEU A 50 48.10 -17.33 19.40
C LEU A 50 48.99 -16.46 18.52
N GLY A 51 48.76 -16.43 17.22
CA GLY A 51 49.65 -15.63 16.39
C GLY A 51 49.35 -15.76 14.93
N SER A 52 50.09 -15.00 14.13
CA SER A 52 49.98 -15.04 12.68
C SER A 52 51.34 -14.88 12.03
N SER A 53 51.55 -15.58 10.92
CA SER A 53 52.79 -15.49 10.17
C SER A 53 52.51 -15.56 8.67
N VAL A 54 53.18 -14.70 7.90
CA VAL A 54 53.07 -14.73 6.45
C VAL A 54 54.24 -15.54 5.91
N GLU A 55 53.93 -16.62 5.19
CA GLU A 55 54.91 -17.57 4.70
C GLU A 55 54.79 -17.77 3.18
N PRO A 56 55.92 -17.87 2.51
CA PRO A 56 55.90 -18.15 1.07
C PRO A 56 55.34 -19.53 0.76
N ILE A 57 54.56 -19.61 -0.31
CA ILE A 57 54.12 -20.91 -0.81
C ILE A 57 55.32 -21.60 -1.44
N ASN A 58 55.73 -22.72 -0.86
CA ASN A 58 56.97 -23.40 -1.24
C ASN A 58 56.70 -24.89 -1.45
N LYS A 59 56.01 -25.20 -2.54
CA LYS A 59 55.67 -26.57 -2.89
C LYS A 59 56.19 -26.87 -4.29
N VAL A 60 57.01 -27.90 -4.41
CA VAL A 60 57.48 -28.35 -5.72
C VAL A 60 56.41 -29.20 -6.36
N TYR A 61 56.12 -28.94 -7.64
CA TYR A 61 55.09 -29.69 -8.32
C TYR A 61 55.57 -31.12 -8.58
N LYS A 62 54.69 -32.09 -8.32
CA LYS A 62 55.00 -33.49 -8.54
C LYS A 62 53.95 -34.11 -9.46
N PHE A 63 54.40 -34.94 -10.39
CA PHE A 63 53.49 -35.52 -11.38
C PHE A 63 52.38 -36.32 -10.70
N ASN A 64 51.14 -36.00 -11.03
CA ASN A 64 49.97 -36.69 -10.51
C ASN A 64 49.31 -37.46 -11.64
N LYS A 65 49.15 -38.78 -11.44
CA LYS A 65 48.42 -39.60 -12.40
C LYS A 65 46.99 -39.10 -12.58
N GLU A 66 46.37 -38.59 -11.51
CA GLU A 66 45.01 -38.10 -11.60
C GLU A 66 44.97 -36.79 -12.36
N GLU A 67 43.78 -36.47 -12.89
CA GLU A 67 43.62 -35.27 -13.69
C GLU A 67 43.86 -34.01 -12.87
N LYS A 68 44.52 -33.03 -13.48
CA LYS A 68 44.86 -31.76 -12.85
C LYS A 68 44.46 -30.63 -13.78
N THR A 69 43.80 -29.62 -13.22
CA THR A 69 43.34 -28.47 -13.98
C THR A 69 44.16 -27.25 -13.58
N SER A 70 44.78 -26.60 -14.56
CA SER A 70 45.57 -25.40 -14.34
C SER A 70 45.02 -24.27 -15.20
N ASP A 71 44.83 -23.11 -14.59
CA ASP A 71 44.28 -21.98 -15.31
C ASP A 71 45.37 -21.32 -16.15
N ILE A 72 44.97 -20.83 -17.33
CA ILE A 72 45.92 -20.14 -18.19
C ILE A 72 46.38 -18.85 -17.53
N GLU A 73 45.45 -18.10 -16.96
CA GLU A 73 45.78 -16.86 -16.26
C GLU A 73 46.39 -17.20 -14.92
N ARG A 74 47.55 -16.59 -14.61
CA ARG A 74 48.32 -16.94 -13.43
C ARG A 74 48.29 -15.83 -12.39
N SER A 75 48.25 -16.22 -11.12
CA SER A 75 48.31 -15.32 -9.99
C SER A 75 49.49 -15.68 -9.10
N GLU A 76 50.31 -14.70 -8.75
CA GLU A 76 51.42 -14.88 -7.82
C GLU A 76 50.94 -14.55 -6.42
N LEU A 77 50.88 -15.57 -5.55
CA LEU A 77 50.24 -15.47 -4.26
C LEU A 77 51.19 -15.95 -3.16
N GLN A 78 50.86 -15.58 -1.92
CA GLN A 78 51.59 -15.97 -0.72
C GLN A 78 50.57 -16.46 0.30
N LEU A 79 51.01 -17.25 1.27
CA LEU A 79 50.10 -17.85 2.23
C LEU A 79 50.25 -17.16 3.58
N ILE A 80 49.13 -16.81 4.20
CA ILE A 80 49.13 -16.27 5.56
C ILE A 80 48.51 -17.31 6.49
N LYS A 81 49.18 -17.55 7.62
CA LYS A 81 48.77 -18.54 8.61
C LYS A 81 48.29 -17.80 9.85
N MET A 82 47.09 -18.15 10.32
CA MET A 82 46.53 -17.62 11.56
C MET A 82 46.32 -18.79 12.52
N SER A 83 47.09 -18.82 13.61
CA SER A 83 47.06 -19.91 14.57
C SER A 83 46.30 -19.48 15.83
N PHE A 84 45.29 -20.28 16.19
CA PHE A 84 44.38 -20.07 17.31
C PHE A 84 44.33 -21.35 18.15
N LEU A 85 44.12 -21.18 19.46
CA LEU A 85 43.97 -22.29 20.39
C LEU A 85 42.60 -22.26 21.05
N ILE A 86 41.80 -23.31 20.82
CA ILE A 86 40.49 -23.47 21.42
C ILE A 86 40.64 -24.35 22.65
N GLU A 87 40.43 -23.77 23.84
CA GLU A 87 40.49 -24.51 25.09
C GLU A 87 39.16 -24.35 25.81
N LYS A 88 38.54 -25.47 26.15
CA LYS A 88 37.26 -25.48 26.86
C LYS A 88 37.14 -26.81 27.60
N ASP A 89 36.13 -26.89 28.46
CA ASP A 89 35.84 -28.14 29.16
C ASP A 89 35.53 -29.26 28.17
N ASP A 90 34.96 -28.93 27.01
CA ASP A 90 34.58 -29.94 26.03
C ASP A 90 35.80 -30.69 25.53
N LYS A 91 36.82 -29.97 25.09
CA LYS A 91 38.06 -30.53 24.56
C LYS A 91 39.05 -29.38 24.39
N LYS A 92 40.25 -29.69 23.90
CA LYS A 92 41.23 -28.68 23.55
C LYS A 92 41.79 -29.00 22.18
N GLU A 93 41.60 -28.07 21.24
CA GLU A 93 42.02 -28.26 19.85
C GLU A 93 42.69 -27.00 19.35
N GLU A 94 43.68 -27.16 18.49
CA GLU A 94 44.37 -26.04 17.88
C GLU A 94 43.93 -25.90 16.42
N ILE A 95 43.47 -24.70 16.06
CA ILE A 95 43.00 -24.43 14.70
C ILE A 95 43.99 -23.50 14.02
N ASN A 96 44.56 -23.98 12.92
CA ASN A 96 45.46 -23.20 12.09
C ASN A 96 44.78 -22.97 10.75
N LYS A 97 44.62 -21.71 10.37
CA LYS A 97 43.87 -21.32 9.18
C LYS A 97 44.82 -20.73 8.15
N PHE A 98 44.69 -21.20 6.92
CA PHE A 98 45.53 -20.78 5.80
C PHE A 98 44.70 -19.94 4.84
N ILE A 99 45.17 -18.73 4.53
CA ILE A 99 44.48 -17.84 3.61
C ILE A 99 45.46 -17.38 2.53
N TYR A 100 44.97 -17.30 1.29
CA TYR A 100 45.78 -16.80 0.19
C TYR A 100 45.73 -15.28 0.17
N PHE A 101 46.90 -14.64 0.04
CA PHE A 101 46.99 -13.19 0.00
C PHE A 101 47.96 -12.79 -1.11
N PRO A 102 47.66 -11.73 -1.85
CA PRO A 102 48.53 -11.35 -2.97
C PRO A 102 49.93 -10.96 -2.51
N LYS A 103 50.91 -11.23 -3.37
CA LYS A 103 52.31 -10.99 -3.08
C LYS A 103 52.83 -9.82 -3.91
N LEU A 104 53.69 -9.01 -3.29
CA LEU A 104 54.26 -7.84 -3.96
C LEU A 104 55.31 -8.28 -4.98
N ILE A 105 55.23 -7.72 -6.18
CA ILE A 105 56.19 -8.00 -7.24
C ILE A 105 56.84 -6.68 -7.65
N ASP A 106 58.18 -6.67 -7.69
CA ASP A 106 58.98 -5.51 -8.07
C ASP A 106 58.78 -4.33 -7.13
N SER A 107 58.25 -4.59 -5.94
CA SER A 107 58.14 -3.70 -4.77
C SER A 107 56.95 -2.74 -4.81
N GLN A 108 56.15 -2.70 -5.88
CA GLN A 108 55.02 -1.78 -5.90
C GLN A 108 53.72 -2.32 -6.52
N TYR A 109 53.67 -3.56 -7.02
CA TYR A 109 52.44 -4.03 -7.63
C TYR A 109 52.19 -5.50 -7.36
N PHE A 110 50.98 -5.92 -7.73
CA PHE A 110 50.46 -7.27 -7.58
C PHE A 110 50.14 -7.82 -8.97
N ILE A 111 50.28 -9.14 -9.11
CA ILE A 111 49.86 -9.84 -10.33
C ILE A 111 48.82 -10.87 -9.92
N ILE A 112 47.58 -10.69 -10.37
CA ILE A 112 46.51 -11.62 -10.04
C ILE A 112 45.67 -11.89 -11.28
N ASN A 113 45.31 -13.15 -11.48
CA ASN A 113 44.47 -13.59 -12.59
C ASN A 113 45.00 -13.10 -13.92
N GLY A 114 46.34 -13.07 -14.04
CA GLY A 114 46.98 -12.67 -15.27
C GLY A 114 47.02 -11.18 -15.52
N ASN A 115 46.64 -10.35 -14.56
CA ASN A 115 46.63 -8.91 -14.74
C ASN A 115 47.46 -8.20 -13.68
N ARG A 116 47.93 -7.02 -14.05
CA ARG A 116 48.82 -6.19 -13.24
C ARG A 116 47.97 -5.17 -12.49
N TYR A 117 47.88 -5.32 -11.18
CA TYR A 117 47.10 -4.43 -10.34
C TYR A 117 48.03 -3.69 -9.39
N TYR A 118 47.85 -2.37 -9.26
CA TYR A 118 48.70 -1.60 -8.37
C TYR A 118 47.93 -1.11 -7.16
N PRO A 119 48.44 -1.32 -5.95
CA PRO A 119 47.80 -0.73 -4.76
C PRO A 119 48.15 0.74 -4.59
N ILE A 120 47.14 1.56 -4.29
CA ILE A 120 47.30 3.00 -4.12
C ILE A 120 46.84 3.38 -2.72
N TYR A 121 47.56 4.33 -2.12
CA TYR A 121 47.23 4.79 -0.78
C TYR A 121 45.87 5.46 -0.75
N GLN A 122 45.24 5.44 0.43
CA GLN A 122 43.94 6.04 0.66
C GLN A 122 44.07 7.13 1.72
N LEU A 123 43.39 8.25 1.49
CA LEU A 123 43.37 9.39 2.41
C LEU A 123 42.13 9.29 3.29
N LEU A 124 42.34 9.30 4.60
CA LEU A 124 41.26 9.09 5.57
C LEU A 124 41.45 10.04 6.74
N ASP A 125 40.38 10.22 7.51
CA ASP A 125 40.46 11.02 8.72
C ASP A 125 41.00 10.18 9.86
N SER A 126 41.87 10.78 10.67
CA SER A 126 42.55 10.04 11.73
C SER A 126 41.57 9.60 12.81
N GLY A 127 40.77 10.53 13.33
CA GLY A 127 39.84 10.22 14.38
C GLY A 127 39.15 11.50 14.83
N THR A 128 38.16 11.31 15.71
CA THR A 128 37.37 12.43 16.25
C THR A 128 36.80 13.29 15.13
N TYR A 129 36.27 12.62 14.12
CA TYR A 129 35.73 13.34 12.96
C TYR A 129 34.35 13.90 13.29
N ARG A 130 34.14 15.14 12.83
CA ARG A 130 32.91 15.88 13.08
C ARG A 130 31.79 15.37 12.17
N THR A 131 30.57 15.37 12.69
CA THR A 131 29.40 15.03 11.91
C THR A 131 28.25 15.85 12.47
N ASN A 132 27.17 15.97 11.69
CA ASN A 132 26.03 16.77 12.12
C ASN A 132 25.51 16.28 13.46
N LYS A 133 25.51 17.18 14.45
CA LYS A 133 25.07 16.89 15.81
C LYS A 133 25.86 15.78 16.48
N ALA A 134 27.10 15.54 16.04
CA ALA A 134 27.81 14.38 16.57
C ALA A 134 29.31 14.51 16.39
N LEU A 135 30.02 13.80 17.25
CA LEU A 135 31.46 13.63 17.17
C LEU A 135 31.75 12.14 17.22
N THR A 136 32.51 11.62 16.25
CA THR A 136 32.66 10.18 16.15
C THR A 136 34.12 9.79 16.11
N LEU A 137 34.44 8.69 16.81
CA LEU A 137 35.74 8.06 16.71
C LEU A 137 35.53 6.69 16.07
N LYS A 138 36.28 6.43 15.00
CA LYS A 138 36.11 5.20 14.24
C LYS A 138 36.86 4.06 14.90
N THR A 139 36.21 2.90 14.98
CA THR A 139 36.80 1.70 15.53
C THR A 139 36.56 0.55 14.55
N LEU A 140 37.28 -0.56 14.77
CA LEU A 140 37.17 -1.69 13.87
C LEU A 140 35.76 -2.28 13.87
N LEU A 141 35.13 -2.36 15.04
CA LEU A 141 33.83 -3.01 15.15
C LEU A 141 32.68 -2.01 15.09
N MET A 142 32.44 -1.28 16.17
CA MET A 142 31.33 -0.34 16.24
C MET A 142 31.85 1.06 16.49
N PRO A 143 31.61 2.02 15.60
CA PRO A 143 32.10 3.38 15.81
C PRO A 143 31.47 4.00 17.05
N ILE A 144 32.28 4.74 17.80
CA ILE A 144 31.78 5.37 19.02
C ILE A 144 31.34 6.79 18.66
N VAL A 145 30.05 7.05 18.79
CA VAL A 145 29.40 8.27 18.32
C VAL A 145 28.80 8.99 19.51
N LEU A 146 29.06 10.30 19.60
CA LEU A 146 28.43 11.15 20.59
C LEU A 146 27.44 12.07 19.87
N ARG A 147 26.16 11.97 20.24
CA ARG A 147 25.08 12.70 19.61
C ARG A 147 24.56 13.75 20.60
N GLU A 148 24.23 14.94 20.09
CA GLU A 148 23.88 16.07 20.94
C GLU A 148 22.44 16.51 20.73
N LYS A 149 21.84 17.05 21.80
CA LYS A 149 20.50 17.60 21.75
C LYS A 149 20.43 18.80 22.70
N LYS A 150 19.54 19.74 22.41
CA LYS A 150 19.42 20.97 23.19
C LYS A 150 18.14 20.93 24.01
N GLU A 151 18.26 21.16 25.31
CA GLU A 151 17.10 21.05 26.19
C GLU A 151 17.09 22.15 27.24
N THR A 152 15.89 22.46 27.71
CA THR A 152 15.66 23.45 28.75
C THR A 152 15.88 22.83 30.13
N PHE A 153 16.45 23.61 31.04
CA PHE A 153 16.73 23.17 32.41
C PHE A 153 16.41 24.31 33.37
N ASP A 154 15.85 23.98 34.52
CA ASP A 154 15.32 24.97 35.45
C ASP A 154 16.11 24.95 36.75
N ASP A 155 16.56 26.14 37.16
CA ASP A 155 17.33 26.38 38.37
C ASP A 155 16.43 26.33 39.60
N ILE A 156 17.05 26.22 40.78
CA ILE A 156 16.30 26.22 42.02
C ILE A 156 15.58 27.55 42.19
N ASN A 157 16.20 28.64 41.72
CA ASN A 157 15.60 29.97 41.74
C ASN A 157 14.48 30.13 40.72
N GLY A 158 14.35 29.21 39.77
CA GLY A 158 13.43 29.37 38.66
C GLY A 158 14.09 29.86 37.39
N GLU A 159 15.41 30.01 37.39
CA GLU A 159 16.15 30.47 36.23
C GLU A 159 16.26 29.35 35.19
N THR A 160 15.96 29.68 33.94
CA THR A 160 15.94 28.73 32.84
C THR A 160 17.20 28.86 32.00
N HIS A 161 17.91 27.75 31.83
CA HIS A 161 19.14 27.68 31.05
C HIS A 161 18.95 26.66 29.92
N THR A 162 19.47 26.98 28.75
CA THR A 162 19.47 26.05 27.62
C THR A 162 20.80 25.33 27.59
N MET A 163 20.78 23.99 27.63
CA MET A 163 22.04 23.26 27.67
C MET A 163 22.02 22.06 26.72
N LEU A 164 23.22 21.64 26.34
CA LEU A 164 23.44 20.54 25.42
C LEU A 164 23.64 19.24 26.19
N ASN A 165 22.94 18.19 25.77
CA ASN A 165 23.03 16.87 26.36
C ASN A 165 23.60 15.91 25.33
N VAL A 166 24.63 15.17 25.72
CA VAL A 166 25.33 14.24 24.83
C VAL A 166 24.96 12.82 25.23
N ASP A 167 24.53 12.04 24.25
CA ASP A 167 24.18 10.64 24.42
C ASP A 167 25.07 9.79 23.51
N LEU A 168 25.55 8.67 24.03
CA LEU A 168 26.24 7.70 23.20
C LEU A 168 25.24 7.08 22.25
N ASP A 169 25.53 7.15 20.95
CA ASP A 169 24.72 6.46 19.94
C ASP A 169 25.45 5.14 19.71
N LEU A 170 25.05 4.14 20.49
CA LEU A 170 25.73 2.84 20.45
C LEU A 170 24.70 1.74 20.64
N PHE A 171 25.02 0.57 20.07
CA PHE A 171 24.17 -0.61 20.17
C PHE A 171 22.73 -0.28 19.77
N LYS A 172 22.62 0.59 18.76
CA LYS A 172 21.33 1.01 18.19
C LYS A 172 20.45 1.72 19.21
N SER A 173 21.06 2.47 20.13
CA SER A 173 20.31 3.28 21.07
C SER A 173 21.11 4.52 21.46
N LYS A 174 20.39 5.61 21.75
CA LYS A 174 20.97 6.86 22.22
C LYS A 174 20.80 6.92 23.74
N VAL A 175 21.87 6.58 24.45
CA VAL A 175 21.84 6.44 25.90
C VAL A 175 22.71 7.53 26.51
N PRO A 176 22.23 8.27 27.51
CA PRO A 176 23.07 9.31 28.15
C PRO A 176 24.45 8.78 28.54
N PHE A 177 25.47 9.62 28.34
CA PHE A 177 26.85 9.15 28.44
C PHE A 177 27.21 8.79 29.88
N LEU A 178 26.71 9.55 30.86
CA LEU A 178 27.13 9.33 32.24
C LEU A 178 26.66 7.99 32.81
N ILE A 179 25.51 7.46 32.39
CA ILE A 179 25.04 6.21 33.01
C ILE A 179 25.96 5.05 32.64
N TYR A 180 26.52 5.07 31.43
CA TYR A 180 27.54 4.08 31.07
C TYR A 180 28.65 4.08 32.10
N PHE A 181 29.11 5.28 32.48
CA PHE A 181 30.16 5.40 33.48
C PHE A 181 29.70 4.90 34.83
N PHE A 182 28.47 5.25 35.23
CA PHE A 182 27.94 4.83 36.52
C PHE A 182 27.87 3.32 36.63
N SER A 183 27.55 2.64 35.52
CA SER A 183 27.33 1.19 35.56
C SER A 183 28.58 0.43 35.99
N LYS A 184 29.78 0.96 35.69
CA LYS A 184 31.02 0.32 36.09
C LYS A 184 31.67 0.99 37.29
N PHE A 185 31.87 2.31 37.20
CA PHE A 185 32.60 3.03 38.26
C PHE A 185 31.73 3.26 39.48
N GLY A 186 30.44 3.51 39.30
CA GLY A 186 29.59 4.00 40.36
C GLY A 186 29.51 5.51 40.34
N PHE A 187 28.46 6.02 41.00
CA PHE A 187 28.22 7.46 40.96
C PHE A 187 29.39 8.24 41.56
N GLU A 188 29.79 7.88 42.78
CA GLU A 188 30.97 8.49 43.38
C GLU A 188 32.22 8.15 42.58
N GLY A 189 32.31 6.90 42.11
CA GLY A 189 33.46 6.52 41.30
C GLY A 189 33.53 7.28 39.99
N THR A 190 32.39 7.49 39.34
CA THR A 190 32.37 8.29 38.12
C THR A 190 32.78 9.72 38.40
N LEU A 191 32.28 10.31 39.49
CA LEU A 191 32.69 11.67 39.85
C LEU A 191 34.18 11.74 40.13
N GLU A 192 34.74 10.69 40.76
CA GLU A 192 36.17 10.66 41.03
C GLU A 192 36.98 10.54 39.74
N TYR A 193 36.52 9.72 38.79
CA TYR A 193 37.21 9.57 37.52
C TYR A 193 37.29 10.90 36.78
N PHE A 194 36.16 11.62 36.73
CA PHE A 194 36.15 12.96 36.14
C PHE A 194 36.75 14.00 37.07
N GLY A 195 36.95 13.69 38.33
CA GLY A 195 37.50 14.64 39.29
C GLY A 195 36.55 15.74 39.67
N LEU A 196 35.24 15.51 39.57
CA LEU A 196 34.23 16.52 39.86
C LEU A 196 33.57 16.29 41.21
N GLN A 197 34.14 15.42 42.05
CA GLN A 197 33.50 15.04 43.31
C GLN A 197 33.35 16.25 44.23
N ASP A 198 34.42 17.04 44.38
CA ASP A 198 34.39 18.16 45.31
C ASP A 198 33.50 19.29 44.80
N LEU A 199 33.55 19.57 43.49
CA LEU A 199 32.86 20.73 42.95
C LEU A 199 31.35 20.55 42.95
N ILE A 200 30.86 19.35 42.62
CA ILE A 200 29.43 19.08 42.47
C ILE A 200 29.01 18.16 43.61
N HIS A 201 27.94 18.55 44.31
CA HIS A 201 27.46 17.80 45.46
C HIS A 201 25.98 17.53 45.33
N VAL A 202 25.53 16.45 45.97
CA VAL A 202 24.12 16.11 46.04
C VAL A 202 23.71 16.17 47.51
N LEU A 203 22.61 16.86 47.79
CA LEU A 203 22.13 17.10 49.14
C LEU A 203 20.64 16.82 49.20
N MET A 204 20.17 16.50 50.39
CA MET A 204 18.74 16.28 50.58
C MET A 204 18.01 17.63 50.65
N LYS A 205 16.68 17.56 50.54
CA LYS A 205 15.87 18.77 50.55
C LYS A 205 16.03 19.54 51.87
N GLU A 206 16.00 18.82 52.99
CA GLU A 206 16.15 19.48 54.29
C GLU A 206 17.51 20.13 54.42
N ASP A 207 18.56 19.47 53.91
CA ASP A 207 19.89 20.06 53.91
C ASP A 207 19.90 21.35 53.08
N LEU A 208 19.16 21.35 51.98
CA LEU A 208 19.01 22.57 51.19
C LEU A 208 18.30 23.66 51.98
N ASP A 209 17.26 23.28 52.73
CA ASP A 209 16.50 24.28 53.50
C ASP A 209 17.36 24.92 54.57
N GLN A 210 18.20 24.13 55.25
CA GLN A 210 19.04 24.71 56.30
C GLN A 210 20.25 25.45 55.73
N LEU A 211 20.67 25.13 54.51
CA LEU A 211 21.85 25.72 53.90
C LEU A 211 21.70 27.23 53.73
N ASP A 212 22.84 27.92 53.82
CA ASP A 212 22.86 29.38 53.69
C ASP A 212 22.34 29.81 52.32
N GLU A 213 21.47 30.83 52.33
CA GLU A 213 20.89 31.32 51.08
C GLU A 213 21.94 31.99 50.19
N ASP A 214 22.91 32.69 50.79
CA ASP A 214 23.93 33.37 50.01
C ASP A 214 24.71 32.38 49.15
N GLU A 215 25.13 31.25 49.72
CA GLU A 215 25.80 30.23 48.92
C GLU A 215 24.92 29.80 47.76
N ILE A 216 23.61 29.74 47.98
CA ILE A 216 22.69 29.34 46.93
C ILE A 216 22.75 30.31 45.75
N ASN A 217 22.82 31.62 46.02
CA ASN A 217 22.99 32.52 44.88
C ASN A 217 24.42 32.46 44.34
N ASP A 218 25.39 32.15 45.19
CA ASP A 218 26.78 32.09 44.72
C ASP A 218 27.01 30.89 43.82
N ASN A 219 26.45 29.73 44.17
CA ASN A 219 26.63 28.50 43.42
C ASN A 219 25.29 28.01 42.91
N VAL A 220 25.22 27.68 41.62
CA VAL A 220 23.97 27.24 41.03
C VAL A 220 23.58 25.89 41.59
N ILE A 221 22.28 25.69 41.82
CA ILE A 221 21.72 24.47 42.40
C ILE A 221 20.56 24.04 41.52
N PHE A 222 20.38 22.74 41.35
CA PHE A 222 19.31 22.22 40.52
C PHE A 222 18.47 21.24 41.31
N MET A 223 17.18 21.15 40.96
CA MET A 223 16.23 20.32 41.69
C MET A 223 16.11 18.99 40.95
N ILE A 224 16.79 17.99 41.49
CA ILE A 224 16.64 16.62 40.97
C ILE A 224 15.28 16.05 41.32
N THR A 225 14.87 16.21 42.58
CA THR A 225 13.61 15.67 43.08
C THR A 225 13.15 16.58 44.20
N LYS A 226 11.93 16.35 44.70
CA LYS A 226 11.47 17.08 45.87
C LYS A 226 12.40 16.83 47.05
N ASN A 227 12.88 15.60 47.21
CA ASN A 227 13.78 15.26 48.31
C ASN A 227 15.26 15.26 47.93
N ILE A 228 15.59 15.39 46.64
CA ILE A 228 16.98 15.33 46.18
C ILE A 228 17.30 16.62 45.43
N SER A 229 18.45 17.20 45.73
CA SER A 229 18.92 18.46 45.14
C SER A 229 20.38 18.34 44.74
N LEU A 230 20.74 18.96 43.62
CA LEU A 230 22.13 18.94 43.14
C LEU A 230 22.67 20.36 43.07
N VAL A 231 23.84 20.57 43.68
CA VAL A 231 24.49 21.87 43.76
C VAL A 231 25.80 21.82 42.97
N VAL A 232 26.02 22.83 42.14
CA VAL A 232 27.18 22.92 41.26
C VAL A 232 27.92 24.22 41.54
N ASP A 233 29.25 24.17 41.48
CA ASP A 233 30.08 25.35 41.68
C ASP A 233 29.95 26.31 40.49
N LYS A 234 30.01 27.61 40.78
CA LYS A 234 29.83 28.64 39.76
C LYS A 234 30.92 28.58 38.70
N ASN A 235 32.18 28.48 39.12
CA ASN A 235 33.28 28.43 38.16
C ASN A 235 33.15 27.21 37.27
N PHE A 236 32.72 26.08 37.84
CA PHE A 236 32.41 24.90 37.05
C PHE A 236 31.26 25.19 36.09
N PHE A 237 30.27 25.96 36.54
CA PHE A 237 29.12 26.29 35.70
C PHE A 237 29.52 27.12 34.48
N SER A 238 30.57 27.94 34.60
CA SER A 238 30.92 28.85 33.51
C SER A 238 31.28 28.09 32.23
N ASN A 239 32.06 27.02 32.34
CA ASN A 239 32.50 26.27 31.17
C ASN A 239 31.33 25.55 30.52
N LYS A 240 31.22 25.68 29.19
CA LYS A 240 30.11 25.05 28.47
C LYS A 240 30.22 23.53 28.45
N ASN A 241 31.44 23.00 28.34
CA ASN A 241 31.60 21.54 28.37
C ASN A 241 31.19 20.97 29.72
N ASN A 242 31.56 21.68 30.80
CA ASN A 242 31.10 21.29 32.13
C ASN A 242 29.57 21.36 32.20
N GLN A 243 28.98 22.34 31.50
CA GLN A 243 27.53 22.39 31.38
C GLN A 243 26.99 21.17 30.68
N ILE A 244 27.72 20.66 29.69
CA ILE A 244 27.32 19.43 29.00
C ILE A 244 27.25 18.28 30.00
N ILE A 245 28.28 18.17 30.84
CA ILE A 245 28.30 17.12 31.86
C ILE A 245 27.10 17.26 32.79
N ILE A 246 26.84 18.49 33.25
CA ILE A 246 25.77 18.71 34.22
C ILE A 246 24.41 18.40 33.60
N ALA A 247 24.21 18.79 32.33
CA ALA A 247 22.95 18.50 31.66
C ALA A 247 22.74 17.01 31.48
N THR A 248 23.81 16.27 31.16
CA THR A 248 23.66 14.83 31.07
C THR A 248 23.26 14.24 32.41
N LEU A 249 23.83 14.75 33.50
CA LEU A 249 23.43 14.28 34.83
C LEU A 249 21.95 14.55 35.10
N LEU A 250 21.49 15.75 34.76
CA LEU A 250 20.09 16.10 34.97
C LEU A 250 19.17 15.18 34.18
N ASN A 251 19.55 14.85 32.95
CA ASN A 251 18.77 13.87 32.19
C ASN A 251 18.84 12.48 32.81
N CYS A 252 19.98 12.15 33.43
CA CYS A 252 20.12 10.84 34.08
C CYS A 252 19.10 10.67 35.21
N PHE A 253 18.88 11.73 35.98
CA PHE A 253 17.98 11.63 37.15
C PHE A 253 16.53 11.95 36.79
N ASN A 254 15.67 10.94 36.78
CA ASN A 254 14.24 11.24 36.76
C ASN A 254 13.76 11.54 38.17
N THR A 255 12.64 12.26 38.26
CA THR A 255 12.15 12.72 39.56
C THR A 255 11.83 11.58 40.52
N ARG A 256 11.36 10.44 40.02
CA ARG A 256 10.92 9.34 40.87
C ARG A 256 12.11 8.47 41.29
N ILE A 257 12.97 9.05 42.13
CA ILE A 257 14.14 8.35 42.65
C ILE A 257 14.35 8.66 44.12
N LYS A 258 15.06 7.76 44.80
CA LYS A 258 15.46 7.89 46.19
C LYS A 258 16.99 7.96 46.27
N ILE A 259 17.48 8.67 47.29
CA ILE A 259 18.92 8.90 47.42
C ILE A 259 19.67 7.58 47.52
N ASP A 260 19.05 6.57 48.13
CA ASP A 260 19.70 5.27 48.25
C ASP A 260 19.90 4.63 46.87
N LYS A 261 18.93 4.79 45.97
CA LYS A 261 19.04 4.15 44.66
C LYS A 261 20.13 4.80 43.81
N ILE A 262 20.39 6.09 44.05
CA ILE A 262 21.43 6.81 43.30
C ILE A 262 22.80 6.21 43.59
N TYR A 263 23.04 5.84 44.84
CA TYR A 263 24.34 5.34 45.28
C TYR A 263 24.50 3.83 45.07
N GLU A 264 23.54 3.18 44.42
CA GLU A 264 23.61 1.77 44.09
C GLU A 264 23.95 1.60 42.61
N LYS A 265 25.04 0.88 42.33
CA LYS A 265 25.47 0.71 40.94
C LYS A 265 24.45 -0.07 40.13
N ASP A 266 23.82 -1.09 40.76
CA ASP A 266 22.94 -1.97 40.02
C ASP A 266 21.72 -1.23 39.48
N TYR A 267 21.32 -0.13 40.13
CA TYR A 267 20.28 0.72 39.57
C TYR A 267 20.69 1.27 38.21
N TRP A 268 21.92 1.78 38.11
CA TRP A 268 22.40 2.30 36.84
C TRP A 268 22.58 1.21 35.81
N VAL A 269 23.03 0.02 36.25
CA VAL A 269 23.10 -1.12 35.33
C VAL A 269 21.70 -1.44 34.79
N LYS A 270 20.69 -1.41 35.66
CA LYS A 270 19.33 -1.68 35.24
C LYS A 270 18.83 -0.63 34.25
N LYS A 271 19.14 0.64 34.48
CA LYS A 271 18.73 1.68 33.54
C LYS A 271 19.40 1.50 32.18
N LEU A 272 20.70 1.21 32.19
CA LEU A 272 21.44 0.98 30.94
C LEU A 272 20.82 -0.17 30.17
N GLY A 273 20.50 -1.27 30.87
CA GLY A 273 19.81 -2.37 30.20
C GLY A 273 18.41 -2.01 29.76
N GLY A 274 17.71 -1.18 30.54
CA GLY A 274 16.34 -0.82 30.23
C GLY A 274 16.21 -0.06 28.93
N TYR A 275 17.21 0.76 28.59
CA TYR A 275 17.18 1.43 27.30
C TYR A 275 17.06 0.43 26.14
N PHE A 276 17.78 -0.70 26.23
CA PHE A 276 17.85 -1.64 25.12
C PHE A 276 16.69 -2.64 25.09
N THR A 277 16.22 -3.11 26.23
CA THR A 277 15.25 -4.20 26.29
C THR A 277 13.92 -3.76 26.89
N THR A 278 12.83 -4.26 26.31
CA THR A 278 11.50 -3.92 26.80
C THR A 278 11.21 -4.59 28.13
N ASN A 279 11.63 -5.86 28.28
CA ASN A 279 11.42 -6.56 29.54
C ASN A 279 12.21 -5.87 30.65
N ASN A 280 11.54 -5.58 31.76
CA ASN A 280 12.16 -4.87 32.87
C ASN A 280 12.90 -5.77 33.85
N SER A 281 12.71 -7.08 33.78
CA SER A 281 13.32 -7.99 34.75
C SER A 281 14.73 -8.43 34.37
N ASN A 282 15.08 -8.41 33.09
CA ASN A 282 16.38 -8.81 32.60
C ASN A 282 17.34 -7.64 32.47
N LYS A 283 16.98 -6.48 33.02
CA LYS A 283 17.76 -5.26 32.83
C LYS A 283 19.22 -5.44 33.22
N GLN A 284 19.48 -6.07 34.37
CA GLN A 284 20.85 -6.22 34.85
C GLN A 284 21.72 -6.97 33.84
N GLU A 285 21.21 -8.09 33.32
CA GLU A 285 21.97 -8.90 32.38
C GLU A 285 22.31 -8.10 31.13
N LYS A 286 21.30 -7.43 30.57
CA LYS A 286 21.53 -6.61 29.39
C LYS A 286 22.55 -5.51 29.68
N GLY A 287 22.42 -4.85 30.83
CA GLY A 287 23.34 -3.78 31.17
C GLY A 287 24.77 -4.25 31.27
N GLU A 288 25.00 -5.36 31.98
CA GLU A 288 26.36 -5.88 32.11
C GLU A 288 26.91 -6.30 30.75
N GLY A 289 26.07 -6.92 29.91
CA GLY A 289 26.52 -7.24 28.56
C GLY A 289 26.90 -6.00 27.78
N ILE A 290 26.13 -4.92 27.94
CA ILE A 290 26.43 -3.66 27.26
C ILE A 290 27.75 -3.09 27.76
N ILE A 291 28.01 -3.20 29.06
CA ILE A 291 29.31 -2.75 29.58
C ILE A 291 30.43 -3.53 28.93
N LEU A 292 30.26 -4.85 28.80
CA LEU A 292 31.28 -5.67 28.19
C LEU A 292 31.52 -5.27 26.74
N SER A 293 30.45 -5.06 25.97
CA SER A 293 30.59 -4.61 24.59
C SER A 293 31.25 -3.23 24.53
N PHE A 294 30.90 -2.35 25.46
CA PHE A 294 31.55 -1.04 25.55
C PHE A 294 33.04 -1.18 25.73
N GLU A 295 33.47 -2.12 26.58
CA GLU A 295 34.89 -2.38 26.74
C GLU A 295 35.49 -2.99 25.47
N ARG A 296 34.69 -3.75 24.72
CA ARG A 296 35.14 -4.30 23.44
C ARG A 296 35.32 -3.25 22.36
N ILE A 297 34.63 -2.10 22.49
CA ILE A 297 34.64 -1.08 21.43
C ILE A 297 36.07 -0.69 21.06
N LEU A 298 36.89 -0.35 22.05
CA LEU A 298 38.24 0.11 21.78
C LEU A 298 39.16 -1.07 21.47
N ASP A 299 39.91 -0.95 20.37
CA ASP A 299 40.85 -1.97 19.94
C ASP A 299 42.26 -1.40 19.98
N GLU A 300 43.24 -2.32 19.97
CA GLU A 300 44.63 -1.90 20.08
C GLU A 300 45.05 -0.99 18.93
N TRP A 301 44.50 -1.24 17.73
CA TRP A 301 44.88 -0.45 16.56
C TRP A 301 44.44 1.01 16.70
N THR A 302 43.21 1.24 17.18
CA THR A 302 42.75 2.61 17.39
C THR A 302 43.56 3.30 18.47
N LYS A 303 43.97 2.54 19.51
CA LYS A 303 44.82 3.12 20.54
C LYS A 303 46.17 3.54 19.96
N LYS A 304 46.76 2.70 19.11
CA LYS A 304 48.04 3.06 18.51
C LYS A 304 47.91 4.27 17.59
N ILE A 305 46.85 4.30 16.77
CA ILE A 305 46.65 5.44 15.86
C ILE A 305 46.37 6.71 16.64
N LEU A 306 45.58 6.62 17.71
CA LEU A 306 45.15 7.82 18.42
C LEU A 306 46.35 8.61 18.93
N ARG A 307 46.24 9.93 18.88
CA ARG A 307 47.35 10.84 19.17
C ARG A 307 46.99 11.73 20.35
N THR A 308 46.91 11.12 21.53
CA THR A 308 46.73 11.86 22.78
C THR A 308 47.48 11.10 23.86
N GLU A 309 47.60 11.73 25.03
CA GLU A 309 48.35 11.12 26.12
C GLU A 309 47.78 9.75 26.47
N GLU A 310 48.68 8.81 26.79
CA GLU A 310 48.29 7.42 26.99
C GLU A 310 47.26 7.27 28.10
N LYS A 311 47.26 8.18 29.08
CA LYS A 311 46.26 8.14 30.14
C LYS A 311 44.84 8.19 29.56
N ASN A 312 44.66 8.95 28.49
CA ASN A 312 43.36 9.07 27.82
C ASN A 312 43.06 7.90 26.89
N LYS A 313 44.04 7.05 26.56
CA LYS A 313 43.81 5.93 25.66
C LYS A 313 43.81 4.58 26.38
N GLU A 314 43.79 4.57 27.71
CA GLU A 314 43.91 3.31 28.43
C GLU A 314 42.71 2.40 28.17
N ASP A 315 41.51 2.96 28.18
CA ASP A 315 40.30 2.17 28.03
C ASP A 315 39.21 3.04 27.43
N ILE A 316 38.07 2.41 27.12
CA ILE A 316 36.97 3.13 26.49
C ILE A 316 36.53 4.31 27.34
N TYR A 317 36.54 4.14 28.66
CA TYR A 317 36.13 5.20 29.57
C TYR A 317 37.04 6.41 29.44
N SER A 318 38.35 6.18 29.37
CA SER A 318 39.29 7.28 29.22
C SER A 318 39.06 8.03 27.91
N VAL A 319 38.77 7.28 26.83
CA VAL A 319 38.53 7.92 25.53
C VAL A 319 37.26 8.76 25.58
N VAL A 320 36.19 8.23 26.20
CA VAL A 320 34.95 9.00 26.29
C VAL A 320 35.17 10.25 27.14
N ARG A 321 35.93 10.12 28.24
CA ARG A 321 36.22 11.28 29.07
C ARG A 321 36.98 12.34 28.30
N TRP A 322 37.98 11.92 27.53
CA TRP A 322 38.77 12.85 26.73
C TRP A 322 37.90 13.55 25.69
N MET A 323 37.04 12.79 25.02
CA MET A 323 36.17 13.39 24.00
C MET A 323 35.16 14.36 24.60
N ILE A 324 34.54 13.99 25.72
CA ILE A 324 33.53 14.87 26.32
C ILE A 324 34.17 16.14 26.87
N ASN A 325 35.33 16.00 27.52
CA ASN A 325 36.00 17.16 28.09
C ASN A 325 36.42 18.16 27.01
N ASN A 326 36.78 17.67 25.83
CA ASN A 326 37.21 18.50 24.72
C ASN A 326 36.20 18.50 23.57
N TYR A 327 34.92 18.28 23.88
CA TYR A 327 33.90 18.17 22.84
C TYR A 327 33.84 19.43 21.98
N LEU A 328 33.77 20.59 22.63
CA LEU A 328 33.61 21.84 21.90
C LEU A 328 34.79 22.10 20.97
N ALA A 329 36.01 21.83 21.45
CA ALA A 329 37.18 22.02 20.61
C ALA A 329 37.21 21.02 19.45
N LEU A 330 36.87 19.75 19.71
CA LEU A 330 36.99 18.74 18.67
C LEU A 330 35.95 18.93 17.57
N VAL A 331 34.74 19.37 17.92
CA VAL A 331 33.76 19.62 16.87
C VAL A 331 34.24 20.72 15.94
N LYS A 332 34.99 21.69 16.45
CA LYS A 332 35.55 22.76 15.64
C LYS A 332 36.98 22.40 15.23
N GLN A 333 37.06 21.47 14.28
CA GLN A 333 38.33 21.10 13.67
C GLN A 333 38.14 20.93 12.17
N ASP A 334 39.14 21.34 11.41
CA ASP A 334 39.03 21.32 9.96
C ASP A 334 39.07 19.90 9.43
N ASN A 335 38.09 19.55 8.60
CA ASN A 335 38.06 18.21 8.01
C ASN A 335 39.24 17.99 7.07
N MET A 336 39.67 19.03 6.37
CA MET A 336 40.67 18.88 5.32
C MET A 336 42.10 19.12 5.80
N ASN A 337 42.29 19.59 7.03
CA ASN A 337 43.65 19.78 7.52
C ASN A 337 44.37 18.45 7.56
N LEU A 338 45.52 18.37 6.89
CA LEU A 338 46.23 17.10 6.80
C LEU A 338 46.77 16.66 8.16
N ALA A 339 46.85 17.56 9.12
CA ALA A 339 47.19 17.17 10.48
C ALA A 339 46.14 16.24 11.07
N ASN A 340 44.88 16.44 10.73
CA ASN A 340 43.78 15.63 11.22
C ASN A 340 43.50 14.42 10.33
N LYS A 341 44.40 14.09 9.41
CA LYS A 341 44.17 13.00 8.45
C LYS A 341 45.42 12.15 8.34
N ARG A 342 45.27 11.00 7.67
CA ARG A 342 46.33 10.02 7.49
C ARG A 342 46.13 9.31 6.17
N ILE A 343 47.16 8.56 5.75
CA ILE A 343 47.07 7.70 4.57
C ILE A 343 47.30 6.25 4.99
N ARG A 344 46.52 5.35 4.42
CA ARG A 344 46.59 3.92 4.73
C ARG A 344 46.64 3.12 3.43
N LEU A 345 47.32 1.98 3.48
CA LEU A 345 47.45 1.14 2.28
C LEU A 345 46.99 -0.29 2.54
N TYR A 346 47.61 -0.97 3.49
CA TYR A 346 47.32 -2.39 3.69
C TYR A 346 46.06 -2.63 4.51
N GLU A 347 45.58 -1.64 5.28
CA GLU A 347 44.46 -1.86 6.19
C GLU A 347 43.22 -2.35 5.44
N TYR A 348 42.84 -1.66 4.36
CA TYR A 348 41.63 -2.03 3.65
C TYR A 348 41.79 -3.35 2.90
N LEU A 349 43.03 -3.77 2.64
CA LEU A 349 43.24 -5.07 2.02
C LEU A 349 42.83 -6.20 2.96
N LEU A 350 43.16 -6.08 4.25
CA LEU A 350 42.81 -7.10 5.24
C LEU A 350 41.45 -6.87 5.87
N HIS A 351 40.80 -5.74 5.61
CA HIS A 351 39.52 -5.45 6.25
C HIS A 351 38.43 -6.50 6.01
N PRO A 352 38.24 -7.08 4.81
CA PRO A 352 37.14 -8.06 4.63
C PRO A 352 37.20 -9.23 5.59
N LEU A 353 38.41 -9.62 6.01
CA LEU A 353 38.54 -10.69 6.99
C LEU A 353 37.84 -10.33 8.28
N LEU A 354 37.82 -9.04 8.63
CA LEU A 354 37.09 -8.61 9.82
C LEU A 354 35.59 -8.87 9.67
N ILE A 355 35.03 -8.61 8.49
CA ILE A 355 33.62 -8.88 8.28
C ILE A 355 33.33 -10.37 8.42
N LYS A 356 34.19 -11.21 7.83
CA LYS A 356 33.97 -12.65 7.95
C LYS A 356 34.07 -13.12 9.40
N PHE A 357 35.09 -12.64 10.12
CA PHE A 357 35.26 -12.98 11.52
C PHE A 357 34.06 -12.53 12.35
N SER A 358 33.54 -11.33 12.08
CA SER A 358 32.42 -10.81 12.85
C SER A 358 31.16 -11.62 12.60
N LYS A 359 30.93 -12.02 11.36
CA LYS A 359 29.84 -12.95 11.08
C LYS A 359 29.99 -14.23 11.89
N GLY A 360 31.22 -14.76 11.95
CA GLY A 360 31.45 -15.96 12.75
C GLY A 360 31.18 -15.77 14.23
N THR A 361 31.59 -14.62 14.78
CA THR A 361 31.31 -14.34 16.19
C THR A 361 29.82 -14.26 16.45
N TYR A 362 29.08 -13.58 15.57
CA TYR A 362 27.64 -13.52 15.74
C TYR A 362 27.02 -14.91 15.66
N ARG A 363 27.51 -15.75 14.73
CA ARG A 363 26.95 -17.09 14.59
C ARG A 363 27.15 -17.91 15.85
N VAL A 364 28.38 -17.93 16.38
CA VAL A 364 28.64 -18.75 17.57
C VAL A 364 27.90 -18.20 18.79
N LEU A 365 27.95 -16.89 18.99
CA LEU A 365 27.39 -16.31 20.22
C LEU A 365 25.86 -16.32 20.22
N ASN A 366 25.22 -16.04 19.08
CA ASN A 366 23.80 -15.76 19.09
C ASN A 366 22.92 -16.80 18.41
N ASN A 367 23.45 -17.60 17.48
CA ASN A 367 22.56 -18.49 16.71
C ASN A 367 21.95 -19.57 17.61
N ARG A 368 22.79 -20.27 18.37
CA ARG A 368 22.32 -21.43 19.10
C ARG A 368 23.21 -21.67 20.31
N ASN A 369 22.71 -22.47 21.23
CA ASN A 369 23.45 -22.92 22.40
C ASN A 369 24.07 -24.30 22.20
N SER A 370 24.09 -24.79 20.95
CA SER A 370 24.64 -26.10 20.65
C SER A 370 26.15 -26.11 20.91
N ASN A 371 26.74 -27.30 20.83
CA ASN A 371 28.15 -27.48 21.14
C ASN A 371 29.02 -26.49 20.38
N LYS A 372 29.82 -25.72 21.12
CA LYS A 372 30.55 -24.61 20.54
C LYS A 372 31.68 -25.05 19.62
N PHE A 373 32.34 -26.17 19.91
CA PHE A 373 33.58 -26.51 19.23
C PHE A 373 33.39 -26.62 17.71
N GLU A 374 32.38 -27.36 17.27
CA GLU A 374 32.16 -27.47 15.84
C GLU A 374 31.82 -26.11 15.24
N LYS A 375 31.07 -25.27 15.95
CA LYS A 375 30.67 -23.97 15.42
C LYS A 375 31.86 -23.03 15.26
N ILE A 376 32.70 -22.94 16.29
CA ILE A 376 33.89 -22.11 16.18
C ILE A 376 34.85 -22.67 15.14
N LYS A 377 34.83 -24.00 14.94
CA LYS A 377 35.56 -24.55 13.79
C LYS A 377 34.94 -24.08 12.48
N THR A 378 33.60 -23.98 12.42
CA THR A 378 32.94 -23.50 11.21
C THR A 378 33.36 -22.08 10.88
N ILE A 379 33.59 -21.25 11.91
CA ILE A 379 33.99 -19.87 11.63
C ILE A 379 35.21 -19.85 10.71
N PHE A 380 36.24 -20.60 11.08
CA PHE A 380 37.45 -20.65 10.24
C PHE A 380 37.20 -21.44 8.97
N SER A 381 36.42 -22.52 9.05
CA SER A 381 36.11 -23.34 7.88
C SER A 381 35.27 -22.60 6.86
N ASN A 382 34.34 -21.75 7.33
CA ASN A 382 33.45 -21.05 6.41
C ASN A 382 34.24 -20.15 5.46
N ILE A 383 35.32 -19.56 5.95
CA ILE A 383 36.18 -18.74 5.10
C ILE A 383 36.85 -19.63 4.06
N GLN A 384 36.75 -19.24 2.80
CA GLN A 384 37.39 -19.98 1.72
C GLN A 384 38.82 -19.49 1.55
N GLU A 385 39.61 -20.27 0.81
CA GLU A 385 41.04 -19.97 0.67
C GLU A 385 41.27 -18.65 -0.04
N GLY A 386 40.49 -18.37 -1.08
CA GLY A 386 40.69 -17.16 -1.87
C GLY A 386 39.75 -16.03 -1.52
N PHE A 387 39.19 -16.06 -0.31
CA PHE A 387 38.22 -15.03 0.09
C PHE A 387 38.83 -13.64 0.00
N LEU A 388 40.04 -13.47 0.53
CA LEU A 388 40.67 -12.14 0.49
C LEU A 388 40.97 -11.71 -0.94
N VAL A 389 41.52 -12.62 -1.75
CA VAL A 389 41.85 -12.29 -3.13
C VAL A 389 40.60 -11.95 -3.93
N LYS A 390 39.57 -12.81 -3.80
CA LYS A 390 38.34 -12.59 -4.54
C LYS A 390 37.66 -11.30 -4.12
N LYS A 391 37.66 -11.00 -2.82
CA LYS A 391 37.03 -9.76 -2.38
C LYS A 391 37.82 -8.54 -2.81
N ILE A 392 39.15 -8.62 -2.76
CA ILE A 392 40.00 -7.52 -3.20
C ILE A 392 39.74 -7.20 -4.66
N ILE A 393 39.62 -8.24 -5.50
CA ILE A 393 39.44 -7.98 -6.92
C ILE A 393 38.00 -7.58 -7.25
N ASN A 394 37.02 -8.40 -6.84
CA ASN A 394 35.64 -8.16 -7.20
C ASN A 394 35.13 -6.85 -6.62
N ASN A 395 35.51 -6.53 -5.38
CA ASN A 395 35.08 -5.26 -4.79
C ASN A 395 35.84 -4.08 -5.39
N GLU A 396 36.84 -4.35 -6.23
CA GLU A 396 37.56 -3.33 -7.00
C GLU A 396 38.19 -2.27 -6.09
N LEU A 397 38.74 -2.71 -4.96
CA LEU A 397 39.59 -1.83 -4.17
C LEU A 397 40.89 -1.52 -4.91
N LEU A 398 41.43 -2.52 -5.59
CA LEU A 398 42.71 -2.43 -6.29
C LEU A 398 42.52 -1.81 -7.68
N ARG A 399 43.64 -1.35 -8.25
CA ARG A 399 43.63 -0.60 -9.50
C ARG A 399 44.44 -1.31 -10.59
N TYR A 400 43.82 -1.49 -11.76
CA TYR A 400 44.50 -2.07 -12.91
C TYR A 400 45.56 -1.11 -13.44
N ASP A 401 46.65 -1.68 -13.96
CA ASP A 401 47.72 -0.90 -14.58
C ASP A 401 47.28 -0.50 -15.99
N ASN A 402 46.54 0.61 -16.06
CA ASN A 402 46.16 1.19 -17.34
C ASN A 402 47.25 2.08 -17.91
N SER A 403 48.47 1.95 -17.39
CA SER A 403 49.56 2.83 -17.78
C SER A 403 49.92 2.66 -19.26
N VAL A 404 50.17 3.80 -19.92
CA VAL A 404 50.68 3.81 -21.28
C VAL A 404 52.15 4.19 -21.31
N ASN A 405 52.80 4.22 -20.15
CA ASN A 405 54.13 4.78 -20.01
C ASN A 405 54.96 3.94 -19.04
N SER A 406 56.28 4.06 -19.16
CA SER A 406 57.18 3.53 -18.16
C SER A 406 57.31 4.45 -16.96
N ILE A 407 56.84 5.70 -17.08
CA ILE A 407 56.90 6.67 -15.99
C ILE A 407 55.84 6.26 -14.95
N SER A 408 56.29 5.82 -13.78
CA SER A 408 55.38 5.33 -12.76
C SER A 408 55.46 6.05 -11.43
N LEU A 409 56.41 6.99 -11.27
CA LEU A 409 56.61 7.60 -9.96
C LEU A 409 55.36 8.32 -9.47
N PHE A 410 54.66 9.02 -10.34
CA PHE A 410 53.45 9.74 -9.97
C PHE A 410 52.16 9.10 -10.44
N THR A 411 52.16 8.40 -11.58
CA THR A 411 50.92 7.81 -12.06
C THR A 411 50.45 6.66 -11.17
N LEU A 412 51.38 5.87 -10.61
CA LEU A 412 50.97 4.73 -9.79
C LEU A 412 51.67 4.67 -8.44
N ILE A 413 52.97 4.92 -8.39
CA ILE A 413 53.74 4.69 -7.16
C ILE A 413 53.27 5.62 -6.05
N LEU A 414 53.10 6.91 -6.36
CA LEU A 414 52.80 7.92 -5.35
C LEU A 414 51.38 8.47 -5.47
N ARG A 415 50.47 7.66 -6.00
CA ARG A 415 49.09 8.10 -6.22
C ARG A 415 48.23 7.79 -4.99
N TYR A 416 47.39 8.75 -4.62
CA TYR A 416 46.47 8.60 -3.51
C TYR A 416 45.05 8.86 -4.00
N THR A 417 44.08 8.27 -3.32
CA THR A 417 42.67 8.47 -3.63
C THR A 417 41.89 8.70 -2.34
N GLN A 418 41.10 9.78 -2.31
CA GLN A 418 40.16 9.98 -1.22
C GLN A 418 39.02 8.98 -1.29
N SER A 419 38.55 8.70 -2.51
CA SER A 419 37.47 7.73 -2.70
C SER A 419 37.94 6.34 -2.27
N GLY A 420 37.04 5.61 -1.62
CA GLY A 420 37.37 4.31 -1.08
C GLY A 420 36.11 3.51 -0.81
N PRO A 421 36.28 2.29 -0.29
CA PRO A 421 35.08 1.53 0.15
C PRO A 421 34.29 2.25 1.22
N GLN A 422 34.96 2.69 2.29
CA GLN A 422 34.37 3.57 3.30
C GLN A 422 34.94 4.97 3.06
N SER A 423 34.19 5.78 2.32
CA SER A 423 34.69 7.06 1.88
C SER A 423 33.80 8.20 2.38
N PRO A 424 34.34 9.14 3.15
CA PRO A 424 33.61 10.39 3.38
C PRO A 424 33.30 11.11 2.08
N PHE A 425 34.10 10.85 1.05
CA PHE A 425 33.95 11.47 -0.26
C PHE A 425 32.91 10.72 -1.07
N SER A 426 31.95 11.45 -1.61
CA SER A 426 30.94 10.88 -2.50
C SER A 426 30.45 11.95 -3.47
N SER A 427 30.04 11.51 -4.65
CA SER A 427 29.47 12.44 -5.62
C SER A 427 28.13 12.98 -5.17
N ASN A 428 27.27 12.11 -4.61
CA ASN A 428 25.97 12.55 -4.13
C ASN A 428 26.10 13.49 -2.95
N SER A 429 27.07 13.24 -2.07
CA SER A 429 27.31 14.14 -0.94
C SER A 429 27.76 15.52 -1.38
N THR A 430 28.16 15.69 -2.65
CA THR A 430 28.59 16.97 -3.19
C THR A 430 29.71 17.55 -2.35
N ASN A 431 30.77 16.76 -2.20
CA ASN A 431 31.94 17.16 -1.41
C ASN A 431 32.81 18.12 -2.20
N ASN A 432 32.24 19.27 -2.54
CA ASN A 432 32.97 20.26 -3.32
C ASN A 432 34.15 20.81 -2.54
N LYS A 433 33.97 20.99 -1.23
CA LYS A 433 35.08 21.40 -0.38
C LYS A 433 36.19 20.35 -0.38
N LEU A 434 35.81 19.07 -0.27
CA LEU A 434 36.82 18.01 -0.25
C LEU A 434 37.58 17.94 -1.57
N ARG A 435 36.93 18.32 -2.68
CA ARG A 435 37.59 18.31 -3.97
C ARG A 435 38.63 19.42 -4.08
N GLY A 436 38.49 20.47 -3.27
CA GLY A 436 39.38 21.62 -3.34
C GLY A 436 40.71 21.37 -2.64
N LEU A 437 41.51 22.44 -2.59
CA LEU A 437 42.82 22.41 -1.97
C LEU A 437 42.77 23.14 -0.62
N HIS A 438 43.72 22.78 0.24
CA HIS A 438 43.84 23.33 1.59
C HIS A 438 45.30 23.70 1.83
N PRO A 439 45.58 24.76 2.59
CA PRO A 439 46.98 25.19 2.76
C PRO A 439 47.90 24.13 3.35
N SER A 440 47.38 23.17 4.11
CA SER A 440 48.20 22.09 4.63
C SER A 440 48.76 21.21 3.51
N TYR A 441 48.09 21.20 2.35
CA TYR A 441 48.51 20.33 1.25
C TYR A 441 49.93 20.62 0.79
N LEU A 442 50.41 21.84 0.99
CA LEU A 442 51.71 22.24 0.49
C LEU A 442 52.82 21.47 1.19
N GLY A 443 53.68 20.83 0.39
CA GLY A 443 54.76 20.02 0.90
C GLY A 443 54.39 18.57 1.16
N ARG A 444 53.12 18.23 1.04
CA ARG A 444 52.61 16.88 1.30
C ARG A 444 51.85 16.30 0.12
N LEU A 445 50.97 17.09 -0.49
CA LEU A 445 50.15 16.64 -1.60
C LEU A 445 50.38 17.54 -2.81
N GLY A 446 49.99 17.04 -3.97
CA GLY A 446 50.13 17.78 -5.21
C GLY A 446 48.96 18.73 -5.45
N LEU A 447 49.26 20.02 -5.66
CA LEU A 447 48.19 21.00 -5.82
C LEU A 447 47.50 20.88 -7.18
N THR A 448 48.26 20.58 -8.23
CA THR A 448 47.73 20.61 -9.58
C THR A 448 47.48 19.22 -10.17
N SER A 449 47.76 18.16 -9.42
CA SER A 449 47.63 16.80 -9.94
C SER A 449 46.27 16.22 -9.51
N THR A 450 45.37 16.06 -10.49
CA THR A 450 44.08 15.45 -10.26
C THR A 450 43.49 15.08 -11.62
N SER A 451 42.39 14.33 -11.60
CA SER A 451 41.75 13.88 -12.82
C SER A 451 40.51 14.73 -13.11
N ALA A 452 40.36 15.11 -14.39
CA ALA A 452 39.24 15.95 -14.76
C ALA A 452 37.90 15.24 -14.57
N GLY A 453 37.89 13.92 -14.73
CA GLY A 453 36.64 13.18 -14.56
C GLY A 453 36.07 13.29 -13.16
N ASP A 454 36.93 13.13 -12.16
CA ASP A 454 36.55 13.22 -10.74
C ASP A 454 37.58 14.08 -10.02
N PRO A 455 37.45 15.41 -10.13
CA PRO A 455 38.46 16.29 -9.53
C PRO A 455 38.47 16.20 -8.02
N GLY A 456 39.68 16.13 -7.46
CA GLY A 456 39.86 16.05 -6.02
C GLY A 456 39.82 14.64 -5.47
N ALA A 457 39.24 13.69 -6.20
CA ALA A 457 39.17 12.32 -5.70
C ALA A 457 40.54 11.67 -5.62
N SER A 458 41.37 11.88 -6.65
CA SER A 458 42.68 11.26 -6.74
C SER A 458 43.73 12.32 -7.01
N GLY A 459 44.94 12.06 -6.49
CA GLY A 459 46.02 13.00 -6.65
C GLY A 459 47.36 12.30 -6.49
N SER A 460 48.42 13.08 -6.55
CA SER A 460 49.78 12.56 -6.47
C SER A 460 50.44 13.05 -5.19
N LEU A 461 51.08 12.14 -4.46
CA LEU A 461 51.83 12.51 -3.28
C LEU A 461 53.15 13.15 -3.66
N THR A 462 53.59 14.08 -2.84
CA THR A 462 54.85 14.77 -3.07
C THR A 462 56.03 13.80 -2.97
N PRO A 463 56.99 13.86 -3.90
CA PRO A 463 58.17 12.99 -3.79
C PRO A 463 59.01 13.27 -2.55
N PHE A 464 58.98 14.49 -2.03
CA PHE A 464 59.74 14.87 -0.85
C PHE A 464 58.96 14.75 0.45
N LEU A 465 57.75 14.18 0.40
CA LEU A 465 56.93 14.10 1.61
C LEU A 465 57.63 13.25 2.66
N GLU A 466 57.68 13.76 3.88
CA GLU A 466 58.24 13.04 5.02
C GLU A 466 57.11 12.70 5.97
N LEU A 467 56.77 11.43 6.07
CA LEU A 467 55.78 10.99 7.04
C LEU A 467 56.51 10.71 8.35
N PRO A 468 56.13 11.35 9.44
CA PRO A 468 56.88 11.18 10.70
C PRO A 468 56.94 9.72 11.13
N GLU A 469 58.14 9.29 11.47
CA GLU A 469 58.31 7.96 12.04
C GLU A 469 57.65 7.90 13.41
N ASN A 470 57.08 6.74 13.73
CA ASN A 470 56.36 6.48 14.97
C ASN A 470 55.01 7.17 15.02
N SER A 471 54.51 7.66 13.88
CA SER A 471 53.18 8.26 13.81
C SER A 471 52.21 7.45 12.96
N TYR A 472 52.60 6.27 12.51
CA TYR A 472 51.72 5.35 11.77
C TYR A 472 51.15 6.02 10.51
N MET A 473 52.05 6.56 9.69
CA MET A 473 51.68 7.17 8.41
C MET A 473 50.68 8.30 8.59
N HIS A 474 50.88 9.09 9.64
CA HIS A 474 50.13 10.33 9.87
C HIS A 474 50.99 11.48 9.37
N PHE A 475 50.36 12.45 8.71
CA PHE A 475 51.12 13.58 8.18
C PHE A 475 51.82 14.35 9.29
N THR A 476 51.18 14.49 10.45
CA THR A 476 51.74 15.19 11.59
C THR A 476 51.72 14.29 12.82
N GLU A 477 52.68 14.51 13.72
CA GLU A 477 52.68 13.74 14.95
C GLU A 477 51.47 14.08 15.82
N GLU A 478 50.98 15.31 15.76
CA GLU A 478 49.89 15.76 16.60
C GLU A 478 48.73 16.28 15.75
N PRO A 479 47.50 16.21 16.27
CA PRO A 479 46.35 16.75 15.54
C PRO A 479 46.35 18.27 15.51
N GLU A 480 45.35 18.84 14.82
CA GLU A 480 45.29 20.29 14.62
C GLU A 480 45.22 21.05 15.95
N ILE A 481 44.33 20.62 16.85
CA ILE A 481 44.09 21.32 18.10
C ILE A 481 44.99 20.74 19.19
N ASN A 482 45.75 21.62 19.85
CA ASN A 482 46.76 21.18 20.82
C ASN A 482 46.15 20.50 22.03
N LEU A 483 45.04 21.03 22.55
CA LEU A 483 44.40 20.51 23.77
C LEU A 483 45.36 20.51 24.96
N ASN A 484 46.12 21.59 25.12
CA ASN A 484 47.01 21.73 26.28
C ASN A 484 47.42 23.20 26.46
N MET B 1 40.99 25.53 3.64
CA MET B 1 40.55 26.56 4.58
C MET B 1 40.62 27.95 3.92
N ASP B 2 39.91 28.92 4.52
CA ASP B 2 39.95 30.29 4.02
C ASP B 2 41.31 30.93 4.25
N ASP B 3 41.95 30.65 5.38
CA ASP B 3 43.18 31.37 5.72
C ASP B 3 44.33 30.89 4.87
N ILE B 4 44.96 31.83 4.16
CA ILE B 4 46.19 31.59 3.43
C ILE B 4 47.36 32.33 4.07
N SER B 5 47.12 33.03 5.18
CA SER B 5 48.20 33.70 5.89
C SER B 5 49.21 32.70 6.45
N VAL B 6 48.80 31.45 6.63
CA VAL B 6 49.71 30.42 7.11
C VAL B 6 50.84 30.20 6.10
N ILE B 7 50.53 30.32 4.81
CA ILE B 7 51.55 30.12 3.79
C ILE B 7 52.48 31.32 3.80
N LYS B 8 53.75 31.06 4.12
CA LYS B 8 54.80 32.09 4.10
C LYS B 8 55.91 31.64 3.17
N ASN B 9 56.29 32.53 2.24
CA ASN B 9 57.24 32.15 1.20
C ASN B 9 58.62 31.85 1.77
N GLU B 10 59.03 32.59 2.81
CA GLU B 10 60.34 32.33 3.40
C GLU B 10 60.48 30.89 3.88
N ASP B 11 59.37 30.30 4.34
CA ASP B 11 59.39 28.91 4.80
C ASP B 11 59.69 27.94 3.68
N TYR B 12 59.11 28.17 2.49
CA TYR B 12 59.28 27.27 1.36
C TYR B 12 60.34 27.76 0.38
N GLU B 13 61.16 28.74 0.76
CA GLU B 13 62.13 29.30 -0.17
C GLU B 13 63.30 28.36 -0.41
N GLY B 14 63.68 28.22 -1.67
CA GLY B 14 64.75 27.34 -2.08
C GLY B 14 64.39 25.88 -2.15
N SER B 15 63.15 25.53 -1.87
CA SER B 15 62.70 24.15 -1.82
C SER B 15 61.59 23.93 -2.81
N HIS B 16 61.68 22.81 -3.55
CA HIS B 16 60.63 22.40 -4.47
C HIS B 16 59.73 21.35 -3.84
N ARG B 17 59.68 21.32 -2.50
CA ARG B 17 58.94 20.29 -1.78
C ARG B 17 57.44 20.35 -2.10
N PHE B 18 56.91 21.53 -2.36
CA PHE B 18 55.48 21.67 -2.64
C PHE B 18 55.11 21.19 -4.03
N LEU B 19 56.08 20.95 -4.90
CA LEU B 19 55.83 20.48 -6.27
C LEU B 19 55.93 18.97 -6.35
N ALA B 20 55.16 18.39 -7.28
CA ALA B 20 55.18 16.94 -7.47
C ALA B 20 55.48 16.56 -8.91
N GLU B 21 54.45 16.49 -9.75
CA GLU B 21 54.64 16.19 -11.17
C GLU B 21 55.29 17.35 -11.92
N GLU B 22 55.12 18.57 -11.41
CA GLU B 22 55.66 19.79 -12.02
C GLU B 22 57.17 19.90 -11.84
N LEU B 23 57.79 18.97 -11.12
CA LEU B 23 59.24 18.90 -11.02
C LEU B 23 59.87 18.59 -12.37
N LEU B 24 59.09 18.12 -13.34
CA LEU B 24 59.56 17.87 -14.69
C LEU B 24 59.31 19.05 -15.61
N MET B 25 58.71 20.13 -15.10
CA MET B 25 58.36 21.31 -15.88
C MET B 25 59.31 22.45 -15.56
N PRO B 26 60.06 22.96 -16.53
CA PRO B 26 60.88 24.16 -16.26
C PRO B 26 60.02 25.41 -16.15
N ASN B 27 60.52 26.36 -15.39
CA ASN B 27 59.88 27.68 -15.20
C ASN B 27 58.41 27.52 -14.82
N ALA B 28 58.15 26.69 -13.83
CA ALA B 28 56.77 26.41 -13.45
C ALA B 28 56.10 27.60 -12.76
N ASN B 29 56.88 28.51 -12.16
CA ASN B 29 56.27 29.69 -11.56
C ASN B 29 55.56 30.56 -12.60
N LYS B 30 56.04 30.51 -13.85
CA LYS B 30 55.49 31.34 -14.91
C LYS B 30 54.29 30.72 -15.61
N THR B 31 53.95 29.47 -15.33
CA THR B 31 52.83 28.78 -15.98
C THR B 31 51.61 28.76 -15.07
N ASP B 32 50.43 28.90 -15.68
CA ASP B 32 49.17 28.91 -14.95
C ASP B 32 48.84 27.52 -14.39
N GLY B 33 48.00 27.51 -13.36
CA GLY B 33 47.59 26.25 -12.75
C GLY B 33 46.85 25.34 -13.71
N ASN B 34 46.04 25.93 -14.59
CA ASN B 34 45.31 25.11 -15.57
C ASN B 34 46.29 24.40 -16.50
N ARG B 35 47.28 25.14 -17.01
CA ARG B 35 48.25 24.52 -17.90
C ARG B 35 49.08 23.49 -17.15
N SER B 36 49.39 23.74 -15.88
CA SER B 36 50.14 22.78 -15.10
C SER B 36 49.36 21.49 -14.88
N THR B 37 48.07 21.60 -14.56
CA THR B 37 47.28 20.38 -14.38
C THR B 37 47.14 19.63 -15.70
N MET B 38 47.04 20.35 -16.82
CA MET B 38 47.06 19.65 -18.11
C MET B 38 48.38 18.94 -18.33
N PHE B 39 49.48 19.56 -17.91
CA PHE B 39 50.78 18.90 -18.06
C PHE B 39 50.84 17.63 -17.23
N CYS B 40 50.31 17.70 -16.00
CA CYS B 40 50.28 16.51 -15.15
C CYS B 40 49.46 15.41 -15.81
N SER B 41 48.36 15.78 -16.46
CA SER B 41 47.58 14.78 -17.18
C SER B 41 48.36 14.23 -18.38
N HIS B 42 49.10 15.09 -19.09
CA HIS B 42 49.82 14.66 -20.29
C HIS B 42 50.93 13.67 -19.97
N LEU B 43 51.64 13.86 -18.86
CA LEU B 43 52.73 12.97 -18.51
C LEU B 43 52.25 11.52 -18.38
N ALA B 44 51.08 11.33 -17.77
CA ALA B 44 50.49 9.99 -17.73
C ALA B 44 50.01 9.54 -19.10
N GLN B 45 49.56 10.47 -19.93
CA GLN B 45 49.13 10.15 -21.29
C GLN B 45 50.29 10.04 -22.26
N ALA B 46 51.51 10.37 -21.83
CA ALA B 46 52.67 10.33 -22.72
C ALA B 46 53.00 8.89 -23.12
N VAL B 47 53.47 8.74 -24.35
CA VAL B 47 53.81 7.43 -24.88
C VAL B 47 55.31 7.36 -25.09
N THR B 48 55.84 6.14 -24.99
CA THR B 48 57.28 5.92 -25.11
C THR B 48 57.76 6.24 -26.52
N LEU B 49 58.96 6.82 -26.62
CA LEU B 49 59.55 7.23 -27.89
C LEU B 49 60.84 6.47 -28.12
N GLN B 50 61.03 5.95 -29.35
CA GLN B 50 62.24 5.19 -29.64
C GLN B 50 63.48 6.04 -29.50
N LYS B 51 63.40 7.29 -29.95
CA LYS B 51 64.55 8.19 -30.04
C LYS B 51 64.47 9.29 -28.99
N ALA B 52 64.02 8.93 -27.79
CA ALA B 52 63.86 9.90 -26.72
C ALA B 52 65.21 10.50 -26.34
N GLU B 53 65.20 11.78 -25.99
CA GLU B 53 66.39 12.55 -25.70
C GLU B 53 66.25 13.23 -24.35
N PRO B 54 67.35 13.43 -23.64
CA PRO B 54 67.31 14.27 -22.45
C PRO B 54 67.03 15.71 -22.84
N PRO B 55 66.16 16.40 -22.10
CA PRO B 55 65.79 17.76 -22.49
C PRO B 55 66.98 18.71 -22.49
N LEU B 56 67.03 19.58 -23.50
CA LEU B 56 68.06 20.62 -23.55
C LEU B 56 67.90 21.58 -22.38
N VAL B 57 66.68 22.00 -22.09
CA VAL B 57 66.36 22.79 -20.91
C VAL B 57 65.77 21.82 -19.90
N TYR B 58 66.47 21.61 -18.79
CA TYR B 58 66.12 20.55 -17.86
C TYR B 58 65.96 21.11 -16.45
N THR B 59 65.20 20.37 -15.64
CA THR B 59 64.94 20.74 -14.26
C THR B 59 65.87 20.07 -13.26
N ASN B 60 66.61 19.05 -13.70
CA ASN B 60 67.61 18.29 -12.95
C ASN B 60 66.97 17.25 -12.02
N PHE B 61 65.65 17.11 -12.01
CA PHE B 61 64.98 16.02 -11.32
C PHE B 61 64.58 14.89 -12.24
N GLU B 62 64.81 15.05 -13.55
CA GLU B 62 64.37 14.07 -14.54
C GLU B 62 65.02 12.71 -14.30
N ASN B 63 66.34 12.70 -14.04
CA ASN B 63 67.03 11.44 -13.79
C ASN B 63 66.47 10.73 -12.57
N GLN B 64 66.08 11.48 -11.53
CA GLN B 64 65.47 10.85 -10.37
C GLN B 64 64.13 10.21 -10.73
N VAL B 65 63.35 10.88 -11.58
CA VAL B 65 62.10 10.31 -12.04
C VAL B 65 62.36 9.01 -12.81
N GLY B 66 63.43 8.98 -13.60
CA GLY B 66 63.81 7.75 -14.28
C GLY B 66 64.25 6.67 -13.30
N LYS B 67 64.94 7.07 -12.23
CA LYS B 67 65.44 6.12 -11.25
C LYS B 67 64.30 5.45 -10.50
N TYR B 68 63.37 6.24 -9.98
CA TYR B 68 62.34 5.70 -9.10
C TYR B 68 61.12 5.19 -9.85
N SER B 69 61.05 5.39 -11.16
CA SER B 69 60.02 4.75 -11.97
C SER B 69 60.64 3.48 -12.54
N THR B 70 60.43 2.36 -11.84
CA THR B 70 61.14 1.12 -12.11
C THR B 70 60.62 0.36 -13.33
N ALA B 71 59.49 0.77 -13.91
CA ALA B 71 58.92 0.01 -15.02
C ALA B 71 59.80 0.04 -16.26
N GLY B 72 60.73 0.99 -16.35
CA GLY B 72 61.52 1.17 -17.55
C GLY B 72 62.86 0.45 -17.58
N TYR B 73 63.38 0.09 -16.41
CA TYR B 73 64.69 -0.54 -16.34
C TYR B 73 64.69 -1.69 -15.35
N ARG B 74 65.55 -2.67 -15.61
CA ARG B 74 65.79 -3.80 -14.72
C ARG B 74 67.21 -3.70 -14.19
N LYS B 75 67.34 -3.60 -12.87
CA LYS B 75 68.62 -3.52 -12.21
C LYS B 75 68.84 -4.78 -11.39
N ALA B 76 70.04 -5.36 -11.48
CA ALA B 76 70.38 -6.45 -10.59
C ALA B 76 70.32 -5.95 -9.15
N ASN B 77 69.88 -6.82 -8.24
CA ASN B 77 69.79 -6.44 -6.84
C ASN B 77 70.85 -7.11 -5.98
N SER B 78 71.74 -7.89 -6.57
CA SER B 78 72.82 -8.55 -5.84
C SER B 78 73.86 -9.00 -6.86
N ASN B 79 75.02 -9.42 -6.35
CA ASN B 79 76.02 -10.03 -7.22
C ASN B 79 75.56 -11.42 -7.62
N TYR B 80 75.60 -11.71 -8.93
CA TYR B 80 75.09 -12.96 -9.45
C TYR B 80 76.11 -13.58 -10.40
N LYS B 81 75.95 -14.87 -10.65
CA LYS B 81 76.76 -15.58 -11.63
C LYS B 81 75.85 -16.40 -12.53
N VAL B 82 76.14 -16.36 -13.83
CA VAL B 82 75.25 -16.97 -14.83
C VAL B 82 75.51 -18.46 -14.88
N ILE B 83 74.53 -19.25 -14.41
CA ILE B 83 74.66 -20.70 -14.46
C ILE B 83 74.48 -21.21 -15.88
N GLU B 84 73.40 -20.80 -16.54
CA GLU B 84 73.09 -21.29 -17.88
C GLU B 84 72.09 -20.34 -18.54
N LYS B 85 71.92 -20.53 -19.85
CA LYS B 85 70.97 -19.77 -20.66
C LYS B 85 70.13 -20.73 -21.46
N ILE B 86 68.81 -20.55 -21.43
CA ILE B 86 67.88 -21.41 -22.16
C ILE B 86 67.03 -20.55 -23.08
N TYR B 87 66.78 -21.05 -24.29
CA TYR B 87 66.09 -20.32 -25.34
C TYR B 87 64.74 -20.98 -25.63
N LYS B 88 63.68 -20.18 -25.63
CA LYS B 88 62.39 -20.58 -26.18
C LYS B 88 62.23 -20.13 -27.62
N ASN B 89 62.48 -18.85 -27.88
CA ASN B 89 62.47 -18.25 -29.20
C ASN B 89 63.78 -17.51 -29.39
N ASP B 90 64.04 -17.05 -30.60
CA ASP B 90 65.19 -16.17 -30.80
C ASP B 90 65.04 -14.90 -29.97
N TYR B 91 63.82 -14.38 -29.87
CA TYR B 91 63.57 -13.14 -29.15
C TYR B 91 63.42 -13.35 -27.64
N ASN B 92 62.85 -14.47 -27.21
CA ASN B 92 62.54 -14.69 -25.80
C ASN B 92 63.45 -15.78 -25.22
N TYR B 93 64.05 -15.50 -24.06
CA TYR B 93 64.94 -16.47 -23.43
C TYR B 93 65.03 -16.21 -21.93
N VAL B 94 65.58 -17.18 -21.21
CA VAL B 94 65.72 -17.10 -19.76
C VAL B 94 67.16 -17.39 -19.36
N LEU B 95 67.62 -16.69 -18.32
CA LEU B 95 68.98 -16.78 -17.82
C LEU B 95 68.91 -17.19 -16.36
N ILE B 96 69.55 -18.31 -16.01
CA ILE B 96 69.55 -18.78 -14.62
C ILE B 96 70.85 -18.36 -13.97
N VAL B 97 70.75 -17.72 -12.81
CA VAL B 97 71.86 -17.16 -12.09
C VAL B 97 71.83 -17.64 -10.65
N GLN B 98 72.97 -17.53 -9.98
CA GLN B 98 73.11 -17.90 -8.58
C GLN B 98 73.65 -16.73 -7.79
N ASP B 99 73.00 -16.42 -6.67
CA ASP B 99 73.50 -15.39 -5.78
C ASP B 99 74.87 -15.75 -5.25
N GLN B 100 75.82 -14.82 -5.38
CA GLN B 100 77.19 -15.05 -4.95
C GLN B 100 77.33 -15.02 -3.43
N GLU B 101 76.34 -14.50 -2.71
CA GLU B 101 76.33 -14.51 -1.25
C GLU B 101 75.40 -15.58 -0.70
N THR B 102 74.11 -15.49 -1.02
CA THR B 102 73.13 -16.43 -0.49
C THR B 102 73.32 -17.82 -1.06
N GLY B 103 73.72 -17.92 -2.33
CA GLY B 103 73.72 -19.19 -3.03
C GLY B 103 72.39 -19.54 -3.66
N GLU B 104 71.38 -18.70 -3.44
CA GLU B 104 70.05 -18.92 -4.00
C GLU B 104 70.09 -18.86 -5.53
N TYR B 105 69.28 -19.70 -6.15
CA TYR B 105 69.21 -19.78 -7.60
C TYR B 105 67.97 -19.02 -8.07
N THR B 106 68.18 -18.04 -8.94
CA THR B 106 67.12 -17.17 -9.44
C THR B 106 67.24 -17.10 -10.95
N LEU B 107 66.25 -16.49 -11.60
CA LEU B 107 66.24 -16.35 -13.05
C LEU B 107 65.88 -14.92 -13.47
N PHE B 108 66.40 -14.54 -14.64
CA PHE B 108 66.09 -13.28 -15.30
C PHE B 108 65.52 -13.59 -16.68
N GLU B 109 64.47 -12.87 -17.07
CA GLU B 109 63.78 -13.13 -18.32
C GLU B 109 64.05 -12.03 -19.34
N ARG B 110 64.29 -12.43 -20.60
CA ARG B 110 64.51 -11.51 -21.69
C ARG B 110 63.43 -11.68 -22.74
N ALA B 111 62.82 -10.56 -23.13
CA ALA B 111 61.85 -10.51 -24.22
C ALA B 111 62.01 -9.17 -24.93
N GLU B 112 61.57 -9.12 -26.18
CA GLU B 112 61.76 -7.91 -26.98
C GLU B 112 60.89 -6.76 -26.49
N CYS B 113 59.65 -7.05 -26.11
CA CYS B 113 58.66 -6.02 -25.84
C CYS B 113 58.14 -6.14 -24.41
N GLU B 114 57.63 -5.01 -23.92
CA GLU B 114 56.88 -4.97 -22.66
C GLU B 114 55.47 -4.50 -22.99
N PHE B 115 54.49 -5.33 -22.65
CA PHE B 115 53.08 -5.05 -22.80
C PHE B 115 52.56 -4.38 -21.53
N LEU B 116 51.85 -3.25 -21.69
CA LEU B 116 51.29 -2.55 -20.55
C LEU B 116 49.78 -2.71 -20.47
N THR B 117 49.06 -2.26 -21.49
CA THR B 117 47.62 -2.49 -21.62
C THR B 117 47.23 -2.14 -23.05
N GLU B 118 46.13 -2.73 -23.50
CA GLU B 118 45.60 -2.46 -24.84
C GLU B 118 46.70 -2.65 -25.88
N HIS B 119 46.99 -1.61 -26.65
CA HIS B 119 48.09 -1.67 -27.62
C HIS B 119 49.39 -1.09 -27.09
N TYR B 120 49.39 -0.54 -25.87
CA TYR B 120 50.52 0.22 -25.37
C TYR B 120 51.65 -0.70 -24.87
N GLY B 121 52.86 -0.41 -25.31
CA GLY B 121 54.03 -1.15 -24.89
C GLY B 121 55.27 -0.52 -25.45
N PHE B 122 56.42 -1.08 -25.07
CA PHE B 122 57.67 -0.53 -25.57
C PHE B 122 58.71 -1.63 -25.77
N GLN B 123 59.62 -1.39 -26.72
CA GLN B 123 60.71 -2.32 -26.97
C GLN B 123 61.82 -2.13 -25.94
N TRP B 124 62.66 -3.15 -25.80
CA TRP B 124 63.70 -3.19 -24.78
C TRP B 124 65.09 -3.11 -25.43
N ASP B 125 66.00 -2.40 -24.78
CA ASP B 125 67.42 -2.47 -25.14
C ASP B 125 68.01 -3.60 -24.31
N ASN B 126 68.14 -4.77 -24.92
CA ASN B 126 68.56 -5.98 -24.23
C ASN B 126 70.04 -6.27 -24.41
N ASP B 127 70.84 -5.23 -24.65
CA ASP B 127 72.24 -5.43 -25.03
C ASP B 127 73.03 -6.13 -23.93
N LYS B 128 72.91 -5.66 -22.69
CA LYS B 128 73.74 -6.21 -21.61
C LYS B 128 73.38 -7.67 -21.31
N ILE B 129 72.10 -7.96 -21.17
CA ILE B 129 71.69 -9.32 -20.83
C ILE B 129 72.03 -10.27 -21.97
N ASP B 130 71.90 -9.81 -23.22
CA ASP B 130 72.31 -10.62 -24.36
C ASP B 130 73.81 -10.85 -24.37
N SER B 131 74.58 -9.88 -23.87
CA SER B 131 76.03 -10.05 -23.80
C SER B 131 76.42 -11.15 -22.83
N LEU B 132 75.67 -11.29 -21.73
CA LEU B 132 76.02 -12.25 -20.68
C LEU B 132 75.99 -13.69 -21.20
N LYS B 133 77.03 -14.45 -20.85
CA LYS B 133 77.17 -15.85 -21.20
C LYS B 133 77.41 -16.65 -19.92
N LYS B 134 77.42 -17.97 -20.05
CA LYS B 134 77.61 -18.83 -18.89
C LYS B 134 78.92 -18.53 -18.17
N ASP B 135 78.87 -18.58 -16.83
CA ASP B 135 80.01 -18.30 -15.96
C ASP B 135 80.48 -16.85 -16.06
N ASP B 136 79.55 -15.94 -16.29
CA ASP B 136 79.83 -14.51 -16.31
C ASP B 136 79.19 -13.88 -15.08
N THR B 137 79.96 -13.10 -14.33
CA THR B 137 79.44 -12.47 -13.13
C THR B 137 78.64 -11.22 -13.47
N ILE B 138 77.49 -11.08 -12.82
CA ILE B 138 76.65 -9.89 -12.94
C ILE B 138 76.88 -9.05 -11.69
N GLU B 139 77.38 -7.83 -11.88
CA GLU B 139 77.69 -7.01 -10.73
C GLU B 139 76.39 -6.51 -10.08
N LYS B 140 76.52 -5.86 -8.93
CA LYS B 140 75.36 -5.60 -8.09
C LYS B 140 74.37 -4.66 -8.77
N ASP B 141 74.85 -3.55 -9.32
CA ASP B 141 73.95 -2.51 -9.83
C ASP B 141 73.89 -2.48 -11.35
N THR B 142 74.29 -3.56 -12.03
CA THR B 142 74.22 -3.59 -13.48
C THR B 142 72.78 -3.55 -13.95
N VAL B 143 72.54 -2.87 -15.07
CA VAL B 143 71.22 -2.76 -15.66
C VAL B 143 71.13 -3.76 -16.81
N LEU B 144 70.39 -4.84 -16.60
CA LEU B 144 70.33 -5.90 -17.60
C LEU B 144 69.59 -5.43 -18.85
N TYR B 145 68.41 -4.83 -18.68
CA TYR B 145 67.69 -4.28 -19.83
C TYR B 145 67.05 -2.95 -19.45
N LYS B 146 66.98 -2.06 -20.43
CA LYS B 146 66.55 -0.68 -20.22
C LYS B 146 65.51 -0.31 -21.28
N ASN B 147 64.71 0.70 -20.95
CA ASN B 147 63.77 1.27 -21.90
C ASN B 147 64.46 2.30 -22.78
N THR B 148 63.80 2.64 -23.88
CA THR B 148 64.35 3.66 -24.78
C THR B 148 64.47 5.01 -24.09
N CYS B 149 63.78 5.21 -22.97
CA CYS B 149 63.85 6.49 -22.27
C CYS B 149 65.24 6.73 -21.69
N TYR B 150 65.89 5.70 -21.17
CA TYR B 150 67.19 5.82 -20.53
C TYR B 150 68.31 5.70 -21.56
N ASP B 151 69.41 6.40 -21.31
CA ASP B 151 70.54 6.46 -22.23
C ASP B 151 71.74 5.67 -21.67
N GLU B 152 72.92 5.91 -22.25
CA GLU B 152 74.11 5.15 -21.90
C GLU B 152 74.48 5.33 -20.43
N ASN B 153 74.37 6.55 -19.92
CA ASN B 153 74.62 6.85 -18.51
C ASN B 153 73.33 6.94 -17.72
N MET B 154 72.25 6.32 -18.20
CA MET B 154 70.98 6.19 -17.49
C MET B 154 70.32 7.53 -17.23
N ASN B 155 70.52 8.49 -18.14
CA ASN B 155 69.76 9.73 -18.12
C ASN B 155 68.37 9.47 -18.70
N PHE B 156 67.39 10.22 -18.21
CA PHE B 156 65.98 9.93 -18.47
C PHE B 156 65.40 10.96 -19.44
N GLY B 157 64.72 10.47 -20.48
CA GLY B 157 64.07 11.31 -21.46
C GLY B 157 62.68 10.84 -21.86
N TYR B 158 61.67 11.71 -21.76
CA TYR B 158 60.31 11.36 -22.15
C TYR B 158 59.88 12.01 -23.46
N GLY B 159 60.76 12.75 -24.13
CA GLY B 159 60.39 13.44 -25.35
C GLY B 159 61.63 13.76 -26.17
N VAL B 160 61.42 14.42 -27.30
CA VAL B 160 62.51 14.82 -28.17
C VAL B 160 62.56 16.34 -28.26
N ASN B 161 63.75 16.88 -28.48
CA ASN B 161 63.93 18.31 -28.66
C ASN B 161 63.77 18.64 -30.14
N LEU B 162 62.82 19.51 -30.47
CA LEU B 162 62.55 19.85 -31.85
C LEU B 162 62.66 21.35 -32.04
N ASN B 163 63.33 21.77 -33.12
CA ASN B 163 63.39 23.19 -33.43
C ASN B 163 62.01 23.70 -33.79
N ALA B 164 61.59 24.77 -33.13
CA ALA B 164 60.25 25.30 -33.25
C ALA B 164 60.32 26.76 -33.63
N ALA B 165 59.36 27.18 -34.46
CA ALA B 165 59.18 28.58 -34.80
C ALA B 165 57.70 28.88 -34.77
N TYR B 166 57.35 30.04 -34.23
CA TYR B 166 55.96 30.50 -34.21
C TYR B 166 55.68 31.22 -35.51
N PHE B 167 54.92 30.58 -36.39
CA PHE B 167 54.73 31.05 -37.75
C PHE B 167 53.36 30.60 -38.23
N SER B 168 52.72 31.43 -39.05
CA SER B 168 51.40 31.15 -39.59
C SER B 168 51.58 30.52 -40.96
N TYR B 169 51.49 29.19 -41.00
CA TYR B 169 51.81 28.44 -42.23
C TYR B 169 50.52 28.19 -43.00
N LYS B 170 50.24 29.10 -43.94
CA LYS B 170 49.10 28.94 -44.86
C LYS B 170 47.79 28.68 -44.13
N ASN B 171 47.70 29.13 -42.88
CA ASN B 171 46.56 28.91 -41.99
C ASN B 171 46.42 27.45 -41.58
N GLU B 172 47.42 26.61 -41.89
CA GLU B 172 47.40 25.23 -41.42
C GLU B 172 47.62 25.17 -39.91
N THR B 173 48.42 26.09 -39.37
CA THR B 173 48.60 26.21 -37.92
C THR B 173 47.50 27.09 -37.35
N LEU B 174 46.28 26.57 -37.39
CA LEU B 174 45.11 27.28 -36.90
C LEU B 174 44.72 26.72 -35.54
N GLU B 175 44.52 27.62 -34.58
CA GLU B 175 44.23 27.26 -33.19
C GLU B 175 45.40 26.40 -32.71
N ASP B 176 45.14 25.23 -32.13
CA ASP B 176 46.22 24.33 -31.70
C ASP B 176 46.43 23.27 -32.78
N ALA B 177 47.08 23.70 -33.85
CA ALA B 177 47.45 22.81 -34.95
C ALA B 177 48.92 23.04 -35.27
N ILE B 178 49.59 21.98 -35.72
CA ILE B 178 51.03 21.99 -35.91
C ILE B 178 51.36 21.40 -37.27
N VAL B 179 52.41 21.94 -37.89
CA VAL B 179 52.98 21.40 -39.12
C VAL B 179 54.39 20.94 -38.78
N ILE B 180 54.72 19.74 -39.23
CA ILE B 180 55.94 19.07 -38.81
C ILE B 180 56.73 18.68 -40.05
N SER B 181 58.05 18.70 -39.89
CA SER B 181 58.91 18.18 -40.94
C SER B 181 58.88 16.65 -40.91
N GLU B 182 59.01 16.05 -42.09
CA GLU B 182 58.95 14.60 -42.18
C GLU B 182 60.09 13.97 -41.37
N SER B 183 61.28 14.57 -41.44
CA SER B 183 62.39 14.12 -40.61
C SER B 183 62.06 14.25 -39.13
N ALA B 184 61.45 15.38 -38.74
CA ALA B 184 61.08 15.58 -37.35
C ALA B 184 60.06 14.55 -36.89
N ALA B 185 59.06 14.26 -37.74
CA ALA B 185 58.08 13.24 -37.40
C ALA B 185 58.72 11.87 -37.25
N LYS B 186 59.80 11.61 -38.01
CA LYS B 186 60.54 10.37 -37.80
C LYS B 186 61.08 10.26 -36.38
N LYS B 187 61.44 11.39 -35.76
CA LYS B 187 61.96 11.36 -34.39
C LYS B 187 60.88 10.97 -33.38
N LEU B 188 59.64 11.41 -33.59
CA LEU B 188 58.55 11.16 -32.64
C LEU B 188 57.82 9.87 -32.99
N GLY B 189 58.47 8.74 -32.66
CA GLY B 189 57.96 7.43 -33.01
C GLY B 189 57.68 6.57 -31.79
N THR B 190 56.55 5.85 -31.82
CA THR B 190 56.09 5.05 -30.69
C THR B 190 56.08 3.57 -31.07
N PHE B 191 56.03 2.72 -30.06
CA PHE B 191 55.81 1.29 -30.25
C PHE B 191 54.36 0.92 -29.92
N SER B 192 53.88 -0.15 -30.54
CA SER B 192 52.60 -0.76 -30.18
C SER B 192 52.80 -2.25 -30.04
N VAL B 193 52.47 -2.80 -28.86
CA VAL B 193 52.54 -4.24 -28.63
C VAL B 193 51.14 -4.73 -28.29
N ASN B 194 50.76 -5.84 -28.91
CA ASN B 194 49.44 -6.43 -28.71
C ASN B 194 49.58 -7.91 -28.42
N LYS B 195 48.83 -8.38 -27.44
CA LYS B 195 48.69 -9.80 -27.15
C LYS B 195 47.32 -10.22 -27.63
N VAL B 196 47.27 -11.05 -28.67
CA VAL B 196 46.03 -11.45 -29.31
C VAL B 196 45.84 -12.95 -29.13
N LYS B 197 44.65 -13.34 -28.68
CA LYS B 197 44.32 -14.73 -28.42
C LYS B 197 43.39 -15.22 -29.52
N VAL B 198 43.82 -16.24 -30.24
CA VAL B 198 42.96 -16.95 -31.19
C VAL B 198 42.68 -18.33 -30.62
N SER B 199 41.40 -18.66 -30.48
CA SER B 199 40.98 -19.93 -29.93
C SER B 199 40.46 -20.80 -31.07
N VAL B 200 41.10 -21.95 -31.29
CA VAL B 200 40.65 -22.89 -32.31
C VAL B 200 40.23 -24.17 -31.62
N ASN B 201 38.97 -24.53 -31.79
CA ASN B 201 38.41 -25.73 -31.20
C ASN B 201 38.57 -26.91 -32.17
N THR B 202 37.99 -28.06 -31.82
CA THR B 202 38.16 -29.26 -32.63
C THR B 202 37.64 -29.07 -34.05
N ASN B 203 36.50 -28.40 -34.20
CA ASN B 203 35.90 -28.24 -35.52
C ASN B 203 36.44 -27.04 -36.28
N ASP B 204 37.28 -26.22 -35.66
CA ASP B 204 37.86 -25.07 -36.33
C ASP B 204 39.22 -25.43 -36.91
N ILE B 205 39.50 -24.86 -38.09
CA ILE B 205 40.81 -24.99 -38.72
C ILE B 205 41.23 -23.60 -39.20
N LEU B 206 42.53 -23.42 -39.36
CA LEU B 206 43.10 -22.13 -39.75
C LEU B 206 43.49 -22.18 -41.22
N LEU B 207 43.05 -21.17 -41.97
CA LEU B 207 43.29 -21.14 -43.40
C LEU B 207 44.76 -20.87 -43.70
N ASN B 208 45.20 -21.35 -44.87
CA ASN B 208 46.60 -21.25 -45.29
C ASN B 208 46.90 -19.87 -45.87
N LEU B 209 46.77 -18.87 -45.00
CA LEU B 209 46.99 -17.48 -45.43
C LEU B 209 48.46 -17.22 -45.75
N TYR B 210 49.37 -17.83 -44.99
CA TYR B 210 50.81 -17.56 -45.13
C TYR B 210 51.59 -18.73 -45.73
N GLY B 211 50.91 -19.74 -46.27
CA GLY B 211 51.58 -20.93 -46.73
C GLY B 211 51.13 -21.35 -48.11
N ASP B 212 51.99 -22.14 -48.76
CA ASP B 212 51.72 -22.70 -50.07
C ASP B 212 51.01 -24.05 -49.94
N ASN B 213 50.87 -24.77 -51.05
CA ASN B 213 50.21 -26.07 -51.01
C ASN B 213 51.13 -27.13 -50.39
N GLU B 214 52.42 -27.09 -50.70
CA GLU B 214 53.34 -28.07 -50.13
C GLU B 214 53.53 -27.87 -48.64
N ASN B 215 53.68 -26.62 -48.21
CA ASN B 215 53.91 -26.28 -46.80
C ASN B 215 52.74 -25.44 -46.30
N TYR B 216 52.02 -25.97 -45.31
CA TYR B 216 50.82 -25.33 -44.78
C TYR B 216 51.20 -24.46 -43.59
N LYS B 217 51.16 -23.14 -43.75
CA LYS B 217 51.38 -22.18 -42.68
C LYS B 217 50.19 -21.24 -42.62
N GLY B 218 49.42 -21.31 -41.53
CA GLY B 218 48.22 -20.52 -41.38
C GLY B 218 48.36 -19.24 -40.59
N PHE B 219 49.54 -18.96 -40.04
CA PHE B 219 49.78 -17.75 -39.26
C PHE B 219 51.26 -17.41 -39.36
N PRO B 220 51.64 -16.17 -39.07
CA PRO B 220 53.04 -15.77 -39.28
C PRO B 220 53.99 -16.48 -38.32
N ASP B 221 55.26 -16.51 -38.73
CA ASP B 221 56.34 -17.08 -37.93
C ASP B 221 57.00 -16.01 -37.06
N ILE B 222 57.86 -16.47 -36.14
CA ILE B 222 58.42 -15.61 -35.09
C ILE B 222 59.19 -14.44 -35.69
N GLY B 223 59.82 -14.62 -36.84
CA GLY B 223 60.57 -13.53 -37.45
C GLY B 223 59.88 -12.83 -38.58
N GLU B 224 58.60 -13.11 -38.83
CA GLU B 224 57.89 -12.63 -40.00
C GLU B 224 56.81 -11.65 -39.57
N HIS B 225 56.65 -10.57 -40.34
CA HIS B 225 55.64 -9.56 -40.08
C HIS B 225 54.27 -10.01 -40.58
N ILE B 226 53.23 -9.42 -39.99
CA ILE B 226 51.87 -9.71 -40.42
C ILE B 226 51.62 -9.04 -41.76
N LYS B 227 50.88 -9.71 -42.64
CA LYS B 227 50.56 -9.19 -43.96
C LYS B 227 49.06 -8.97 -44.07
N ASN B 228 48.68 -7.82 -44.64
CA ASN B 228 47.29 -7.46 -44.90
C ASN B 228 46.46 -7.37 -43.63
N GLN B 229 47.13 -7.22 -42.48
CA GLN B 229 46.50 -7.02 -41.18
C GLN B 229 45.68 -8.24 -40.73
N ILE B 230 45.97 -9.42 -41.25
CA ILE B 230 45.25 -10.64 -40.87
C ILE B 230 46.25 -11.65 -40.32
N ILE B 231 46.16 -11.94 -39.02
CA ILE B 231 47.00 -12.97 -38.43
C ILE B 231 46.57 -14.35 -38.90
N ALA B 232 45.30 -14.67 -38.71
CA ALA B 232 44.74 -15.94 -39.14
C ALA B 232 43.23 -15.83 -39.14
N SER B 233 42.59 -16.75 -39.87
CA SER B 233 41.13 -16.85 -39.90
C SER B 233 40.72 -18.31 -39.67
N ARG B 234 39.72 -18.50 -38.82
CA ARG B 234 39.25 -19.83 -38.45
C ARG B 234 37.91 -20.10 -39.12
N ARG B 235 37.77 -21.29 -39.70
CA ARG B 235 36.49 -21.75 -40.24
C ARG B 235 35.95 -22.85 -39.34
N ARG B 236 34.75 -22.64 -38.81
CA ARG B 236 34.09 -23.63 -37.96
C ARG B 236 33.32 -24.60 -38.84
N PHE B 237 33.43 -25.89 -38.50
CA PHE B 237 32.83 -26.96 -39.29
C PHE B 237 31.79 -27.68 -38.47
N ASP B 238 30.70 -28.12 -39.13
CA ASP B 238 29.68 -28.86 -38.41
C ASP B 238 30.20 -30.22 -37.95
N TYR B 239 30.90 -30.93 -38.83
CA TYR B 239 31.56 -32.18 -38.44
C TYR B 239 32.92 -32.22 -39.13
N ASN B 240 33.97 -32.41 -38.33
CA ASN B 240 35.33 -32.50 -38.86
C ASN B 240 35.71 -33.91 -39.29
N THR B 241 34.74 -34.84 -39.29
CA THR B 241 35.01 -36.22 -39.63
C THR B 241 35.38 -36.38 -41.11
N ALA B 242 34.67 -35.66 -41.98
CA ALA B 242 34.83 -35.87 -43.42
C ALA B 242 36.23 -35.50 -43.89
N LEU B 243 36.74 -34.35 -43.42
CA LEU B 243 37.99 -33.79 -43.90
C LEU B 243 37.96 -33.56 -45.41
N TYR B 244 36.76 -33.29 -45.94
CA TYR B 244 36.57 -33.04 -47.34
C TYR B 244 36.95 -31.61 -47.71
N GLU B 245 37.08 -30.74 -46.70
CA GLU B 245 37.35 -29.32 -46.89
C GLU B 245 38.83 -29.03 -47.07
N LEU B 246 39.62 -30.01 -47.49
CA LEU B 246 41.05 -29.79 -47.72
C LEU B 246 41.28 -28.83 -48.89
N LYS B 247 40.42 -28.91 -49.91
CA LYS B 247 40.50 -28.05 -51.09
C LYS B 247 40.15 -26.61 -50.78
N ASN B 248 39.41 -26.36 -49.70
CA ASN B 248 38.93 -25.04 -49.28
C ASN B 248 40.00 -24.17 -48.61
N LEU B 249 41.25 -24.62 -48.53
CA LEU B 249 42.25 -23.94 -47.72
C LEU B 249 42.49 -22.49 -48.15
N ASN B 250 42.61 -22.23 -49.46
CA ASN B 250 42.96 -20.88 -49.90
C ASN B 250 41.79 -19.89 -49.77
N GLU B 251 40.56 -20.33 -50.03
CA GLU B 251 39.46 -19.37 -50.10
C GLU B 251 39.06 -18.88 -48.71
N MET B 252 38.36 -17.73 -48.71
CA MET B 252 37.86 -17.09 -47.50
C MET B 252 36.39 -16.74 -47.69
N ARG B 253 35.65 -16.68 -46.58
CA ARG B 253 34.23 -16.35 -46.62
C ARG B 253 33.90 -15.41 -45.46
N ASP B 254 32.71 -14.83 -45.52
CA ASP B 254 32.25 -13.92 -44.47
C ASP B 254 32.06 -14.67 -43.15
N SER B 255 31.62 -15.92 -43.21
CA SER B 255 31.42 -16.71 -42.00
C SER B 255 32.72 -16.89 -41.23
N ASP B 256 33.84 -17.00 -41.94
CA ASP B 256 35.13 -17.19 -41.29
C ASP B 256 35.45 -16.03 -40.35
N THR B 257 36.02 -16.35 -39.19
CA THR B 257 36.34 -15.34 -38.19
C THR B 257 37.75 -14.84 -38.44
N PRO B 258 37.94 -13.57 -38.81
CA PRO B 258 39.29 -13.08 -39.06
C PRO B 258 39.87 -12.31 -37.88
N PHE B 259 41.15 -12.52 -37.59
CA PHE B 259 41.83 -11.86 -36.48
C PHE B 259 42.80 -10.82 -37.04
N PHE B 260 42.68 -9.58 -36.57
CA PHE B 260 43.37 -8.45 -37.19
C PHE B 260 44.40 -7.84 -36.24
N ALA B 261 45.62 -7.63 -36.76
CA ALA B 261 46.66 -6.83 -36.15
C ALA B 261 47.78 -6.68 -37.18
N ASP B 262 48.68 -5.74 -36.93
CA ASP B 262 49.86 -5.52 -37.79
C ASP B 262 51.10 -5.40 -36.93
N GLY B 263 52.19 -6.00 -37.39
CA GLY B 263 53.48 -5.92 -36.72
C GLY B 263 54.22 -7.23 -36.84
N LYS B 264 55.35 -7.32 -36.14
CA LYS B 264 56.12 -8.56 -36.08
C LYS B 264 55.70 -9.32 -34.82
N ILE B 265 55.22 -10.55 -35.00
CA ILE B 265 54.99 -11.39 -33.84
C ILE B 265 56.34 -11.77 -33.24
N VAL B 266 56.45 -11.73 -31.92
CA VAL B 266 57.71 -12.00 -31.23
C VAL B 266 57.60 -13.16 -30.26
N ASP B 267 56.40 -13.62 -29.91
CA ASP B 267 56.24 -14.75 -29.02
C ASP B 267 54.90 -15.40 -29.29
N ILE B 268 54.88 -16.73 -29.24
CA ILE B 268 53.65 -17.51 -29.35
C ILE B 268 53.57 -18.42 -28.14
N GLU B 269 52.44 -18.38 -27.45
CA GLU B 269 52.20 -19.30 -26.34
C GLU B 269 50.94 -20.09 -26.66
N ILE B 270 51.07 -21.41 -26.75
CA ILE B 270 49.98 -22.30 -27.14
C ILE B 270 49.61 -23.14 -25.94
N PHE B 271 48.32 -23.15 -25.61
CA PHE B 271 47.78 -23.99 -24.55
C PHE B 271 46.86 -25.00 -25.22
N SER B 272 47.28 -26.27 -25.19
CA SER B 272 46.65 -27.36 -25.92
C SER B 272 46.05 -28.35 -24.93
N ASN B 273 44.80 -28.73 -25.17
CA ASN B 273 44.15 -29.78 -24.40
C ASN B 273 43.91 -31.03 -25.23
N VAL B 274 44.60 -31.18 -26.36
CA VAL B 274 44.40 -32.29 -27.27
C VAL B 274 45.65 -33.19 -27.26
N PRO B 275 45.50 -34.52 -27.25
CA PRO B 275 46.66 -35.40 -27.30
C PRO B 275 47.48 -35.22 -28.57
N GLU B 276 48.80 -35.42 -28.44
CA GLU B 276 49.71 -35.15 -29.55
C GLU B 276 49.41 -36.02 -30.76
N GLU B 277 49.07 -37.29 -30.55
CA GLU B 277 48.85 -38.20 -31.67
C GLU B 277 47.65 -37.77 -32.50
N GLU B 278 46.60 -37.27 -31.85
CA GLU B 278 45.45 -36.76 -32.59
C GLU B 278 45.83 -35.56 -33.46
N LEU B 279 46.72 -34.70 -32.96
CA LEU B 279 47.17 -33.54 -33.73
C LEU B 279 48.07 -33.93 -34.89
N LYS B 280 48.94 -34.92 -34.70
CA LYS B 280 49.98 -35.22 -35.67
C LYS B 280 49.42 -35.67 -37.02
N VAL B 281 48.29 -36.37 -37.04
CA VAL B 281 47.81 -36.97 -38.27
C VAL B 281 47.49 -35.92 -39.33
N GLN B 282 46.92 -34.79 -38.92
CA GLN B 282 46.49 -33.78 -39.89
C GLN B 282 47.64 -32.87 -40.28
N LYS B 283 47.83 -32.67 -41.59
CA LYS B 283 48.89 -31.80 -42.06
C LYS B 283 48.61 -30.35 -41.73
N TYR B 284 47.33 -29.96 -41.66
CA TYR B 284 46.97 -28.57 -41.42
C TYR B 284 47.41 -28.08 -40.05
N ASN B 285 47.70 -28.99 -39.12
CA ASN B 285 48.21 -28.65 -37.81
C ASN B 285 49.73 -28.53 -37.78
N GLU B 286 50.39 -28.79 -38.91
CA GLU B 286 51.84 -28.95 -38.93
C GLU B 286 52.55 -27.76 -38.28
N GLN B 287 52.25 -26.55 -38.75
CA GLN B 287 52.90 -25.37 -38.19
C GLN B 287 52.69 -25.30 -36.69
N VAL B 288 51.44 -25.45 -36.25
CA VAL B 288 51.14 -25.42 -34.83
C VAL B 288 52.03 -26.42 -34.09
N LEU B 289 52.11 -27.64 -34.63
CA LEU B 289 52.88 -28.68 -33.96
C LEU B 289 54.27 -28.19 -33.65
N TYR B 290 54.91 -27.53 -34.62
CA TYR B 290 56.29 -27.10 -34.41
C TYR B 290 56.40 -26.26 -33.16
N TYR B 291 55.56 -25.22 -33.05
CA TYR B 291 55.64 -24.36 -31.88
C TYR B 291 55.26 -25.11 -30.63
N ILE B 292 54.25 -25.99 -30.69
CA ILE B 292 53.94 -26.80 -29.53
C ILE B 292 55.18 -27.57 -29.11
N ASN B 293 55.81 -28.25 -30.07
CA ASN B 293 57.01 -29.00 -29.75
C ASN B 293 58.05 -28.06 -29.14
N LYS B 294 58.21 -26.89 -29.75
CA LYS B 294 59.22 -25.96 -29.26
C LYS B 294 58.94 -25.60 -27.80
N GLN B 295 57.68 -25.28 -27.48
CA GLN B 295 57.36 -24.97 -26.10
C GLN B 295 57.75 -26.12 -25.20
N LYS B 296 57.32 -27.33 -25.56
CA LYS B 296 57.68 -28.49 -24.74
C LYS B 296 59.19 -28.61 -24.65
N GLU B 297 59.87 -28.45 -25.78
CA GLU B 297 61.33 -28.56 -25.78
C GLU B 297 61.93 -27.54 -24.81
N PHE B 298 61.42 -26.31 -24.83
CA PHE B 298 61.90 -25.32 -23.87
C PHE B 298 61.61 -25.79 -22.44
N SER B 299 60.36 -26.17 -22.17
CA SER B 299 59.98 -26.52 -20.81
C SER B 299 60.81 -27.71 -20.32
N ASN B 300 60.85 -28.78 -21.11
CA ASN B 300 61.65 -29.93 -20.72
C ASN B 300 63.08 -29.50 -20.44
N ASN B 301 63.61 -28.61 -21.27
CA ASN B 301 65.00 -28.20 -21.12
C ASN B 301 65.25 -27.59 -19.74
N VAL B 302 64.33 -26.74 -19.27
CA VAL B 302 64.53 -26.18 -17.94
C VAL B 302 64.41 -27.28 -16.89
N TYR B 303 63.43 -28.17 -17.06
CA TYR B 303 63.17 -29.21 -16.06
C TYR B 303 64.41 -30.06 -15.83
N GLN B 304 65.04 -30.52 -16.92
CA GLN B 304 66.23 -31.33 -16.78
C GLN B 304 67.36 -30.55 -16.12
N LYS B 305 67.50 -29.26 -16.46
CA LYS B 305 68.63 -28.50 -15.95
C LYS B 305 68.46 -28.12 -14.49
N LEU B 306 67.24 -27.86 -14.04
CA LEU B 306 67.02 -27.32 -12.70
C LEU B 306 66.50 -28.36 -11.71
N LYS B 307 66.20 -29.58 -12.18
CA LYS B 307 65.61 -30.60 -11.32
C LYS B 307 66.48 -30.87 -10.10
N LYS B 308 67.80 -30.92 -10.28
CA LYS B 308 68.70 -31.14 -9.15
C LYS B 308 68.58 -30.01 -8.13
N ILE B 309 68.50 -28.76 -8.60
CA ILE B 309 68.46 -27.63 -7.68
C ILE B 309 67.12 -27.56 -6.97
N VAL B 310 66.03 -27.72 -7.71
CA VAL B 310 64.70 -27.53 -7.14
C VAL B 310 64.32 -28.71 -6.26
N GLU B 311 64.51 -29.92 -6.77
CA GLU B 311 64.08 -31.12 -6.05
C GLU B 311 65.15 -31.63 -5.09
N GLY B 312 66.33 -31.01 -5.07
CA GLY B 312 67.31 -31.33 -4.05
C GLY B 312 66.88 -30.79 -2.70
N LYS B 313 67.43 -31.38 -1.64
CA LYS B 313 67.02 -31.02 -0.29
C LYS B 313 67.34 -29.57 0.06
N ASP B 314 68.46 -29.05 -0.44
CA ASP B 314 68.86 -27.68 -0.11
C ASP B 314 67.81 -26.68 -0.54
N ASN B 315 67.32 -26.80 -1.78
CA ASN B 315 66.24 -25.95 -2.30
C ASN B 315 66.54 -24.47 -2.12
N ASN B 316 67.76 -24.07 -2.48
CA ASN B 316 68.12 -22.66 -2.48
C ASN B 316 67.67 -22.04 -3.81
N VAL B 317 66.35 -21.92 -3.94
CA VAL B 317 65.69 -21.39 -5.13
C VAL B 317 64.82 -20.22 -4.75
N SER B 318 64.81 -19.20 -5.60
CA SER B 318 63.88 -18.10 -5.42
C SER B 318 62.47 -18.56 -5.76
N ASP B 319 61.48 -17.85 -5.20
CA ASP B 319 60.10 -18.21 -5.47
C ASP B 319 59.78 -18.12 -6.95
N LYS B 320 60.38 -17.14 -7.64
CA LYS B 320 60.17 -17.03 -9.09
C LYS B 320 60.68 -18.26 -9.81
N LEU B 321 61.89 -18.72 -9.46
CA LEU B 321 62.42 -19.93 -10.07
C LEU B 321 61.56 -21.13 -9.76
N LEU B 322 61.09 -21.24 -8.52
CA LEU B 322 60.25 -22.37 -8.14
C LEU B 322 58.97 -22.41 -8.97
N HIS B 323 58.30 -21.27 -9.09
CA HIS B 323 57.03 -21.23 -9.81
C HIS B 323 57.24 -21.43 -11.31
N PHE B 324 58.32 -20.88 -11.88
CA PHE B 324 58.63 -21.13 -13.29
C PHE B 324 58.85 -22.63 -13.53
N TYR B 325 59.63 -23.26 -12.64
CA TYR B 325 59.90 -24.68 -12.76
C TYR B 325 58.62 -25.49 -12.64
N ASN B 326 57.76 -25.13 -11.68
CA ASN B 326 56.50 -25.85 -11.51
C ASN B 326 55.60 -25.70 -12.73
N ASN B 327 55.55 -24.51 -13.33
CA ASN B 327 54.69 -24.32 -14.49
C ASN B 327 55.19 -25.12 -15.69
N CYS B 328 56.51 -25.10 -15.94
CA CYS B 328 57.05 -25.90 -17.03
C CYS B 328 56.83 -27.39 -16.78
N LYS B 329 57.01 -27.82 -15.54
CA LYS B 329 56.78 -29.22 -15.17
C LYS B 329 55.33 -29.60 -15.39
N MET B 330 54.39 -28.70 -15.06
CA MET B 330 52.99 -28.94 -15.36
C MET B 330 52.76 -29.08 -16.86
N ARG B 331 53.46 -28.26 -17.65
CA ARG B 331 53.30 -28.35 -19.10
C ARG B 331 53.73 -29.71 -19.62
N ILE B 332 54.91 -30.18 -19.21
CA ILE B 332 55.37 -31.47 -19.72
C ILE B 332 54.56 -32.61 -19.11
N ASP B 333 54.05 -32.45 -17.89
CA ASP B 333 53.30 -33.50 -17.23
C ASP B 333 52.02 -33.83 -17.98
N GLU B 334 51.67 -35.12 -17.99
CA GLU B 334 50.43 -35.55 -18.62
C GLU B 334 49.26 -35.24 -17.69
N ASN B 335 48.05 -35.42 -18.23
CA ASN B 335 46.81 -35.14 -17.49
C ASN B 335 46.74 -33.69 -17.04
N ILE B 336 47.42 -32.80 -17.77
CA ILE B 336 47.32 -31.38 -17.52
C ILE B 336 46.19 -30.84 -18.40
N SER B 337 45.06 -30.55 -17.78
CA SER B 337 43.90 -30.02 -18.49
C SER B 337 43.87 -28.52 -18.25
N TYR B 338 44.05 -27.76 -19.32
CA TYR B 338 44.10 -26.31 -19.20
C TYR B 338 42.69 -25.75 -19.19
N THR B 339 42.46 -24.80 -18.28
CA THR B 339 41.15 -24.16 -18.14
C THR B 339 41.31 -22.66 -18.32
N TYR B 340 40.42 -22.07 -19.11
CA TYR B 340 40.38 -20.64 -19.33
C TYR B 340 39.01 -20.14 -18.90
N GLN B 341 39.00 -19.11 -18.04
CA GLN B 341 37.76 -18.59 -17.46
C GLN B 341 37.03 -19.71 -16.70
N ASN B 342 37.81 -20.54 -16.00
CA ASN B 342 37.28 -21.61 -15.15
C ASN B 342 36.47 -22.63 -15.95
N SER B 343 36.90 -22.90 -17.18
CA SER B 343 36.24 -23.92 -17.99
C SER B 343 37.28 -24.61 -18.88
N LYS B 344 37.17 -25.93 -18.99
CA LYS B 344 38.03 -26.70 -19.88
C LYS B 344 37.64 -26.44 -21.33
N PHE B 345 38.63 -26.21 -22.18
CA PHE B 345 38.41 -25.81 -23.56
C PHE B 345 38.93 -26.86 -24.53
N SER B 346 38.17 -27.07 -25.61
CA SER B 346 38.57 -27.93 -26.71
C SER B 346 39.67 -27.26 -27.54
N GLY B 347 40.43 -28.10 -28.24
CA GLY B 347 41.45 -27.59 -29.16
C GLY B 347 42.55 -26.85 -28.42
N PHE B 348 42.97 -25.71 -28.96
CA PHE B 348 44.03 -24.97 -28.33
C PHE B 348 43.79 -23.46 -28.44
N ILE B 349 44.37 -22.74 -27.48
CA ILE B 349 44.32 -21.30 -27.42
C ILE B 349 45.73 -20.77 -27.65
N MET B 350 45.87 -19.85 -28.61
CA MET B 350 47.17 -19.30 -28.98
C MET B 350 47.20 -17.82 -28.63
N GLU B 351 48.29 -17.39 -27.99
CA GLU B 351 48.53 -15.98 -27.72
C GLU B 351 49.74 -15.55 -28.55
N PHE B 352 49.53 -14.57 -29.43
CA PHE B 352 50.59 -13.95 -30.20
C PHE B 352 50.94 -12.62 -29.54
N THR B 353 52.23 -12.35 -29.40
CA THR B 353 52.72 -11.06 -28.97
C THR B 353 53.33 -10.36 -30.16
N ILE B 354 52.77 -9.21 -30.52
CA ILE B 354 53.09 -8.52 -31.78
C ILE B 354 53.61 -7.14 -31.45
N LEU B 355 54.80 -6.82 -31.97
CA LEU B 355 55.44 -5.53 -31.78
C LEU B 355 55.53 -4.82 -33.12
N GLU B 356 55.02 -3.59 -33.17
CA GLU B 356 55.03 -2.78 -34.38
C GLU B 356 55.56 -1.40 -34.08
N GLU B 357 56.43 -0.90 -34.96
CA GLU B 357 56.89 0.48 -34.89
C GLU B 357 55.81 1.37 -35.47
N GLU B 358 55.13 2.15 -34.61
CA GLU B 358 54.04 3.00 -35.04
C GLU B 358 54.58 4.40 -35.24
N PRO B 359 54.49 4.95 -36.45
CA PRO B 359 55.01 6.28 -36.72
C PRO B 359 53.98 7.37 -36.47
N LEU B 360 54.46 8.61 -36.46
CA LEU B 360 53.59 9.75 -36.29
C LEU B 360 52.74 9.93 -37.54
N ASN B 361 51.44 10.12 -37.34
CA ASN B 361 50.49 10.28 -38.43
C ASN B 361 49.59 11.48 -38.15
N LYS B 362 48.88 11.93 -39.19
CA LYS B 362 47.99 13.07 -39.05
C LYS B 362 46.91 12.76 -38.02
N GLY B 363 46.60 13.75 -37.20
CA GLY B 363 45.67 13.58 -36.11
C GLY B 363 46.31 13.22 -34.79
N SER B 364 47.60 12.93 -34.77
CA SER B 364 48.29 12.67 -33.51
C SER B 364 48.41 13.96 -32.71
N LYS B 365 48.44 13.82 -31.39
CA LYS B 365 48.47 14.96 -30.48
C LYS B 365 49.82 15.02 -29.81
N ILE B 366 50.50 16.15 -29.95
CA ILE B 366 51.81 16.36 -29.34
C ILE B 366 51.77 17.66 -28.54
N THR B 367 52.60 17.71 -27.49
CA THR B 367 52.54 18.81 -26.55
C THR B 367 53.94 19.10 -26.01
N GLY B 368 54.02 20.19 -25.25
CA GLY B 368 55.19 20.53 -24.48
C GLY B 368 54.92 20.36 -23.00
N ARG B 369 55.91 20.72 -22.20
CA ARG B 369 55.81 20.55 -20.76
C ARG B 369 54.96 21.62 -20.09
N TYR B 370 54.36 22.53 -20.86
CA TYR B 370 53.67 23.69 -20.30
C TYR B 370 52.17 23.70 -20.59
N GLY B 371 51.57 22.52 -20.81
CA GLY B 371 50.13 22.41 -20.91
C GLY B 371 49.53 22.74 -22.26
N ASN B 372 50.33 23.15 -23.23
CA ASN B 372 49.79 23.40 -24.56
C ASN B 372 49.47 22.08 -25.24
N LYS B 373 48.52 22.12 -26.18
CA LYS B 373 48.12 20.95 -26.93
C LYS B 373 48.28 21.24 -28.41
N GLY B 374 48.58 20.22 -29.20
CA GLY B 374 48.69 20.40 -30.64
C GLY B 374 48.31 19.15 -31.38
N VAL B 375 47.71 19.33 -32.55
CA VAL B 375 47.31 18.24 -33.44
C VAL B 375 48.08 18.40 -34.73
N ILE B 376 48.64 17.30 -35.23
CA ILE B 376 49.49 17.32 -36.42
C ILE B 376 48.57 17.46 -37.63
N SER B 377 48.44 18.69 -38.14
CA SER B 377 47.58 18.94 -39.29
C SER B 377 48.23 18.46 -40.59
N LYS B 378 49.51 18.76 -40.78
CA LYS B 378 50.21 18.41 -42.01
C LYS B 378 51.64 18.03 -41.70
N ILE B 379 52.14 17.02 -42.42
CA ILE B 379 53.55 16.64 -42.41
C ILE B 379 54.11 17.01 -43.78
N LEU B 380 55.12 17.87 -43.79
CA LEU B 380 55.65 18.45 -45.01
C LEU B 380 57.14 18.19 -45.14
N PRO B 381 57.67 18.18 -46.37
CA PRO B 381 59.10 17.98 -46.56
C PRO B 381 59.91 19.09 -45.91
N ASP B 382 61.16 18.74 -45.56
CA ASP B 382 62.03 19.69 -44.87
C ASP B 382 62.23 20.97 -45.66
N ASP B 383 62.30 20.86 -46.99
CA ASP B 383 62.53 22.04 -47.81
C ASP B 383 61.36 23.02 -47.75
N GLN B 384 60.14 22.52 -47.59
CA GLN B 384 58.96 23.38 -47.55
C GLN B 384 58.82 24.15 -46.26
N MET B 385 59.55 23.78 -45.21
CA MET B 385 59.44 24.46 -43.93
C MET B 385 60.32 25.70 -43.91
N PRO B 386 60.03 26.68 -43.02
CA PRO B 386 60.85 27.90 -42.94
C PRO B 386 62.33 27.62 -42.76
N THR B 387 63.14 28.12 -43.70
CA THR B 387 64.59 27.92 -43.67
C THR B 387 65.29 29.27 -43.75
N VAL B 388 66.11 29.56 -42.74
CA VAL B 388 66.85 30.82 -42.70
C VAL B 388 67.95 30.84 -43.74
N ALA B 389 68.19 32.02 -44.32
CA ALA B 389 69.15 32.19 -45.41
C ALA B 389 70.08 33.36 -45.11
N GLU B 390 71.26 33.30 -45.74
CA GLU B 390 72.25 34.38 -45.71
C GLU B 390 72.63 34.79 -44.29
N GLY B 391 73.11 33.80 -43.53
CA GLY B 391 73.62 34.05 -42.20
C GLY B 391 74.66 33.01 -41.85
N ARG B 392 75.28 33.17 -40.68
CA ARG B 392 76.09 32.09 -40.13
C ARG B 392 75.24 30.84 -39.93
N PHE B 393 74.01 31.03 -39.46
CA PHE B 393 73.02 29.95 -39.40
C PHE B 393 72.23 30.01 -40.71
N LYS B 394 72.85 29.51 -41.77
CA LYS B 394 72.21 29.51 -43.08
C LYS B 394 71.76 28.09 -43.42
N GLY B 395 70.51 27.96 -43.84
CA GLY B 395 69.94 26.67 -44.14
C GLY B 395 69.32 25.96 -42.97
N LEU B 396 69.35 26.56 -41.77
CA LEU B 396 68.67 25.98 -40.63
C LEU B 396 67.16 25.97 -40.87
N LYS B 397 66.56 24.79 -40.75
CA LYS B 397 65.14 24.62 -41.02
C LYS B 397 64.39 24.31 -39.73
N ALA B 398 63.18 24.84 -39.63
CA ALA B 398 62.36 24.65 -38.44
C ALA B 398 61.66 23.30 -38.52
N ASP B 399 61.83 22.48 -37.48
CA ASP B 399 61.21 21.16 -37.46
C ASP B 399 59.71 21.26 -37.27
N ILE B 400 59.25 22.13 -36.37
CA ILE B 400 57.83 22.31 -36.10
C ILE B 400 57.50 23.79 -36.14
N CYS B 401 56.31 24.12 -36.63
CA CYS B 401 55.80 25.48 -36.64
C CYS B 401 54.52 25.55 -35.83
N LEU B 402 54.47 26.48 -34.89
CA LEU B 402 53.37 26.60 -33.95
C LEU B 402 52.61 27.90 -34.19
N ASN B 403 51.34 27.91 -33.78
CA ASN B 403 50.50 29.06 -34.01
C ASN B 403 51.01 30.26 -33.21
N PRO B 404 51.25 31.40 -33.85
CA PRO B 404 51.65 32.60 -33.11
C PRO B 404 50.45 33.31 -32.49
N LEU B 405 49.28 33.16 -33.08
CA LEU B 405 48.10 33.89 -32.61
C LEU B 405 47.61 33.29 -31.30
N GLY B 406 47.41 34.14 -30.30
CA GLY B 406 46.85 33.70 -29.04
C GLY B 406 47.84 33.13 -28.06
N VAL B 407 49.15 33.21 -28.34
CA VAL B 407 50.16 32.58 -27.51
C VAL B 407 50.08 33.09 -26.07
N PHE B 408 49.94 34.41 -25.91
CA PHE B 408 49.87 34.97 -24.56
C PHE B 408 48.56 34.63 -23.87
N ASN B 409 47.48 34.43 -24.64
CA ASN B 409 46.19 34.07 -24.04
C ASN B 409 46.28 32.75 -23.28
N ARG B 410 47.18 31.85 -23.71
CA ARG B 410 47.26 30.52 -23.10
C ARG B 410 47.69 30.59 -21.65
N LEU B 411 48.40 31.65 -21.26
CA LEU B 411 48.93 31.83 -19.91
C LEU B 411 50.00 30.80 -19.56
N ASN B 412 50.76 30.35 -20.56
CA ASN B 412 51.91 29.46 -20.36
C ASN B 412 53.16 30.06 -20.98
N PRO B 413 53.66 31.18 -20.45
CA PRO B 413 54.78 31.87 -21.10
C PRO B 413 56.06 31.05 -21.20
N SER B 414 56.20 29.98 -20.42
CA SER B 414 57.50 29.33 -20.28
C SER B 414 57.99 28.68 -21.57
N GLN B 415 57.07 28.23 -22.44
CA GLN B 415 57.50 27.62 -23.70
C GLN B 415 58.35 28.60 -24.48
N LEU B 416 57.96 29.87 -24.47
CA LEU B 416 58.73 30.89 -25.16
C LEU B 416 60.11 31.04 -24.54
N ILE B 417 60.21 30.97 -23.21
CA ILE B 417 61.51 31.09 -22.56
C ILE B 417 62.42 29.94 -22.94
N GLU B 418 61.87 28.72 -23.01
CA GLU B 418 62.66 27.59 -23.49
C GLU B 418 63.19 27.86 -24.89
N GLN B 419 62.31 28.33 -25.77
CA GLN B 419 62.71 28.61 -27.14
C GLN B 419 63.82 29.66 -27.19
N GLU B 420 63.66 30.74 -26.42
CA GLU B 420 64.63 31.82 -26.45
C GLU B 420 65.98 31.33 -25.93
N LEU B 421 65.97 30.49 -24.89
CA LEU B 421 67.21 30.00 -24.32
C LEU B 421 67.95 29.10 -25.29
N ASN B 422 67.23 28.20 -25.98
CA ASN B 422 67.94 27.36 -26.94
C ASN B 422 68.39 28.15 -28.15
N TRP B 423 67.65 29.19 -28.53
CA TRP B 423 68.04 30.02 -29.66
C TRP B 423 69.30 30.82 -29.36
N ILE B 424 69.35 31.46 -28.18
CA ILE B 424 70.57 32.16 -27.75
C ILE B 424 71.73 31.18 -27.58
N ALA B 425 71.42 29.96 -27.17
CA ALA B 425 72.46 28.94 -27.02
C ALA B 425 73.06 28.55 -28.37
N LYS B 426 72.24 28.55 -29.44
CA LYS B 426 72.80 28.32 -30.77
C LYS B 426 73.91 29.30 -31.10
N PHE B 427 73.69 30.58 -30.79
CA PHE B 427 74.72 31.59 -31.02
C PHE B 427 75.96 31.32 -30.18
N ILE B 428 75.77 30.95 -28.92
CA ILE B 428 76.94 30.65 -28.07
C ILE B 428 77.73 29.48 -28.67
N ARG B 429 77.03 28.47 -29.17
CA ARG B 429 77.69 27.30 -29.75
C ARG B 429 78.49 27.67 -31.00
N LYS B 430 77.89 28.48 -31.87
CA LYS B 430 78.61 28.94 -33.06
C LYS B 430 79.81 29.80 -32.68
N ASP B 431 79.68 30.61 -31.63
CA ASP B 431 80.81 31.40 -31.17
C ASP B 431 81.96 30.51 -30.72
N MET B 432 81.64 29.44 -29.98
CA MET B 432 82.69 28.51 -29.56
C MET B 432 83.34 27.83 -30.77
N GLU B 433 82.53 27.38 -31.72
CA GLU B 433 83.06 26.68 -32.89
C GLU B 433 83.94 27.59 -33.74
N GLU B 434 83.54 28.85 -33.89
CA GLU B 434 84.14 29.71 -34.91
C GLU B 434 85.61 30.01 -34.63
N ALA B 435 85.97 30.29 -33.38
CA ALA B 435 87.33 30.72 -33.09
C ALA B 435 87.71 30.37 -31.67
N GLY B 436 89.01 30.35 -31.42
CA GLY B 436 89.56 30.22 -30.08
C GLY B 436 90.18 28.85 -29.86
N SER B 437 90.89 28.77 -28.73
CA SER B 437 91.39 27.51 -28.21
C SER B 437 90.30 26.84 -27.38
N ASN B 438 90.63 25.69 -26.79
CA ASN B 438 89.67 25.04 -25.88
C ASN B 438 89.33 25.95 -24.72
N GLU B 439 90.33 26.69 -24.23
CA GLU B 439 90.12 27.60 -23.10
C GLU B 439 89.13 28.70 -23.45
N GLU B 440 89.22 29.27 -24.65
CA GLU B 440 88.25 30.28 -25.08
C GLU B 440 86.85 29.69 -25.14
N LYS B 441 86.73 28.45 -25.62
CA LYS B 441 85.43 27.81 -25.72
C LYS B 441 84.81 27.63 -24.34
N VAL B 442 85.59 27.13 -23.38
CA VAL B 442 85.05 26.98 -22.04
C VAL B 442 84.73 28.34 -21.43
N SER B 443 85.48 29.38 -21.78
CA SER B 443 85.19 30.71 -21.22
C SER B 443 83.86 31.23 -21.71
N ILE B 444 83.59 31.11 -23.02
CA ILE B 444 82.30 31.54 -23.56
C ILE B 444 81.18 30.73 -22.93
N LEU B 445 81.37 29.42 -22.83
CA LEU B 445 80.35 28.55 -22.24
C LEU B 445 80.05 28.96 -20.80
N LEU B 446 81.09 29.17 -20.00
CA LEU B 446 80.90 29.50 -18.60
C LEU B 446 80.23 30.87 -18.43
N ASP B 447 80.57 31.84 -19.28
CA ASP B 447 79.93 33.14 -19.19
C ASP B 447 78.43 33.03 -19.48
N PHE B 448 78.07 32.34 -20.57
CA PHE B 448 76.65 32.20 -20.89
C PHE B 448 75.90 31.50 -19.75
N LEU B 449 76.49 30.43 -19.21
CA LEU B 449 75.82 29.71 -18.12
C LEU B 449 75.73 30.58 -16.87
N ASN B 450 76.75 31.40 -16.61
CA ASN B 450 76.67 32.34 -15.49
C ASN B 450 75.49 33.28 -15.68
N ARG B 451 75.20 33.66 -16.92
CA ARG B 451 73.99 34.43 -17.18
C ARG B 451 72.73 33.61 -16.91
N VAL B 452 72.77 32.30 -17.15
CA VAL B 452 71.54 31.53 -17.00
C VAL B 452 71.40 30.89 -15.61
N ASN B 453 72.35 30.03 -15.23
CA ASN B 453 72.27 29.32 -13.96
C ASN B 453 73.65 29.27 -13.32
N LYS B 454 73.77 29.85 -12.12
CA LYS B 454 75.05 29.89 -11.42
C LYS B 454 75.47 28.50 -10.95
N GLU B 455 74.52 27.71 -10.44
CA GLU B 455 74.86 26.37 -9.96
C GLU B 455 75.41 25.51 -11.09
N GLU B 456 74.75 25.56 -12.25
CA GLU B 456 75.26 24.84 -13.42
C GLU B 456 76.66 25.34 -13.79
N THR B 457 76.89 26.64 -13.69
CA THR B 457 78.21 27.17 -14.02
C THR B 457 79.28 26.60 -13.10
N GLU B 458 78.99 26.58 -11.79
CA GLU B 458 79.98 26.12 -10.82
C GLU B 458 80.27 24.63 -11.03
N LEU B 459 79.21 23.83 -11.16
CA LEU B 459 79.39 22.39 -11.35
C LEU B 459 80.06 22.09 -12.69
N MET B 460 79.76 22.88 -13.72
CA MET B 460 80.41 22.70 -15.01
C MET B 460 81.88 23.06 -14.95
N GLU B 461 82.24 24.08 -14.17
CA GLU B 461 83.65 24.38 -13.99
C GLU B 461 84.38 23.21 -13.33
N GLU B 462 83.77 22.62 -12.30
CA GLU B 462 84.39 21.45 -11.67
C GLU B 462 84.52 20.29 -12.65
N PHE B 463 83.42 19.97 -13.36
CA PHE B 463 83.41 18.87 -14.31
C PHE B 463 84.43 19.08 -15.43
N ILE B 464 84.56 20.31 -15.91
CA ILE B 464 85.49 20.62 -17.00
C ILE B 464 86.93 20.49 -16.52
N ASN B 465 87.24 21.05 -15.35
CA ASN B 465 88.60 20.96 -14.85
C ASN B 465 88.98 19.51 -14.57
N SER B 466 88.01 18.66 -14.23
CA SER B 466 88.29 17.25 -14.05
C SER B 466 88.73 16.59 -15.36
N LEU B 467 88.13 17.00 -16.47
CA LEU B 467 88.35 16.33 -17.76
C LEU B 467 89.79 16.46 -18.26
N ASN B 468 90.26 15.39 -18.91
CA ASN B 468 91.52 15.43 -19.64
C ASN B 468 91.34 16.20 -20.95
N LYS B 469 92.48 16.61 -21.52
CA LYS B 469 92.43 17.49 -22.69
C LYS B 469 91.68 16.84 -23.85
N THR B 470 91.92 15.55 -24.09
CA THR B 470 91.17 14.84 -25.13
C THR B 470 89.70 14.78 -24.77
N GLU B 471 89.40 14.42 -23.52
CA GLU B 471 88.02 14.39 -23.06
C GLU B 471 87.40 15.77 -23.11
N LEU B 472 88.17 16.81 -22.79
CA LEU B 472 87.65 18.18 -22.85
C LEU B 472 87.28 18.55 -24.28
N GLU B 473 88.15 18.20 -25.24
CA GLU B 473 87.86 18.49 -26.64
C GLU B 473 86.61 17.74 -27.10
N GLU B 474 86.47 16.47 -26.69
CA GLU B 474 85.30 15.70 -27.08
C GLU B 474 84.03 16.31 -26.48
N PHE B 475 84.08 16.74 -25.21
CA PHE B 475 82.94 17.36 -24.58
C PHE B 475 82.55 18.66 -25.27
N LEU B 476 83.57 19.47 -25.61
CA LEU B 476 83.29 20.73 -26.30
C LEU B 476 82.66 20.49 -27.67
N ASN B 477 83.16 19.50 -28.41
CA ASN B 477 82.56 19.18 -29.70
C ASN B 477 81.12 18.71 -29.53
N ASP B 478 80.87 17.90 -28.50
CA ASP B 478 79.50 17.48 -28.19
C ASP B 478 78.60 18.69 -27.96
N ILE B 479 79.09 19.66 -27.20
CA ILE B 479 78.30 20.85 -26.94
C ILE B 479 78.06 21.65 -28.22
N ILE B 480 79.08 21.74 -29.07
CA ILE B 480 78.95 22.52 -30.30
C ILE B 480 77.91 21.91 -31.22
N GLU B 481 77.94 20.59 -31.39
CA GLU B 481 77.11 19.99 -32.41
C GLU B 481 75.76 19.51 -31.87
N ASN B 482 75.78 18.69 -30.81
CA ASN B 482 74.53 18.09 -30.35
C ASN B 482 73.66 19.10 -29.60
N GLY B 483 74.25 19.93 -28.76
CA GLY B 483 73.49 20.91 -28.01
C GLY B 483 74.18 21.22 -26.70
N ILE B 484 73.58 22.15 -25.97
CA ILE B 484 74.09 22.64 -24.70
C ILE B 484 73.05 22.40 -23.62
N PRO B 485 73.41 21.78 -22.50
CA PRO B 485 72.44 21.64 -21.39
C PRO B 485 72.25 22.96 -20.66
N ILE B 486 70.99 23.31 -20.45
CA ILE B 486 70.60 24.51 -19.70
C ILE B 486 69.63 24.07 -18.62
N CYS B 487 69.86 24.54 -17.39
CA CYS B 487 69.06 24.13 -16.24
C CYS B 487 68.11 25.25 -15.86
N GLN B 488 66.81 24.97 -15.98
CA GLN B 488 65.76 25.90 -15.56
C GLN B 488 64.92 25.18 -14.50
N LYS B 489 65.23 25.45 -13.24
CA LYS B 489 64.55 24.79 -12.14
C LYS B 489 63.09 25.22 -12.09
N PRO B 490 62.21 24.39 -11.52
CA PRO B 490 60.78 24.70 -11.60
C PRO B 490 60.40 26.04 -11.00
N PHE B 491 60.84 26.32 -9.78
CA PHE B 491 60.49 27.56 -9.09
C PHE B 491 61.69 28.42 -8.74
N PHE B 492 62.77 27.84 -8.22
CA PHE B 492 63.91 28.60 -7.74
C PHE B 492 65.14 28.29 -8.61
N GLY B 493 65.62 29.30 -9.33
CA GLY B 493 66.75 29.16 -10.23
C GLY B 493 66.44 29.40 -11.70
N ASN B 494 65.20 29.70 -12.07
CA ASN B 494 64.86 30.00 -13.44
C ASN B 494 65.10 31.47 -13.74
N ILE B 495 65.25 31.78 -15.03
CA ILE B 495 65.48 33.15 -15.46
C ILE B 495 64.14 33.83 -15.71
N GLY B 496 64.17 35.16 -15.71
CA GLY B 496 62.96 35.95 -15.86
C GLY B 496 63.06 37.04 -16.90
N LEU B 497 62.09 37.97 -16.89
CA LEU B 497 62.09 39.06 -17.86
C LEU B 497 63.40 39.84 -17.80
N ASP B 498 63.85 40.17 -16.60
CA ASP B 498 65.06 40.98 -16.46
C ASP B 498 66.31 40.21 -16.90
N GLU B 499 66.38 38.91 -16.59
CA GLU B 499 67.56 38.13 -16.94
C GLU B 499 67.66 37.91 -18.45
N LEU B 500 66.54 37.58 -19.09
CA LEU B 500 66.53 37.49 -20.54
C LEU B 500 66.82 38.84 -21.19
N TRP B 501 66.33 39.92 -20.57
CA TRP B 501 66.60 41.27 -21.06
C TRP B 501 68.10 41.55 -21.05
N GLU B 502 68.76 41.24 -19.92
CA GLU B 502 70.19 41.41 -19.83
C GLU B 502 70.93 40.53 -20.84
N LEU B 503 70.47 39.28 -21.01
CA LEU B 503 71.09 38.38 -21.97
C LEU B 503 71.02 38.96 -23.38
N TYR B 504 69.87 39.54 -23.74
CA TYR B 504 69.74 40.11 -25.08
C TYR B 504 70.58 41.37 -25.23
N ASN B 505 70.67 42.18 -24.16
CA ASN B 505 71.44 43.41 -24.25
C ASN B 505 72.94 43.13 -24.38
N HIS B 506 73.45 42.16 -23.61
CA HIS B 506 74.88 41.83 -23.71
C HIS B 506 75.22 41.24 -25.07
N TYR B 507 74.43 40.29 -25.55
CA TYR B 507 74.71 39.62 -26.82
C TYR B 507 74.03 40.39 -27.95
N ASP B 508 74.68 41.47 -28.37
CA ASP B 508 74.12 42.34 -29.39
C ASP B 508 74.03 41.65 -30.75
N HIS B 509 74.90 40.69 -31.03
CA HIS B 509 74.88 40.03 -32.33
C HIS B 509 73.65 39.15 -32.50
N ILE B 510 72.98 38.78 -31.41
CA ILE B 510 71.86 37.86 -31.48
C ILE B 510 70.60 38.64 -31.88
N ASP B 511 70.05 38.29 -33.03
CA ASP B 511 68.86 38.94 -33.57
C ASP B 511 68.09 37.94 -34.40
N TYR B 512 66.87 38.30 -34.76
CA TYR B 512 65.95 37.38 -35.41
C TYR B 512 66.54 36.83 -36.71
N PHE B 513 66.13 35.61 -37.05
CA PHE B 513 66.57 34.96 -38.28
C PHE B 513 65.76 35.47 -39.46
N LYS B 514 66.44 35.73 -40.57
CA LYS B 514 65.79 36.13 -41.81
C LYS B 514 65.61 34.88 -42.67
N CYS B 515 64.36 34.42 -42.79
CA CYS B 515 64.08 33.19 -43.50
C CYS B 515 63.91 33.45 -45.00
N GLU B 516 63.87 32.35 -45.77
CA GLU B 516 64.03 32.43 -47.21
C GLU B 516 62.91 33.24 -47.88
N GLY B 517 61.66 32.91 -47.59
CA GLY B 517 60.56 33.55 -48.29
C GLY B 517 59.63 34.32 -47.38
N ILE B 518 60.08 34.60 -46.16
CA ILE B 518 59.25 35.17 -45.11
C ILE B 518 59.68 36.62 -44.91
N SER B 519 58.73 37.54 -45.02
CA SER B 519 59.02 38.94 -44.75
C SER B 519 59.34 39.17 -43.28
N THR B 520 58.53 38.60 -42.40
CA THR B 520 58.76 38.79 -40.97
C THR B 520 59.92 37.93 -40.52
N PRO B 521 60.88 38.49 -39.79
CA PRO B 521 61.96 37.68 -39.22
C PRO B 521 61.42 36.78 -38.11
N LEU B 522 62.01 35.58 -38.00
CA LEU B 522 61.50 34.52 -37.14
C LEU B 522 62.58 34.06 -36.16
N ILE B 523 62.13 33.55 -35.01
CA ILE B 523 62.99 32.92 -34.03
C ILE B 523 62.76 31.42 -34.11
N ILE B 524 63.85 30.66 -34.30
CA ILE B 524 63.80 29.21 -34.34
C ILE B 524 64.62 28.69 -33.16
N GLY B 525 63.95 28.03 -32.23
CA GLY B 525 64.63 27.51 -31.05
C GLY B 525 64.03 26.20 -30.63
N GLU B 526 64.86 25.35 -30.03
CA GLU B 526 64.42 24.00 -29.69
C GLU B 526 63.48 24.01 -28.49
N ILE B 527 62.36 23.31 -28.63
CA ILE B 527 61.41 23.08 -27.54
C ILE B 527 61.26 21.58 -27.35
N TYR B 528 61.19 21.17 -26.10
CA TYR B 528 61.00 19.76 -25.76
C TYR B 528 59.55 19.36 -26.03
N MET B 529 59.36 18.26 -26.77
CA MET B 529 58.04 17.84 -27.21
C MET B 529 57.79 16.39 -26.84
N VAL B 530 56.54 16.11 -26.46
CA VAL B 530 56.10 14.79 -26.01
C VAL B 530 54.94 14.35 -26.89
N ARG B 531 54.78 13.04 -27.04
CA ARG B 531 53.73 12.45 -27.86
C ARG B 531 52.65 11.88 -26.94
N LEU B 532 51.40 12.24 -27.21
CA LEU B 532 50.28 11.82 -26.38
C LEU B 532 49.62 10.55 -26.92
N LYS B 533 48.85 9.90 -26.04
CA LYS B 533 48.25 8.61 -26.35
C LYS B 533 47.18 8.72 -27.44
N HIS B 534 46.53 9.87 -27.56
CA HIS B 534 45.38 9.98 -28.46
CA HIS B 534 45.39 10.00 -28.46
C HIS B 534 45.81 9.93 -29.92
N GLU B 535 45.05 9.17 -30.70
CA GLU B 535 45.14 9.06 -32.14
C GLU B 535 43.71 8.94 -32.62
N PRO B 536 43.43 9.29 -33.88
CA PRO B 536 42.03 9.23 -34.36
C PRO B 536 41.45 7.82 -34.31
N HIS B 537 42.31 6.80 -34.40
CA HIS B 537 41.86 5.42 -34.51
C HIS B 537 40.92 5.05 -33.37
N SER B 538 41.13 5.64 -32.19
CA SER B 538 40.35 5.26 -31.02
C SER B 538 38.85 5.49 -31.24
N LYS B 539 38.49 6.58 -31.93
CA LYS B 539 37.08 6.92 -32.03
C LYS B 539 36.49 6.69 -33.42
N PHE B 540 37.21 6.01 -34.30
CA PHE B 540 36.73 5.81 -35.66
C PHE B 540 35.59 4.79 -35.67
N SER B 541 34.51 5.12 -36.36
CA SER B 541 33.39 4.22 -36.54
C SER B 541 32.88 4.35 -37.97
N ALA B 542 32.63 3.20 -38.62
CA ALA B 542 32.05 3.19 -39.95
C ALA B 542 31.19 1.95 -40.07
N ARG B 543 29.97 2.13 -40.58
CA ARG B 543 29.02 1.03 -40.61
C ARG B 543 28.30 0.98 -41.96
N SER B 544 28.16 -0.22 -42.49
CA SER B 544 27.34 -0.50 -43.65
C SER B 544 26.43 -1.67 -43.31
N THR B 545 25.19 -1.60 -43.77
CA THR B 545 24.20 -2.61 -43.41
C THR B 545 24.66 -4.00 -43.85
N SER B 546 24.28 -5.00 -43.08
CA SER B 546 24.61 -6.40 -43.37
C SER B 546 24.14 -6.82 -44.75
N LYS B 556 27.34 -3.24 -28.42
CA LYS B 556 28.47 -3.42 -29.32
C LYS B 556 28.73 -4.91 -29.57
N SER B 557 29.24 -5.22 -30.76
CA SER B 557 29.53 -6.61 -31.11
C SER B 557 30.79 -7.13 -30.42
N LYS B 558 31.69 -6.24 -30.00
CA LYS B 558 32.91 -6.56 -29.26
C LYS B 558 33.92 -7.34 -30.09
N ASN B 559 33.59 -7.70 -31.33
CA ASN B 559 34.55 -8.38 -32.19
C ASN B 559 35.81 -7.55 -32.37
N PHE B 560 35.66 -6.23 -32.49
CA PHE B 560 36.81 -5.35 -32.64
C PHE B 560 37.71 -5.41 -31.41
N LYS B 561 37.11 -5.42 -30.21
CA LYS B 561 37.89 -5.57 -29.00
C LYS B 561 38.54 -6.94 -28.92
N GLU B 562 37.90 -7.95 -29.48
CA GLU B 562 38.45 -9.30 -29.54
C GLU B 562 39.29 -9.52 -30.79
N HIS B 563 39.59 -8.44 -31.53
CA HIS B 563 40.44 -8.45 -32.71
C HIS B 563 39.80 -9.14 -33.91
N LYS B 564 38.47 -9.31 -33.90
CA LYS B 564 37.78 -9.94 -35.01
C LYS B 564 37.25 -8.95 -36.05
N ASP B 565 37.40 -7.65 -35.82
CA ASP B 565 36.99 -6.64 -36.79
C ASP B 565 38.06 -5.57 -36.93
N LEU B 566 38.26 -5.09 -38.16
CA LEU B 566 39.30 -4.10 -38.40
C LEU B 566 39.00 -2.79 -37.69
N TYR B 567 37.75 -2.33 -37.74
CA TYR B 567 37.38 -1.09 -37.08
C TYR B 567 35.97 -1.23 -36.53
N SER B 568 35.64 -0.33 -35.60
CA SER B 568 34.32 -0.37 -34.96
C SER B 568 33.23 -0.03 -35.96
N LYS B 569 32.12 -0.77 -35.86
CA LYS B 569 30.94 -0.53 -36.70
C LYS B 569 29.76 -0.11 -35.85
N THR B 570 30.03 0.50 -34.71
CA THR B 570 28.99 0.93 -33.78
C THR B 570 28.10 2.00 -34.43
N PRO B 571 26.78 1.81 -34.41
CA PRO B 571 25.91 2.75 -35.12
C PRO B 571 25.81 4.10 -34.41
N VAL B 572 25.57 5.14 -35.20
CA VAL B 572 25.27 6.46 -34.69
C VAL B 572 23.79 6.53 -34.33
N ARG B 573 23.45 7.33 -33.32
CA ARG B 573 22.10 7.40 -32.79
C ARG B 573 21.44 8.72 -33.19
N ILE B 574 20.22 8.63 -33.70
CA ILE B 574 19.41 9.79 -34.06
C ILE B 574 18.33 9.97 -33.01
N GLY B 575 18.21 11.19 -32.47
CA GLY B 575 17.26 11.46 -31.42
C GLY B 575 16.31 12.58 -31.77
N ASN B 576 15.50 13.00 -30.79
CA ASN B 576 14.50 14.04 -31.03
C ASN B 576 15.15 15.37 -31.41
N MET B 577 16.29 15.69 -30.79
CA MET B 577 17.02 16.89 -31.14
C MET B 577 17.46 16.86 -32.59
N GLU B 578 18.04 15.73 -33.01
CA GLU B 578 18.49 15.57 -34.39
C GLU B 578 17.32 15.65 -35.35
N ILE B 579 16.19 15.01 -35.00
CA ILE B 579 15.02 15.03 -35.85
C ILE B 579 14.48 16.44 -35.99
N SER B 580 14.53 17.23 -34.91
CA SER B 580 14.07 18.62 -34.99
C SER B 580 14.97 19.46 -35.89
N ASN B 581 16.29 19.33 -35.73
CA ASN B 581 17.20 20.08 -36.58
C ASN B 581 17.02 19.68 -38.05
N LEU B 582 16.74 18.39 -38.30
CA LEU B 582 16.43 17.95 -39.66
C LEU B 582 15.09 18.50 -40.12
N SER B 583 14.10 18.60 -39.21
CA SER B 583 12.78 19.10 -39.52
C SER B 583 12.79 20.57 -39.85
N LEU B 584 13.90 21.25 -39.57
CA LEU B 584 14.08 22.60 -40.08
C LEU B 584 13.80 22.67 -41.58
N THR B 585 14.12 21.61 -42.33
CA THR B 585 13.87 21.58 -43.76
C THR B 585 12.39 21.66 -44.10
N ASN B 586 11.51 21.25 -43.18
CA ASN B 586 10.07 21.22 -43.37
C ASN B 586 9.64 20.16 -44.38
N GLU B 587 10.47 19.13 -44.57
CA GLU B 587 10.16 17.99 -45.45
C GLU B 587 10.21 16.73 -44.60
N MET B 588 9.21 16.56 -43.73
CA MET B 588 9.21 15.47 -42.77
C MET B 588 9.21 14.10 -43.47
N GLY B 589 8.57 14.00 -44.63
CA GLY B 589 8.51 12.72 -45.33
C GLY B 589 9.88 12.16 -45.65
N SER B 590 10.80 13.03 -46.08
CA SER B 590 12.15 12.57 -46.39
C SER B 590 12.89 12.12 -45.14
N ILE B 591 12.68 12.79 -44.01
CA ILE B 591 13.30 12.37 -42.76
C ILE B 591 12.79 10.99 -42.35
N MET B 592 11.48 10.77 -42.46
CA MET B 592 10.92 9.46 -42.15
C MET B 592 11.43 8.40 -43.13
N ASP B 593 11.59 8.78 -44.40
CA ASP B 593 12.15 7.85 -45.39
C ASP B 593 13.56 7.45 -45.01
N MET B 594 14.40 8.41 -44.62
CA MET B 594 15.75 8.07 -44.19
C MET B 594 15.73 7.18 -42.97
N LEU B 595 14.85 7.46 -42.01
CA LEU B 595 14.78 6.66 -40.80
C LEU B 595 14.37 5.23 -41.12
N ASN B 596 13.37 5.06 -41.98
CA ASN B 596 12.89 3.72 -42.33
C ASN B 596 13.90 2.97 -43.17
N SER B 597 14.48 3.64 -44.17
CA SER B 597 15.44 2.99 -45.06
C SER B 597 16.73 2.63 -44.33
N TYR B 598 17.19 3.48 -43.41
CA TYR B 598 18.43 3.27 -42.70
C TYR B 598 18.29 2.40 -41.46
N SER B 599 17.14 2.42 -40.79
CA SER B 599 17.01 1.70 -39.53
C SER B 599 15.68 0.99 -39.33
N ASN B 600 14.60 1.76 -39.18
CA ASN B 600 13.36 1.23 -38.60
C ASN B 600 12.71 0.16 -39.47
N ASN B 601 12.62 0.39 -40.78
CA ASN B 601 11.84 -0.48 -41.67
C ASN B 601 12.76 -1.45 -42.39
N GLU B 602 12.56 -2.75 -42.14
CA GLU B 602 13.40 -3.77 -42.75
C GLU B 602 13.14 -3.89 -44.25
N THR B 603 11.88 -3.84 -44.67
CA THR B 603 11.57 -3.98 -46.10
C THR B 603 12.19 -2.82 -46.89
N ASN B 604 12.01 -1.59 -46.38
CA ASN B 604 12.61 -0.43 -47.04
C ASN B 604 14.13 -0.50 -47.02
N ARG B 605 14.70 -1.04 -45.94
CA ARG B 605 16.15 -1.18 -45.85
C ARG B 605 16.67 -2.16 -46.90
N ARG B 606 15.99 -3.29 -47.07
CA ARG B 606 16.34 -4.24 -48.11
C ARG B 606 16.23 -3.60 -49.48
N GLU B 607 15.16 -2.82 -49.71
CA GLU B 607 15.01 -2.14 -50.99
C GLU B 607 16.17 -1.19 -51.24
N LEU B 608 16.59 -0.45 -50.21
CA LEU B 608 17.67 0.51 -50.38
C LEU B 608 18.98 -0.19 -50.74
N ILE B 609 19.31 -1.27 -50.02
CA ILE B 609 20.54 -2.00 -50.32
C ILE B 609 20.50 -2.58 -51.74
N MET B 610 19.38 -3.23 -52.08
CA MET B 610 19.27 -3.86 -53.38
C MET B 610 19.36 -2.84 -54.50
N GLN B 611 18.69 -1.69 -54.35
CA GLN B 611 18.74 -0.65 -55.38
C GLN B 611 20.13 -0.05 -55.48
N LEU B 612 20.83 0.12 -54.35
CA LEU B 612 22.17 0.67 -54.40
C LEU B 612 23.12 -0.25 -55.15
N LEU B 613 22.93 -1.56 -55.02
CA LEU B 613 23.82 -2.46 -55.74
C LEU B 613 23.35 -2.78 -57.16
N THR B 614 22.08 -2.58 -57.48
CA THR B 614 21.58 -2.89 -58.82
C THR B 614 21.34 -1.67 -59.70
N GLY B 615 21.33 -0.47 -59.13
CA GLY B 615 21.08 0.73 -59.91
C GLY B 615 22.35 1.23 -60.57
N ASN B 616 22.20 2.35 -61.28
CA ASN B 616 23.37 2.97 -61.86
C ASN B 616 24.32 3.43 -60.77
N PRO B 617 25.63 3.21 -60.92
CA PRO B 617 26.58 3.63 -59.87
C PRO B 617 26.56 5.13 -59.62
N PHE B 618 26.42 5.94 -60.66
CA PHE B 618 26.56 7.38 -60.54
C PHE B 618 25.22 8.11 -60.45
N ASP B 619 24.10 7.42 -60.61
CA ASP B 619 22.78 7.99 -60.38
C ASP B 619 21.99 7.05 -59.49
N THR B 620 21.59 7.52 -58.31
CA THR B 620 20.89 6.72 -57.33
C THR B 620 19.57 7.38 -56.94
N ASN B 621 18.45 6.76 -57.34
CA ASN B 621 17.12 7.16 -56.92
C ASN B 621 16.42 5.95 -56.34
N ILE B 622 16.02 6.03 -55.07
CA ILE B 622 15.45 4.90 -54.34
C ILE B 622 13.97 5.17 -54.09
N ASP B 623 13.13 4.19 -54.44
CA ASP B 623 11.71 4.22 -54.15
C ASP B 623 11.42 3.17 -53.07
N LEU B 624 10.84 3.60 -51.96
CA LEU B 624 10.63 2.74 -50.81
C LEU B 624 9.15 2.47 -50.61
N SER B 625 8.81 1.19 -50.43
CA SER B 625 7.43 0.80 -50.24
C SER B 625 6.90 1.27 -48.88
N ASP B 626 5.61 1.57 -48.84
CA ASP B 626 4.92 1.98 -47.62
C ASP B 626 4.36 0.74 -46.92
N VAL B 627 5.01 0.31 -45.85
CA VAL B 627 4.63 -0.89 -45.13
C VAL B 627 4.85 -0.66 -43.64
N GLU B 628 4.03 -1.32 -42.82
CA GLU B 628 4.23 -1.28 -41.38
C GLU B 628 5.52 -2.00 -41.00
N SER B 629 6.25 -1.44 -40.04
CA SER B 629 7.49 -2.04 -39.60
C SER B 629 7.20 -3.32 -38.81
N GLY B 630 8.23 -4.16 -38.70
CA GLY B 630 8.09 -5.39 -37.94
C GLY B 630 7.75 -5.14 -36.48
N THR B 631 8.36 -4.11 -35.89
CA THR B 631 8.00 -3.72 -34.53
C THR B 631 6.53 -3.34 -34.44
N SER B 632 6.05 -2.60 -35.44
CA SER B 632 4.64 -2.20 -35.45
C SER B 632 3.72 -3.43 -35.59
N LYS B 633 4.10 -4.37 -36.46
CA LYS B 633 3.31 -5.60 -36.61
C LYS B 633 3.24 -6.37 -35.30
N ILE B 634 4.39 -6.56 -34.64
CA ILE B 634 4.41 -7.24 -33.35
C ILE B 634 3.55 -6.49 -32.34
N LEU B 635 3.60 -5.16 -32.38
CA LEU B 635 2.81 -4.35 -31.45
C LEU B 635 1.32 -4.56 -31.67
N LYS B 636 0.88 -4.58 -32.93
CA LYS B 636 -0.54 -4.77 -33.22
C LYS B 636 -1.01 -6.16 -32.83
N SER B 637 -0.20 -7.18 -33.13
CA SER B 637 -0.57 -8.56 -32.78
C SER B 637 -0.71 -8.72 -31.27
N LEU B 638 0.31 -8.29 -30.52
CA LEU B 638 0.27 -8.45 -29.07
C LEU B 638 -0.84 -7.61 -28.44
N PHE B 639 -1.08 -6.40 -28.96
CA PHE B 639 -2.11 -5.55 -28.39
C PHE B 639 -3.50 -6.14 -28.60
N THR B 640 -3.74 -6.72 -29.78
CA THR B 640 -5.04 -7.37 -30.02
C THR B 640 -5.26 -8.53 -29.06
N CYS B 641 -4.21 -9.29 -28.77
CA CYS B 641 -4.30 -10.32 -27.73
C CYS B 641 -4.55 -9.68 -26.36
N LEU B 642 -3.98 -8.50 -26.12
CA LEU B 642 -4.21 -7.79 -24.88
C LEU B 642 -5.66 -7.36 -24.74
N GLY B 643 -6.36 -7.18 -25.86
CA GLY B 643 -7.73 -6.73 -25.86
C GLY B 643 -7.92 -5.26 -26.14
N LEU B 644 -6.86 -4.54 -26.47
CA LEU B 644 -6.91 -3.13 -26.79
C LEU B 644 -6.44 -2.94 -28.22
N SER B 645 -7.09 -2.04 -28.94
CA SER B 645 -6.69 -1.75 -30.31
C SER B 645 -6.59 -0.26 -30.51
N ILE B 646 -5.57 0.16 -31.26
CA ILE B 646 -5.40 1.57 -31.58
C ILE B 646 -6.48 1.99 -32.55
N ASP B 647 -6.95 3.23 -32.40
CA ASP B 647 -7.91 3.82 -33.31
C ASP B 647 -7.29 4.99 -34.05
N ASP B 648 -5.96 5.00 -34.19
CA ASP B 648 -5.22 6.07 -34.84
C ASP B 648 -5.56 7.41 -34.18
N VAL B 649 -5.61 7.38 -32.85
CA VAL B 649 -5.99 8.52 -32.01
C VAL B 649 -5.30 9.82 -32.41
N MET C 1 53.04 47.22 -61.03
CA MET C 1 51.68 47.69 -60.80
C MET C 1 51.30 48.82 -61.74
N GLU C 2 50.08 48.79 -62.26
CA GLU C 2 49.53 49.91 -62.99
C GLU C 2 48.89 50.88 -62.01
N LYS C 3 48.82 52.15 -62.40
CA LYS C 3 48.36 53.20 -61.49
C LYS C 3 46.93 53.66 -61.77
N THR C 4 46.24 53.04 -62.71
CA THR C 4 44.83 53.34 -62.96
C THR C 4 44.10 52.04 -63.28
N TYR C 5 43.07 51.74 -62.50
CA TYR C 5 42.26 50.55 -62.69
C TYR C 5 40.80 50.96 -62.78
N ASN C 6 40.13 50.56 -63.85
CA ASN C 6 38.69 50.78 -63.99
C ASN C 6 37.96 49.57 -63.45
N LEU C 7 37.14 49.79 -62.41
CA LEU C 7 36.49 48.70 -61.70
C LEU C 7 35.55 47.94 -62.63
N ASN C 8 34.42 48.56 -63.01
CA ASN C 8 33.41 47.88 -63.80
C ASN C 8 33.89 47.52 -65.20
N ASP C 9 35.03 48.02 -65.66
CA ASP C 9 35.59 47.53 -66.91
C ASP C 9 36.24 46.17 -66.72
N ILE C 10 36.93 45.96 -65.59
CA ILE C 10 37.54 44.67 -65.31
C ILE C 10 36.48 43.65 -64.87
N LEU C 11 35.53 44.07 -64.03
CA LEU C 11 34.47 43.16 -63.58
C LEU C 11 33.62 42.66 -64.75
N LEU C 12 33.27 43.54 -65.68
CA LEU C 12 32.50 43.12 -66.84
C LEU C 12 33.36 42.63 -67.99
N SER C 13 34.69 42.63 -67.82
CA SER C 13 35.55 42.00 -68.81
C SER C 13 35.55 40.48 -68.61
N ASN C 14 35.97 39.77 -69.64
CA ASN C 14 36.14 38.33 -69.57
C ASN C 14 37.55 37.95 -69.13
N GLU C 15 38.37 38.92 -68.74
CA GLU C 15 39.70 38.69 -68.20
C GLU C 15 39.74 38.97 -66.70
N TYR C 16 38.58 38.83 -66.04
CA TYR C 16 38.46 39.17 -64.62
C TYR C 16 39.37 38.30 -63.76
N GLU C 17 39.34 36.99 -63.98
CA GLU C 17 40.15 36.10 -63.14
C GLU C 17 41.64 36.28 -63.40
N LYS C 18 42.02 36.48 -64.67
CA LYS C 18 43.44 36.64 -65.00
C LYS C 18 44.01 37.89 -64.35
N ILE C 19 43.22 38.96 -64.26
CA ILE C 19 43.70 40.18 -63.63
C ILE C 19 43.95 39.95 -62.15
N LYS C 20 43.03 39.25 -61.47
CA LYS C 20 43.23 38.94 -60.06
C LYS C 20 44.45 38.05 -59.86
N GLU C 21 44.58 37.03 -60.72
CA GLU C 21 45.69 36.09 -60.60
C GLU C 21 47.04 36.80 -60.61
N ASP C 22 47.24 37.70 -61.57
CA ASP C 22 48.53 38.35 -61.72
C ASP C 22 48.78 39.35 -60.59
N ILE C 23 47.73 40.05 -60.13
CA ILE C 23 47.89 40.94 -58.99
C ILE C 23 48.17 40.13 -57.73
N LYS C 24 47.40 39.07 -57.50
CA LYS C 24 47.65 38.18 -56.37
C LYS C 24 49.08 37.65 -56.41
N GLU C 25 49.53 37.22 -57.59
CA GLU C 25 50.89 36.73 -57.72
C GLU C 25 51.91 37.83 -57.49
N GLU C 26 51.62 39.04 -57.96
CA GLU C 26 52.57 40.15 -57.81
C GLU C 26 52.72 40.55 -56.36
N ILE C 27 51.62 40.55 -55.60
CA ILE C 27 51.67 40.99 -54.21
C ILE C 27 52.48 40.01 -53.37
N ILE C 28 52.24 38.71 -53.54
CA ILE C 28 52.94 37.73 -52.73
C ILE C 28 54.41 37.64 -53.12
N ASN C 29 54.73 37.89 -54.40
CA ASN C 29 56.13 37.84 -54.81
C ASN C 29 56.91 39.03 -54.24
N ASP C 30 56.25 40.19 -54.13
CA ASP C 30 56.88 41.34 -53.48
C ASP C 30 57.18 41.05 -52.02
N MET C 31 56.23 40.44 -51.32
CA MET C 31 56.41 40.17 -49.90
C MET C 31 57.55 39.18 -49.68
N ALA C 32 57.75 38.25 -50.62
CA ALA C 32 58.85 37.31 -50.47
C ALA C 32 60.18 37.99 -50.74
N SER C 33 60.18 39.12 -51.45
CA SER C 33 61.43 39.73 -51.87
C SER C 33 62.08 40.54 -50.74
N LYS C 34 61.25 41.18 -49.92
CA LYS C 34 61.75 42.12 -48.93
C LYS C 34 61.30 41.72 -47.53
N LYS C 35 62.04 42.19 -46.54
CA LYS C 35 61.71 41.99 -45.15
C LYS C 35 60.88 43.15 -44.63
N VAL C 36 60.20 42.92 -43.52
CA VAL C 36 59.51 43.99 -42.80
C VAL C 36 60.45 44.52 -41.74
N LYS C 37 60.56 45.85 -41.67
CA LYS C 37 61.45 46.53 -40.73
C LYS C 37 60.65 47.13 -39.59
N TYR C 38 61.17 46.99 -38.38
CA TYR C 38 60.51 47.46 -37.16
C TYR C 38 61.42 48.45 -36.45
N SER C 39 60.85 49.59 -36.05
CA SER C 39 61.59 50.60 -35.30
C SER C 39 61.30 50.58 -33.81
N ASN C 40 60.20 49.95 -33.39
CA ASN C 40 59.79 49.91 -31.98
C ASN C 40 59.69 51.32 -31.41
N THR C 41 59.06 52.22 -32.16
CA THR C 41 58.87 53.60 -31.75
C THR C 41 57.72 54.19 -32.55
N SER C 42 57.36 55.43 -32.22
CA SER C 42 56.23 56.07 -32.87
C SER C 42 56.54 56.48 -34.31
N GLU C 43 57.80 56.80 -34.61
CA GLU C 43 58.22 57.11 -35.97
C GLU C 43 58.49 55.78 -36.68
N PHE C 44 57.48 55.27 -37.36
CA PHE C 44 57.54 53.95 -37.97
C PHE C 44 58.66 53.86 -39.00
N ALA C 45 59.13 52.64 -39.22
CA ALA C 45 60.18 52.38 -40.20
C ALA C 45 59.58 52.19 -41.58
N LYS C 46 60.36 52.51 -42.61
CA LYS C 46 59.87 52.55 -43.98
C LYS C 46 60.02 51.17 -44.62
N ASN C 47 58.95 50.72 -45.29
CA ASN C 47 58.95 49.46 -46.01
C ASN C 47 58.36 49.67 -47.40
N ASP C 48 58.98 49.04 -48.40
CA ASP C 48 58.61 49.19 -49.80
C ASP C 48 57.77 48.00 -50.24
N PHE C 49 56.49 48.03 -49.89
CA PHE C 49 55.57 46.94 -50.17
C PHE C 49 54.50 47.43 -51.15
N LEU C 50 54.21 46.60 -52.17
CA LEU C 50 53.22 46.98 -53.17
C LEU C 50 51.82 47.06 -52.58
N LYS C 51 51.50 46.19 -51.61
CA LYS C 51 50.18 46.24 -50.99
C LYS C 51 49.90 47.60 -50.37
N ASP C 52 50.94 48.28 -49.90
CA ASP C 52 50.80 49.57 -49.25
C ASP C 52 50.96 50.75 -50.21
N GLU C 53 51.32 50.49 -51.46
CA GLU C 53 51.36 51.53 -52.47
C GLU C 53 49.95 51.83 -52.98
N PHE C 54 49.79 53.02 -53.54
CA PHE C 54 48.46 53.53 -53.87
C PHE C 54 48.19 53.42 -55.36
N ILE C 55 46.94 53.09 -55.70
CA ILE C 55 46.45 53.09 -57.06
C ILE C 55 45.17 53.92 -57.11
N ASP C 56 44.80 54.33 -58.32
CA ASP C 56 43.58 55.09 -58.54
C ASP C 56 42.53 54.18 -59.15
N LEU C 57 41.38 54.08 -58.49
CA LEU C 57 40.29 53.22 -58.91
C LEU C 57 39.14 54.06 -59.42
N VAL C 58 38.68 53.77 -60.64
CA VAL C 58 37.62 54.54 -61.30
C VAL C 58 36.33 53.74 -61.22
N VAL C 59 35.35 54.28 -60.50
CA VAL C 59 34.05 53.66 -60.35
C VAL C 59 33.02 54.56 -61.00
N ASP C 60 32.57 54.18 -62.20
CA ASP C 60 31.55 54.93 -62.94
C ASP C 60 31.96 56.38 -63.15
N GLY C 61 33.24 56.60 -63.41
CA GLY C 61 33.76 57.92 -63.69
C GLY C 61 34.35 58.67 -62.51
N GLU C 62 34.35 58.06 -61.33
CA GLU C 62 34.85 58.71 -60.12
C GLU C 62 36.10 57.97 -59.63
N THR C 63 37.15 58.73 -59.33
CA THR C 63 38.44 58.16 -58.95
C THR C 63 38.58 58.19 -57.42
N TYR C 64 38.85 57.02 -56.85
CA TYR C 64 39.10 56.87 -55.42
C TYR C 64 40.54 56.42 -55.21
N GLU C 65 41.21 56.99 -54.20
CA GLU C 65 42.56 56.54 -53.88
C GLU C 65 42.49 55.31 -53.00
N ILE C 66 42.99 54.19 -53.52
CA ILE C 66 42.84 52.87 -52.94
C ILE C 66 44.18 52.16 -53.02
N THR C 67 44.53 51.42 -51.97
CA THR C 67 45.80 50.70 -51.99
C THR C 67 45.71 49.49 -52.90
N TYR C 68 46.88 49.07 -53.41
CA TYR C 68 46.94 47.87 -54.24
C TYR C 68 46.30 46.68 -53.52
N GLY C 69 46.52 46.56 -52.22
CA GLY C 69 45.90 45.48 -51.46
C GLY C 69 44.39 45.60 -51.41
N ASN C 70 43.87 46.82 -51.23
CA ASN C 70 42.43 47.02 -51.24
C ASN C 70 41.84 46.71 -52.61
N LEU C 71 42.63 46.87 -53.67
CA LEU C 71 42.13 46.55 -55.00
C LEU C 71 41.87 45.05 -55.16
N ILE C 72 42.88 44.24 -54.82
CA ILE C 72 42.72 42.80 -54.99
C ILE C 72 41.65 42.25 -54.05
N THR C 73 41.48 42.89 -52.89
CA THR C 73 40.38 42.50 -52.01
C THR C 73 39.04 42.86 -52.63
N LEU C 74 38.96 44.03 -53.27
CA LEU C 74 37.72 44.46 -53.89
C LEU C 74 37.35 43.55 -55.05
N LEU C 75 38.32 43.16 -55.87
CA LEU C 75 38.01 42.30 -57.02
C LEU C 75 37.50 40.94 -56.56
N ILE C 76 38.15 40.35 -55.55
CA ILE C 76 37.70 39.07 -55.02
C ILE C 76 36.29 39.18 -54.49
N VAL C 77 35.98 40.27 -53.80
CA VAL C 77 34.69 40.39 -53.15
C VAL C 77 33.64 40.97 -54.10
N ALA C 78 34.05 41.38 -55.30
CA ALA C 78 33.12 41.85 -56.32
C ALA C 78 32.90 40.81 -57.42
N ARG C 79 33.19 39.54 -57.13
CA ARG C 79 32.85 38.45 -58.05
C ARG C 79 31.38 38.42 -58.47
N PRO C 80 30.40 38.77 -57.61
CA PRO C 80 29.01 38.78 -58.10
C PRO C 80 28.79 39.53 -59.39
N PHE C 81 29.44 40.68 -59.55
CA PHE C 81 29.18 41.52 -60.71
C PHE C 81 29.81 40.96 -61.98
N ASN C 82 30.88 40.18 -61.84
CA ASN C 82 31.40 39.47 -63.01
C ASN C 82 30.47 38.34 -63.43
N HIS C 83 29.88 37.65 -62.45
CA HIS C 83 29.01 36.54 -62.75
C HIS C 83 27.69 37.01 -63.35
N PHE C 84 27.05 37.99 -62.72
CA PHE C 84 25.79 38.51 -63.21
C PHE C 84 25.94 39.52 -64.33
N LYS C 85 27.14 40.05 -64.55
CA LYS C 85 27.41 41.07 -65.57
C LYS C 85 26.55 42.33 -65.34
N VAL C 86 26.43 42.70 -64.07
CA VAL C 86 25.73 43.92 -63.66
C VAL C 86 26.76 44.81 -62.96
N PRO C 87 26.90 46.08 -63.35
CA PRO C 87 27.97 46.90 -62.78
C PRO C 87 27.75 47.23 -61.32
N MET C 88 28.83 47.65 -60.67
CA MET C 88 28.85 47.97 -59.25
C MET C 88 28.63 49.47 -59.07
N THR C 89 27.49 49.83 -58.49
CA THR C 89 27.25 51.22 -58.17
C THR C 89 28.15 51.68 -57.04
N GLU C 90 28.35 52.99 -56.95
CA GLU C 90 29.22 53.53 -55.90
C GLU C 90 28.60 53.41 -54.51
N ASP C 91 27.29 53.21 -54.43
CA ASP C 91 26.66 52.96 -53.13
C ASP C 91 27.26 51.72 -52.45
N LEU C 92 27.66 50.71 -53.22
CA LEU C 92 28.10 49.44 -52.68
C LEU C 92 29.53 49.45 -52.18
N LEU C 93 30.32 50.46 -52.54
CA LEU C 93 31.71 50.51 -52.10
C LEU C 93 31.77 50.79 -50.61
N PHE C 94 32.72 50.16 -49.93
CA PHE C 94 32.85 50.26 -48.48
C PHE C 94 34.33 50.35 -48.10
N ASP C 95 34.58 50.67 -46.84
CA ASP C 95 35.95 50.71 -46.34
C ASP C 95 36.54 49.31 -46.34
N LEU C 96 37.56 49.09 -47.16
CA LEU C 96 38.16 47.77 -47.30
C LEU C 96 39.21 47.49 -46.24
N SER C 97 39.54 48.47 -45.38
CA SER C 97 40.54 48.29 -44.34
C SER C 97 39.94 47.93 -42.99
N ASP C 98 38.63 48.08 -42.82
CA ASP C 98 37.93 47.68 -41.59
C ASP C 98 37.12 46.43 -41.92
N LEU C 99 37.62 45.28 -41.47
CA LEU C 99 37.00 44.02 -41.87
C LEU C 99 35.61 43.85 -41.28
N LYS C 100 35.22 44.69 -40.32
CA LYS C 100 33.88 44.61 -39.75
C LYS C 100 32.83 44.90 -40.81
N GLU C 101 33.14 45.80 -41.74
CA GLU C 101 32.18 46.23 -42.74
C GLU C 101 31.90 45.17 -43.79
N TYR C 102 32.80 44.21 -43.98
CA TYR C 102 32.60 43.17 -44.97
C TYR C 102 31.28 42.44 -44.73
N GLN C 103 30.97 42.15 -43.46
CA GLN C 103 29.72 41.49 -43.11
C GLN C 103 28.52 42.25 -43.67
N ASN C 104 28.50 43.57 -43.47
CA ASN C 104 27.38 44.36 -43.96
C ASN C 104 27.37 44.42 -45.48
N TYR C 105 28.54 44.41 -46.12
CA TYR C 105 28.57 44.40 -47.58
C TYR C 105 27.95 43.12 -48.13
N TYR C 106 28.25 41.98 -47.50
CA TYR C 106 27.61 40.74 -47.91
C TYR C 106 26.11 40.82 -47.72
N THR C 107 25.66 41.53 -46.69
CA THR C 107 24.23 41.70 -46.46
C THR C 107 23.59 42.50 -47.59
N THR C 108 24.25 43.58 -48.03
CA THR C 108 23.72 44.35 -49.14
C THR C 108 23.75 43.55 -50.44
N LEU C 109 24.74 42.67 -50.60
CA LEU C 109 24.75 41.80 -51.78
C LEU C 109 23.54 40.88 -51.80
N LEU C 110 23.14 40.39 -50.63
CA LEU C 110 21.99 39.49 -50.55
C LEU C 110 20.70 40.20 -50.90
N GLU C 111 20.55 41.45 -50.44
CA GLU C 111 19.32 42.19 -50.71
C GLU C 111 19.24 42.65 -52.16
N HIS C 112 20.38 43.05 -52.73
CA HIS C 112 20.40 43.57 -54.09
C HIS C 112 20.03 42.48 -55.10
N PHE C 113 20.65 41.31 -54.98
CA PHE C 113 20.45 40.23 -55.93
C PHE C 113 19.35 39.27 -55.51
N GLY C 114 18.61 39.60 -54.44
CA GLY C 114 17.33 38.96 -54.18
C GLY C 114 17.34 37.77 -53.26
N TYR C 115 18.36 37.62 -52.41
CA TYR C 115 18.49 36.46 -51.52
C TYR C 115 18.41 35.15 -52.29
N SER C 116 18.91 35.14 -53.53
CA SER C 116 18.85 33.97 -54.39
C SER C 116 19.91 32.94 -53.99
N ASN C 117 19.73 31.71 -54.47
CA ASN C 117 20.77 30.71 -54.28
C ASN C 117 22.03 31.05 -55.06
N GLU C 118 21.88 31.75 -56.20
CA GLU C 118 23.03 32.12 -57.01
C GLU C 118 23.94 33.10 -56.25
N ILE C 119 23.35 34.13 -55.65
CA ILE C 119 24.16 35.05 -54.85
C ILE C 119 24.67 34.34 -53.60
N LYS C 120 23.94 33.35 -53.09
CA LYS C 120 24.42 32.58 -51.95
C LYS C 120 25.63 31.74 -52.33
N SER C 121 25.70 31.27 -53.59
CA SER C 121 26.86 30.52 -54.03
C SER C 121 28.08 31.43 -54.20
N ILE C 122 27.86 32.64 -54.72
CA ILE C 122 29.00 33.54 -54.98
C ILE C 122 29.62 34.00 -53.68
N ILE C 123 28.80 34.29 -52.65
CA ILE C 123 29.34 34.71 -51.36
C ILE C 123 30.22 33.62 -50.77
N LYS C 124 29.78 32.36 -50.92
CA LYS C 124 30.60 31.24 -50.46
C LYS C 124 31.94 31.20 -51.20
N ASP C 125 31.92 31.43 -52.51
CA ASP C 125 33.16 31.46 -53.27
C ASP C 125 34.02 32.66 -52.89
N VAL C 126 33.40 33.77 -52.49
CA VAL C 126 34.16 34.93 -52.07
C VAL C 126 34.83 34.67 -50.73
N ILE C 127 34.12 34.06 -49.79
CA ILE C 127 34.71 33.71 -48.50
C ILE C 127 35.84 32.71 -48.69
N SER C 128 35.65 31.77 -49.62
CA SER C 128 36.69 30.77 -49.88
C SER C 128 37.94 31.43 -50.45
N GLU C 129 37.78 32.22 -51.52
CA GLU C 129 38.94 32.85 -52.15
C GLU C 129 39.63 33.81 -51.19
N LEU C 130 38.86 34.55 -50.39
CA LEU C 130 39.45 35.47 -49.43
C LEU C 130 40.31 34.72 -48.42
N ALA C 131 39.86 33.55 -47.98
CA ALA C 131 40.62 32.79 -47.00
C ALA C 131 41.88 32.21 -47.60
N ILE C 132 41.80 31.66 -48.81
CA ILE C 132 42.96 31.05 -49.44
C ILE C 132 44.06 32.08 -49.64
N PHE C 133 43.70 33.30 -50.04
CA PHE C 133 44.71 34.35 -50.18
C PHE C 133 45.29 34.73 -48.83
N SER C 134 44.48 34.69 -47.77
CA SER C 134 44.99 35.00 -46.44
C SER C 134 46.12 34.06 -46.05
N GLY C 135 46.01 32.77 -46.39
CA GLY C 135 47.10 31.85 -46.13
C GLY C 135 48.35 32.22 -46.89
N ASP C 136 48.19 32.63 -48.16
CA ASP C 136 49.34 33.08 -48.94
C ASP C 136 49.97 34.32 -48.33
N ILE C 137 49.14 35.27 -47.87
CA ILE C 137 49.67 36.42 -47.16
C ILE C 137 50.40 35.98 -45.90
N ASN C 138 49.79 35.07 -45.14
CA ASN C 138 50.35 34.68 -43.85
C ASN C 138 51.64 33.88 -44.01
N VAL C 139 51.71 33.02 -45.02
CA VAL C 139 52.91 32.22 -45.20
C VAL C 139 54.03 33.02 -45.85
N THR C 140 53.72 34.16 -46.46
CA THR C 140 54.74 35.00 -47.09
C THR C 140 55.11 36.19 -46.22
N PHE C 141 54.13 36.96 -45.75
CA PHE C 141 54.43 38.05 -44.82
C PHE C 141 54.98 37.51 -43.50
N GLY C 142 54.40 36.45 -42.99
CA GLY C 142 54.89 35.85 -41.76
C GLY C 142 54.26 36.51 -40.53
N ASN C 143 54.16 35.72 -39.46
CA ASN C 143 53.63 36.18 -38.19
C ASN C 143 54.33 35.43 -37.07
N THR C 144 54.75 36.16 -36.04
CA THR C 144 55.54 35.54 -34.99
C THR C 144 55.18 36.15 -33.64
N VAL C 145 55.64 35.48 -32.58
CA VAL C 145 55.47 35.93 -31.20
C VAL C 145 56.76 35.64 -30.46
N SER C 146 57.17 36.58 -29.60
CA SER C 146 58.44 36.46 -28.89
C SER C 146 58.43 37.35 -27.66
N ILE C 147 59.20 36.93 -26.64
CA ILE C 147 59.42 37.81 -25.51
C ILE C 147 60.43 38.90 -25.87
N LYS C 148 61.37 38.60 -26.78
CA LYS C 148 62.24 39.64 -27.30
C LYS C 148 61.44 40.75 -27.94
N SER C 149 60.31 40.42 -28.58
CA SER C 149 59.42 41.44 -29.10
C SER C 149 58.99 42.40 -28.01
N LEU C 150 58.63 41.87 -26.84
CA LEU C 150 58.28 42.72 -25.71
C LEU C 150 59.48 43.51 -25.23
N ILE C 151 60.63 42.85 -25.12
CA ILE C 151 61.85 43.51 -24.65
C ILE C 151 62.26 44.62 -25.60
N ASP C 152 62.12 44.40 -26.91
CA ASP C 152 62.57 45.37 -27.89
C ASP C 152 61.78 46.67 -27.80
N LEU C 153 60.48 46.57 -27.53
CA LEU C 153 59.67 47.77 -27.38
C LEU C 153 60.03 48.53 -26.11
N GLY C 154 60.18 47.81 -25.00
CA GLY C 154 60.46 48.46 -23.73
C GLY C 154 61.80 49.16 -23.69
N ASN C 155 62.75 48.72 -24.53
CA ASN C 155 64.06 49.36 -24.55
C ASN C 155 63.99 50.76 -25.14
N LYS C 156 63.03 51.00 -26.03
CA LYS C 156 62.81 52.34 -26.59
C LYS C 156 61.70 53.09 -25.85
N VAL C 157 60.55 52.45 -25.67
CA VAL C 157 59.40 53.07 -25.03
C VAL C 157 59.48 52.77 -23.54
N LYS C 158 59.85 53.78 -22.75
CA LYS C 158 59.97 53.59 -21.31
C LYS C 158 58.65 53.13 -20.69
N ARG C 159 57.51 53.60 -21.23
CA ARG C 159 56.23 53.23 -20.65
C ARG C 159 55.98 51.73 -20.75
N PHE C 160 56.41 51.10 -21.84
CA PHE C 160 56.31 49.64 -21.92
C PHE C 160 57.15 48.97 -20.84
N ARG C 161 58.42 49.41 -20.70
CA ARG C 161 59.27 48.85 -19.66
C ARG C 161 58.65 49.05 -18.28
N GLU C 162 58.08 50.22 -18.02
CA GLU C 162 57.50 50.49 -16.72
C GLU C 162 56.22 49.69 -16.49
N LEU C 163 55.46 49.43 -17.55
CA LEU C 163 54.28 48.60 -17.42
C LEU C 163 54.63 47.12 -17.40
N LEU C 164 55.66 46.74 -18.16
CA LEU C 164 56.11 45.34 -18.15
C LEU C 164 56.71 44.96 -16.81
N HIS C 165 57.19 45.94 -16.03
CA HIS C 165 57.76 45.71 -14.71
C HIS C 165 56.91 46.31 -13.60
N TYR C 166 55.62 46.55 -13.87
CA TYR C 166 54.77 47.21 -12.89
C TYR C 166 54.53 46.32 -11.68
N ARG C 167 54.46 46.95 -10.50
CA ARG C 167 54.16 46.26 -9.26
C ARG C 167 53.23 47.14 -8.43
N LEU C 168 52.20 46.55 -7.87
CA LEU C 168 51.16 47.31 -7.17
C LEU C 168 51.73 48.04 -5.95
N PRO C 169 51.15 49.19 -5.60
CA PRO C 169 51.48 49.82 -4.32
C PRO C 169 51.06 48.93 -3.16
N ASN C 170 51.89 48.87 -2.13
CA ASN C 170 51.64 48.00 -1.00
C ASN C 170 50.81 48.66 0.10
N ASP C 171 50.12 49.76 -0.22
CA ASP C 171 49.14 50.32 0.70
C ASP C 171 48.07 49.29 1.03
N GLU C 172 47.77 49.16 2.32
CA GLU C 172 46.60 48.39 2.73
C GLU C 172 45.31 49.09 2.37
N ALA C 173 45.38 50.37 1.96
CA ALA C 173 44.18 51.11 1.59
C ALA C 173 43.60 50.67 0.25
N LEU C 174 44.40 49.99 -0.58
CA LEU C 174 43.89 49.50 -1.85
C LEU C 174 42.86 48.40 -1.63
N GLU C 175 41.88 48.35 -2.53
CA GLU C 175 40.78 47.39 -2.44
C GLU C 175 40.58 46.72 -3.80
N PHE C 176 39.64 45.78 -3.85
CA PHE C 176 39.43 44.99 -5.05
C PHE C 176 39.05 45.88 -6.24
N ASN C 177 38.27 46.93 -6.00
CA ASN C 177 37.89 47.83 -7.09
C ASN C 177 39.07 48.69 -7.53
N ASP C 178 39.88 49.15 -6.58
CA ASP C 178 41.04 49.97 -6.93
C ASP C 178 42.03 49.18 -7.76
N ILE C 179 42.31 47.94 -7.36
CA ILE C 179 43.26 47.11 -8.11
C ILE C 179 42.72 46.83 -9.51
N GLU C 180 41.42 46.55 -9.61
CA GLU C 180 40.83 46.25 -10.91
C GLU C 180 40.82 47.49 -11.81
N ALA C 181 40.77 48.68 -11.20
CA ALA C 181 40.86 49.91 -11.99
C ALA C 181 42.26 50.08 -12.57
N ILE C 182 43.30 49.85 -11.74
CA ILE C 182 44.66 49.90 -12.23
C ILE C 182 44.88 48.87 -13.33
N ILE C 183 44.17 47.75 -13.26
CA ILE C 183 44.32 46.71 -14.28
C ILE C 183 43.87 47.23 -15.64
N LYS C 184 42.75 47.92 -15.69
CA LYS C 184 42.26 48.46 -16.96
C LYS C 184 43.11 49.62 -17.44
N LYS C 185 43.53 50.49 -16.51
CA LYS C 185 44.31 51.67 -16.90
C LYS C 185 45.63 51.27 -17.56
N ASN C 186 46.34 50.32 -16.96
CA ASN C 186 47.62 49.90 -17.53
C ASN C 186 47.44 48.99 -18.72
N LEU C 187 46.34 48.24 -18.79
CA LEU C 187 46.10 47.38 -19.94
C LEU C 187 45.64 48.19 -21.14
N ASP C 188 44.77 49.17 -20.92
CA ASP C 188 44.35 50.04 -22.02
C ASP C 188 45.54 50.82 -22.58
N GLU C 189 46.48 51.21 -21.72
CA GLU C 189 47.69 51.86 -22.19
C GLU C 189 48.54 50.87 -22.99
N ILE C 190 48.70 49.65 -22.47
CA ILE C 190 49.53 48.65 -23.13
C ILE C 190 49.04 48.42 -24.57
N MET C 191 47.73 48.25 -24.73
CA MET C 191 47.18 48.00 -26.05
C MET C 191 47.38 49.21 -26.95
N LYS C 192 47.32 50.42 -26.37
CA LYS C 192 47.54 51.62 -27.15
C LYS C 192 49.00 51.73 -27.59
N ILE C 193 49.94 51.43 -26.68
CA ILE C 193 51.36 51.48 -27.03
C ILE C 193 51.67 50.50 -28.14
N LEU C 194 51.02 49.34 -28.13
CA LEU C 194 51.28 48.34 -29.17
C LEU C 194 50.68 48.76 -30.50
N SER C 195 49.57 49.51 -30.47
CA SER C 195 48.96 49.96 -31.72
C SER C 195 49.67 51.16 -32.32
N GLU C 196 50.43 51.90 -31.52
CA GLU C 196 51.04 53.15 -31.95
C GLU C 196 52.55 53.04 -32.17
N THR C 197 53.09 51.83 -32.13
CA THR C 197 54.51 51.61 -32.32
C THR C 197 54.73 50.57 -33.42
N ASP C 198 55.93 50.60 -34.00
CA ASP C 198 56.31 49.61 -35.00
C ASP C 198 56.91 48.40 -34.30
N ASN C 199 56.04 47.49 -33.89
CA ASN C 199 56.45 46.27 -33.20
C ASN C 199 55.89 45.06 -33.92
N MET C 200 56.42 43.89 -33.59
CA MET C 200 56.00 42.66 -34.25
C MET C 200 54.58 42.24 -33.88
N LEU C 201 53.97 42.86 -32.88
CA LEU C 201 52.63 42.50 -32.43
C LEU C 201 51.58 43.52 -32.84
N ARG C 202 51.93 44.50 -33.68
CA ARG C 202 50.99 45.57 -34.01
C ARG C 202 49.79 45.02 -34.76
N TYR C 203 50.03 44.17 -35.76
CA TYR C 203 48.93 43.64 -36.57
C TYR C 203 47.97 42.80 -35.73
N TYR C 204 48.49 42.11 -34.70
CA TYR C 204 47.60 41.37 -33.80
C TYR C 204 46.65 42.30 -33.08
N ILE C 205 47.18 43.38 -32.52
CA ILE C 205 46.38 44.27 -31.68
C ILE C 205 45.30 44.96 -32.49
N ASP C 206 45.64 45.41 -33.70
CA ASP C 206 44.68 46.12 -34.53
C ASP C 206 43.67 45.17 -35.17
N SER C 207 44.09 43.95 -35.51
CA SER C 207 43.17 43.03 -36.17
C SER C 207 42.16 42.44 -35.21
N GLY C 208 42.55 42.24 -33.96
CA GLY C 208 41.74 41.53 -33.00
C GLY C 208 41.85 40.02 -33.08
N ALA C 209 42.82 39.50 -33.83
CA ALA C 209 43.00 38.06 -33.99
C ALA C 209 43.96 37.56 -32.92
N GLY C 210 43.51 36.56 -32.15
CA GLY C 210 44.37 35.96 -31.13
C GLY C 210 44.76 36.90 -30.02
N ILE C 211 43.82 37.70 -29.53
CA ILE C 211 44.08 38.64 -28.43
C ILE C 211 42.89 38.62 -27.49
N ASN C 212 43.13 38.24 -26.24
CA ASN C 212 42.15 38.35 -25.17
C ASN C 212 42.72 39.28 -24.10
N SER C 213 41.92 40.26 -23.70
CA SER C 213 42.44 41.37 -22.90
C SER C 213 42.97 40.89 -21.54
N LYS C 214 42.12 40.23 -20.75
CA LYS C 214 42.53 39.79 -19.42
C LYS C 214 43.81 38.96 -19.47
N GLN C 215 43.81 37.93 -20.30
CA GLN C 215 44.94 36.99 -20.31
C GLN C 215 46.19 37.64 -20.90
N PHE C 216 46.02 38.62 -21.78
CA PHE C 216 47.17 39.36 -22.30
C PHE C 216 47.85 40.15 -21.19
N GLY C 217 47.06 40.79 -20.32
CA GLY C 217 47.64 41.62 -19.28
C GLY C 217 48.26 40.84 -18.15
N GLN C 218 47.79 39.62 -17.92
CA GLN C 218 48.37 38.80 -16.85
C GLN C 218 49.76 38.32 -17.24
N VAL C 219 49.97 38.03 -18.52
CA VAL C 219 51.30 37.61 -18.96
C VAL C 219 52.27 38.79 -18.96
N LEU C 220 51.77 39.97 -19.32
CA LEU C 220 52.66 41.12 -19.54
C LEU C 220 52.82 42.00 -18.30
N SER C 221 51.74 42.26 -17.56
CA SER C 221 51.79 43.24 -16.48
C SER C 221 51.42 42.61 -15.14
N LEU C 222 50.16 42.20 -14.94
CA LEU C 222 49.72 41.88 -13.60
C LEU C 222 48.55 40.91 -13.65
N VAL C 223 48.58 39.91 -12.77
CA VAL C 223 47.54 38.90 -12.71
C VAL C 223 46.31 39.45 -11.99
N GLY C 224 46.49 39.90 -10.75
CA GLY C 224 45.43 40.53 -9.99
C GLY C 224 44.86 39.61 -8.92
N SER C 225 43.74 40.05 -8.36
CA SER C 225 43.02 39.28 -7.36
C SER C 225 42.27 38.13 -8.02
N LYS C 226 42.13 37.04 -7.28
CA LYS C 226 41.54 35.82 -7.79
C LYS C 226 40.54 35.25 -6.79
N PRO C 227 39.46 34.66 -7.27
CA PRO C 227 38.48 34.05 -6.35
C PRO C 227 38.98 32.71 -5.82
N ASP C 228 38.36 32.29 -4.72
CA ASP C 228 38.70 31.02 -4.10
C ASP C 228 37.78 29.93 -4.64
N LEU C 229 37.57 28.86 -3.86
CA LEU C 229 36.76 27.75 -4.34
C LEU C 229 35.30 28.14 -4.45
N PHE C 230 34.80 28.98 -3.54
CA PHE C 230 33.38 29.30 -3.46
C PHE C 230 33.06 30.72 -3.88
N GLY C 231 34.01 31.43 -4.50
CA GLY C 231 33.74 32.71 -5.11
C GLY C 231 34.22 33.91 -4.34
N LYS C 232 34.50 33.76 -3.04
CA LYS C 232 35.02 34.88 -2.27
C LYS C 232 36.38 35.30 -2.80
N ILE C 233 36.57 36.60 -2.95
CA ILE C 233 37.86 37.11 -3.40
C ILE C 233 38.87 37.00 -2.28
N ILE C 234 40.00 36.37 -2.57
CA ILE C 234 41.03 36.15 -1.55
C ILE C 234 41.69 37.48 -1.21
N PRO C 235 41.90 37.79 0.08
CA PRO C 235 42.41 39.13 0.43
C PRO C 235 43.74 39.48 -0.21
N TYR C 236 44.54 38.50 -0.60
CA TYR C 236 45.85 38.81 -1.14
C TYR C 236 45.82 38.76 -2.66
N PRO C 237 46.32 39.80 -3.33
CA PRO C 237 46.40 39.77 -4.80
C PRO C 237 47.74 39.20 -5.26
N ILE C 238 47.79 38.90 -6.56
CA ILE C 238 48.98 38.37 -7.21
C ILE C 238 49.65 39.54 -7.91
N ASN C 239 50.70 40.07 -7.31
CA ASN C 239 51.35 41.31 -7.77
C ASN C 239 52.55 41.01 -8.66
N THR C 240 52.34 40.14 -9.64
CA THR C 240 53.37 39.79 -10.60
C THR C 240 52.73 39.55 -11.95
N SER C 241 53.57 39.42 -12.97
CA SER C 241 53.15 38.91 -14.27
C SER C 241 53.70 37.50 -14.44
N PHE C 242 52.99 36.70 -15.24
CA PHE C 242 53.47 35.37 -15.55
C PHE C 242 54.88 35.41 -16.15
N LEU C 243 55.16 36.44 -16.95
CA LEU C 243 56.49 36.55 -17.54
C LEU C 243 57.56 36.75 -16.48
N ARG C 244 57.23 37.48 -15.41
CA ARG C 244 58.22 37.77 -14.38
C ARG C 244 58.32 36.63 -13.37
N GLY C 245 57.28 35.85 -13.19
CA GLY C 245 57.27 34.76 -12.24
C GLY C 245 56.13 34.90 -11.23
N LEU C 246 55.99 33.87 -10.42
CA LEU C 246 54.96 33.82 -9.39
C LEU C 246 55.58 33.48 -8.05
N ASP C 247 54.83 33.76 -7.00
CA ASP C 247 55.21 33.47 -5.62
C ASP C 247 54.55 32.17 -5.18
N VAL C 248 55.15 31.56 -4.15
CA VAL C 248 54.63 30.28 -3.66
C VAL C 248 53.21 30.45 -3.14
N ARG C 249 52.96 31.55 -2.42
CA ARG C 249 51.59 31.88 -2.04
C ARG C 249 50.69 32.01 -3.27
N SER C 250 51.18 32.71 -4.28
CA SER C 250 50.38 32.92 -5.48
C SER C 250 50.13 31.61 -6.21
N PHE C 251 51.09 30.68 -6.15
CA PHE C 251 50.94 29.39 -6.81
C PHE C 251 49.76 28.62 -6.25
N TYR C 252 49.53 28.73 -4.93
CA TYR C 252 48.39 28.07 -4.31
C TYR C 252 47.07 28.69 -4.77
N ILE C 253 47.04 30.02 -4.94
CA ILE C 253 45.81 30.67 -5.35
C ILE C 253 45.45 30.30 -6.78
N ASN C 254 46.45 30.21 -7.66
CA ASN C 254 46.18 29.77 -9.03
C ASN C 254 45.68 28.34 -9.06
N ALA C 255 46.30 27.46 -8.28
CA ALA C 255 45.87 26.07 -8.25
C ALA C 255 44.44 25.94 -7.72
N LEU C 256 44.05 26.83 -6.79
CA LEU C 256 42.67 26.85 -6.31
C LEU C 256 41.71 27.14 -7.45
N GLY C 257 42.03 28.13 -8.28
CA GLY C 257 41.16 28.45 -9.40
C GLY C 257 41.10 27.32 -10.43
N ALA C 258 42.27 26.77 -10.77
CA ALA C 258 42.30 25.70 -11.76
C ALA C 258 41.54 24.47 -11.26
N ARG C 259 41.65 24.17 -9.96
CA ARG C 259 40.83 23.12 -9.38
C ARG C 259 39.35 23.48 -9.45
N LYS C 260 39.01 24.73 -9.12
CA LYS C 260 37.63 25.17 -9.15
C LYS C 260 37.05 25.06 -10.56
N ALA C 261 37.83 25.45 -11.57
CA ALA C 261 37.40 25.27 -12.95
C ALA C 261 37.09 23.81 -13.25
N LEU C 262 37.90 22.89 -12.72
CA LEU C 262 37.68 21.48 -12.98
C LEU C 262 36.43 20.97 -12.28
N ILE C 263 36.21 21.39 -11.03
CA ILE C 263 35.00 21.00 -10.31
C ILE C 263 33.77 21.54 -11.01
N THR C 264 33.84 22.79 -11.50
CA THR C 264 32.70 23.41 -12.13
C THR C 264 32.29 22.68 -13.40
N ASN C 265 33.27 22.23 -14.20
CA ASN C 265 32.97 21.50 -15.41
C ASN C 265 32.32 20.15 -15.10
N TYR C 266 32.66 19.56 -13.94
CA TYR C 266 32.00 18.34 -13.51
C TYR C 266 30.53 18.59 -13.19
N GLN C 267 30.24 19.73 -12.53
CA GLN C 267 28.86 20.11 -12.27
C GLN C 267 28.14 20.52 -13.55
N GLN C 268 28.87 21.07 -14.52
CA GLN C 268 28.29 21.58 -15.76
C GLN C 268 27.69 20.48 -16.63
N VAL C 269 27.96 19.21 -16.32
CA VAL C 269 27.48 18.09 -17.14
C VAL C 269 25.96 18.12 -17.28
N ARG C 270 25.26 18.66 -16.28
CA ARG C 270 23.79 18.69 -16.31
C ARG C 270 23.29 19.42 -17.55
N ASN C 271 22.43 18.74 -18.32
CA ASN C 271 21.86 19.29 -19.56
C ASN C 271 20.50 18.61 -19.76
N SER C 272 19.48 19.15 -19.08
CA SER C 272 18.15 18.56 -19.14
C SER C 272 17.58 18.63 -20.55
N GLY C 273 17.51 19.84 -21.10
CA GLY C 273 17.01 20.02 -22.46
C GLY C 273 15.59 19.55 -22.67
N TYR C 274 14.78 19.51 -21.62
CA TYR C 274 13.40 19.06 -21.74
C TYR C 274 12.57 20.05 -22.55
N LEU C 275 12.79 21.35 -22.34
CA LEU C 275 11.99 22.36 -23.02
C LEU C 275 12.17 22.33 -24.53
N THR C 276 13.35 21.92 -25.00
CA THR C 276 13.63 21.91 -26.43
C THR C 276 12.62 21.06 -27.19
N ARG C 277 12.25 19.91 -26.62
CA ARG C 277 11.29 19.03 -27.29
C ARG C 277 9.88 19.58 -27.18
N LYS C 278 9.55 20.22 -26.06
CA LYS C 278 8.21 20.78 -25.89
C LYS C 278 7.96 21.91 -26.87
N ILE C 279 8.88 22.87 -26.94
CA ILE C 279 8.70 24.04 -27.81
C ILE C 279 8.65 23.58 -29.26
N SER C 280 9.46 22.58 -29.62
CA SER C 280 9.49 22.09 -31.00
C SER C 280 8.16 21.47 -31.39
N MET C 281 7.51 20.77 -30.46
CA MET C 281 6.26 20.08 -30.79
C MET C 281 5.17 21.06 -31.19
N LEU C 282 4.99 22.13 -30.43
CA LEU C 282 3.91 23.07 -30.72
C LEU C 282 4.17 23.85 -32.01
N LEU C 283 5.43 24.21 -32.26
CA LEU C 283 5.75 25.15 -33.33
C LEU C 283 6.07 24.47 -34.65
N MET C 284 6.23 23.14 -34.69
CA MET C 284 6.62 22.48 -35.92
C MET C 284 5.56 22.61 -37.00
N ASP C 285 4.28 22.65 -36.62
CA ASP C 285 3.20 22.68 -37.60
C ASP C 285 2.95 24.07 -38.17
N THR C 286 3.36 25.12 -37.47
CA THR C 286 3.11 26.48 -37.92
C THR C 286 3.80 26.72 -39.27
N LYS C 287 3.05 27.26 -40.22
CA LYS C 287 3.53 27.47 -41.58
C LYS C 287 3.15 28.87 -42.04
N LEU C 288 3.53 29.19 -43.27
CA LEU C 288 3.34 30.51 -43.83
C LEU C 288 2.40 30.45 -45.03
N ILE C 289 1.68 31.55 -45.26
CA ILE C 289 0.73 31.65 -46.36
C ILE C 289 1.15 32.82 -47.24
N ASP C 290 1.10 32.61 -48.56
CA ASP C 290 1.42 33.65 -49.52
C ASP C 290 0.22 34.57 -49.70
N LEU C 291 -0.12 35.26 -48.62
CA LEU C 291 -1.19 36.25 -48.60
C LEU C 291 -0.64 37.52 -47.97
N ASP C 292 -0.70 38.62 -48.72
CA ASP C 292 -0.05 39.85 -48.28
C ASP C 292 -0.73 40.42 -47.05
N ASP C 293 -2.06 40.44 -47.02
CA ASP C 293 -2.81 41.00 -45.91
C ASP C 293 -3.85 39.99 -45.44
N CYS C 294 -3.76 39.58 -44.17
CA CYS C 294 -4.78 38.71 -43.62
C CYS C 294 -6.06 39.49 -43.35
N GLY C 295 -5.94 40.72 -42.88
CA GLY C 295 -7.09 41.49 -42.45
C GLY C 295 -7.24 41.49 -40.95
N SER C 296 -6.80 42.56 -40.30
CA SER C 296 -6.89 42.67 -38.85
C SER C 296 -7.11 44.14 -38.49
N HIS C 297 -7.67 44.35 -37.30
CA HIS C 297 -7.95 45.69 -36.82
C HIS C 297 -6.76 46.23 -36.04
N GLU C 298 -6.62 47.56 -36.05
CA GLU C 298 -5.47 48.19 -35.41
C GLU C 298 -5.47 47.99 -33.89
N ASN C 299 -6.65 47.96 -33.27
CA ASN C 299 -6.69 47.62 -31.85
C ASN C 299 -6.34 46.16 -31.60
N ASN C 300 -6.63 45.29 -32.57
CA ASN C 300 -6.20 43.91 -32.49
C ASN C 300 -4.72 43.74 -32.83
N TYR C 301 -4.12 44.72 -33.51
CA TYR C 301 -2.68 44.72 -33.68
C TYR C 301 -2.00 44.79 -32.32
N LEU C 302 -0.83 44.14 -32.23
CA LEU C 302 -0.12 44.09 -30.96
C LEU C 302 0.49 45.44 -30.64
N SER C 303 0.48 45.79 -29.35
CA SER C 303 1.06 47.03 -28.86
C SER C 303 2.25 46.72 -27.98
N ILE C 304 3.39 47.34 -28.28
CA ILE C 304 4.64 47.06 -27.60
C ILE C 304 5.27 48.37 -27.15
N ASN C 305 5.96 48.34 -26.01
CA ASN C 305 6.59 49.51 -25.42
C ASN C 305 8.07 49.53 -25.79
N VAL C 306 8.48 50.55 -26.53
CA VAL C 306 9.88 50.72 -26.91
C VAL C 306 10.60 51.46 -25.78
N GLU C 307 10.83 50.77 -24.67
CA GLU C 307 11.49 51.41 -23.53
C GLU C 307 12.99 51.56 -23.75
N ASN C 308 13.62 50.56 -24.38
CA ASN C 308 15.06 50.54 -24.56
C ASN C 308 15.41 50.47 -26.03
N LYS C 309 16.68 50.78 -26.33
CA LYS C 309 17.18 50.61 -27.68
C LYS C 309 17.17 49.14 -28.08
N ASP C 310 17.25 48.23 -27.11
CA ASP C 310 17.19 46.81 -27.43
C ASP C 310 15.82 46.42 -27.97
N VAL C 311 14.77 47.16 -27.59
CA VAL C 311 13.42 46.78 -27.97
C VAL C 311 13.19 46.99 -29.45
N LEU C 312 13.61 48.15 -29.97
CA LEU C 312 13.37 48.45 -31.39
C LEU C 312 14.12 47.48 -32.29
N LYS C 313 15.32 47.05 -31.86
CA LYS C 313 16.11 46.12 -32.68
C LYS C 313 15.37 44.81 -32.91
N ARG C 314 14.57 44.37 -31.93
CA ARG C 314 13.88 43.09 -32.06
C ARG C 314 12.78 43.12 -33.10
N PHE C 315 12.32 44.31 -33.51
CA PHE C 315 11.16 44.45 -34.38
C PHE C 315 11.52 44.89 -35.78
N SER C 316 12.76 44.69 -36.20
CA SER C 316 13.17 45.08 -37.55
C SER C 316 12.47 44.22 -38.59
N LYS C 317 12.42 44.75 -39.81
CA LYS C 317 11.77 44.08 -40.95
C LYS C 317 10.30 43.76 -40.65
N ARG C 318 9.64 44.65 -39.91
CA ARG C 318 8.25 44.45 -39.52
C ARG C 318 7.50 45.77 -39.64
N SER C 319 6.18 45.67 -39.65
CA SER C 319 5.34 46.82 -39.93
C SER C 319 5.10 47.65 -38.67
N TYR C 320 4.71 48.91 -38.88
CA TYR C 320 4.50 49.87 -37.81
C TYR C 320 3.48 50.90 -38.28
N LEU C 321 2.70 51.42 -37.33
CA LEU C 321 1.62 52.36 -37.62
C LEU C 321 2.12 53.78 -37.31
N ASN C 322 2.50 54.52 -38.35
CA ASN C 322 2.96 55.89 -38.14
C ASN C 322 1.82 56.78 -37.70
N ASN C 323 2.16 57.85 -36.98
CA ASN C 323 1.14 58.76 -36.46
C ASN C 323 0.37 59.46 -37.57
N ASN C 324 1.03 59.76 -38.69
CA ASN C 324 0.33 60.40 -39.80
C ASN C 324 -0.51 59.40 -40.58
N GLY C 325 0.02 58.20 -40.82
CA GLY C 325 -0.68 57.22 -41.62
C GLY C 325 -0.83 55.87 -40.96
N GLU C 326 -0.35 54.82 -41.64
CA GLU C 326 -0.49 53.46 -41.16
C GLU C 326 0.40 52.54 -41.98
N LEU C 327 0.84 51.45 -41.36
CA LEU C 327 1.50 50.33 -42.03
C LEU C 327 2.74 50.78 -42.80
N VAL C 328 3.71 51.31 -42.07
CA VAL C 328 5.02 51.63 -42.61
C VAL C 328 6.06 50.87 -41.81
N GLU C 329 7.12 50.43 -42.48
CA GLU C 329 8.12 49.60 -41.83
C GLU C 329 8.87 50.41 -40.77
N ILE C 330 8.99 49.82 -39.58
CA ILE C 330 9.72 50.49 -38.50
C ILE C 330 11.21 50.50 -38.82
N ASP C 331 11.82 51.68 -38.70
CA ASP C 331 13.26 51.85 -38.86
C ASP C 331 13.89 51.80 -37.47
N ILE C 332 14.68 50.75 -37.23
CA ILE C 332 15.30 50.58 -35.92
C ILE C 332 16.31 51.68 -35.66
N ASN C 333 16.88 52.27 -36.70
CA ASN C 333 17.90 53.29 -36.50
C ASN C 333 17.32 54.59 -35.96
N ASP C 334 16.07 54.90 -36.32
CA ASP C 334 15.41 56.07 -35.76
C ASP C 334 15.11 55.85 -34.28
N GLU C 335 15.75 56.63 -33.43
CA GLU C 335 15.49 56.61 -31.99
C GLU C 335 14.27 57.44 -31.60
N SER C 336 13.55 57.99 -32.59
CA SER C 336 12.33 58.73 -32.29
C SER C 336 11.27 57.85 -31.66
N LEU C 337 11.21 56.58 -32.05
CA LEU C 337 10.21 55.65 -31.54
C LEU C 337 10.51 55.18 -30.12
N ILE C 338 11.69 55.49 -29.59
CA ILE C 338 12.00 55.17 -28.20
C ILE C 338 11.06 55.94 -27.29
N GLY C 339 10.48 55.23 -26.33
CA GLY C 339 9.57 55.84 -25.38
C GLY C 339 8.14 55.97 -25.87
N GLN C 340 7.78 55.29 -26.96
CA GLN C 340 6.45 55.36 -27.55
C GLN C 340 5.91 53.94 -27.72
N VAL C 341 4.72 53.70 -27.18
CA VAL C 341 4.02 52.45 -27.46
C VAL C 341 3.54 52.48 -28.91
N ILE C 342 3.78 51.38 -29.62
CA ILE C 342 3.50 51.32 -31.05
C ILE C 342 2.68 50.07 -31.35
N LYS C 343 1.86 50.17 -32.39
CA LYS C 343 0.96 49.10 -32.80
C LYS C 343 1.60 48.32 -33.94
N ILE C 344 1.75 47.02 -33.74
CA ILE C 344 2.48 46.17 -34.69
C ILE C 344 1.60 45.01 -35.14
N PRO C 345 1.53 44.69 -36.43
CA PRO C 345 0.93 43.42 -36.84
C PRO C 345 1.71 42.25 -36.28
N SER C 346 1.00 41.31 -35.67
CA SER C 346 1.68 40.24 -34.97
C SER C 346 1.30 38.88 -35.53
N PRO C 347 2.25 37.94 -35.58
CA PRO C 347 1.88 36.55 -35.94
C PRO C 347 0.90 35.93 -34.96
N THR C 348 0.79 36.47 -33.74
CA THR C 348 -0.22 35.99 -32.82
C THR C 348 -1.62 36.29 -33.32
N THR C 349 -1.82 37.46 -33.93
CA THR C 349 -3.14 37.95 -34.27
C THR C 349 -3.52 37.72 -35.72
N CYS C 350 -2.71 36.97 -36.47
CA CYS C 350 -3.00 36.74 -37.88
C CYS C 350 -4.27 35.91 -38.03
N ALA C 351 -5.14 36.34 -38.93
CA ALA C 351 -6.49 35.78 -38.95
C ALA C 351 -6.51 34.40 -39.59
N SER C 352 -5.79 34.24 -40.69
CA SER C 352 -5.89 33.01 -41.48
C SER C 352 -5.44 31.80 -40.67
N ASN C 353 -6.27 30.76 -40.66
CA ASN C 353 -5.95 29.55 -39.92
C ASN C 353 -4.77 28.81 -40.54
N GLU C 354 -4.58 28.95 -41.85
CA GLU C 354 -3.58 28.15 -42.54
C GLU C 354 -2.16 28.58 -42.15
N GLY C 355 -1.90 29.87 -42.14
CA GLY C 355 -0.59 30.36 -41.79
C GLY C 355 -0.63 31.81 -41.38
N VAL C 356 0.56 32.38 -41.17
CA VAL C 356 0.70 33.80 -40.82
C VAL C 356 1.03 34.58 -42.08
N CYS C 357 0.51 35.80 -42.16
CA CYS C 357 0.61 36.57 -43.39
C CYS C 357 1.99 37.22 -43.50
N ARG C 358 2.17 37.95 -44.60
CA ARG C 358 3.47 38.57 -44.87
C ARG C 358 3.66 39.85 -44.07
N LYS C 359 2.56 40.51 -43.68
CA LYS C 359 2.69 41.73 -42.89
C LYS C 359 2.87 41.43 -41.41
N CYS C 360 2.24 40.36 -40.92
CA CYS C 360 2.36 40.04 -39.50
C CYS C 360 3.69 39.35 -39.20
N TYR C 361 4.12 38.43 -40.07
CA TYR C 361 5.41 37.78 -39.86
C TYR C 361 6.55 38.79 -39.98
N GLY C 362 6.58 39.55 -41.06
CA GLY C 362 7.63 40.50 -41.34
C GLY C 362 8.23 40.26 -42.70
N LYS C 363 9.27 41.04 -43.00
CA LYS C 363 9.94 40.96 -44.28
C LYS C 363 10.84 39.73 -44.41
N LEU C 364 10.99 38.96 -43.32
CA LEU C 364 11.73 37.71 -43.34
C LEU C 364 10.95 36.59 -44.03
N PHE C 365 9.74 36.88 -44.51
CA PHE C 365 8.92 35.86 -45.16
C PHE C 365 9.66 35.22 -46.32
N ASP C 366 10.15 36.03 -47.27
CA ASP C 366 10.84 35.48 -48.41
C ASP C 366 12.20 34.90 -48.03
N ILE C 367 12.81 35.39 -46.96
CA ILE C 367 14.14 34.93 -46.58
C ILE C 367 14.07 33.56 -45.92
N ASN C 368 13.11 33.37 -45.01
CA ASN C 368 13.00 32.13 -44.25
C ASN C 368 11.91 31.20 -44.76
N LYS C 369 11.37 31.45 -45.96
CA LYS C 369 10.28 30.60 -46.45
C LYS C 369 10.74 29.17 -46.68
N ASP C 370 12.00 28.97 -47.08
CA ASP C 370 12.48 27.63 -47.41
C ASP C 370 12.53 26.73 -46.19
N LEU C 371 12.73 27.31 -45.01
CA LEU C 371 12.86 26.54 -43.78
C LEU C 371 11.55 26.56 -43.00
N ASN C 372 11.48 25.72 -41.97
CA ASN C 372 10.31 25.66 -41.11
C ASN C 372 10.35 26.80 -40.11
N ILE C 373 9.32 27.64 -40.14
CA ILE C 373 9.34 28.89 -39.37
C ILE C 373 9.35 28.60 -37.87
N GLY C 374 8.49 27.67 -37.42
CA GLY C 374 8.45 27.35 -36.00
C GLY C 374 9.76 26.79 -35.49
N MET C 375 10.39 25.90 -36.27
CA MET C 375 11.65 25.31 -35.86
C MET C 375 12.77 26.36 -35.83
N ILE C 376 12.70 27.37 -36.69
CA ILE C 376 13.64 28.48 -36.61
C ILE C 376 13.51 29.18 -35.27
N ALA C 377 12.29 29.33 -34.78
CA ALA C 377 12.09 30.04 -33.52
C ALA C 377 12.61 29.25 -32.34
N VAL C 378 12.41 27.92 -32.36
CA VAL C 378 12.74 27.14 -31.17
C VAL C 378 14.25 27.08 -30.99
N LEU C 379 14.99 27.04 -32.10
CA LEU C 379 16.45 26.97 -32.03
C LEU C 379 17.06 28.32 -31.68
N LEU C 380 16.45 29.41 -32.12
CA LEU C 380 16.98 30.74 -31.80
C LEU C 380 16.87 31.04 -30.31
N LEU C 381 15.90 30.42 -29.64
CA LEU C 381 15.71 30.63 -28.20
C LEU C 381 16.43 29.57 -27.37
N THR C 382 16.48 28.33 -27.86
CA THR C 382 17.03 27.24 -27.07
C THR C 382 18.55 27.34 -26.98
N ASP C 383 19.23 27.54 -28.10
CA ASP C 383 20.69 27.52 -28.09
C ASP C 383 21.29 28.60 -27.18
N PRO C 384 20.80 29.84 -27.17
CA PRO C 384 21.31 30.78 -26.15
C PRO C 384 20.98 30.35 -24.73
N LEU C 385 19.72 30.02 -24.44
CA LEU C 385 19.30 29.68 -23.08
C LEU C 385 20.10 28.51 -22.54
N THR C 386 20.27 27.46 -23.33
CA THR C 386 21.06 26.31 -22.88
C THR C 386 22.51 26.71 -22.63
N GLN C 387 23.07 27.57 -23.48
CA GLN C 387 24.45 27.99 -23.32
C GLN C 387 24.60 29.00 -22.19
N ARG C 388 23.62 29.89 -22.04
CA ARG C 388 23.73 30.93 -21.01
C ARG C 388 23.66 30.34 -19.60
N LEU C 389 22.81 29.32 -19.41
CA LEU C 389 22.72 28.65 -18.12
C LEU C 389 24.06 28.06 -17.71
N LEU C 390 24.76 27.43 -18.65
CA LEU C 390 26.03 26.79 -18.33
C LEU C 390 27.13 27.83 -18.08
N SER C 391 27.16 28.89 -18.88
CA SER C 391 28.19 29.91 -18.73
C SER C 391 28.03 30.71 -17.44
N ALA C 392 26.80 30.82 -16.94
CA ALA C 392 26.56 31.59 -15.72
C ALA C 392 27.06 30.85 -14.48
N LYS C 393 27.05 29.51 -14.51
CA LYS C 393 27.53 28.73 -13.38
C LYS C 393 28.98 29.05 -13.04
N HIS C 394 29.77 29.43 -14.05
CA HIS C 394 31.19 29.69 -13.83
C HIS C 394 31.41 30.94 -12.99
N LEU C 395 30.64 32.00 -13.25
CA LEU C 395 30.80 33.27 -12.56
C LEU C 395 30.48 33.13 -11.07
N GLU C 511 21.94 36.95 -9.61
CA GLU C 511 20.93 37.69 -10.36
C GLU C 511 21.19 37.57 -11.85
N LEU C 512 22.39 37.09 -12.22
CA LEU C 512 22.66 36.83 -13.62
C LEU C 512 21.94 35.59 -14.10
N SER C 513 21.80 34.59 -13.21
CA SER C 513 21.08 33.37 -13.55
C SER C 513 19.57 33.56 -13.49
N LYS C 514 19.10 34.56 -12.77
CA LYS C 514 17.66 34.73 -12.56
C LYS C 514 16.86 34.97 -13.85
N PRO C 515 17.31 35.81 -14.80
CA PRO C 515 16.50 35.99 -16.02
C PRO C 515 16.18 34.69 -16.73
N LEU C 516 17.14 33.76 -16.79
CA LEU C 516 16.91 32.49 -17.46
C LEU C 516 15.77 31.72 -16.82
N ARG C 517 15.69 31.74 -15.49
CA ARG C 517 14.61 31.03 -14.79
C ARG C 517 13.26 31.66 -15.06
N GLU C 518 13.19 32.99 -15.02
CA GLU C 518 11.91 33.67 -15.24
C GLU C 518 11.42 33.49 -16.67
N ILE C 519 12.35 33.44 -17.64
CA ILE C 519 11.98 33.15 -19.02
C ILE C 519 11.26 31.81 -19.09
N LYS C 520 11.84 30.78 -18.46
CA LYS C 520 11.21 29.47 -18.45
C LYS C 520 9.86 29.51 -17.74
N ASP C 521 9.82 30.16 -16.56
CA ASP C 521 8.57 30.24 -15.81
C ASP C 521 7.48 30.93 -16.60
N LEU C 522 7.84 31.90 -17.44
CA LEU C 522 6.82 32.63 -18.19
C LEU C 522 6.08 31.72 -19.16
N ILE C 523 6.79 30.82 -19.84
CA ILE C 523 6.17 30.04 -20.90
C ILE C 523 5.82 28.63 -20.42
N GLU C 524 6.54 28.12 -19.42
CA GLU C 524 6.34 26.75 -18.96
C GLU C 524 5.50 26.63 -17.69
N THR C 525 5.20 27.76 -17.03
CA THR C 525 4.29 27.76 -15.89
C THR C 525 3.17 28.75 -16.15
N ASN C 526 2.07 28.57 -15.40
CA ASN C 526 0.91 29.45 -15.50
C ASN C 526 0.97 30.59 -14.49
N LYS C 527 2.14 30.91 -13.94
CA LYS C 527 2.26 31.96 -12.95
C LYS C 527 1.85 33.31 -13.54
N TYR C 528 2.43 33.67 -14.68
CA TYR C 528 2.15 34.93 -15.35
C TYR C 528 1.17 34.78 -16.51
N ILE C 529 0.95 33.55 -16.97
CA ILE C 529 0.07 33.29 -18.11
C ILE C 529 -1.39 33.54 -17.75
N LYS C 530 -1.82 33.09 -16.57
CA LYS C 530 -3.25 33.06 -16.27
C LYS C 530 -3.83 34.44 -15.95
N ASP C 531 -3.00 35.42 -15.62
CA ASP C 531 -3.50 36.71 -15.16
C ASP C 531 -3.05 37.90 -16.00
N HIS C 532 -2.50 37.66 -17.19
CA HIS C 532 -2.03 38.75 -18.03
C HIS C 532 -2.40 38.51 -19.49
N ASN C 533 -2.46 39.61 -20.24
CA ASN C 533 -2.82 39.61 -21.64
C ASN C 533 -1.58 39.34 -22.50
N VAL C 534 -1.82 39.06 -23.79
CA VAL C 534 -0.73 38.80 -24.71
C VAL C 534 0.12 40.05 -24.90
N ASN C 535 -0.52 41.23 -24.97
CA ASN C 535 0.22 42.47 -25.09
C ASN C 535 1.19 42.65 -23.93
N GLU C 536 0.78 42.22 -22.73
CA GLU C 536 1.66 42.25 -21.58
C GLU C 536 2.62 41.07 -21.57
N VAL C 537 2.24 39.95 -22.18
CA VAL C 537 3.06 38.76 -22.15
C VAL C 537 4.28 38.92 -23.06
N VAL C 538 4.06 39.41 -24.28
CA VAL C 538 5.18 39.55 -25.22
C VAL C 538 6.17 40.60 -24.72
N ASN C 539 5.66 41.69 -24.15
CA ASN C 539 6.54 42.74 -23.65
C ASN C 539 7.35 42.24 -22.46
N TYR C 540 6.76 41.39 -21.63
CA TYR C 540 7.53 40.74 -20.56
C TYR C 540 8.61 39.85 -21.15
N PHE C 541 8.30 39.17 -22.26
CA PHE C 541 9.26 38.30 -22.90
C PHE C 541 10.48 39.09 -23.40
N ILE C 542 10.23 40.22 -24.06
CA ILE C 542 11.35 41.02 -24.56
C ILE C 542 12.14 41.63 -23.41
N TYR C 543 11.48 41.95 -22.30
CA TYR C 543 12.20 42.41 -21.12
C TYR C 543 13.10 41.31 -20.57
N LEU C 544 12.59 40.09 -20.53
CA LEU C 544 13.38 38.96 -20.03
C LEU C 544 14.56 38.65 -20.95
N LEU C 545 14.36 38.75 -22.26
CA LEU C 545 15.46 38.53 -23.19
C LEU C 545 16.52 39.61 -23.08
N ASN C 546 16.09 40.87 -22.91
CA ASN C 546 17.05 41.96 -22.83
C ASN C 546 17.95 41.84 -21.61
N GLU C 547 17.38 41.47 -20.47
CA GLU C 547 18.19 41.32 -19.25
C GLU C 547 19.14 40.14 -19.37
N SER C 548 18.67 39.03 -19.96
CA SER C 548 19.51 37.85 -20.10
C SER C 548 20.56 38.01 -21.21
N GLY C 549 20.35 38.94 -22.13
CA GLY C 549 21.27 39.10 -23.24
C GLY C 549 20.95 38.30 -24.48
N ILE C 550 19.81 37.59 -24.49
CA ILE C 550 19.43 36.79 -25.64
C ILE C 550 19.01 37.70 -26.78
N ASN C 551 19.62 37.53 -27.94
CA ASN C 551 19.33 38.34 -29.12
C ASN C 551 18.46 37.53 -30.07
N ILE C 552 17.15 37.80 -30.04
CA ILE C 552 16.18 37.19 -30.94
C ILE C 552 15.26 38.29 -31.44
N GLN C 553 14.97 38.27 -32.74
CA GLN C 553 13.94 39.16 -33.26
C GLN C 553 12.57 38.72 -32.73
N SER C 554 11.75 39.69 -32.36
CA SER C 554 10.53 39.41 -31.59
C SER C 554 9.54 38.56 -32.35
N VAL C 555 9.62 38.50 -33.68
CA VAL C 555 8.69 37.69 -34.46
C VAL C 555 8.78 36.22 -34.04
N HIS C 556 10.00 35.74 -33.78
CA HIS C 556 10.18 34.34 -33.40
C HIS C 556 9.63 34.08 -32.00
N SER C 557 9.85 35.01 -31.07
CA SER C 557 9.29 34.85 -29.73
C SER C 557 7.76 34.92 -29.75
N GLU C 558 7.21 35.79 -30.61
CA GLU C 558 5.76 35.91 -30.69
C GLU C 558 5.11 34.67 -31.27
N LEU C 559 5.79 34.00 -32.21
CA LEU C 559 5.26 32.76 -32.77
C LEU C 559 5.13 31.69 -31.71
N ILE C 560 6.08 31.64 -30.77
CA ILE C 560 5.98 30.70 -29.65
C ILE C 560 4.76 31.04 -28.80
N ILE C 561 4.57 32.33 -28.50
CA ILE C 561 3.41 32.75 -27.73
C ILE C 561 2.13 32.51 -28.52
N ARG C 562 2.20 32.61 -29.85
CA ARG C 562 1.00 32.44 -30.67
C ARG C 562 0.41 31.04 -30.51
N GLU C 563 1.26 30.02 -30.49
CA GLU C 563 0.76 28.65 -30.31
C GLU C 563 0.39 28.37 -28.86
N MET C 564 1.12 28.95 -27.91
CA MET C 564 0.71 28.87 -26.51
C MET C 564 -0.67 29.49 -26.32
N MET C 565 -0.94 30.58 -27.03
CA MET C 565 -2.25 31.21 -27.01
C MET C 565 -3.28 30.33 -27.70
N LYS C 566 -4.30 29.93 -26.95
CA LYS C 566 -5.39 29.11 -27.47
C LYS C 566 -6.70 29.87 -27.28
N LEU C 567 -7.49 29.96 -28.34
CA LEU C 567 -8.67 30.80 -28.33
C LEU C 567 -9.78 30.16 -27.51
N ASP C 568 -10.26 30.89 -26.50
CA ASP C 568 -11.47 30.49 -25.78
C ASP C 568 -12.66 30.45 -26.72
N ASP C 569 -12.74 31.42 -27.64
CA ASP C 569 -13.83 31.47 -28.59
C ASP C 569 -13.78 30.32 -29.59
N SER C 570 -12.57 29.86 -29.92
CA SER C 570 -12.33 28.72 -30.81
C SER C 570 -12.65 29.04 -32.27
N ASP C 571 -12.55 30.31 -32.65
CA ASP C 571 -12.76 30.74 -34.04
C ASP C 571 -11.48 31.40 -34.53
N ARG C 572 -10.94 30.91 -35.65
CA ARG C 572 -9.65 31.38 -36.13
C ARG C 572 -9.76 32.72 -36.86
N THR C 573 -10.79 32.87 -37.69
CA THR C 573 -10.89 34.03 -38.57
C THR C 573 -11.56 35.23 -37.93
N GLN C 574 -11.93 35.16 -36.66
CA GLN C 574 -12.60 36.26 -35.99
C GLN C 574 -11.70 37.45 -35.73
N PHE C 575 -10.43 37.41 -36.13
CA PHE C 575 -9.50 38.48 -35.79
C PHE C 575 -9.81 39.78 -36.52
N LYS C 576 -10.40 39.70 -37.71
CA LYS C 576 -10.74 40.93 -38.43
C LYS C 576 -11.79 41.76 -37.71
N ASN C 577 -12.60 41.14 -36.85
CA ASN C 577 -13.53 41.89 -36.02
C ASN C 577 -12.77 42.82 -35.08
N ASP C 578 -13.27 44.05 -34.93
CA ASP C 578 -12.57 45.04 -34.12
C ASP C 578 -12.45 44.61 -32.66
N LYS C 579 -13.44 43.89 -32.16
CA LYS C 579 -13.38 43.41 -30.78
C LYS C 579 -12.33 42.31 -30.65
N MET C 580 -11.51 42.42 -29.62
CA MET C 580 -10.45 41.43 -29.42
C MET C 580 -11.06 40.08 -29.07
N PRO C 581 -10.68 39.00 -29.76
CA PRO C 581 -11.30 37.70 -29.51
C PRO C 581 -11.03 37.21 -28.09
N ASP C 582 -12.00 36.49 -27.54
CA ASP C 582 -11.82 35.87 -26.23
C ASP C 582 -10.87 34.69 -26.34
N TYR C 583 -9.92 34.61 -25.42
CA TYR C 583 -8.85 33.63 -25.52
C TYR C 583 -8.32 33.31 -24.13
N GLU C 584 -7.44 32.31 -24.08
CA GLU C 584 -6.75 31.92 -22.85
C GLU C 584 -5.37 31.40 -23.22
N ILE C 585 -4.32 32.05 -22.72
CA ILE C 585 -2.98 31.54 -22.92
C ILE C 585 -2.79 30.28 -22.08
N PHE C 586 -1.90 29.41 -22.52
CA PHE C 586 -1.67 28.14 -21.85
C PHE C 586 -0.18 27.88 -21.69
N ARG C 587 0.13 27.01 -20.73
CA ARG C 587 1.50 26.55 -20.52
C ARG C 587 1.91 25.62 -21.66
N ILE C 588 3.21 25.64 -21.98
CA ILE C 588 3.70 24.92 -23.16
C ILE C 588 3.34 23.44 -23.09
N THR C 589 3.49 22.83 -21.92
CA THR C 589 3.11 21.43 -21.78
C THR C 589 1.60 21.26 -21.73
N ASP C 590 0.90 22.22 -21.14
CA ASP C 590 -0.55 22.13 -21.06
C ASP C 590 -1.20 22.34 -22.42
N ALA C 591 -0.63 23.23 -23.24
CA ALA C 591 -1.19 23.46 -24.58
C ALA C 591 -1.11 22.20 -25.43
N ASN C 592 -0.01 21.46 -25.32
CA ASN C 592 0.07 20.15 -25.97
C ASN C 592 -0.99 19.20 -25.42
N LEU C 593 -1.23 19.26 -24.10
CA LEU C 593 -2.23 18.39 -23.50
C LEU C 593 -3.65 18.79 -23.90
N LYS C 594 -3.87 20.08 -24.14
CA LYS C 594 -5.21 20.57 -24.48
C LYS C 594 -5.71 20.04 -25.81
N GLY C 595 -4.82 19.54 -26.66
CA GLY C 595 -5.25 19.04 -27.96
C GLY C 595 -6.17 17.84 -27.86
N ASP C 596 -5.87 16.93 -26.93
CA ASP C 596 -6.68 15.73 -26.69
C ASP C 596 -6.89 14.92 -27.97
N MET D 23 0.36 -0.06 -17.56
CA MET D 23 -0.72 -1.04 -17.49
C MET D 23 -2.06 -0.40 -17.84
N GLY D 24 -2.70 0.22 -16.85
CA GLY D 24 -3.98 0.89 -17.02
C GLY D 24 -3.93 2.02 -18.03
N LYS D 25 -4.58 1.83 -19.17
CA LYS D 25 -4.61 2.81 -20.25
C LYS D 25 -6.03 3.01 -20.73
N LYS D 26 -6.31 4.21 -21.25
CA LYS D 26 -7.61 4.53 -21.82
C LYS D 26 -7.44 4.47 -23.33
N LEU D 27 -8.02 3.44 -23.93
CA LEU D 27 -7.88 3.18 -25.35
C LEU D 27 -9.06 2.34 -25.82
N SER D 28 -9.23 2.27 -27.13
CA SER D 28 -10.37 1.57 -27.71
C SER D 28 -10.28 0.07 -27.45
N LEU D 29 -11.39 -0.53 -27.06
CA LEU D 29 -11.49 -1.97 -26.88
C LEU D 29 -11.96 -2.62 -28.18
N ILE D 30 -11.72 -3.93 -28.28
CA ILE D 30 -12.04 -4.70 -29.47
C ILE D 30 -13.02 -5.80 -29.09
N ASP D 31 -14.03 -6.00 -29.95
CA ASP D 31 -14.97 -7.11 -29.79
C ASP D 31 -14.36 -8.33 -30.49
N PHE D 32 -13.89 -9.29 -29.69
CA PHE D 32 -13.14 -10.42 -30.22
C PHE D 32 -14.00 -11.28 -31.15
N ASN D 33 -15.28 -11.43 -30.84
CA ASN D 33 -16.14 -12.34 -31.60
C ASN D 33 -16.24 -11.93 -33.08
N GLU D 34 -16.33 -10.63 -33.35
CA GLU D 34 -16.42 -10.17 -34.74
C GLU D 34 -15.14 -10.48 -35.52
N ILE D 35 -13.98 -10.27 -34.90
CA ILE D 35 -12.71 -10.45 -35.60
C ILE D 35 -12.26 -11.92 -35.58
N TYR D 36 -12.89 -12.74 -34.75
CA TYR D 36 -12.51 -14.14 -34.61
C TYR D 36 -12.66 -14.87 -35.94
N ASN D 37 -11.66 -15.69 -36.26
CA ASN D 37 -11.65 -16.48 -37.48
C ASN D 37 -11.65 -17.95 -37.10
N GLU D 38 -12.65 -18.69 -37.57
CA GLU D 38 -12.77 -20.10 -37.27
C GLU D 38 -11.65 -20.93 -37.86
N GLU D 39 -11.08 -20.50 -38.99
CA GLU D 39 -10.04 -21.28 -39.65
C GLU D 39 -8.81 -21.43 -38.77
N ASN D 40 -8.35 -20.33 -38.17
CA ASN D 40 -7.23 -20.39 -37.23
C ASN D 40 -7.75 -20.52 -35.79
N LEU D 41 -8.33 -21.68 -35.53
CA LEU D 41 -8.88 -22.02 -34.22
C LEU D 41 -8.07 -23.17 -33.63
N ILE D 42 -7.55 -22.97 -32.44
CA ILE D 42 -6.76 -23.98 -31.75
C ILE D 42 -7.69 -24.63 -30.73
N THR D 43 -8.32 -25.73 -31.13
CA THR D 43 -9.13 -26.55 -30.24
C THR D 43 -8.41 -27.83 -29.87
N ARG D 44 -7.21 -28.04 -30.38
CA ARG D 44 -6.40 -29.21 -30.08
C ARG D 44 -5.28 -28.77 -29.15
N ALA D 45 -5.27 -29.33 -27.94
CA ALA D 45 -4.32 -28.97 -26.89
C ALA D 45 -2.99 -29.69 -27.02
N ASN D 46 -2.90 -30.73 -27.85
CA ASN D 46 -1.71 -31.55 -27.93
C ASN D 46 -0.53 -30.72 -28.43
N PRO D 47 0.58 -30.65 -27.69
CA PRO D 47 1.73 -29.89 -28.19
C PRO D 47 2.32 -30.52 -29.45
N ILE D 48 2.43 -31.85 -29.46
CA ILE D 48 2.87 -32.63 -30.60
C ILE D 48 1.84 -33.72 -30.86
N GLU D 49 1.65 -34.09 -32.12
CA GLU D 49 0.78 -35.20 -32.48
C GLU D 49 1.58 -36.24 -33.26
N ASN D 50 1.67 -37.44 -32.69
CA ASN D 50 2.29 -38.58 -33.35
C ASN D 50 3.67 -38.22 -33.87
N HIS D 51 4.48 -37.60 -33.01
CA HIS D 51 5.85 -37.19 -33.33
C HIS D 51 5.89 -36.12 -34.43
N GLU D 52 4.85 -35.29 -34.49
CA GLU D 52 4.82 -34.18 -35.43
C GLU D 52 4.13 -32.98 -34.81
N PHE D 53 4.54 -31.79 -35.26
CA PHE D 53 3.89 -30.56 -34.81
C PHE D 53 2.46 -30.54 -35.32
N SER D 54 1.51 -30.35 -34.41
CA SER D 54 0.11 -30.46 -34.77
C SER D 54 -0.30 -29.31 -35.68
N ASP D 55 -1.00 -29.63 -36.77
CA ASP D 55 -1.53 -28.59 -37.64
C ASP D 55 -2.55 -27.76 -36.90
N ASP D 56 -3.24 -28.36 -35.94
CA ASP D 56 -4.18 -27.69 -35.05
C ASP D 56 -3.52 -27.22 -33.76
N GLY D 57 -2.22 -27.48 -33.59
CA GLY D 57 -1.51 -27.12 -32.39
C GLY D 57 -1.16 -25.64 -32.34
N ILE D 58 -0.66 -25.22 -31.18
CA ILE D 58 -0.23 -23.83 -31.01
C ILE D 58 0.87 -23.48 -32.00
N TYR D 59 1.84 -24.37 -32.20
CA TYR D 59 2.87 -24.17 -33.21
C TYR D 59 2.40 -24.83 -34.50
N SER D 60 1.58 -24.10 -35.24
CA SER D 60 0.93 -24.59 -36.45
C SER D 60 1.51 -23.85 -37.65
N GLU D 61 2.12 -24.60 -38.57
CA GLU D 61 2.67 -23.99 -39.78
C GLU D 61 1.58 -23.46 -40.70
N ARG D 62 0.38 -24.05 -40.69
CA ARG D 62 -0.64 -23.66 -41.66
C ARG D 62 -1.15 -22.24 -41.43
N ILE D 63 -1.42 -21.88 -40.18
CA ILE D 63 -2.10 -20.62 -39.88
C ILE D 63 -1.12 -19.56 -39.39
N PHE D 64 -0.07 -19.99 -38.67
CA PHE D 64 0.91 -19.06 -38.11
C PHE D 64 2.11 -18.86 -39.00
N GLY D 65 2.52 -19.89 -39.73
CA GLY D 65 3.66 -19.85 -40.62
C GLY D 65 4.79 -20.72 -40.10
N SER D 66 5.87 -20.75 -40.87
CA SER D 66 7.01 -21.60 -40.55
C SER D 66 8.28 -20.85 -40.89
N TYR D 67 9.41 -21.57 -40.86
CA TYR D 67 10.69 -20.95 -41.19
C TYR D 67 10.69 -20.47 -42.64
N ASN D 68 10.14 -21.27 -43.54
CA ASN D 68 9.97 -20.86 -44.93
C ASN D 68 8.81 -19.87 -44.98
N GLU D 69 9.05 -18.65 -44.46
CA GLU D 69 7.97 -17.68 -44.35
C GLU D 69 7.65 -17.03 -45.69
N ASP D 70 8.62 -16.99 -46.62
CA ASP D 70 8.32 -16.39 -47.92
C ASP D 70 7.34 -17.24 -48.70
N ASP D 71 7.38 -18.57 -48.54
CA ASP D 71 6.40 -19.42 -49.22
C ASP D 71 5.04 -19.30 -48.55
N ASP D 72 5.03 -19.10 -47.22
CA ASP D 72 3.78 -19.04 -46.46
C ASP D 72 2.99 -17.78 -46.81
N ASP D 73 3.67 -16.64 -46.97
CA ASP D 73 3.03 -15.35 -47.17
C ASP D 73 2.12 -15.02 -45.98
N LYS D 74 2.54 -15.45 -44.80
CA LYS D 74 1.80 -15.24 -43.56
C LYS D 74 2.76 -14.59 -42.58
N ASP D 75 2.39 -13.41 -42.08
CA ASP D 75 3.27 -12.59 -41.26
C ASP D 75 3.14 -12.91 -39.78
N ILE D 76 3.91 -12.18 -38.97
CA ILE D 76 3.81 -12.27 -37.52
C ILE D 76 2.41 -11.85 -37.07
N ASP D 77 1.78 -10.96 -37.84
CA ASP D 77 0.42 -10.49 -37.53
C ASP D 77 -0.59 -11.62 -37.44
N THR D 78 -0.27 -12.80 -37.99
CA THR D 78 -1.18 -13.93 -37.89
C THR D 78 -1.44 -14.24 -36.43
N ILE D 79 -2.72 -14.33 -36.07
CA ILE D 79 -3.13 -14.48 -34.69
C ILE D 79 -4.08 -15.66 -34.58
N GLY D 80 -3.77 -16.57 -33.66
CA GLY D 80 -4.62 -17.72 -33.43
C GLY D 80 -5.76 -17.41 -32.49
N TRP D 81 -6.70 -18.34 -32.42
CA TRP D 81 -7.87 -18.18 -31.58
C TRP D 81 -8.14 -19.47 -30.82
N ILE D 82 -8.75 -19.31 -29.65
CA ILE D 82 -9.19 -20.43 -28.80
C ILE D 82 -10.64 -20.17 -28.46
N ASN D 83 -11.44 -21.23 -28.44
CA ASN D 83 -12.87 -21.11 -28.22
C ASN D 83 -13.26 -21.68 -26.86
N ILE D 84 -13.90 -20.84 -26.04
CA ILE D 84 -14.41 -21.27 -24.74
C ILE D 84 -15.89 -21.60 -24.79
N GLU D 85 -16.51 -21.48 -25.97
CA GLU D 85 -17.94 -21.72 -26.08
C GLU D 85 -18.25 -23.15 -25.64
N PRO D 86 -19.35 -23.36 -24.91
CA PRO D 86 -20.42 -22.39 -24.62
C PRO D 86 -20.23 -21.60 -23.32
N TYR D 87 -18.99 -21.26 -22.95
CA TYR D 87 -18.71 -20.60 -21.69
C TYR D 87 -17.97 -19.28 -21.89
N TYR D 88 -18.19 -18.35 -20.96
CA TYR D 88 -17.65 -17.00 -21.01
C TYR D 88 -16.72 -16.76 -19.83
N ILE D 89 -15.64 -16.01 -20.05
CA ILE D 89 -14.72 -15.60 -19.00
C ILE D 89 -14.67 -14.08 -18.93
N ILE D 90 -14.21 -13.57 -17.78
CA ILE D 90 -14.01 -12.14 -17.62
C ILE D 90 -12.88 -11.68 -18.52
N ASN D 91 -13.06 -10.55 -19.19
CA ASN D 91 -12.03 -10.00 -20.06
C ASN D 91 -10.78 -9.67 -19.24
N PRO D 92 -9.61 -10.21 -19.60
CA PRO D 92 -8.42 -9.97 -18.77
C PRO D 92 -8.06 -8.50 -18.61
N ILE D 93 -8.19 -7.71 -19.68
CA ILE D 93 -7.85 -6.29 -19.57
C ILE D 93 -8.82 -5.58 -18.62
N LEU D 94 -10.08 -5.99 -18.59
CA LEU D 94 -11.10 -5.35 -17.77
C LEU D 94 -11.21 -5.95 -16.38
N PHE D 95 -10.35 -6.92 -16.04
CA PHE D 95 -10.45 -7.60 -14.75
C PHE D 95 -10.15 -6.65 -13.60
N THR D 96 -9.11 -5.82 -13.74
CA THR D 96 -8.67 -4.98 -12.62
C THR D 96 -9.74 -3.96 -12.22
N ILE D 97 -10.42 -3.35 -13.19
CA ILE D 97 -11.44 -2.37 -12.85
C ILE D 97 -12.62 -3.04 -12.14
N ILE D 98 -13.00 -4.24 -12.57
CA ILE D 98 -14.04 -4.99 -11.87
C ILE D 98 -13.57 -5.35 -10.48
N LYS D 99 -12.29 -5.71 -10.33
CA LYS D 99 -11.76 -6.06 -9.02
C LYS D 99 -11.84 -4.87 -8.07
N LYS D 100 -11.53 -3.66 -8.55
CA LYS D 100 -11.68 -2.48 -7.71
C LYS D 100 -13.15 -2.25 -7.35
N CYS D 101 -14.04 -2.41 -8.32
CA CYS D 101 -15.47 -2.29 -8.05
C CYS D 101 -15.94 -3.38 -7.10
N ILE D 102 -15.57 -4.63 -7.38
CA ILE D 102 -15.94 -5.77 -6.58
C ILE D 102 -14.66 -6.39 -6.02
N PRO D 103 -14.30 -6.07 -4.77
CA PRO D 103 -13.08 -6.65 -4.19
C PRO D 103 -13.17 -8.15 -4.01
N SER D 104 -14.37 -8.69 -3.83
CA SER D 104 -14.58 -10.11 -3.58
C SER D 104 -14.66 -10.93 -4.87
N ILE D 105 -14.26 -10.34 -6.00
CA ILE D 105 -14.38 -11.04 -7.28
C ILE D 105 -13.59 -12.35 -7.27
N ASN D 106 -12.40 -12.33 -6.65
CA ASN D 106 -11.59 -13.55 -6.61
C ASN D 106 -12.28 -14.65 -5.82
N LYS D 107 -12.89 -14.30 -4.68
CA LYS D 107 -13.60 -15.31 -3.89
C LYS D 107 -14.89 -15.75 -4.57
N ILE D 108 -15.63 -14.81 -5.17
CA ILE D 108 -16.97 -15.13 -5.68
C ILE D 108 -16.89 -16.12 -6.83
N ILE D 109 -15.89 -16.00 -7.70
CA ILE D 109 -15.81 -16.83 -8.89
C ILE D 109 -15.59 -18.29 -8.54
N ASN D 110 -14.90 -18.58 -7.44
CA ASN D 110 -14.65 -19.97 -7.08
C ASN D 110 -15.94 -20.62 -6.61
N TYR D 111 -16.08 -21.91 -6.91
CA TYR D 111 -17.25 -22.68 -6.54
C TYR D 111 -16.83 -23.79 -5.59
N GLN D 112 -17.32 -23.74 -4.36
CA GLN D 112 -17.02 -24.76 -3.37
C GLN D 112 -18.22 -25.07 -2.49
N GLY D 129 -24.46 -11.13 1.52
CA GLY D 129 -25.74 -10.78 0.93
C GLY D 129 -26.62 -11.99 0.63
N GLU D 130 -27.58 -11.82 -0.27
CA GLU D 130 -28.42 -12.94 -0.65
C GLU D 130 -27.60 -14.04 -1.33
N ASP D 131 -26.71 -13.66 -2.24
CA ASP D 131 -25.82 -14.59 -2.93
C ASP D 131 -24.38 -14.28 -2.54
N ASP D 132 -23.61 -15.32 -2.22
CA ASP D 132 -22.20 -15.15 -1.87
C ASP D 132 -21.40 -16.29 -2.49
N TYR D 133 -20.33 -15.93 -3.20
CA TYR D 133 -19.40 -16.90 -3.77
C TYR D 133 -20.13 -17.90 -4.65
N ILE D 134 -21.01 -17.37 -5.50
CA ILE D 134 -21.88 -18.22 -6.31
C ILE D 134 -21.08 -18.98 -7.38
N GLY D 135 -20.11 -18.33 -8.01
CA GLY D 135 -19.43 -18.97 -9.12
C GLY D 135 -19.44 -18.14 -10.38
N LEU D 136 -18.56 -18.47 -11.33
CA LEU D 136 -18.40 -17.64 -12.52
C LEU D 136 -19.65 -17.61 -13.37
N VAL D 137 -20.26 -18.77 -13.63
CA VAL D 137 -21.45 -18.80 -14.47
C VAL D 137 -22.61 -18.09 -13.79
N LYS D 138 -22.77 -18.30 -12.48
CA LYS D 138 -23.79 -17.57 -11.73
C LYS D 138 -23.49 -16.08 -11.67
N PHE D 139 -22.21 -15.72 -11.60
CA PHE D 139 -21.80 -14.32 -11.59
C PHE D 139 -22.29 -13.61 -12.85
N LYS D 140 -22.23 -14.28 -14.00
CA LYS D 140 -22.68 -13.68 -15.24
C LYS D 140 -24.16 -13.32 -15.21
N ASP D 141 -24.99 -14.21 -14.66
CA ASP D 141 -26.43 -13.98 -14.66
C ASP D 141 -26.81 -12.82 -13.74
N ASN D 142 -26.14 -12.68 -12.60
CA ASN D 142 -26.47 -11.66 -11.62
C ASN D 142 -25.47 -10.51 -11.63
N PHE D 143 -24.67 -10.38 -12.68
CA PHE D 143 -23.59 -9.39 -12.67
C PHE D 143 -24.13 -7.96 -12.58
N ASP D 144 -25.18 -7.65 -13.34
CA ASP D 144 -25.73 -6.30 -13.32
C ASP D 144 -26.25 -5.94 -11.94
N ASP D 145 -26.98 -6.86 -11.31
CA ASP D 145 -27.43 -6.63 -9.94
C ASP D 145 -26.26 -6.60 -8.97
N LEU D 146 -25.29 -7.50 -9.16
CA LEU D 146 -24.13 -7.56 -8.27
C LEU D 146 -23.30 -6.29 -8.36
N LEU D 147 -23.17 -5.72 -9.57
CA LEU D 147 -22.40 -4.49 -9.73
C LEU D 147 -23.00 -3.37 -8.90
N GLU D 148 -24.33 -3.23 -8.95
CA GLU D 148 -25.00 -2.29 -8.05
C GLU D 148 -24.90 -2.74 -6.60
N LYS D 149 -24.90 -4.06 -6.37
CA LYS D 149 -24.94 -4.57 -5.00
C LYS D 149 -23.66 -4.27 -4.23
N TYR D 150 -22.49 -4.52 -4.82
CA TYR D 150 -21.23 -4.34 -4.11
C TYR D 150 -20.34 -3.36 -4.88
N THR D 151 -20.60 -2.07 -4.70
CA THR D 151 -19.75 -1.01 -5.25
C THR D 151 -19.93 0.25 -4.42
N ASP D 152 -18.88 1.05 -4.35
CA ASP D 152 -18.97 2.40 -3.81
C ASP D 152 -18.98 3.34 -5.02
N LYS D 153 -20.11 4.02 -5.22
CA LYS D 153 -20.28 4.84 -6.41
C LYS D 153 -19.25 5.97 -6.47
N LYS D 154 -18.97 6.60 -5.32
CA LYS D 154 -18.05 7.73 -5.34
C LYS D 154 -16.63 7.27 -5.69
N LYS D 155 -16.22 6.12 -5.15
CA LYS D 155 -14.86 5.66 -5.37
C LYS D 155 -14.64 5.22 -6.82
N TYR D 156 -15.61 4.47 -7.38
CA TYR D 156 -15.45 3.80 -8.67
C TYR D 156 -16.50 4.18 -9.70
N GLN D 157 -17.05 5.40 -9.65
CA GLN D 157 -18.10 5.76 -10.60
C GLN D 157 -17.60 5.74 -12.04
N LYS D 158 -16.37 6.22 -12.29
CA LYS D 158 -15.83 6.18 -13.64
C LYS D 158 -15.70 4.75 -14.13
N GLU D 159 -15.25 3.85 -13.27
CA GLU D 159 -15.15 2.44 -13.64
C GLU D 159 -16.53 1.84 -13.88
N TYR D 160 -17.50 2.18 -13.03
CA TYR D 160 -18.86 1.68 -13.21
C TYR D 160 -19.47 2.20 -14.50
N ASP D 161 -19.24 3.48 -14.82
CA ASP D 161 -19.72 4.03 -16.09
C ASP D 161 -19.05 3.33 -17.27
N PHE D 162 -17.75 3.02 -17.13
CA PHE D 162 -17.06 2.27 -18.18
C PHE D 162 -17.67 0.88 -18.35
N LEU D 163 -18.06 0.25 -17.24
CA LEU D 163 -18.69 -1.07 -17.32
C LEU D 163 -20.04 -0.98 -18.03
N ILE D 164 -20.80 0.09 -17.78
CA ILE D 164 -22.05 0.29 -18.51
C ILE D 164 -21.77 0.53 -19.98
N GLU D 165 -20.73 1.33 -20.28
CA GLU D 165 -20.44 1.65 -21.68
C GLU D 165 -19.99 0.43 -22.46
N ASN D 166 -19.11 -0.39 -21.88
CA ASN D 166 -18.55 -1.55 -22.56
C ASN D 166 -19.07 -2.85 -21.95
N HIS D 167 -20.36 -2.88 -21.63
CA HIS D 167 -20.97 -4.07 -21.06
C HIS D 167 -20.83 -5.27 -22.00
N ASP D 168 -20.99 -5.04 -23.30
CA ASP D 168 -20.96 -6.14 -24.26
C ASP D 168 -19.60 -6.81 -24.29
N LYS D 169 -18.54 -6.08 -23.95
CA LYS D 169 -17.18 -6.60 -24.01
C LYS D 169 -16.68 -7.17 -22.69
N ILE D 170 -17.52 -7.20 -21.65
CA ILE D 170 -17.08 -7.70 -20.35
C ILE D 170 -16.73 -9.18 -20.43
N PHE D 171 -17.61 -9.98 -21.03
CA PHE D 171 -17.41 -11.42 -21.14
C PHE D 171 -16.94 -11.79 -22.54
N ILE D 172 -15.95 -12.66 -22.61
CA ILE D 172 -15.25 -13.01 -23.84
C ILE D 172 -15.43 -14.49 -24.12
N ASN D 173 -15.81 -14.82 -25.36
CA ASN D 173 -15.96 -16.21 -25.76
C ASN D 173 -14.68 -16.78 -26.35
N LYS D 174 -13.84 -15.95 -26.97
CA LYS D 174 -12.63 -16.41 -27.63
C LYS D 174 -11.44 -15.58 -27.18
N LEU D 175 -10.35 -16.25 -26.81
CA LEU D 175 -9.13 -15.57 -26.38
C LEU D 175 -8.04 -15.71 -27.43
N PRO D 176 -7.43 -14.61 -27.86
CA PRO D 176 -6.42 -14.68 -28.91
C PRO D 176 -5.05 -15.16 -28.42
N VAL D 177 -4.34 -15.83 -29.31
CA VAL D 177 -2.97 -16.26 -29.10
C VAL D 177 -2.08 -15.75 -30.23
N PHE D 178 -0.99 -15.10 -29.88
CA PHE D 178 -0.10 -14.48 -30.87
C PHE D 178 0.77 -15.55 -31.54
N SER D 179 1.42 -15.13 -32.62
CA SER D 179 2.12 -16.05 -33.51
C SER D 179 3.23 -16.81 -32.79
N HIS D 180 3.41 -18.08 -33.18
CA HIS D 180 4.47 -18.89 -32.61
C HIS D 180 5.85 -18.40 -32.99
N LYS D 181 5.97 -17.65 -34.09
CA LYS D 181 7.27 -17.08 -34.45
C LYS D 181 7.78 -16.14 -33.37
N LEU D 182 6.88 -15.39 -32.74
CA LEU D 182 7.29 -14.50 -31.65
C LEU D 182 7.71 -15.29 -30.43
N ARG D 183 7.02 -16.39 -30.12
CA ARG D 183 7.31 -17.26 -28.99
C ARG D 183 8.03 -18.53 -29.45
N PRO D 184 9.37 -18.53 -29.51
CA PRO D 184 10.07 -19.68 -30.09
C PRO D 184 10.13 -20.86 -29.14
N ALA D 185 10.16 -22.05 -29.73
CA ALA D 185 10.34 -23.30 -28.98
C ALA D 185 11.59 -24.01 -29.50
N THR D 186 12.69 -23.88 -28.77
CA THR D 186 13.96 -24.47 -29.18
C THR D 186 14.05 -25.93 -28.77
N LEU D 187 14.48 -26.77 -29.72
CA LEU D 187 14.59 -28.21 -29.49
C LEU D 187 15.91 -28.55 -28.81
N LEU D 188 15.84 -29.46 -27.84
CA LEU D 188 17.01 -29.90 -27.09
C LEU D 188 16.98 -31.42 -26.94
N THR D 189 18.15 -32.01 -26.76
CA THR D 189 18.29 -33.44 -26.60
C THR D 189 18.13 -33.81 -25.14
N GLY D 190 17.35 -34.87 -24.88
CA GLY D 190 17.06 -35.30 -23.54
C GLY D 190 17.44 -36.75 -23.32
N SER D 191 17.75 -37.09 -22.07
CA SER D 191 18.21 -38.43 -21.74
C SER D 191 17.13 -39.47 -22.06
N LYS D 192 15.91 -39.25 -21.57
CA LYS D 192 14.81 -40.13 -21.96
C LYS D 192 14.44 -39.92 -23.42
N GLY D 193 14.28 -38.69 -23.85
CA GLY D 193 13.99 -38.38 -25.24
C GLY D 193 14.12 -36.89 -25.48
N LYS D 194 14.24 -36.54 -26.77
CA LYS D 194 14.38 -35.14 -27.14
C LYS D 194 13.20 -34.31 -26.66
N VAL D 195 13.51 -33.19 -26.01
CA VAL D 195 12.54 -32.35 -25.32
C VAL D 195 12.56 -30.94 -25.91
N LEU D 196 11.40 -30.30 -25.91
CA LEU D 196 11.22 -28.96 -26.44
C LEU D 196 11.17 -27.94 -25.31
N ALA D 197 12.14 -27.02 -25.30
CA ALA D 197 12.16 -25.92 -24.34
C ALA D 197 11.42 -24.72 -24.93
N PHE D 198 10.52 -24.14 -24.14
CA PHE D 198 9.72 -23.00 -24.57
C PHE D 198 9.36 -22.14 -23.37
N ASP D 199 9.03 -20.88 -23.65
CA ASP D 199 8.64 -19.94 -22.61
C ASP D 199 7.36 -20.38 -21.90
N GLU D 200 7.16 -19.82 -20.70
CA GLU D 200 5.97 -20.09 -19.89
C GLU D 200 4.69 -19.67 -20.59
N ILE D 201 4.75 -18.73 -21.54
CA ILE D 201 3.54 -18.29 -22.22
C ILE D 201 2.91 -19.46 -22.97
N ASN D 202 3.75 -20.30 -23.58
CA ASN D 202 3.26 -21.47 -24.27
C ASN D 202 2.61 -22.44 -23.29
N ASN D 203 3.21 -22.57 -22.11
CA ASN D 203 2.60 -23.39 -21.06
C ASN D 203 1.24 -22.84 -20.64
N TYR D 204 1.13 -21.51 -20.53
CA TYR D 204 -0.15 -20.93 -20.16
C TYR D 204 -1.20 -21.22 -21.22
N TYR D 205 -0.84 -21.10 -22.49
CA TYR D 205 -1.79 -21.34 -23.57
C TYR D 205 -2.21 -22.80 -23.60
N ASN D 206 -1.25 -23.73 -23.63
CA ASN D 206 -1.57 -25.14 -23.72
C ASN D 206 -2.33 -25.63 -22.49
N PHE D 207 -2.01 -25.09 -21.31
CA PHE D 207 -2.80 -25.43 -20.13
C PHE D 207 -4.26 -25.02 -20.33
N VAL D 208 -4.49 -23.82 -20.86
CA VAL D 208 -5.85 -23.32 -21.04
C VAL D 208 -6.61 -24.21 -22.01
N ILE D 209 -5.98 -24.56 -23.14
CA ILE D 209 -6.65 -25.42 -24.12
C ILE D 209 -6.89 -26.81 -23.53
N GLU D 210 -5.94 -27.32 -22.74
CA GLU D 210 -6.10 -28.64 -22.15
C GLU D 210 -7.31 -28.69 -21.24
N TYR D 211 -7.50 -27.65 -20.42
CA TYR D 211 -8.63 -27.61 -19.50
C TYR D 211 -9.95 -27.57 -20.25
N ILE D 212 -10.04 -26.74 -21.29
CA ILE D 212 -11.29 -26.55 -22.01
C ILE D 212 -11.66 -27.77 -22.84
N ASN D 213 -10.66 -28.44 -23.44
CA ASN D 213 -10.94 -29.51 -24.40
C ASN D 213 -11.81 -30.61 -23.78
N GLN D 214 -11.50 -31.01 -22.55
CA GLN D 214 -12.26 -32.08 -21.91
C GLN D 214 -13.68 -31.64 -21.56
N ILE D 215 -13.86 -30.37 -21.20
CA ILE D 215 -15.16 -29.90 -20.73
C ILE D 215 -16.22 -30.00 -21.82
N ASN D 216 -15.87 -29.67 -23.06
CA ASN D 216 -16.87 -29.68 -24.11
C ASN D 216 -17.23 -31.11 -24.54
N GLU D 217 -16.26 -32.04 -24.42
CA GLU D 217 -16.48 -33.40 -24.89
C GLU D 217 -17.55 -34.13 -24.08
N GLY D 218 -17.60 -33.91 -22.77
CA GLY D 218 -18.44 -34.74 -21.91
C GLY D 218 -19.91 -34.43 -22.04
N VAL D 219 -20.70 -35.43 -22.48
CA VAL D 219 -22.15 -35.32 -22.59
C VAL D 219 -22.83 -35.95 -21.38
N VAL D 220 -22.54 -37.22 -21.12
CA VAL D 220 -23.20 -37.90 -20.01
C VAL D 220 -22.40 -37.76 -18.73
N SER D 221 -21.14 -37.36 -18.82
CA SER D 221 -20.40 -37.04 -17.61
C SER D 221 -20.95 -35.78 -16.97
N ASP D 222 -21.35 -34.81 -17.80
CA ASP D 222 -21.74 -33.47 -17.38
C ASP D 222 -23.13 -33.39 -16.77
N ASP D 223 -23.97 -34.42 -16.95
CA ASP D 223 -25.35 -34.44 -16.48
C ASP D 223 -25.53 -33.87 -15.08
N SER D 224 -24.63 -34.20 -14.16
CA SER D 224 -24.67 -33.67 -12.81
C SER D 224 -23.32 -33.14 -12.36
N ILE D 225 -22.30 -33.18 -13.21
CA ILE D 225 -20.94 -32.78 -12.82
C ILE D 225 -20.79 -31.27 -12.89
N ASP D 226 -21.71 -30.59 -13.59
CA ASP D 226 -21.63 -29.16 -13.90
C ASP D 226 -21.32 -28.25 -12.72
N LEU D 227 -21.54 -28.71 -11.48
CA LEU D 227 -21.34 -27.81 -10.35
C LEU D 227 -19.88 -27.78 -9.92
N LEU D 228 -19.14 -28.85 -10.14
CA LEU D 228 -17.72 -28.85 -9.89
C LEU D 228 -16.91 -28.61 -11.16
N LEU D 229 -17.59 -28.44 -12.29
CA LEU D 229 -16.91 -28.05 -13.52
C LEU D 229 -16.48 -26.59 -13.46
N LEU D 230 -17.18 -25.79 -12.64
CA LEU D 230 -16.89 -24.37 -12.54
C LEU D 230 -15.48 -24.05 -12.07
N PRO D 231 -14.90 -24.75 -11.08
CA PRO D 231 -13.49 -24.46 -10.72
C PRO D 231 -12.52 -24.58 -11.88
N LEU D 232 -12.75 -25.52 -12.80
CA LEU D 232 -11.87 -25.66 -13.95
C LEU D 232 -11.82 -24.36 -14.76
N LEU D 233 -12.98 -23.72 -14.94
CA LEU D 233 -13.02 -22.45 -15.66
C LEU D 233 -12.26 -21.36 -14.92
N TYR D 234 -12.29 -21.39 -13.58
CA TYR D 234 -11.62 -20.37 -12.79
C TYR D 234 -10.12 -20.34 -13.09
N ASN D 235 -9.48 -21.50 -13.04
CA ASN D 235 -8.05 -21.58 -13.36
C ASN D 235 -7.76 -21.03 -14.75
N MET D 236 -8.66 -21.26 -15.71
CA MET D 236 -8.45 -20.71 -17.05
C MET D 236 -8.39 -19.19 -17.03
N GLN D 237 -9.27 -18.56 -16.24
CA GLN D 237 -9.29 -17.11 -16.15
C GLN D 237 -7.97 -16.57 -15.60
N PHE D 238 -7.44 -17.22 -14.56
CA PHE D 238 -6.18 -16.79 -13.97
C PHE D 238 -5.02 -16.94 -14.95
N TYR D 239 -5.01 -18.05 -15.72
CA TYR D 239 -3.95 -18.25 -16.69
C TYR D 239 -4.00 -17.19 -17.79
N ALA D 240 -5.20 -16.85 -18.25
CA ALA D 240 -5.34 -15.79 -19.24
C ALA D 240 -4.87 -14.45 -18.69
N ASN D 241 -5.11 -14.20 -17.39
CA ASN D 241 -4.62 -12.99 -16.77
C ASN D 241 -3.09 -12.93 -16.79
N ASN D 242 -2.45 -14.04 -16.48
CA ASN D 242 -0.98 -14.10 -16.58
C ASN D 242 -0.51 -13.96 -18.02
N ILE D 243 -1.27 -14.48 -18.97
CA ILE D 243 -0.94 -14.26 -20.37
C ILE D 243 -0.97 -12.77 -20.70
N LEU D 244 -2.00 -12.08 -20.21
CA LEU D 244 -2.08 -10.62 -20.38
C LEU D 244 -0.91 -9.94 -19.69
N THR D 245 -0.59 -10.36 -18.47
CA THR D 245 0.53 -9.77 -17.74
C THR D 245 1.86 -10.06 -18.42
N ARG D 246 2.01 -11.26 -18.97
CA ARG D 246 3.25 -11.61 -19.67
C ARG D 246 3.47 -10.76 -20.92
N ILE D 247 2.40 -10.52 -21.68
CA ILE D 247 2.52 -9.64 -22.86
C ILE D 247 2.90 -8.23 -22.41
N ILE D 248 2.37 -7.79 -21.27
CA ILE D 248 2.81 -6.52 -20.70
C ILE D 248 4.31 -6.58 -20.40
N SER D 249 4.76 -7.70 -19.81
CA SER D 249 6.20 -7.89 -19.61
C SER D 249 6.93 -8.06 -20.93
N GLU D 250 6.28 -8.67 -21.93
CA GLU D 250 6.89 -8.78 -23.25
C GLU D 250 7.17 -7.41 -23.85
N TYR D 251 6.27 -6.47 -23.66
CA TYR D 251 6.51 -5.10 -24.08
C TYR D 251 7.73 -4.52 -23.38
N LEU D 252 7.88 -4.80 -22.09
CA LEU D 252 9.08 -4.38 -21.37
C LEU D 252 10.32 -5.07 -21.89
N ARG D 253 10.19 -6.33 -22.31
CA ARG D 253 11.34 -7.13 -22.78
C ARG D 253 11.52 -6.97 -24.30
N GLY D 254 11.97 -5.77 -24.66
CA GLY D 254 12.39 -5.49 -26.02
C GLY D 254 11.30 -5.37 -27.05
N LYS D 255 10.09 -4.97 -26.65
CA LYS D 255 9.04 -4.59 -27.59
C LYS D 255 8.69 -3.11 -27.39
N LYS D 256 8.15 -2.75 -26.22
CA LYS D 256 7.96 -1.34 -25.90
C LYS D 256 9.27 -0.72 -25.42
N GLY D 257 10.06 -1.47 -24.66
CA GLY D 257 11.38 -0.97 -24.27
C GLY D 257 12.26 -0.68 -25.45
N PHE D 258 12.29 -1.59 -26.43
CA PHE D 258 13.05 -1.37 -27.65
C PHE D 258 12.48 -0.22 -28.48
N LEU D 259 11.16 -0.13 -28.59
CA LEU D 259 10.55 0.96 -29.34
C LEU D 259 10.82 2.31 -28.70
N ARG D 260 10.63 2.40 -27.39
CA ARG D 260 10.95 3.65 -26.69
C ARG D 260 12.45 3.91 -26.64
N LYS D 261 13.26 2.85 -26.63
CA LYS D 261 14.71 3.03 -26.78
C LYS D 261 15.03 3.61 -28.15
N ASN D 262 14.26 3.22 -29.17
CA ASN D 262 14.45 3.78 -30.50
C ASN D 262 14.11 5.27 -30.50
N ILE D 263 13.06 5.66 -29.78
CA ILE D 263 12.77 7.07 -29.60
C ILE D 263 13.91 7.74 -28.84
N MET D 264 14.46 7.04 -27.85
CA MET D 264 15.66 7.53 -27.17
C MET D 264 16.83 7.63 -28.13
N GLY D 265 17.02 6.61 -28.98
CA GLY D 265 18.06 6.65 -29.98
C GLY D 265 17.89 5.61 -31.09
N SER D 266 17.43 6.05 -32.26
CA SER D 266 17.32 5.16 -33.40
C SER D 266 18.70 4.86 -33.98
N ARG D 267 19.03 3.58 -34.07
CA ARG D 267 20.35 3.14 -34.53
C ARG D 267 20.34 3.06 -36.05
N ILE D 268 20.97 4.04 -36.70
CA ILE D 268 20.93 4.16 -38.16
C ILE D 268 22.14 3.46 -38.75
N ASN D 269 21.91 2.59 -39.72
CA ASN D 269 23.00 2.08 -40.54
C ASN D 269 23.42 3.17 -41.52
N PHE D 270 24.55 2.93 -42.19
CA PHE D 270 25.21 3.95 -43.02
C PHE D 270 25.51 5.19 -42.18
N SER D 271 26.24 4.97 -41.09
CA SER D 271 26.63 6.04 -40.19
C SER D 271 28.11 5.92 -39.86
N ALA D 272 28.69 7.05 -39.43
CA ALA D 272 30.11 7.07 -39.14
C ALA D 272 30.40 8.09 -38.05
N ARG D 273 31.56 7.91 -37.40
CA ARG D 273 32.09 8.85 -36.42
C ARG D 273 33.54 9.11 -36.77
N ASN D 274 33.94 10.38 -36.76
CA ASN D 274 35.30 10.71 -37.17
C ASN D 274 35.75 11.98 -36.47
N VAL D 275 37.06 12.07 -36.24
CA VAL D 275 37.68 13.28 -35.69
C VAL D 275 37.83 14.31 -36.81
N ILE D 276 37.80 15.58 -36.44
CA ILE D 276 37.87 16.69 -37.39
C ILE D 276 39.26 17.32 -37.36
N THR D 277 39.78 17.62 -38.55
CA THR D 277 41.04 18.30 -38.74
C THR D 277 40.85 19.45 -39.73
N PRO D 278 41.58 20.54 -39.55
CA PRO D 278 41.39 21.70 -40.44
C PRO D 278 41.77 21.37 -41.88
N LEU D 279 41.00 21.91 -42.82
CA LEU D 279 41.24 21.77 -44.25
C LEU D 279 41.45 23.14 -44.88
N ILE D 280 42.47 23.25 -45.73
CA ILE D 280 42.79 24.50 -46.41
C ILE D 280 42.81 24.26 -47.92
N GLY D 281 42.40 25.29 -48.67
CA GLY D 281 42.51 25.28 -50.11
C GLY D 281 41.33 24.74 -50.87
N HIS D 282 40.25 24.37 -50.20
CA HIS D 282 39.07 23.78 -50.81
C HIS D 282 37.84 24.55 -50.41
N PRO D 283 36.77 24.47 -51.19
CA PRO D 283 35.55 25.23 -50.85
C PRO D 283 35.02 24.86 -49.48
N ILE D 284 34.19 25.75 -48.94
CA ILE D 284 33.67 25.56 -47.58
C ILE D 284 32.80 24.32 -47.50
N ASP D 285 31.94 24.10 -48.50
CA ASP D 285 31.02 22.98 -48.45
C ASP D 285 31.72 21.64 -48.65
N GLU D 286 32.85 21.64 -49.36
CA GLU D 286 33.55 20.41 -49.68
C GLU D 286 34.43 19.96 -48.52
N VAL D 287 34.60 18.64 -48.38
CA VAL D 287 35.37 18.06 -47.29
C VAL D 287 36.27 16.95 -47.84
N ALA D 288 37.21 16.53 -46.99
CA ALA D 288 38.12 15.42 -47.29
C ALA D 288 37.83 14.26 -46.35
N MET D 289 37.58 13.09 -46.92
CA MET D 289 37.17 11.93 -46.14
C MET D 289 38.21 10.82 -46.21
N PRO D 290 38.51 10.19 -45.07
CA PRO D 290 39.54 9.14 -45.06
C PRO D 290 39.15 7.93 -45.93
N TYR D 291 40.17 7.16 -46.28
CA TYR D 291 39.99 6.00 -47.15
C TYR D 291 39.00 5.01 -46.55
N LYS D 292 39.14 4.72 -45.24
CA LYS D 292 38.29 3.75 -44.58
C LYS D 292 36.85 4.26 -44.44
N THR D 293 36.68 5.56 -44.18
CA THR D 293 35.34 6.11 -43.96
C THR D 293 34.47 5.97 -45.21
N PHE D 294 35.00 6.35 -46.37
CA PHE D 294 34.21 6.30 -47.59
C PHE D 294 33.91 4.86 -48.01
N ALA D 295 34.85 3.95 -47.81
CA ALA D 295 34.69 2.58 -48.29
C ALA D 295 33.47 1.91 -47.66
N GLU D 296 33.33 2.04 -46.34
CA GLU D 296 32.22 1.36 -45.67
C GLU D 296 30.87 1.99 -46.01
N LEU D 297 30.78 3.33 -45.93
CA LEU D 297 29.50 3.99 -46.15
C LEU D 297 28.98 3.80 -47.57
N TYR D 298 29.88 3.85 -48.56
CA TYR D 298 29.50 3.73 -49.96
C TYR D 298 29.89 2.36 -50.53
N LYS D 299 29.90 1.34 -49.66
CA LYS D 299 30.34 0.00 -50.05
C LYS D 299 29.47 -0.57 -51.17
N PHE D 300 28.15 -0.51 -51.01
CA PHE D 300 27.27 -1.12 -51.99
C PHE D 300 27.33 -0.38 -53.32
N GLN D 301 27.47 0.94 -53.26
CA GLN D 301 27.73 1.71 -54.48
C GLN D 301 29.06 1.33 -55.09
N LEU D 302 30.07 1.11 -54.24
CA LEU D 302 31.39 0.72 -54.72
C LEU D 302 31.35 -0.66 -55.37
N ILE D 303 30.62 -1.60 -54.76
CA ILE D 303 30.54 -2.96 -55.29
C ILE D 303 29.85 -2.96 -56.65
N ASN D 304 28.85 -2.09 -56.82
CA ASN D 304 28.16 -1.99 -58.11
C ASN D 304 29.13 -1.67 -59.23
N LEU D 305 30.00 -0.68 -59.03
CA LEU D 305 30.94 -0.30 -60.08
C LEU D 305 31.94 -1.42 -60.38
N ILE D 306 32.47 -2.06 -59.34
CA ILE D 306 33.45 -3.11 -59.54
C ILE D 306 32.83 -4.28 -60.30
N SER D 307 31.58 -4.63 -59.96
CA SER D 307 30.90 -5.69 -60.68
C SER D 307 30.69 -5.32 -62.15
N LYS D 308 30.27 -4.07 -62.41
CA LYS D 308 30.04 -3.65 -63.78
C LYS D 308 31.36 -3.56 -64.56
N VAL D 309 32.39 -2.97 -63.95
CA VAL D 309 33.64 -2.73 -64.67
C VAL D 309 34.34 -4.04 -64.99
N LYS D 310 34.43 -4.94 -64.01
CA LYS D 310 35.17 -6.18 -64.15
C LYS D 310 34.29 -7.38 -64.51
N GLY D 311 32.98 -7.17 -64.67
CA GLY D 311 32.07 -8.25 -65.03
C GLY D 311 32.10 -9.44 -64.10
N ILE D 312 31.99 -9.18 -62.79
CA ILE D 312 32.13 -10.22 -61.78
C ILE D 312 30.87 -10.28 -60.93
N ASN D 313 30.70 -11.41 -60.25
CA ASN D 313 29.58 -11.62 -59.36
C ASN D 313 29.67 -10.69 -58.14
N TYR D 314 28.52 -10.41 -57.53
CA TYR D 314 28.49 -9.50 -56.38
C TYR D 314 29.34 -10.03 -55.23
N ASN D 315 29.33 -11.34 -55.01
CA ASN D 315 30.19 -11.92 -53.98
C ASN D 315 31.66 -11.74 -54.33
N GLU D 316 32.01 -11.95 -55.60
CA GLU D 316 33.40 -11.76 -56.02
C GLU D 316 33.81 -10.29 -55.91
N ALA D 317 32.90 -9.38 -56.21
CA ALA D 317 33.19 -7.96 -56.06
C ALA D 317 33.42 -7.61 -54.60
N LEU D 318 32.69 -8.26 -53.68
CA LEU D 318 32.91 -8.05 -52.27
C LEU D 318 34.33 -8.44 -51.87
N LYS D 319 34.86 -9.51 -52.48
CA LYS D 319 36.23 -9.91 -52.21
C LYS D 319 37.22 -8.82 -52.56
N PHE D 320 36.96 -8.10 -53.66
CA PHE D 320 37.80 -6.96 -54.02
C PHE D 320 37.70 -5.87 -52.97
N TRP D 321 36.48 -5.60 -52.49
CA TRP D 321 36.29 -4.58 -51.46
C TRP D 321 36.97 -4.98 -50.15
N GLU D 322 36.89 -6.26 -49.78
CA GLU D 322 37.52 -6.73 -48.55
C GLU D 322 39.03 -6.56 -48.62
N LYS D 323 39.63 -6.86 -49.78
CA LYS D 323 41.07 -6.69 -49.93
C LYS D 323 41.47 -5.22 -49.80
N GLY D 324 40.64 -4.32 -50.36
CA GLY D 324 40.94 -2.89 -50.28
C GLY D 324 40.86 -2.34 -48.87
N ILE D 325 39.96 -2.87 -48.05
CA ILE D 325 39.80 -2.39 -46.68
C ILE D 325 41.10 -2.55 -45.90
N LEU D 326 41.84 -3.64 -46.17
CA LEU D 326 43.04 -3.94 -45.38
C LEU D 326 44.13 -2.90 -45.58
N GLY D 327 44.34 -2.45 -46.80
CA GLY D 327 45.38 -1.48 -47.06
C GLY D 327 45.09 -0.68 -48.33
N PHE D 328 45.75 0.47 -48.43
CA PHE D 328 45.55 1.34 -49.57
C PHE D 328 45.97 0.66 -50.86
N ASN D 329 45.04 0.54 -51.80
CA ASN D 329 45.32 0.07 -53.15
C ASN D 329 44.74 1.06 -54.12
N GLN D 330 45.52 1.39 -55.16
CA GLN D 330 45.09 2.42 -56.10
C GLN D 330 43.80 2.04 -56.81
N GLU D 331 43.58 0.75 -57.05
CA GLU D 331 42.41 0.33 -57.83
C GLU D 331 41.12 0.67 -57.11
N LEU D 332 41.02 0.30 -55.82
CA LEU D 332 39.81 0.66 -55.07
C LEU D 332 39.72 2.17 -54.87
N TYR D 333 40.86 2.84 -54.72
CA TYR D 333 40.85 4.31 -54.66
C TYR D 333 40.30 4.90 -55.96
N ASN D 334 40.61 4.28 -57.10
CA ASN D 334 40.10 4.76 -58.37
C ASN D 334 38.58 4.64 -58.43
N TYR D 335 38.03 3.52 -57.96
CA TYR D 335 36.58 3.38 -57.91
C TYR D 335 35.97 4.40 -56.96
N MET D 336 36.62 4.66 -55.83
CA MET D 336 36.13 5.68 -54.90
C MET D 336 36.23 7.09 -55.50
N GLU D 337 37.34 7.39 -56.18
CA GLU D 337 37.49 8.70 -56.80
C GLU D 337 36.44 8.92 -57.89
N GLU D 338 36.13 7.88 -58.67
CA GLU D 338 35.13 8.02 -59.72
C GLU D 338 33.75 8.31 -59.13
N LEU D 339 33.42 7.68 -57.99
CA LEU D 339 32.11 7.90 -57.39
C LEU D 339 31.96 9.35 -56.95
N ILE D 340 32.96 9.90 -56.27
CA ILE D 340 32.84 11.28 -55.83
C ILE D 340 32.85 12.23 -57.04
N THR D 341 33.57 11.88 -58.10
CA THR D 341 33.64 12.74 -59.27
C THR D 341 32.38 12.67 -60.13
N LYS D 342 31.85 11.46 -60.38
CA LYS D 342 30.83 11.27 -61.39
C LYS D 342 29.41 11.08 -60.85
N THR D 343 29.22 10.97 -59.53
CA THR D 343 27.87 10.77 -59.02
C THR D 343 27.04 12.05 -59.17
N LYS D 344 25.76 11.87 -59.51
CA LYS D 344 24.87 13.02 -59.67
C LYS D 344 24.61 13.68 -58.33
N GLY D 345 24.76 14.99 -58.27
CA GLY D 345 24.64 15.73 -57.05
C GLY D 345 25.84 15.62 -56.14
N GLY D 346 26.87 14.88 -56.54
CA GLY D 346 28.02 14.64 -55.69
C GLY D 346 27.72 13.61 -54.62
N CYS D 347 28.77 13.25 -53.89
CA CYS D 347 28.63 12.38 -52.72
C CYS D 347 28.51 13.28 -51.51
N THR D 348 27.34 13.24 -50.86
CA THR D 348 27.01 14.20 -49.82
C THR D 348 26.53 13.47 -48.57
N PHE D 349 26.63 14.16 -47.44
CA PHE D 349 26.32 13.58 -46.15
C PHE D 349 25.86 14.68 -45.19
N LEU D 350 25.47 14.27 -43.99
CA LEU D 350 25.07 15.17 -42.93
C LEU D 350 26.06 15.06 -41.77
N LEU D 351 26.57 16.21 -41.33
CA LEU D 351 27.55 16.28 -40.25
C LEU D 351 26.93 16.97 -39.04
N ASN D 352 26.81 16.24 -37.94
CA ASN D 352 26.21 16.78 -36.73
C ASN D 352 27.19 16.71 -35.58
N ARG D 353 27.26 17.79 -34.81
CA ARG D 353 28.04 17.84 -33.57
C ARG D 353 27.08 17.86 -32.41
N ASN D 354 27.15 16.84 -31.56
CA ASN D 354 26.17 16.80 -30.49
C ASN D 354 26.68 17.52 -29.25
N PRO D 355 25.86 18.31 -28.57
CA PRO D 355 24.39 18.37 -28.70
C PRO D 355 23.91 19.20 -29.90
N THR D 356 22.88 18.69 -30.58
CA THR D 356 22.30 19.34 -31.74
C THR D 356 21.24 20.35 -31.29
N ILE D 357 21.73 21.46 -30.72
CA ILE D 357 20.86 22.44 -30.09
C ILE D 357 20.76 23.74 -30.88
N SER D 358 21.52 23.89 -31.97
CA SER D 358 21.58 25.15 -32.68
C SER D 358 21.42 24.92 -34.18
N ILE D 359 20.99 25.97 -34.87
CA ILE D 359 20.92 25.93 -36.33
C ILE D 359 22.33 25.88 -36.89
N GLY D 360 22.57 24.93 -37.79
CA GLY D 360 23.90 24.65 -38.28
C GLY D 360 24.60 23.52 -37.56
N SER D 361 23.97 22.92 -36.56
CA SER D 361 24.56 21.76 -35.89
C SER D 361 24.66 20.58 -36.83
N ILE D 362 23.64 20.38 -37.68
CA ILE D 362 23.69 19.38 -38.74
C ILE D 362 23.82 20.12 -40.07
N LEU D 363 24.79 19.71 -40.89
CA LEU D 363 25.12 20.41 -42.12
C LEU D 363 25.22 19.44 -43.28
N TYR D 364 24.74 19.87 -44.44
CA TYR D 364 24.78 19.07 -45.66
C TYR D 364 26.02 19.46 -46.45
N LEU D 365 26.97 18.53 -46.60
CA LEU D 365 28.28 18.83 -47.14
C LEU D 365 28.63 17.82 -48.24
N LYS D 366 29.67 18.14 -48.99
CA LYS D 366 30.09 17.35 -50.13
C LYS D 366 31.49 16.79 -49.90
N ILE D 367 31.72 15.59 -50.41
CA ILE D 367 33.00 14.91 -50.27
C ILE D 367 33.87 15.31 -51.46
N GLY D 368 34.72 16.33 -51.24
CA GLY D 368 35.56 16.81 -52.32
C GLY D 368 36.73 15.88 -52.64
N LEU D 369 37.35 15.32 -51.62
CA LEU D 369 38.56 14.53 -51.81
C LEU D 369 38.52 13.30 -50.92
N ILE D 370 39.22 12.25 -51.37
CA ILE D 370 39.41 11.03 -50.59
C ILE D 370 40.89 10.92 -50.28
N LYS D 371 41.22 10.74 -49.01
CA LYS D 371 42.61 10.74 -48.60
C LYS D 371 43.31 9.46 -49.02
N LYS D 372 44.59 9.59 -49.38
CA LYS D 372 45.40 8.47 -49.84
C LYS D 372 46.25 7.87 -48.73
N ASP D 373 46.16 8.39 -47.51
CA ASP D 373 46.88 7.85 -46.37
C ASP D 373 45.92 7.01 -45.55
N TYR D 374 46.20 5.72 -45.43
CA TYR D 374 45.36 4.82 -44.66
C TYR D 374 45.34 5.22 -43.19
N LYS D 375 46.49 5.69 -42.67
CA LYS D 375 46.60 6.07 -41.27
C LYS D 375 45.79 7.31 -40.95
N ASP D 376 45.68 8.25 -41.89
CA ASP D 376 44.92 9.48 -41.66
C ASP D 376 43.43 9.15 -41.56
N LEU D 377 42.86 9.34 -40.37
CA LEU D 377 41.47 9.02 -40.10
C LEU D 377 40.72 10.24 -39.57
N THR D 378 41.05 11.41 -40.10
CA THR D 378 40.44 12.67 -39.69
C THR D 378 39.67 13.28 -40.86
N LEU D 379 38.45 13.74 -40.58
CA LEU D 379 37.68 14.47 -41.57
C LEU D 379 38.23 15.89 -41.74
N GLY D 380 38.39 16.32 -42.97
CA GLY D 380 38.88 17.66 -43.26
C GLY D 380 37.75 18.62 -43.52
N ILE D 381 37.63 19.63 -42.66
CA ILE D 381 36.55 20.60 -42.73
C ILE D 381 37.14 22.00 -42.75
N SER D 382 36.40 22.93 -43.37
CA SER D 382 36.81 24.33 -43.42
C SER D 382 36.63 24.99 -42.06
N ASN D 383 37.56 25.89 -41.73
CA ASN D 383 37.51 26.57 -40.45
C ASN D 383 36.24 27.39 -40.28
N ASN D 384 35.65 27.85 -41.39
CA ASN D 384 34.43 28.64 -41.33
C ASN D 384 33.24 27.83 -40.84
N LEU D 385 33.21 26.53 -41.16
CA LEU D 385 32.12 25.67 -40.70
C LEU D 385 32.12 25.50 -39.20
N LEU D 386 33.29 25.59 -38.56
CA LEU D 386 33.43 25.22 -37.16
C LEU D 386 32.52 26.05 -36.25
N SER D 387 32.42 27.35 -36.52
CA SER D 387 31.65 28.23 -35.65
C SER D 387 30.17 27.85 -35.64
N ALA D 388 29.64 27.46 -36.79
CA ALA D 388 28.24 27.02 -36.86
C ALA D 388 28.04 25.73 -36.07
N LEU D 389 28.94 24.76 -36.27
CA LEU D 389 28.84 23.49 -35.55
C LEU D 389 29.02 23.67 -34.05
N SER D 390 29.83 24.66 -33.65
CA SER D 390 30.18 25.00 -32.27
C SER D 390 31.19 24.00 -31.70
N GLY D 391 31.70 23.08 -32.52
CA GLY D 391 32.70 22.13 -32.09
C GLY D 391 34.10 22.71 -32.11
N ASP D 392 35.06 21.88 -31.69
CA ASP D 392 36.46 22.28 -31.64
C ASP D 392 37.33 21.15 -32.19
N TYR D 393 38.51 21.52 -32.71
CA TYR D 393 39.51 20.53 -33.11
C TYR D 393 40.34 20.10 -31.89
N ASP D 394 39.64 19.63 -30.86
CA ASP D 394 40.27 19.20 -29.62
C ASP D 394 40.19 17.69 -29.44
N GLY D 395 39.93 16.96 -30.51
CA GLY D 395 39.67 15.54 -30.42
C GLY D 395 38.21 15.17 -30.39
N ASP D 396 37.32 16.14 -30.58
CA ASP D 396 35.90 15.85 -30.65
C ASP D 396 35.57 15.09 -31.92
N VAL D 397 34.54 14.27 -31.86
CA VAL D 397 34.13 13.41 -32.97
C VAL D 397 32.76 13.86 -33.46
N LEU D 398 32.59 13.88 -34.77
CA LEU D 398 31.34 14.29 -35.40
C LEU D 398 30.75 13.11 -36.14
N ASN D 399 29.42 13.03 -36.13
CA ASN D 399 28.71 11.92 -36.75
C ASN D 399 28.49 12.20 -38.22
N ILE D 400 28.77 11.19 -39.06
CA ILE D 400 28.62 11.31 -40.50
C ILE D 400 27.48 10.39 -40.93
N ILE D 401 26.43 10.97 -41.49
CA ILE D 401 25.30 10.22 -42.03
C ILE D 401 25.15 10.58 -43.51
N PRO D 402 25.58 9.71 -44.41
CA PRO D 402 25.45 10.00 -45.84
C PRO D 402 24.00 9.95 -46.31
N VAL D 403 23.72 10.78 -47.30
CA VAL D 403 22.41 10.84 -47.96
C VAL D 403 22.59 10.38 -49.39
N PHE D 404 21.73 9.44 -49.82
CA PHE D 404 21.88 8.79 -51.11
C PHE D 404 20.89 9.25 -52.16
N ASP D 405 19.60 9.26 -51.84
CA ASP D 405 18.59 9.59 -52.84
C ASP D 405 18.75 11.02 -53.32
N ASN D 406 18.63 11.22 -54.64
CA ASN D 406 18.73 12.56 -55.20
C ASN D 406 17.62 13.45 -54.67
N LYS D 407 16.42 12.89 -54.47
CA LYS D 407 15.35 13.65 -53.86
C LYS D 407 15.70 14.03 -52.42
N MET D 408 16.18 13.06 -51.65
CA MET D 408 16.60 13.32 -50.28
C MET D 408 17.76 14.30 -50.24
N LYS D 409 18.68 14.19 -51.21
CA LYS D 409 19.80 15.11 -51.29
C LYS D 409 19.30 16.54 -51.46
N GLU D 410 18.30 16.74 -52.32
CA GLU D 410 17.76 18.07 -52.56
C GLU D 410 17.08 18.63 -51.31
N HIS D 411 16.29 17.81 -50.61
CA HIS D 411 15.59 18.28 -49.43
C HIS D 411 16.56 18.64 -48.31
N PHE D 412 17.60 17.82 -48.12
CA PHE D 412 18.59 18.12 -47.11
C PHE D 412 19.57 19.21 -47.55
N SER D 413 19.55 19.59 -48.83
CA SER D 413 20.35 20.71 -49.28
C SER D 413 19.90 22.03 -48.65
N LEU D 414 18.69 22.07 -48.09
CA LEU D 414 18.26 23.24 -47.34
C LEU D 414 19.06 23.40 -46.05
N LEU D 415 19.77 22.35 -45.62
CA LEU D 415 20.65 22.40 -44.47
C LEU D 415 22.10 22.68 -44.84
N SER D 416 22.37 22.97 -46.11
CA SER D 416 23.72 23.20 -46.58
C SER D 416 24.31 24.46 -45.95
N PRO D 417 25.65 24.56 -45.91
CA PRO D 417 26.27 25.79 -45.39
C PRO D 417 25.89 27.02 -46.20
N GLN D 418 25.70 26.86 -47.51
CA GLN D 418 25.39 28.00 -48.36
C GLN D 418 24.06 28.65 -47.97
N ASN D 419 23.05 27.84 -47.66
CA ASN D 419 21.77 28.38 -47.22
C ASN D 419 21.88 29.08 -45.87
N PHE D 420 22.82 28.66 -45.03
CA PHE D 420 22.97 29.20 -43.69
C PHE D 420 23.88 30.42 -43.64
N LEU D 421 24.33 30.93 -44.79
CA LEU D 421 25.05 32.20 -44.82
C LEU D 421 24.18 33.35 -44.32
N VAL D 422 22.86 33.19 -44.38
CA VAL D 422 21.92 34.21 -43.93
C VAL D 422 21.45 33.87 -42.53
N ASP D 423 21.63 34.80 -41.60
CA ASP D 423 21.12 34.63 -40.25
C ASP D 423 19.59 34.67 -40.27
N ARG D 424 18.96 33.63 -39.72
CA ARG D 424 17.51 33.52 -39.81
C ARG D 424 16.75 34.54 -38.97
N ASN D 425 17.30 34.96 -37.82
CA ASN D 425 16.58 35.96 -37.03
C ASN D 425 16.63 37.33 -37.71
N ASN D 426 17.79 37.73 -38.21
CA ASN D 426 17.98 39.08 -38.73
C ASN D 426 17.85 39.17 -40.24
N GLY D 427 18.15 38.09 -40.97
CA GLY D 427 18.26 38.19 -42.41
C GLY D 427 19.60 38.69 -42.89
N ARG D 428 20.48 39.05 -41.96
CA ARG D 428 21.81 39.54 -42.28
C ARG D 428 22.74 38.35 -42.55
N PHE D 429 23.95 38.65 -43.03
CA PHE D 429 24.95 37.62 -43.23
C PHE D 429 25.40 37.08 -41.87
N ASN D 430 25.62 35.78 -41.80
CA ASN D 430 26.00 35.11 -40.56
C ASN D 430 27.51 35.12 -40.39
N GLY D 431 27.97 35.71 -39.28
CA GLY D 431 29.39 35.71 -38.96
C GLY D 431 29.95 34.34 -38.67
N ASP D 432 29.07 33.36 -38.42
CA ASP D 432 29.54 32.00 -38.16
C ASP D 432 30.32 31.45 -39.34
N PHE D 433 29.96 31.85 -40.55
CA PHE D 433 30.61 31.40 -41.77
C PHE D 433 31.60 32.43 -42.31
N ASP D 434 31.89 33.47 -41.54
CA ASP D 434 32.79 34.53 -41.98
C ASP D 434 34.25 34.11 -41.74
N LEU D 435 35.16 35.02 -42.04
CA LEU D 435 36.58 34.77 -41.83
C LEU D 435 36.90 34.66 -40.34
N GLN D 436 37.81 33.75 -40.00
CA GLN D 436 38.18 33.48 -38.63
C GLN D 436 39.53 34.13 -38.30
N LYS D 437 40.17 33.66 -37.23
CA LYS D 437 41.31 34.38 -36.66
C LYS D 437 42.46 34.48 -37.63
N ASP D 438 42.96 33.34 -38.13
CA ASP D 438 44.09 33.36 -39.04
C ASP D 438 43.72 34.05 -40.35
N GLN D 439 42.48 33.85 -40.80
CA GLN D 439 42.05 34.41 -42.08
C GLN D 439 41.93 35.93 -42.01
N ILE D 440 41.40 36.45 -40.91
CA ILE D 440 41.22 37.89 -40.77
C ILE D 440 42.57 38.62 -40.80
N LEU D 441 43.57 38.06 -40.13
CA LEU D 441 44.87 38.73 -40.04
C LEU D 441 45.50 38.93 -41.41
N GLY D 442 45.43 37.92 -42.27
CA GLY D 442 46.03 38.05 -43.60
C GLY D 442 45.38 39.15 -44.42
N ILE D 443 44.04 39.21 -44.40
CA ILE D 443 43.34 40.27 -45.11
C ILE D 443 43.64 41.62 -44.48
N PHE D 444 43.79 41.67 -43.16
CA PHE D 444 44.12 42.92 -42.48
C PHE D 444 45.49 43.44 -42.91
N ILE D 445 46.49 42.56 -42.95
CA ILE D 445 47.81 42.98 -43.41
C ILE D 445 47.76 43.46 -44.85
N LEU D 446 46.92 42.83 -45.67
CA LEU D 446 46.78 43.22 -47.07
C LEU D 446 46.20 44.62 -47.19
N ASN D 447 45.09 44.89 -46.48
CA ASN D 447 44.36 46.13 -46.65
C ASN D 447 44.76 47.22 -45.68
N ASN D 448 45.15 46.87 -44.47
CA ASN D 448 45.42 47.87 -43.44
C ASN D 448 46.90 47.89 -43.06
N MET E 1 -79.94 -14.27 20.37
CA MET E 1 -79.18 -14.73 21.52
C MET E 1 -77.96 -13.83 21.75
N ILE E 2 -76.96 -14.37 22.47
CA ILE E 2 -75.78 -13.58 22.79
C ILE E 2 -75.01 -13.22 21.52
N SER E 3 -74.85 -14.19 20.60
CA SER E 3 -74.12 -13.91 19.37
C SER E 3 -74.84 -12.88 18.51
N ASN E 4 -76.17 -12.99 18.43
CA ASN E 4 -76.94 -12.02 17.66
C ASN E 4 -76.83 -10.63 18.27
N PHE E 5 -76.87 -10.55 19.61
CA PHE E 5 -76.67 -9.27 20.27
C PHE E 5 -75.29 -8.71 19.97
N ARG E 6 -74.27 -9.58 19.91
CA ARG E 6 -72.92 -9.12 19.62
C ARG E 6 -72.82 -8.58 18.20
N LYS E 7 -73.47 -9.25 17.24
CA LYS E 7 -73.50 -8.73 15.87
C LYS E 7 -74.23 -7.39 15.80
N PHE E 8 -75.35 -7.28 16.51
CA PHE E 8 -76.11 -6.02 16.54
C PHE E 8 -75.25 -4.89 17.12
N HIS E 9 -74.54 -5.18 18.21
CA HIS E 9 -73.67 -4.19 18.84
C HIS E 9 -72.53 -3.79 17.91
N GLY E 10 -71.93 -4.76 17.23
CA GLY E 10 -70.86 -4.46 16.29
C GLY E 10 -71.34 -3.58 15.15
N ASN E 11 -72.54 -3.84 14.65
CA ASN E 11 -73.09 -3.01 13.58
C ASN E 11 -73.47 -1.63 14.11
N LYS E 12 -73.79 -1.52 15.40
CA LYS E 12 -74.19 -0.24 15.98
C LYS E 12 -73.03 0.48 16.65
N ASN E 13 -71.79 0.11 16.34
CA ASN E 13 -70.64 0.70 17.01
C ASN E 13 -70.55 2.19 16.74
N GLN E 14 -70.81 2.61 15.50
CA GLN E 14 -70.74 3.97 14.97
C GLN E 14 -69.29 4.41 14.76
N GLU E 15 -68.32 3.64 15.23
CA GLU E 15 -66.91 3.86 14.94
C GLU E 15 -66.48 2.76 13.98
N LYS E 16 -66.25 3.12 12.73
CA LYS E 16 -66.03 2.16 11.66
C LYS E 16 -64.63 2.35 11.10
N PHE E 17 -63.96 1.24 10.82
CA PHE E 17 -62.64 1.31 10.22
C PHE E 17 -62.75 1.85 8.81
N ASN E 18 -61.72 2.57 8.38
CA ASN E 18 -61.73 3.16 7.04
C ASN E 18 -61.45 2.06 6.03
N GLU E 19 -62.51 1.58 5.36
CA GLU E 19 -62.35 0.53 4.37
C GLU E 19 -61.47 0.98 3.21
N ASN E 20 -61.49 2.28 2.90
CA ASN E 20 -60.70 2.79 1.80
C ASN E 20 -59.21 2.62 2.06
N LEU E 21 -58.79 2.74 3.31
CA LEU E 21 -57.39 2.52 3.65
C LEU E 21 -57.01 1.05 3.53
N ILE E 22 -57.88 0.15 4.02
CA ILE E 22 -57.57 -1.27 4.00
C ILE E 22 -57.43 -1.78 2.57
N LEU E 23 -58.25 -1.26 1.65
CA LEU E 23 -58.31 -1.76 0.29
C LEU E 23 -57.65 -0.81 -0.72
N ASN E 24 -56.84 0.14 -0.24
CA ASN E 24 -56.17 1.07 -1.15
C ASN E 24 -55.22 0.33 -2.08
N LYS E 25 -54.72 -0.83 -1.66
CA LYS E 25 -53.82 -1.62 -2.51
C LYS E 25 -54.50 -2.03 -3.81
N GLU E 26 -55.77 -2.42 -3.75
CA GLU E 26 -56.47 -2.84 -4.95
C GLU E 26 -56.75 -1.66 -5.87
N ASN E 27 -57.10 -0.51 -5.31
CA ASN E 27 -57.44 0.68 -6.09
C ASN E 27 -56.23 1.51 -6.47
N GLU E 28 -55.02 1.03 -6.19
CA GLU E 28 -53.81 1.69 -6.64
C GLU E 28 -53.45 1.20 -8.04
N SER E 29 -52.98 2.12 -8.88
CA SER E 29 -52.74 1.84 -10.29
C SER E 29 -51.25 1.84 -10.58
N ILE E 30 -50.79 0.78 -11.24
CA ILE E 30 -49.38 0.67 -11.61
C ILE E 30 -49.00 1.68 -12.68
N LEU E 31 -49.94 2.00 -13.58
CA LEU E 31 -49.63 2.85 -14.73
C LEU E 31 -49.24 4.26 -14.29
N ASN E 32 -49.88 4.77 -13.23
CA ASN E 32 -49.60 6.13 -12.76
C ASN E 32 -48.13 6.28 -12.38
N TYR E 33 -47.55 5.27 -11.75
CA TYR E 33 -46.13 5.33 -11.40
C TYR E 33 -45.24 4.93 -12.57
N LEU E 34 -45.74 4.05 -13.44
CA LEU E 34 -44.93 3.57 -14.56
C LEU E 34 -44.66 4.66 -15.60
N ASP E 35 -45.64 5.52 -15.85
CA ASP E 35 -45.52 6.47 -16.96
C ASP E 35 -44.33 7.42 -16.86
N PRO E 36 -44.07 8.12 -15.75
CA PRO E 36 -42.89 9.01 -15.73
C PRO E 36 -41.58 8.24 -15.83
N ILE E 37 -41.52 7.07 -15.19
CA ILE E 37 -40.33 6.22 -15.28
C ILE E 37 -40.06 5.86 -16.73
N CYS E 38 -41.13 5.63 -17.49
CA CYS E 38 -40.98 5.39 -18.93
C CYS E 38 -40.53 6.65 -19.67
N LYS E 39 -41.03 7.81 -19.25
CA LYS E 39 -40.64 9.07 -19.90
C LYS E 39 -39.18 9.42 -19.64
N THR E 40 -38.57 8.76 -18.66
CA THR E 40 -37.12 8.85 -18.53
C THR E 40 -36.45 8.39 -19.81
N LEU E 41 -37.05 7.46 -20.54
CA LEU E 41 -36.54 7.13 -21.87
C LEU E 41 -36.82 8.24 -22.87
N GLU E 42 -37.96 8.94 -22.71
CA GLU E 42 -38.31 10.04 -23.60
C GLU E 42 -37.38 11.22 -23.44
N ILE E 43 -36.59 11.27 -22.38
CA ILE E 43 -35.65 12.39 -22.24
C ILE E 43 -34.77 12.51 -23.48
N ILE E 44 -34.39 11.37 -24.07
CA ILE E 44 -33.70 11.43 -25.38
C ILE E 44 -34.73 11.74 -26.46
N PRO E 45 -34.46 12.70 -27.35
CA PRO E 45 -35.50 13.10 -28.33
C PRO E 45 -35.89 12.01 -29.31
N GLU E 46 -34.96 11.13 -29.70
CA GLU E 46 -35.27 10.12 -30.71
C GLU E 46 -36.41 9.21 -30.25
N ILE E 47 -36.35 8.75 -29.01
CA ILE E 47 -37.36 7.84 -28.48
C ILE E 47 -38.57 8.64 -28.01
N THR E 48 -39.75 8.24 -28.45
CA THR E 48 -41.01 8.82 -27.97
C THR E 48 -41.89 7.72 -27.40
N TYR E 49 -42.36 7.93 -26.18
CA TYR E 49 -43.11 6.94 -25.42
C TYR E 49 -44.60 7.20 -25.59
N LEU E 50 -45.33 6.21 -26.10
CA LEU E 50 -46.75 6.39 -26.33
C LEU E 50 -47.56 6.20 -25.06
N GLY E 51 -47.34 5.11 -24.35
CA GLY E 51 -48.14 4.83 -23.18
C GLY E 51 -47.83 3.47 -22.60
N SER E 52 -48.55 3.15 -21.53
CA SER E 52 -48.45 1.84 -20.91
C SER E 52 -49.85 1.40 -20.54
N SER E 53 -50.10 0.10 -20.67
CA SER E 53 -51.40 -0.47 -20.33
C SER E 53 -51.20 -1.82 -19.65
N VAL E 54 -51.91 -2.02 -18.55
CA VAL E 54 -51.89 -3.29 -17.83
C VAL E 54 -53.14 -4.08 -18.21
N GLU E 55 -52.94 -5.24 -18.82
CA GLU E 55 -54.03 -6.10 -19.21
C GLU E 55 -53.76 -7.49 -18.67
N PRO E 56 -54.77 -8.16 -18.12
CA PRO E 56 -54.55 -9.53 -17.64
C PRO E 56 -54.19 -10.45 -18.78
N ILE E 57 -53.28 -11.39 -18.50
CA ILE E 57 -52.93 -12.40 -19.49
C ILE E 57 -54.14 -13.31 -19.69
N ASN E 58 -54.68 -13.29 -20.91
CA ASN E 58 -55.96 -13.95 -21.21
C ASN E 58 -55.77 -14.80 -22.47
N LYS E 59 -55.02 -15.89 -22.32
CA LYS E 59 -54.72 -16.80 -23.42
C LYS E 59 -55.08 -18.21 -23.01
N VAL E 60 -55.89 -18.87 -23.84
CA VAL E 60 -56.29 -20.25 -23.59
C VAL E 60 -55.16 -21.19 -24.02
N TYR E 61 -54.85 -22.16 -23.18
CA TYR E 61 -53.79 -23.11 -23.49
C TYR E 61 -54.24 -24.08 -24.57
N LYS E 62 -53.34 -24.36 -25.52
CA LYS E 62 -53.59 -25.28 -26.61
C LYS E 62 -52.53 -26.37 -26.55
N PHE E 63 -52.93 -27.61 -26.86
CA PHE E 63 -52.02 -28.75 -26.79
C PHE E 63 -50.76 -28.45 -27.59
N ASN E 64 -49.61 -28.66 -26.97
CA ASN E 64 -48.33 -28.33 -27.57
C ASN E 64 -47.66 -29.60 -28.08
N LYS E 65 -47.39 -29.65 -29.39
CA LYS E 65 -46.67 -30.77 -29.95
C LYS E 65 -45.25 -30.84 -29.38
N GLU E 66 -44.60 -29.69 -29.24
CA GLU E 66 -43.26 -29.60 -28.69
C GLU E 66 -43.29 -29.64 -27.16
N GLU E 67 -42.16 -30.02 -26.57
CA GLU E 67 -42.04 -30.10 -25.12
C GLU E 67 -42.15 -28.71 -24.49
N LYS E 68 -42.84 -28.65 -23.34
CA LYS E 68 -43.03 -27.42 -22.60
C LYS E 68 -42.72 -27.67 -21.13
N THR E 69 -42.05 -26.72 -20.49
CA THR E 69 -41.59 -26.86 -19.11
C THR E 69 -42.43 -26.00 -18.18
N SER E 70 -43.00 -26.62 -17.14
CA SER E 70 -43.80 -25.95 -16.13
C SER E 70 -43.20 -26.21 -14.75
N ASP E 71 -43.04 -25.14 -13.98
CA ASP E 71 -42.43 -25.22 -12.66
C ASP E 71 -43.41 -25.73 -11.60
N ILE E 72 -42.88 -26.47 -10.63
CA ILE E 72 -43.68 -26.94 -9.50
C ILE E 72 -44.20 -25.76 -8.68
N GLU E 73 -43.32 -24.80 -8.40
CA GLU E 73 -43.70 -23.62 -7.65
C GLU E 73 -44.54 -22.71 -8.52
N ARG E 74 -45.65 -22.23 -7.98
CA ARG E 74 -46.62 -21.47 -8.76
C ARG E 74 -46.53 -20.00 -8.40
N SER E 75 -46.56 -19.15 -9.42
CA SER E 75 -46.56 -17.70 -9.26
C SER E 75 -47.75 -17.12 -10.00
N GLU E 76 -48.51 -16.28 -9.31
CA GLU E 76 -49.62 -15.57 -9.95
C GLU E 76 -49.08 -14.24 -10.48
N LEU E 77 -48.99 -14.12 -11.79
CA LEU E 77 -48.33 -13.00 -12.43
C LEU E 77 -49.25 -12.39 -13.48
N GLN E 78 -48.95 -11.15 -13.86
CA GLN E 78 -49.70 -10.42 -14.85
C GLN E 78 -48.71 -9.79 -15.82
N LEU E 79 -49.20 -9.47 -17.02
CA LEU E 79 -48.37 -8.90 -18.07
C LEU E 79 -48.71 -7.43 -18.21
N ILE E 80 -47.69 -6.57 -18.16
CA ILE E 80 -47.84 -5.13 -18.39
C ILE E 80 -47.17 -4.80 -19.71
N LYS E 81 -47.85 -3.97 -20.51
CA LYS E 81 -47.42 -3.59 -21.84
C LYS E 81 -46.91 -2.16 -21.81
N MET E 82 -45.71 -1.95 -22.35
CA MET E 82 -45.11 -0.63 -22.51
C MET E 82 -45.00 -0.38 -24.00
N SER E 83 -45.82 0.55 -24.51
CA SER E 83 -45.90 0.83 -25.93
C SER E 83 -45.18 2.14 -26.22
N PHE E 84 -44.24 2.09 -27.17
CA PHE E 84 -43.44 3.24 -27.55
C PHE E 84 -43.53 3.40 -29.06
N LEU E 85 -43.57 4.64 -29.51
CA LEU E 85 -43.46 4.94 -30.94
C LEU E 85 -42.26 5.88 -31.07
N ILE E 86 -41.19 5.38 -31.66
CA ILE E 86 -39.95 6.12 -31.82
C ILE E 86 -40.01 6.79 -33.20
N GLU E 87 -40.10 8.11 -33.21
CA GLU E 87 -40.21 8.88 -34.44
C GLU E 87 -39.07 9.86 -34.56
N LYS E 88 -38.39 9.82 -35.69
CA LYS E 88 -37.31 10.74 -36.01
C LYS E 88 -37.29 10.89 -37.52
N ASP E 89 -36.59 11.91 -37.99
CA ASP E 89 -36.48 12.14 -39.43
C ASP E 89 -35.77 10.97 -40.11
N ASP E 90 -34.78 10.38 -39.43
CA ASP E 90 -34.05 9.25 -40.00
C ASP E 90 -34.93 8.01 -40.13
N LYS E 91 -35.75 7.71 -39.12
CA LYS E 91 -36.59 6.51 -39.17
C LYS E 91 -37.71 6.63 -38.16
N LYS E 92 -38.70 5.73 -38.29
CA LYS E 92 -39.83 5.62 -37.37
C LYS E 92 -40.13 4.15 -37.13
N GLU E 93 -40.10 3.73 -35.87
CA GLU E 93 -40.30 2.35 -35.47
C GLU E 93 -41.22 2.26 -34.26
N GLU E 94 -41.95 1.15 -34.14
CA GLU E 94 -42.80 0.89 -32.99
C GLU E 94 -42.15 -0.18 -32.10
N ILE E 95 -41.97 0.13 -30.82
CA ILE E 95 -41.40 -0.80 -29.85
C ILE E 95 -42.46 -1.16 -28.82
N ASN E 96 -42.81 -2.44 -28.73
CA ASN E 96 -43.75 -2.93 -27.72
C ASN E 96 -43.00 -3.88 -26.79
N LYS E 97 -42.95 -3.54 -25.50
CA LYS E 97 -42.19 -4.31 -24.51
C LYS E 97 -43.15 -4.89 -23.49
N PHE E 98 -42.99 -6.18 -23.18
CA PHE E 98 -43.83 -6.87 -22.22
C PHE E 98 -43.03 -7.20 -20.97
N ILE E 99 -43.56 -6.82 -19.81
CA ILE E 99 -42.89 -7.08 -18.53
C ILE E 99 -43.84 -7.81 -17.60
N TYR E 100 -43.32 -8.81 -16.89
CA TYR E 100 -44.11 -9.56 -15.92
C TYR E 100 -44.08 -8.83 -14.57
N PHE E 101 -45.26 -8.64 -13.98
CA PHE E 101 -45.39 -7.97 -12.69
C PHE E 101 -46.39 -8.73 -11.82
N PRO E 102 -46.16 -8.81 -10.51
CA PRO E 102 -47.07 -9.59 -9.66
C PRO E 102 -48.48 -9.02 -9.65
N LYS E 103 -49.45 -9.93 -9.50
CA LYS E 103 -50.86 -9.60 -9.49
C LYS E 103 -51.43 -9.76 -8.09
N LEU E 104 -52.31 -8.85 -7.70
CA LEU E 104 -52.89 -8.88 -6.36
C LEU E 104 -53.90 -10.00 -6.22
N ILE E 105 -53.78 -10.78 -5.16
CA ILE E 105 -54.71 -11.85 -4.82
C ILE E 105 -55.30 -11.55 -3.45
N ASP E 106 -56.62 -11.60 -3.36
CA ASP E 106 -57.39 -11.33 -2.15
C ASP E 106 -57.23 -9.88 -1.68
N SER E 107 -56.72 -9.01 -2.54
CA SER E 107 -56.66 -7.56 -2.39
C SER E 107 -55.52 -7.12 -1.45
N GLN E 108 -54.77 -8.04 -0.86
CA GLN E 108 -53.73 -7.65 0.08
C GLN E 108 -52.41 -8.40 -0.05
N TYR E 109 -52.29 -9.39 -0.93
CA TYR E 109 -51.02 -10.11 -1.00
C TYR E 109 -50.74 -10.59 -2.42
N PHE E 110 -49.52 -11.06 -2.62
CA PHE E 110 -49.01 -11.61 -3.86
C PHE E 110 -48.57 -13.05 -3.61
N ILE E 111 -48.71 -13.90 -4.63
CA ILE E 111 -48.19 -15.26 -4.59
C ILE E 111 -47.17 -15.39 -5.72
N ILE E 112 -45.90 -15.52 -5.36
CA ILE E 112 -44.82 -15.64 -6.33
C ILE E 112 -43.80 -16.66 -5.85
N ASN E 113 -43.26 -17.44 -6.79
CA ASN E 113 -42.28 -18.48 -6.50
C ASN E 113 -42.78 -19.46 -5.44
N GLY E 114 -44.09 -19.73 -5.47
CA GLY E 114 -44.67 -20.67 -4.54
C GLY E 114 -44.79 -20.15 -3.13
N ASN E 115 -44.51 -18.87 -2.90
CA ASN E 115 -44.55 -18.29 -1.57
C ASN E 115 -45.47 -17.08 -1.54
N ARG E 116 -46.01 -16.82 -0.36
CA ARG E 116 -46.98 -15.75 -0.12
C ARG E 116 -46.24 -14.54 0.43
N TYR E 117 -46.16 -13.48 -0.37
CA TYR E 117 -45.48 -12.26 0.00
C TYR E 117 -46.49 -11.13 0.14
N TYR E 118 -46.36 -10.34 1.20
CA TYR E 118 -47.27 -9.24 1.43
C TYR E 118 -46.55 -7.92 1.20
N PRO E 119 -47.11 -7.02 0.40
CA PRO E 119 -46.50 -5.69 0.24
C PRO E 119 -46.80 -4.81 1.44
N ILE E 120 -45.78 -4.11 1.92
CA ILE E 120 -45.89 -3.28 3.11
C ILE E 120 -45.57 -1.84 2.73
N TYR E 121 -46.35 -0.91 3.30
CA TYR E 121 -46.15 0.51 3.03
C TYR E 121 -44.82 0.98 3.60
N GLN E 122 -44.25 2.01 2.96
CA GLN E 122 -43.01 2.61 3.40
C GLN E 122 -43.23 4.09 3.71
N LEU E 123 -42.61 4.56 4.79
CA LEU E 123 -42.68 5.95 5.21
C LEU E 123 -41.46 6.69 4.67
N LEU E 124 -41.70 7.77 3.94
CA LEU E 124 -40.64 8.50 3.27
C LEU E 124 -40.91 10.00 3.40
N ASP E 125 -39.86 10.80 3.18
CA ASP E 125 -39.99 12.25 3.27
C ASP E 125 -40.58 12.83 1.99
N SER E 126 -41.47 13.81 2.16
CA SER E 126 -42.16 14.41 1.03
C SER E 126 -41.21 15.17 0.13
N GLY E 127 -40.42 16.07 0.70
CA GLY E 127 -39.48 16.85 -0.08
C GLY E 127 -38.80 17.88 0.80
N THR E 128 -37.80 18.52 0.21
CA THR E 128 -37.01 19.56 0.89
C THR E 128 -36.48 19.06 2.23
N TYR E 129 -35.97 17.84 2.24
CA TYR E 129 -35.47 17.29 3.49
C TYR E 129 -34.07 17.83 3.79
N ARG E 130 -33.88 18.17 5.07
CA ARG E 130 -32.65 18.77 5.57
C ARG E 130 -31.56 17.72 5.75
N THR E 131 -30.32 18.15 5.51
CA THR E 131 -29.14 17.37 5.80
C THR E 131 -28.06 18.35 6.21
N ASN E 132 -26.99 17.84 6.83
CA ASN E 132 -25.96 18.73 7.34
C ASN E 132 -25.41 19.59 6.22
N LYS E 133 -25.50 20.91 6.40
CA LYS E 133 -25.03 21.92 5.45
C LYS E 133 -25.77 21.88 4.11
N ALA E 134 -26.99 21.34 4.05
CA ALA E 134 -27.65 21.21 2.76
C ALA E 134 -29.15 21.00 2.93
N LEU E 135 -29.87 21.36 1.87
CA LEU E 135 -31.30 21.10 1.74
C LEU E 135 -31.53 20.44 0.39
N THR E 136 -32.18 19.28 0.37
CA THR E 136 -32.31 18.54 -0.88
C THR E 136 -33.74 18.09 -1.14
N LEU E 137 -34.12 18.12 -2.41
CA LEU E 137 -35.38 17.57 -2.89
C LEU E 137 -35.10 16.37 -3.79
N LYS E 138 -35.74 15.25 -3.50
CA LYS E 138 -35.49 14.00 -4.22
C LYS E 138 -36.26 13.99 -5.53
N THR E 139 -35.60 13.51 -6.58
CA THR E 139 -36.20 13.37 -7.90
C THR E 139 -35.95 11.96 -8.42
N LEU E 140 -36.68 11.62 -9.48
CA LEU E 140 -36.58 10.27 -10.05
C LEU E 140 -35.17 9.97 -10.55
N LEU E 141 -34.54 10.95 -11.19
CA LEU E 141 -33.22 10.71 -11.78
C LEU E 141 -32.11 11.18 -10.83
N MET E 142 -31.91 12.50 -10.74
CA MET E 142 -30.85 13.05 -9.92
C MET E 142 -31.44 13.98 -8.85
N PRO E 143 -31.24 13.70 -7.57
CA PRO E 143 -31.77 14.58 -6.52
C PRO E 143 -31.10 15.95 -6.56
N ILE E 144 -31.91 16.99 -6.34
CA ILE E 144 -31.42 18.37 -6.41
C ILE E 144 -31.03 18.83 -5.01
N VAL E 145 -29.75 19.15 -4.84
CA VAL E 145 -29.15 19.45 -3.53
C VAL E 145 -28.62 20.87 -3.54
N LEU E 146 -28.95 21.65 -2.51
CA LEU E 146 -28.37 22.97 -2.29
C LEU E 146 -27.52 22.92 -1.04
N ARG E 147 -26.21 23.20 -1.17
CA ARG E 147 -25.26 23.10 -0.08
C ARG E 147 -24.79 24.49 0.33
N GLU E 148 -24.55 24.69 1.63
CA GLU E 148 -24.22 25.99 2.16
C GLU E 148 -22.79 26.03 2.70
N LYS E 149 -22.15 27.19 2.56
CA LYS E 149 -20.80 27.40 3.10
C LYS E 149 -20.66 28.87 3.48
N LYS E 150 -19.82 29.15 4.46
CA LYS E 150 -19.68 30.50 4.98
C LYS E 150 -18.32 31.09 4.60
N GLU E 151 -18.34 32.31 4.09
CA GLU E 151 -17.12 33.00 3.66
C GLU E 151 -17.17 34.45 4.13
N THR E 152 -15.98 35.02 4.28
CA THR E 152 -15.83 36.40 4.74
C THR E 152 -16.05 37.39 3.59
N PHE E 153 -16.73 38.48 3.88
CA PHE E 153 -16.97 39.53 2.90
C PHE E 153 -16.85 40.87 3.62
N ASP E 154 -16.07 41.78 3.06
CA ASP E 154 -15.78 43.06 3.71
C ASP E 154 -16.19 44.22 2.82
N ASP E 155 -17.00 45.12 3.35
CA ASP E 155 -17.33 46.30 2.56
C ASP E 155 -16.20 47.33 2.67
N ILE E 156 -16.24 48.33 1.79
CA ILE E 156 -15.21 49.37 1.78
C ILE E 156 -15.18 50.14 3.10
N ASN E 157 -16.32 50.23 3.79
CA ASN E 157 -16.37 50.95 5.06
C ASN E 157 -15.51 50.29 6.14
N GLY E 158 -15.07 49.07 5.92
CA GLY E 158 -14.31 48.32 6.90
C GLY E 158 -15.11 47.32 7.70
N GLU E 159 -16.42 47.22 7.46
CA GLU E 159 -17.22 46.21 8.14
C GLU E 159 -17.01 44.87 7.46
N THR E 160 -16.54 43.88 8.23
CA THR E 160 -16.30 42.53 7.74
C THR E 160 -17.35 41.61 8.35
N HIS E 161 -18.15 41.00 7.49
CA HIS E 161 -19.18 40.06 7.91
C HIS E 161 -19.03 38.74 7.16
N THR E 162 -19.27 37.64 7.85
CA THR E 162 -19.27 36.32 7.24
C THR E 162 -20.70 35.98 6.84
N MET E 163 -20.90 35.59 5.59
CA MET E 163 -22.25 35.33 5.11
C MET E 163 -22.32 33.99 4.40
N LEU E 164 -23.53 33.48 4.30
CA LEU E 164 -23.77 32.15 3.77
C LEU E 164 -23.90 32.22 2.26
N ASN E 165 -23.19 31.33 1.58
CA ASN E 165 -23.20 31.18 0.13
C ASN E 165 -23.74 29.80 -0.19
N VAL E 166 -24.74 29.73 -1.05
CA VAL E 166 -25.40 28.48 -1.41
C VAL E 166 -24.97 28.10 -2.82
N ASP E 167 -24.46 26.88 -2.95
CA ASP E 167 -24.06 26.33 -4.24
C ASP E 167 -24.89 25.08 -4.50
N LEU E 168 -25.45 24.98 -5.69
CA LEU E 168 -26.14 23.77 -6.10
C LEU E 168 -25.13 22.69 -6.42
N ASP E 169 -25.30 21.52 -5.79
CA ASP E 169 -24.49 20.33 -6.05
C ASP E 169 -25.20 19.46 -7.07
N LEU E 170 -24.87 19.63 -8.34
CA LEU E 170 -25.51 18.88 -9.39
C LEU E 170 -24.50 18.55 -10.49
N PHE E 171 -24.76 17.44 -11.19
CA PHE E 171 -23.93 17.00 -12.31
C PHE E 171 -22.46 16.92 -11.89
N LYS E 172 -22.24 16.46 -10.66
CA LYS E 172 -20.91 16.25 -10.10
C LYS E 172 -20.14 17.56 -9.95
N SER E 173 -20.83 18.66 -9.66
CA SER E 173 -20.13 19.91 -9.41
C SER E 173 -20.91 20.75 -8.41
N LYS E 174 -20.16 21.52 -7.60
CA LYS E 174 -20.70 22.47 -6.64
C LYS E 174 -20.58 23.85 -7.28
N VAL E 175 -21.66 24.29 -7.94
CA VAL E 175 -21.66 25.54 -8.69
C VAL E 175 -22.67 26.48 -8.05
N PRO E 176 -22.32 27.74 -7.79
CA PRO E 176 -23.31 28.70 -7.28
C PRO E 176 -24.57 28.69 -8.12
N PHE E 177 -25.72 28.81 -7.45
CA PHE E 177 -26.99 28.58 -8.14
C PHE E 177 -27.26 29.64 -9.20
N LEU E 178 -26.89 30.91 -8.92
CA LEU E 178 -27.25 32.00 -9.82
C LEU E 178 -26.68 31.80 -11.21
N ILE E 179 -25.53 31.12 -11.32
CA ILE E 179 -24.91 30.97 -12.63
C ILE E 179 -25.82 30.15 -13.53
N TYR E 180 -26.47 29.12 -12.97
CA TYR E 180 -27.45 28.37 -13.75
C TYR E 180 -28.49 29.32 -14.32
N PHE E 181 -29.04 30.18 -13.46
CA PHE E 181 -30.03 31.14 -13.93
C PHE E 181 -29.43 32.07 -14.98
N PHE E 182 -28.21 32.54 -14.73
CA PHE E 182 -27.55 33.43 -15.69
C PHE E 182 -27.44 32.75 -17.04
N SER E 183 -27.22 31.43 -17.05
CA SER E 183 -27.03 30.71 -18.30
C SER E 183 -28.29 30.74 -19.16
N LYS E 184 -29.47 30.80 -18.55
CA LYS E 184 -30.71 30.83 -19.31
C LYS E 184 -31.34 32.21 -19.36
N PHE E 185 -31.56 32.83 -18.20
CA PHE E 185 -32.26 34.10 -18.14
C PHE E 185 -31.35 35.27 -18.50
N GLY E 186 -30.09 35.21 -18.10
CA GLY E 186 -29.21 36.36 -18.18
C GLY E 186 -29.20 37.13 -16.87
N PHE E 187 -28.18 37.98 -16.73
CA PHE E 187 -28.02 38.72 -15.47
C PHE E 187 -29.25 39.59 -15.21
N GLU E 188 -29.65 40.39 -16.19
CA GLU E 188 -30.87 41.19 -16.06
C GLU E 188 -32.09 40.29 -15.92
N GLY E 189 -32.13 39.20 -16.71
CA GLY E 189 -33.25 38.29 -16.63
C GLY E 189 -33.33 37.57 -15.29
N THR E 190 -32.18 37.17 -14.74
CA THR E 190 -32.17 36.55 -13.42
C THR E 190 -32.62 37.55 -12.36
N LEU E 191 -32.16 38.80 -12.46
CA LEU E 191 -32.59 39.82 -11.50
C LEU E 191 -34.10 40.03 -11.56
N GLU E 192 -34.67 40.00 -12.76
CA GLU E 192 -36.11 40.14 -12.90
C GLU E 192 -36.85 38.91 -12.36
N TYR E 193 -36.32 37.72 -12.64
CA TYR E 193 -36.94 36.49 -12.16
C TYR E 193 -37.01 36.48 -10.63
N PHE E 194 -35.91 36.85 -9.98
CA PHE E 194 -35.94 36.98 -8.53
C PHE E 194 -36.59 38.29 -8.08
N GLY E 195 -36.80 39.24 -8.99
CA GLY E 195 -37.44 40.50 -8.64
C GLY E 195 -36.59 41.44 -7.82
N LEU E 196 -35.26 41.32 -7.92
CA LEU E 196 -34.33 42.11 -7.12
C LEU E 196 -33.69 43.25 -7.91
N GLN E 197 -34.25 43.61 -9.07
CA GLN E 197 -33.60 44.60 -9.94
C GLN E 197 -33.44 45.95 -9.25
N ASP E 198 -34.48 46.42 -8.56
CA ASP E 198 -34.39 47.74 -7.95
C ASP E 198 -33.42 47.74 -6.77
N LEU E 199 -33.40 46.66 -5.98
CA LEU E 199 -32.56 46.63 -4.79
C LEU E 199 -31.08 46.52 -5.15
N ILE E 200 -30.75 45.74 -6.18
CA ILE E 200 -29.37 45.48 -6.56
C ILE E 200 -29.09 46.15 -7.90
N HIS E 201 -28.03 46.96 -7.93
CA HIS E 201 -27.65 47.73 -9.11
C HIS E 201 -26.16 47.52 -9.39
N VAL E 202 -25.79 47.66 -10.65
CA VAL E 202 -24.40 47.56 -11.07
C VAL E 202 -23.97 48.90 -11.67
N LEU E 203 -22.84 49.42 -11.20
CA LEU E 203 -22.35 50.72 -11.65
C LEU E 203 -20.85 50.67 -11.94
N MET E 204 -20.42 51.61 -12.78
CA MET E 204 -19.01 51.80 -13.06
C MET E 204 -18.36 52.57 -11.91
N LYS E 205 -17.03 52.63 -11.93
CA LYS E 205 -16.29 53.32 -10.88
C LYS E 205 -16.70 54.79 -10.82
N GLU E 206 -16.77 55.43 -11.98
CA GLU E 206 -17.14 56.84 -12.03
C GLU E 206 -18.56 57.04 -11.53
N ASP E 207 -19.47 56.14 -11.89
CA ASP E 207 -20.83 56.20 -11.35
C ASP E 207 -20.86 55.93 -9.85
N LEU E 208 -20.00 55.03 -9.36
CA LEU E 208 -19.95 54.78 -7.93
C LEU E 208 -19.56 56.02 -7.17
N ASP E 209 -18.52 56.74 -7.63
CA ASP E 209 -18.16 58.00 -7.00
C ASP E 209 -19.23 59.07 -7.24
N GLN E 210 -19.92 59.01 -8.39
CA GLN E 210 -20.88 60.04 -8.74
C GLN E 210 -22.14 60.00 -7.88
N LEU E 211 -22.47 58.83 -7.33
CA LEU E 211 -23.67 58.73 -6.51
C LEU E 211 -23.53 59.63 -5.29
N ASP E 212 -24.65 60.22 -4.87
CA ASP E 212 -24.63 61.11 -3.72
C ASP E 212 -24.16 60.35 -2.48
N GLU E 213 -23.29 60.99 -1.70
CA GLU E 213 -22.69 60.31 -0.55
C GLU E 213 -23.76 59.93 0.48
N ASP E 214 -24.76 60.79 0.68
CA ASP E 214 -25.85 60.40 1.57
C ASP E 214 -26.57 59.18 1.02
N GLU E 215 -26.85 59.19 -0.29
CA GLU E 215 -27.39 57.99 -0.94
C GLU E 215 -26.42 56.82 -0.83
N ILE E 216 -25.12 57.08 -0.90
CA ILE E 216 -24.13 56.01 -0.80
C ILE E 216 -24.20 55.33 0.56
N ASN E 217 -24.31 56.09 1.63
CA ASN E 217 -24.45 55.49 2.95
C ASN E 217 -25.84 54.89 3.16
N ASP E 218 -26.85 55.40 2.45
CA ASP E 218 -28.21 54.89 2.63
C ASP E 218 -28.32 53.43 2.20
N ASN E 219 -27.65 53.06 1.11
CA ASN E 219 -27.70 51.70 0.57
C ASN E 219 -26.30 51.09 0.62
N VAL E 220 -26.22 49.85 1.11
CA VAL E 220 -24.93 49.20 1.27
C VAL E 220 -24.31 48.93 -0.10
N ILE E 221 -22.98 48.98 -0.16
CA ILE E 221 -22.26 48.81 -1.41
C ILE E 221 -21.14 47.80 -1.24
N PHE E 222 -20.90 47.00 -2.28
CA PHE E 222 -19.81 46.05 -2.32
C PHE E 222 -19.01 46.25 -3.59
N MET E 223 -17.72 45.99 -3.51
CA MET E 223 -16.78 46.21 -4.60
C MET E 223 -16.41 44.89 -5.26
N ILE E 224 -16.91 44.66 -6.48
CA ILE E 224 -16.40 43.54 -7.26
C ILE E 224 -14.92 43.77 -7.55
N THR E 225 -14.59 44.99 -7.96
CA THR E 225 -13.23 45.43 -8.20
C THR E 225 -13.24 46.94 -7.95
N LYS E 226 -12.06 47.55 -8.00
CA LYS E 226 -12.01 49.01 -7.87
C LYS E 226 -12.83 49.71 -8.94
N ASN E 227 -12.92 49.13 -10.13
CA ASN E 227 -13.66 49.72 -11.26
C ASN E 227 -15.10 49.23 -11.37
N ILE E 228 -15.51 48.29 -10.53
CA ILE E 228 -16.84 47.68 -10.61
C ILE E 228 -17.56 47.94 -9.28
N SER E 229 -18.86 48.26 -9.36
CA SER E 229 -19.62 48.57 -8.16
C SER E 229 -20.93 47.79 -8.12
N LEU E 230 -21.25 47.27 -6.94
CA LEU E 230 -22.47 46.52 -6.66
C LEU E 230 -23.20 47.26 -5.56
N VAL E 231 -24.47 47.58 -5.79
CA VAL E 231 -25.27 48.34 -4.83
C VAL E 231 -26.41 47.44 -4.36
N VAL E 232 -26.58 47.35 -3.04
CA VAL E 232 -27.59 46.53 -2.39
C VAL E 232 -28.36 47.41 -1.44
N ASP E 233 -29.67 47.20 -1.34
CA ASP E 233 -30.46 47.93 -0.37
C ASP E 233 -30.14 47.47 1.04
N LYS E 234 -30.13 48.41 1.99
CA LYS E 234 -29.82 48.06 3.37
C LYS E 234 -30.85 47.08 3.93
N ASN E 235 -32.13 47.33 3.65
CA ASN E 235 -33.18 46.43 4.12
C ASN E 235 -33.02 45.04 3.51
N PHE E 236 -32.62 44.98 2.24
CA PHE E 236 -32.30 43.68 1.64
C PHE E 236 -31.11 43.04 2.35
N PHE E 237 -30.11 43.83 2.73
CA PHE E 237 -28.95 43.29 3.42
C PHE E 237 -29.33 42.73 4.79
N SER E 238 -30.33 43.31 5.45
CA SER E 238 -30.69 42.88 6.79
C SER E 238 -31.12 41.42 6.81
N ASN E 239 -31.89 40.98 5.82
CA ASN E 239 -32.39 39.61 5.79
C ASN E 239 -31.26 38.62 5.56
N LYS E 240 -31.22 37.56 6.36
CA LYS E 240 -30.17 36.56 6.23
C LYS E 240 -30.31 35.78 4.93
N ASN E 241 -31.54 35.46 4.54
CA ASN E 241 -31.77 34.74 3.28
C ASN E 241 -31.34 35.58 2.09
N ASN E 242 -31.72 36.86 2.11
CA ASN E 242 -31.25 37.79 1.08
C ASN E 242 -29.73 37.92 1.13
N GLN E 243 -29.15 37.83 2.33
CA GLN E 243 -27.69 37.79 2.46
C GLN E 243 -27.11 36.58 1.74
N ILE E 244 -27.78 35.43 1.82
CA ILE E 244 -27.31 34.26 1.09
C ILE E 244 -27.30 34.54 -0.41
N ILE E 245 -28.38 35.15 -0.90
CA ILE E 245 -28.45 35.46 -2.33
C ILE E 245 -27.31 36.39 -2.75
N ILE E 246 -27.12 37.48 -1.99
CA ILE E 246 -26.11 38.47 -2.38
C ILE E 246 -24.70 37.89 -2.25
N ALA E 247 -24.45 37.07 -1.23
CA ALA E 247 -23.13 36.45 -1.10
C ALA E 247 -22.86 35.52 -2.27
N THR E 248 -23.88 34.78 -2.72
CA THR E 248 -23.71 33.96 -3.90
C THR E 248 -23.39 34.82 -5.12
N LEU E 249 -24.05 35.98 -5.23
CA LEU E 249 -23.75 36.87 -6.35
C LEU E 249 -22.28 37.31 -6.32
N LEU E 250 -21.79 37.70 -5.13
CA LEU E 250 -20.39 38.11 -5.03
C LEU E 250 -19.45 36.96 -5.36
N ASN E 251 -19.78 35.74 -4.94
CA ASN E 251 -18.95 34.58 -5.30
C ASN E 251 -18.98 34.33 -6.80
N CYS E 252 -20.13 34.57 -7.44
CA CYS E 252 -20.21 34.44 -8.90
C CYS E 252 -19.31 35.46 -9.58
N PHE E 253 -19.23 36.67 -9.03
CA PHE E 253 -18.44 37.74 -9.63
C PHE E 253 -17.01 37.61 -9.10
N ASN E 254 -16.12 37.10 -9.95
CA ASN E 254 -14.71 37.17 -9.60
C ASN E 254 -14.16 38.54 -9.98
N THR E 255 -13.06 38.92 -9.31
CA THR E 255 -12.49 40.24 -9.54
C THR E 255 -12.04 40.41 -10.99
N ARG E 256 -11.58 39.32 -11.63
CA ARG E 256 -11.08 39.38 -12.99
C ARG E 256 -12.25 39.25 -13.98
N ILE E 257 -13.09 40.28 -14.02
CA ILE E 257 -14.19 40.34 -14.97
C ILE E 257 -14.28 41.75 -15.51
N LYS E 258 -14.89 41.86 -16.68
CA LYS E 258 -15.15 43.15 -17.30
C LYS E 258 -16.67 43.36 -17.32
N ILE E 259 -17.08 44.61 -17.10
CA ILE E 259 -18.50 44.91 -16.96
C ILE E 259 -19.28 44.58 -18.22
N ASP E 260 -18.62 44.65 -19.38
CA ASP E 260 -19.32 44.38 -20.64
C ASP E 260 -19.85 42.95 -20.70
N LYS E 261 -19.06 41.98 -20.23
CA LYS E 261 -19.45 40.58 -20.29
C LYS E 261 -20.54 40.21 -19.29
N ILE E 262 -20.71 40.99 -18.22
CA ILE E 262 -21.71 40.65 -17.20
C ILE E 262 -23.10 40.54 -17.83
N TYR E 263 -23.41 41.43 -18.78
CA TYR E 263 -24.70 41.42 -19.44
C TYR E 263 -24.73 40.50 -20.66
N GLU E 264 -23.66 39.73 -20.88
CA GLU E 264 -23.60 38.75 -21.97
C GLU E 264 -23.87 37.37 -21.39
N LYS E 265 -24.93 36.72 -21.88
CA LYS E 265 -25.36 35.43 -21.35
C LYS E 265 -24.37 34.32 -21.66
N ASP E 266 -23.83 34.30 -22.87
CA ASP E 266 -22.99 33.17 -23.28
C ASP E 266 -21.71 33.08 -22.46
N TYR E 267 -21.22 34.21 -21.93
CA TYR E 267 -20.11 34.15 -21.00
C TYR E 267 -20.48 33.34 -19.75
N TRP E 268 -21.68 33.58 -19.22
CA TRP E 268 -22.12 32.81 -18.06
C TRP E 268 -22.33 31.35 -18.40
N VAL E 269 -22.82 31.07 -19.62
CA VAL E 269 -22.95 29.69 -20.06
C VAL E 269 -21.58 29.01 -20.07
N LYS E 270 -20.57 29.71 -20.59
CA LYS E 270 -19.21 29.16 -20.61
C LYS E 270 -18.66 28.98 -19.20
N LYS E 271 -18.97 29.92 -18.30
CA LYS E 271 -18.53 29.79 -16.92
C LYS E 271 -19.13 28.55 -16.27
N LEU E 272 -20.43 28.31 -16.50
CA LEU E 272 -21.06 27.09 -16.01
C LEU E 272 -20.41 25.85 -16.61
N GLY E 273 -20.15 25.87 -17.92
CA GLY E 273 -19.53 24.72 -18.56
C GLY E 273 -18.12 24.42 -18.07
N GLY E 274 -17.38 25.47 -17.68
CA GLY E 274 -16.00 25.28 -17.27
C GLY E 274 -15.84 24.37 -16.06
N TYR E 275 -16.81 24.39 -15.14
CA TYR E 275 -16.77 23.49 -14.00
C TYR E 275 -16.72 22.04 -14.44
N PHE E 276 -17.49 21.68 -15.46
CA PHE E 276 -17.57 20.29 -15.89
C PHE E 276 -16.44 19.90 -16.83
N THR E 277 -16.05 20.80 -17.74
CA THR E 277 -15.00 20.52 -18.72
C THR E 277 -13.86 21.52 -18.52
N THR E 278 -12.63 21.02 -18.56
CA THR E 278 -11.46 21.87 -18.34
C THR E 278 -11.14 22.75 -19.54
N ASN E 279 -11.26 22.20 -20.74
CA ASN E 279 -10.92 22.95 -21.95
C ASN E 279 -11.80 24.18 -22.11
N ASN E 280 -11.16 25.31 -22.44
CA ASN E 280 -11.87 26.56 -22.61
C ASN E 280 -12.53 26.66 -23.98
N SER E 281 -12.21 25.75 -24.90
CA SER E 281 -12.73 25.83 -26.25
C SER E 281 -14.08 25.15 -26.40
N ASN E 282 -14.36 24.12 -25.61
CA ASN E 282 -15.64 23.43 -25.64
C ASN E 282 -16.60 23.86 -24.54
N LYS E 283 -16.20 24.83 -23.71
CA LYS E 283 -16.97 25.16 -22.52
C LYS E 283 -18.42 25.43 -22.86
N GLN E 284 -18.64 26.26 -23.88
CA GLN E 284 -19.98 26.68 -24.22
C GLN E 284 -20.89 25.48 -24.44
N GLU E 285 -20.42 24.52 -25.25
CA GLU E 285 -21.27 23.38 -25.56
C GLU E 285 -21.66 22.65 -24.29
N LYS E 286 -20.67 22.39 -23.42
CA LYS E 286 -20.98 21.66 -22.19
C LYS E 286 -22.03 22.41 -21.39
N GLY E 287 -21.88 23.72 -21.27
CA GLY E 287 -22.84 24.48 -20.50
C GLY E 287 -24.24 24.29 -21.03
N GLU E 288 -24.39 24.39 -22.36
CA GLU E 288 -25.72 24.24 -22.94
C GLU E 288 -26.27 22.85 -22.64
N GLY E 289 -25.43 21.82 -22.79
CA GLY E 289 -25.89 20.49 -22.49
C GLY E 289 -26.32 20.37 -21.04
N ILE E 290 -25.56 20.98 -20.13
CA ILE E 290 -25.90 20.91 -18.72
C ILE E 290 -27.25 21.53 -18.48
N ILE E 291 -27.54 22.65 -19.16
CA ILE E 291 -28.84 23.28 -18.99
C ILE E 291 -29.95 22.30 -19.33
N LEU E 292 -29.78 21.55 -20.41
CA LEU E 292 -30.80 20.59 -20.80
C LEU E 292 -31.01 19.57 -19.69
N SER E 293 -29.91 19.02 -19.16
CA SER E 293 -30.03 18.07 -18.07
C SER E 293 -30.69 18.71 -16.86
N PHE E 294 -30.37 19.99 -16.61
CA PHE E 294 -31.00 20.69 -15.50
C PHE E 294 -32.52 20.68 -15.68
N GLU E 295 -32.98 20.97 -16.90
CA GLU E 295 -34.42 20.97 -17.16
C GLU E 295 -35.01 19.58 -17.00
N ARG E 296 -34.22 18.54 -17.26
CA ARG E 296 -34.70 17.17 -17.09
C ARG E 296 -34.87 16.79 -15.63
N ILE E 297 -34.19 17.50 -14.70
CA ILE E 297 -34.22 17.10 -13.29
C ILE E 297 -35.65 16.95 -12.78
N LEU E 298 -36.48 17.97 -13.01
CA LEU E 298 -37.84 17.95 -12.51
C LEU E 298 -38.73 17.07 -13.38
N ASP E 299 -39.46 16.15 -12.75
CA ASP E 299 -40.37 15.25 -13.44
C ASP E 299 -41.80 15.49 -12.98
N GLU E 300 -42.75 15.00 -13.78
CA GLU E 300 -44.16 15.23 -13.48
C GLU E 300 -44.55 14.62 -12.14
N TRP E 301 -43.97 13.47 -11.79
CA TRP E 301 -44.33 12.82 -10.53
C TRP E 301 -43.88 13.65 -9.33
N THR E 302 -42.65 14.18 -9.38
CA THR E 302 -42.18 15.04 -8.29
C THR E 302 -43.01 16.31 -8.21
N LYS E 303 -43.43 16.86 -9.35
CA LYS E 303 -44.31 18.02 -9.32
C LYS E 303 -45.64 17.67 -8.64
N LYS E 304 -46.19 16.51 -8.97
CA LYS E 304 -47.45 16.08 -8.35
C LYS E 304 -47.29 15.90 -6.85
N ILE E 305 -46.18 15.27 -6.44
CA ILE E 305 -45.93 15.06 -5.01
C ILE E 305 -45.72 16.40 -4.31
N LEU E 306 -45.03 17.33 -4.98
CA LEU E 306 -44.67 18.60 -4.35
C LEU E 306 -45.93 19.33 -3.89
N ARG E 307 -45.83 19.97 -2.73
CA ARG E 307 -46.97 20.62 -2.08
C ARG E 307 -46.66 22.09 -1.90
N THR E 308 -46.57 22.81 -3.02
CA THR E 308 -46.37 24.25 -3.00
C THR E 308 -47.08 24.83 -4.22
N GLU E 309 -47.12 26.17 -4.28
CA GLU E 309 -47.83 26.85 -5.34
C GLU E 309 -47.33 26.42 -6.71
N GLU E 310 -48.26 26.28 -7.66
CA GLU E 310 -47.91 25.75 -8.98
C GLU E 310 -46.88 26.63 -9.67
N LYS E 311 -46.88 27.94 -9.37
CA LYS E 311 -45.85 28.81 -9.91
C LYS E 311 -44.46 28.36 -9.50
N ASN E 312 -44.32 27.82 -8.29
CA ASN E 312 -43.05 27.31 -7.81
C ASN E 312 -42.71 25.94 -8.36
N LYS E 313 -43.69 25.25 -8.96
CA LYS E 313 -43.49 23.90 -9.50
C LYS E 313 -43.47 23.89 -11.03
N GLU E 314 -43.42 25.06 -11.67
CA GLU E 314 -43.53 25.10 -13.12
C GLU E 314 -42.35 24.39 -13.80
N ASP E 315 -41.13 24.66 -13.33
CA ASP E 315 -39.95 24.11 -13.95
C ASP E 315 -38.84 24.08 -12.90
N ILE E 316 -37.70 23.51 -13.29
CA ILE E 316 -36.58 23.38 -12.37
C ILE E 316 -36.17 24.75 -11.83
N TYR E 317 -36.21 25.78 -12.69
CA TYR E 317 -35.83 27.11 -12.26
C TYR E 317 -36.75 27.61 -11.16
N SER E 318 -38.06 27.41 -11.33
CA SER E 318 -39.03 27.84 -10.32
C SER E 318 -38.82 27.10 -9.00
N VAL E 319 -38.53 25.80 -9.08
CA VAL E 319 -38.32 25.02 -7.86
C VAL E 319 -37.09 25.51 -7.12
N VAL E 320 -35.99 25.77 -7.84
CA VAL E 320 -34.78 26.26 -7.19
C VAL E 320 -35.03 27.64 -6.57
N ARG E 321 -35.76 28.49 -7.29
CA ARG E 321 -36.06 29.81 -6.75
C ARG E 321 -36.87 29.71 -5.47
N TRP E 322 -37.90 28.86 -5.48
CA TRP E 322 -38.72 28.69 -4.28
C TRP E 322 -37.90 28.15 -3.13
N MET E 323 -37.03 27.16 -3.39
CA MET E 323 -36.22 26.59 -2.33
C MET E 323 -35.28 27.62 -1.74
N ILE E 324 -34.67 28.46 -2.60
CA ILE E 324 -33.74 29.48 -2.10
C ILE E 324 -34.48 30.54 -1.30
N ASN E 325 -35.65 30.99 -1.77
CA ASN E 325 -36.37 32.04 -1.08
C ASN E 325 -36.83 31.61 0.31
N ASN E 326 -37.20 30.34 0.46
CA ASN E 326 -37.64 29.82 1.75
C ASN E 326 -36.63 28.84 2.35
N TYR E 327 -35.35 29.01 2.00
CA TYR E 327 -34.31 28.10 2.47
C TYR E 327 -34.22 28.09 3.99
N LEU E 328 -34.20 29.28 4.60
CA LEU E 328 -33.97 29.38 6.04
C LEU E 328 -35.08 28.68 6.83
N ALA E 329 -36.34 28.90 6.45
CA ALA E 329 -37.44 28.24 7.14
C ALA E 329 -37.45 26.74 6.88
N LEU E 330 -37.23 26.34 5.62
CA LEU E 330 -37.35 24.92 5.27
C LEU E 330 -36.24 24.07 5.87
N VAL E 331 -35.03 24.61 6.03
CA VAL E 331 -33.95 23.82 6.59
C VAL E 331 -34.26 23.36 8.01
N LYS E 332 -34.97 24.18 8.79
CA LYS E 332 -35.40 23.80 10.14
C LYS E 332 -36.84 23.32 10.09
N GLN E 333 -37.01 22.05 9.74
CA GLN E 333 -38.31 21.40 9.72
C GLN E 333 -38.20 20.07 10.44
N ASP E 334 -39.28 19.68 11.13
CA ASP E 334 -39.25 18.50 11.98
C ASP E 334 -39.10 17.24 11.13
N ASN E 335 -38.11 16.42 11.49
CA ASN E 335 -37.85 15.20 10.75
C ASN E 335 -38.99 14.20 10.86
N MET E 336 -39.60 14.10 12.04
CA MET E 336 -40.59 13.06 12.30
C MET E 336 -42.04 13.50 12.10
N ASN E 337 -42.30 14.79 11.92
CA ASN E 337 -43.66 15.26 11.75
C ASN E 337 -44.27 14.65 10.49
N LEU E 338 -45.45 14.03 10.65
CA LEU E 338 -46.08 13.32 9.54
C LEU E 338 -46.55 14.27 8.44
N ALA E 339 -46.64 15.57 8.72
CA ALA E 339 -46.93 16.52 7.65
C ALA E 339 -45.83 16.55 6.61
N ASN E 340 -44.57 16.35 7.03
CA ASN E 340 -43.44 16.34 6.12
C ASN E 340 -43.14 14.95 5.56
N LYS E 341 -44.06 14.00 5.73
CA LYS E 341 -43.82 12.62 5.32
C LYS E 341 -45.03 12.08 4.58
N ARG E 342 -44.83 10.93 3.95
CA ARG E 342 -45.86 10.25 3.16
C ARG E 342 -45.61 8.75 3.23
N ILE E 343 -46.59 7.98 2.78
CA ILE E 343 -46.46 6.52 2.68
C ILE E 343 -46.63 6.12 1.22
N ARG E 344 -45.77 5.21 0.77
CA ARG E 344 -45.76 4.75 -0.62
C ARG E 344 -45.69 3.23 -0.67
N LEU E 345 -46.27 2.65 -1.73
CA LEU E 345 -46.28 1.20 -1.87
C LEU E 345 -45.76 0.70 -3.22
N TYR E 346 -46.40 1.10 -4.32
CA TYR E 346 -46.07 0.52 -5.62
C TYR E 346 -44.83 1.16 -6.25
N GLU E 347 -44.51 2.40 -5.86
CA GLU E 347 -43.40 3.12 -6.48
C GLU E 347 -42.08 2.39 -6.26
N TYR E 348 -41.84 1.94 -5.02
CA TYR E 348 -40.58 1.26 -4.76
C TYR E 348 -40.53 -0.08 -5.46
N LEU E 349 -41.70 -0.63 -5.80
CA LEU E 349 -41.75 -1.84 -6.62
C LEU E 349 -41.29 -1.55 -8.04
N LEU E 350 -41.71 -0.42 -8.59
CA LEU E 350 -41.38 -0.11 -9.98
C LEU E 350 -40.03 0.61 -10.15
N HIS E 351 -39.38 1.01 -9.05
CA HIS E 351 -38.15 1.79 -9.17
C HIS E 351 -37.00 1.13 -9.95
N PRO E 352 -36.73 -0.19 -9.83
CA PRO E 352 -35.57 -0.75 -10.57
C PRO E 352 -35.62 -0.53 -12.08
N LEU E 353 -36.83 -0.45 -12.64
CA LEU E 353 -36.96 -0.20 -14.07
C LEU E 353 -36.32 1.11 -14.47
N LEU E 354 -36.37 2.12 -13.58
CA LEU E 354 -35.70 3.39 -13.86
C LEU E 354 -34.19 3.21 -13.96
N ILE E 355 -33.60 2.40 -13.09
CA ILE E 355 -32.17 2.14 -13.16
C ILE E 355 -31.82 1.48 -14.49
N LYS E 356 -32.63 0.50 -14.89
CA LYS E 356 -32.37 -0.18 -16.16
C LYS E 356 -32.45 0.81 -17.32
N PHE E 357 -33.48 1.66 -17.32
CA PHE E 357 -33.62 2.67 -18.37
C PHE E 357 -32.43 3.62 -18.39
N SER E 358 -31.94 4.02 -17.22
CA SER E 358 -30.83 4.98 -17.16
C SER E 358 -29.54 4.36 -17.71
N LYS E 359 -29.28 3.09 -17.37
CA LYS E 359 -28.12 2.41 -17.97
C LYS E 359 -28.25 2.36 -19.49
N GLY E 360 -29.45 2.03 -19.98
CA GLY E 360 -29.64 2.00 -21.42
C GLY E 360 -29.44 3.35 -22.08
N THR E 361 -29.91 4.41 -21.43
CA THR E 361 -29.74 5.77 -21.96
C THR E 361 -28.25 6.12 -22.04
N TYR E 362 -27.48 5.78 -21.00
CA TYR E 362 -26.05 6.06 -21.07
C TYR E 362 -25.40 5.33 -22.23
N ARG E 363 -25.76 4.05 -22.42
CA ARG E 363 -25.17 3.28 -23.50
C ARG E 363 -25.51 3.89 -24.85
N VAL E 364 -26.78 4.25 -25.07
CA VAL E 364 -27.17 4.84 -26.35
C VAL E 364 -26.49 6.18 -26.54
N LEU E 365 -26.36 6.97 -25.47
CA LEU E 365 -25.86 8.33 -25.61
C LEU E 365 -24.38 8.35 -26.00
N ASN E 366 -23.55 7.53 -25.34
CA ASN E 366 -22.11 7.66 -25.56
C ASN E 366 -21.39 6.43 -26.11
N ASN E 367 -21.95 5.22 -25.98
CA ASN E 367 -21.16 4.02 -26.24
C ASN E 367 -20.74 3.91 -27.71
N ARG E 368 -21.66 4.14 -28.64
CA ARG E 368 -21.34 3.83 -30.03
C ARG E 368 -22.03 4.81 -30.98
N ASN E 369 -21.49 4.89 -32.18
CA ASN E 369 -22.04 5.68 -33.27
C ASN E 369 -22.82 4.84 -34.27
N SER E 370 -23.12 3.59 -33.94
CA SER E 370 -23.86 2.72 -34.84
C SER E 370 -25.28 3.24 -35.03
N ASN E 371 -25.99 2.62 -35.98
CA ASN E 371 -27.34 3.03 -36.31
C ASN E 371 -28.21 3.12 -35.06
N LYS E 372 -28.85 4.27 -34.86
CA LYS E 372 -29.53 4.54 -33.60
C LYS E 372 -30.73 3.62 -33.39
N PHE E 373 -31.41 3.22 -34.47
CA PHE E 373 -32.62 2.40 -34.32
C PHE E 373 -32.30 1.08 -33.62
N GLU E 374 -31.29 0.37 -34.11
CA GLU E 374 -30.86 -0.86 -33.46
C GLU E 374 -30.32 -0.59 -32.06
N LYS E 375 -29.63 0.53 -31.88
CA LYS E 375 -29.03 0.83 -30.58
C LYS E 375 -30.09 1.04 -29.50
N ILE E 376 -31.12 1.82 -29.82
CA ILE E 376 -32.23 2.02 -28.88
C ILE E 376 -33.03 0.73 -28.70
N LYS E 377 -33.06 -0.13 -29.73
CA LYS E 377 -33.64 -1.46 -29.53
C LYS E 377 -32.87 -2.27 -28.49
N THR E 378 -31.54 -2.08 -28.43
CA THR E 378 -30.73 -2.84 -27.47
C THR E 378 -31.16 -2.61 -26.03
N ILE E 379 -31.62 -1.40 -25.69
CA ILE E 379 -32.06 -1.13 -24.32
C ILE E 379 -33.16 -2.10 -23.92
N PHE E 380 -34.19 -2.22 -24.76
CA PHE E 380 -35.30 -3.12 -24.46
C PHE E 380 -34.85 -4.57 -24.52
N SER E 381 -33.91 -4.90 -25.42
CA SER E 381 -33.44 -6.28 -25.47
C SER E 381 -32.74 -6.66 -24.17
N ASN E 382 -32.01 -5.71 -23.57
CA ASN E 382 -31.27 -6.00 -22.33
C ASN E 382 -32.22 -6.35 -21.19
N ILE E 383 -33.36 -5.68 -21.11
CA ILE E 383 -34.36 -6.00 -20.08
C ILE E 383 -34.98 -7.36 -20.37
N GLN E 384 -34.98 -8.22 -19.37
CA GLN E 384 -35.64 -9.52 -19.47
C GLN E 384 -37.10 -9.40 -19.05
N GLU E 385 -37.88 -10.43 -19.38
CA GLU E 385 -39.31 -10.40 -19.08
C GLU E 385 -39.57 -10.38 -17.58
N GLY E 386 -38.78 -11.13 -16.81
CA GLY E 386 -39.01 -11.24 -15.38
C GLY E 386 -38.10 -10.37 -14.55
N PHE E 387 -37.55 -9.31 -15.16
CA PHE E 387 -36.62 -8.42 -14.46
C PHE E 387 -37.27 -7.84 -13.21
N LEU E 388 -38.50 -7.35 -13.34
CA LEU E 388 -39.17 -6.73 -12.20
C LEU E 388 -39.44 -7.74 -11.10
N VAL E 389 -39.93 -8.93 -11.45
CA VAL E 389 -40.22 -9.95 -10.44
C VAL E 389 -38.95 -10.38 -9.73
N LYS E 390 -37.89 -10.64 -10.50
CA LYS E 390 -36.63 -11.07 -9.92
C LYS E 390 -36.04 -10.00 -9.00
N LYS E 391 -36.15 -8.73 -9.40
CA LYS E 391 -35.63 -7.66 -8.56
C LYS E 391 -36.46 -7.50 -7.30
N ILE E 392 -37.79 -7.64 -7.42
CA ILE E 392 -38.68 -7.59 -6.27
C ILE E 392 -38.31 -8.67 -5.26
N ILE E 393 -37.96 -9.86 -5.74
CA ILE E 393 -37.65 -10.95 -4.83
C ILE E 393 -36.25 -10.76 -4.23
N ASN E 394 -35.24 -10.59 -5.09
CA ASN E 394 -33.86 -10.54 -4.62
C ASN E 394 -33.62 -9.34 -3.71
N ASN E 395 -34.19 -8.19 -4.04
CA ASN E 395 -34.00 -7.02 -3.18
C ASN E 395 -34.84 -7.08 -1.91
N GLU E 396 -35.74 -8.05 -1.80
CA GLU E 396 -36.54 -8.28 -0.59
C GLU E 396 -37.26 -6.99 -0.16
N LEU E 397 -37.80 -6.28 -1.16
CA LEU E 397 -38.68 -5.16 -0.85
C LEU E 397 -39.96 -5.66 -0.18
N LEU E 398 -40.47 -6.80 -0.63
CA LEU E 398 -41.66 -7.40 -0.06
C LEU E 398 -41.30 -8.20 1.19
N ARG E 399 -42.31 -8.49 1.98
CA ARG E 399 -42.14 -9.20 3.24
C ARG E 399 -42.93 -10.50 3.16
N TYR E 400 -42.26 -11.60 3.47
CA TYR E 400 -42.89 -12.91 3.43
C TYR E 400 -43.93 -13.01 4.53
N ASP E 401 -44.99 -13.79 4.27
CA ASP E 401 -46.05 -14.01 5.23
C ASP E 401 -45.56 -14.99 6.30
N ASN E 402 -44.85 -14.44 7.29
CA ASN E 402 -44.43 -15.20 8.44
C ASN E 402 -45.50 -15.27 9.52
N SER E 403 -46.73 -14.92 9.18
CA SER E 403 -47.81 -14.88 10.17
C SER E 403 -48.12 -16.28 10.68
N VAL E 404 -48.37 -16.37 11.98
CA VAL E 404 -48.80 -17.61 12.62
C VAL E 404 -50.29 -17.56 12.98
N ASN E 405 -51.02 -16.57 12.47
CA ASN E 405 -52.38 -16.30 12.88
C ASN E 405 -53.20 -15.89 11.66
N SER E 406 -54.52 -16.03 11.78
CA SER E 406 -55.43 -15.51 10.76
C SER E 406 -55.64 -14.01 10.88
N ILE E 407 -55.27 -13.41 12.02
CA ILE E 407 -55.40 -11.96 12.19
C ILE E 407 -54.29 -11.31 11.37
N SER E 408 -54.69 -10.60 10.31
CA SER E 408 -53.74 -9.93 9.43
C SER E 408 -53.96 -8.44 9.33
N LEU E 409 -55.03 -7.92 9.94
CA LEU E 409 -55.38 -6.51 9.80
C LEU E 409 -54.26 -5.60 10.33
N PHE E 410 -53.63 -5.99 11.43
CA PHE E 410 -52.59 -5.16 12.02
C PHE E 410 -51.19 -5.69 11.77
N THR E 411 -51.01 -7.00 11.73
CA THR E 411 -49.68 -7.56 11.51
C THR E 411 -49.25 -7.40 10.05
N LEU E 412 -50.18 -7.50 9.09
CA LEU E 412 -49.77 -7.47 7.69
C LEU E 412 -50.54 -6.47 6.84
N ILE E 413 -51.85 -6.35 7.00
CA ILE E 413 -52.65 -5.51 6.10
C ILE E 413 -52.25 -4.05 6.25
N LEU E 414 -52.14 -3.57 7.49
CA LEU E 414 -51.90 -2.15 7.77
C LEU E 414 -50.50 -1.89 8.33
N ARG E 415 -49.52 -2.70 7.93
CA ARG E 415 -48.17 -2.61 8.45
C ARG E 415 -47.36 -1.60 7.63
N TYR E 416 -46.61 -0.75 8.32
CA TYR E 416 -45.74 0.23 7.71
C TYR E 416 -44.32 0.04 8.24
N THR E 417 -43.34 0.40 7.42
CA THR E 417 -41.93 0.30 7.80
C THR E 417 -41.18 1.54 7.36
N GLN E 418 -40.42 2.13 8.29
CA GLN E 418 -39.51 3.21 7.92
C GLN E 418 -38.33 2.68 7.11
N SER E 419 -37.79 1.53 7.49
CA SER E 419 -36.68 0.93 6.77
C SER E 419 -37.11 0.50 5.37
N GLY E 420 -36.22 0.68 4.40
CA GLY E 420 -36.53 0.39 3.02
C GLY E 420 -35.30 0.25 2.16
N PRO E 421 -35.50 -0.03 0.87
CA PRO E 421 -34.36 0.00 -0.08
C PRO E 421 -33.70 1.36 -0.10
N GLN E 422 -34.50 2.43 -0.17
CA GLN E 422 -34.01 3.80 -0.03
C GLN E 422 -34.34 4.20 1.40
N SER E 423 -33.41 3.97 2.31
CA SER E 423 -33.67 4.20 3.73
C SER E 423 -32.69 5.22 4.27
N PRO E 424 -33.15 6.42 4.66
CA PRO E 424 -32.26 7.29 5.46
C PRO E 424 -31.97 6.70 6.82
N PHE E 425 -32.96 6.07 7.43
CA PHE E 425 -32.84 5.45 8.74
C PHE E 425 -32.49 3.98 8.60
N SER E 426 -31.52 3.52 9.39
CA SER E 426 -31.14 2.11 9.39
C SER E 426 -30.70 1.74 10.81
N SER E 427 -30.81 0.44 11.12
CA SER E 427 -30.43 -0.02 12.45
C SER E 427 -28.95 0.22 12.71
N ASN E 428 -28.09 -0.07 11.73
CA ASN E 428 -26.67 0.26 11.89
C ASN E 428 -26.45 1.76 11.87
N SER E 429 -27.22 2.49 11.06
CA SER E 429 -27.11 3.94 11.03
C SER E 429 -27.57 4.59 12.34
N THR E 430 -28.32 3.86 13.16
CA THR E 430 -28.75 4.29 14.50
C THR E 430 -29.43 5.66 14.49
N ASN E 431 -30.47 5.78 13.66
CA ASN E 431 -31.28 7.00 13.63
C ASN E 431 -32.29 6.96 14.77
N ASN E 432 -31.76 7.06 15.99
CA ASN E 432 -32.59 6.95 17.19
C ASN E 432 -33.65 8.03 17.26
N LYS E 433 -33.38 9.22 16.73
CA LYS E 433 -34.39 10.26 16.69
C LYS E 433 -35.62 9.79 15.93
N LEU E 434 -35.41 9.14 14.79
CA LEU E 434 -36.52 8.61 14.01
C LEU E 434 -37.28 7.52 14.76
N ARG E 435 -36.59 6.81 15.67
CA ARG E 435 -37.21 5.70 16.39
C ARG E 435 -38.31 6.13 17.35
N GLY E 436 -38.29 7.38 17.82
CA GLY E 436 -39.24 7.81 18.81
C GLY E 436 -40.61 8.13 18.22
N LEU E 437 -41.50 8.59 19.10
CA LEU E 437 -42.85 8.96 18.72
C LEU E 437 -43.00 10.48 18.71
N HIS E 438 -43.98 10.94 17.95
CA HIS E 438 -44.26 12.36 17.78
C HIS E 438 -45.74 12.62 17.96
N PRO E 439 -46.12 13.78 18.49
CA PRO E 439 -47.54 14.06 18.71
C PRO E 439 -48.37 13.98 17.44
N SER E 440 -47.76 14.19 16.27
CA SER E 440 -48.48 14.04 15.00
C SER E 440 -48.95 12.61 14.78
N TYR E 441 -48.27 11.63 15.38
CA TYR E 441 -48.62 10.23 15.18
C TYR E 441 -50.03 9.90 15.64
N LEU E 442 -50.58 10.68 16.57
CA LEU E 442 -51.88 10.38 17.15
C LEU E 442 -52.98 10.46 16.10
N GLY E 443 -53.75 9.37 15.98
CA GLY E 443 -54.81 9.29 15.00
C GLY E 443 -54.38 8.79 13.65
N ARG E 444 -53.09 8.57 13.43
CA ARG E 444 -52.57 8.15 12.14
C ARG E 444 -51.75 6.86 12.26
N LEU E 445 -50.88 6.80 13.26
CA LEU E 445 -49.99 5.66 13.45
C LEU E 445 -50.22 5.04 14.82
N GLY E 446 -49.73 3.82 14.97
CA GLY E 446 -49.85 3.10 16.23
C GLY E 446 -48.74 3.48 17.19
N LEU E 447 -49.12 3.94 18.39
CA LEU E 447 -48.13 4.44 19.33
C LEU E 447 -47.33 3.30 19.97
N THR E 448 -47.99 2.18 20.27
CA THR E 448 -47.37 1.11 21.04
C THR E 448 -47.01 -0.13 20.21
N SER E 449 -47.28 -0.13 18.92
CA SER E 449 -47.06 -1.32 18.09
C SER E 449 -45.69 -1.22 17.43
N THR E 450 -44.75 -2.03 17.89
CA THR E 450 -43.41 -2.11 17.32
C THR E 450 -42.75 -3.39 17.82
N SER E 451 -41.62 -3.74 17.19
CA SER E 451 -40.85 -4.93 17.54
C SER E 451 -39.60 -4.52 18.30
N ALA E 452 -39.29 -5.26 19.37
CA ALA E 452 -38.12 -4.96 20.19
C ALA E 452 -36.82 -5.14 19.40
N GLY E 453 -36.80 -6.04 18.42
CA GLY E 453 -35.59 -6.27 17.66
C GLY E 453 -35.10 -5.04 16.92
N ASP E 454 -36.02 -4.32 16.27
CA ASP E 454 -35.71 -3.10 15.54
C ASP E 454 -36.76 -2.06 15.91
N PRO E 455 -36.60 -1.41 17.06
CA PRO E 455 -37.62 -0.45 17.51
C PRO E 455 -37.70 0.76 16.61
N GLY E 456 -38.93 1.15 16.28
CA GLY E 456 -39.19 2.28 15.43
C GLY E 456 -39.20 1.99 13.94
N ALA E 457 -38.63 0.85 13.53
CA ALA E 457 -38.58 0.53 12.11
C ALA E 457 -39.96 0.22 11.54
N SER E 458 -40.76 -0.57 12.26
CA SER E 458 -42.04 -1.02 11.75
C SER E 458 -43.14 -0.77 12.76
N GLY E 459 -44.35 -0.53 12.26
CA GLY E 459 -45.49 -0.24 13.10
C GLY E 459 -46.78 -0.52 12.34
N SER E 460 -47.89 -0.24 13.00
CA SER E 460 -49.22 -0.49 12.45
C SER E 460 -49.94 0.83 12.21
N LEU E 461 -50.56 0.96 11.04
CA LEU E 461 -51.37 2.14 10.74
C LEU E 461 -52.69 2.09 11.50
N THR E 462 -53.19 3.27 11.86
CA THR E 462 -54.46 3.38 12.55
C THR E 462 -55.59 2.90 11.64
N PRO E 463 -56.52 2.09 12.16
CA PRO E 463 -57.65 1.65 11.32
C PRO E 463 -58.56 2.78 10.88
N PHE E 464 -58.65 3.87 11.63
CA PHE E 464 -59.53 4.98 11.28
C PHE E 464 -58.84 6.07 10.49
N LEU E 465 -57.59 5.87 10.09
CA LEU E 465 -56.86 6.92 9.38
C LEU E 465 -57.49 7.21 8.03
N GLU E 466 -57.71 8.49 7.76
CA GLU E 466 -58.23 8.96 6.47
C GLU E 466 -57.14 9.75 5.78
N LEU E 467 -56.64 9.22 4.66
CA LEU E 467 -55.63 9.90 3.85
C LEU E 467 -56.31 10.84 2.87
N PRO E 468 -55.94 12.13 2.87
CA PRO E 468 -56.62 13.10 2.00
C PRO E 468 -56.55 12.68 0.53
N GLU E 469 -57.70 12.71 -0.13
CA GLU E 469 -57.75 12.42 -1.55
C GLU E 469 -57.07 13.54 -2.34
N ASN E 470 -56.38 13.16 -3.42
CA ASN E 470 -55.67 14.07 -4.31
C ASN E 470 -54.44 14.69 -3.66
N SER E 471 -53.98 14.11 -2.56
CA SER E 471 -52.74 14.54 -1.91
C SER E 471 -51.64 13.49 -2.04
N TYR E 472 -51.88 12.44 -2.84
CA TYR E 472 -50.88 11.43 -3.18
C TYR E 472 -50.32 10.76 -1.92
N MET E 473 -51.22 10.22 -1.11
CA MET E 473 -50.88 9.44 0.08
C MET E 473 -50.03 10.23 1.07
N HIS E 474 -50.37 11.51 1.25
CA HIS E 474 -49.76 12.35 2.26
C HIS E 474 -50.70 12.41 3.47
N PHE E 475 -50.11 12.35 4.67
CA PHE E 475 -50.93 12.43 5.88
C PHE E 475 -51.65 13.77 5.97
N THR E 476 -50.98 14.85 5.55
CA THR E 476 -51.57 16.17 5.54
C THR E 476 -51.46 16.77 4.14
N GLU E 477 -52.46 17.58 3.78
CA GLU E 477 -52.46 18.24 2.48
C GLU E 477 -51.37 19.31 2.38
N GLU E 478 -51.00 19.92 3.50
CA GLU E 478 -50.08 21.04 3.53
C GLU E 478 -48.83 20.69 4.34
N PRO E 479 -47.70 21.34 4.06
CA PRO E 479 -46.48 21.08 4.83
C PRO E 479 -46.60 21.58 6.26
N GLU E 480 -45.59 21.24 7.07
CA GLU E 480 -45.62 21.60 8.48
C GLU E 480 -45.64 23.11 8.67
N ILE E 481 -44.77 23.82 7.96
CA ILE E 481 -44.62 25.26 8.12
C ILE E 481 -45.58 25.95 7.16
N ASN E 482 -46.47 26.79 7.71
CA ASN E 482 -47.50 27.41 6.90
C ASN E 482 -46.90 28.35 5.86
N LEU E 483 -45.92 29.15 6.26
CA LEU E 483 -45.28 30.14 5.37
C LEU E 483 -46.33 31.07 4.77
N ASN E 484 -47.29 31.47 5.58
CA ASN E 484 -48.35 32.37 5.15
C ASN E 484 -47.84 33.78 4.98
N MET F 1 -41.22 15.84 20.17
CA MET F 1 -40.57 17.08 20.57
C MET F 1 -40.64 17.30 22.07
N ASP F 2 -39.91 18.31 22.54
CA ASP F 2 -39.93 18.62 23.97
C ASP F 2 -41.32 19.02 24.44
N ASP F 3 -42.02 19.82 23.64
CA ASP F 3 -43.36 20.26 23.99
C ASP F 3 -44.37 19.19 23.59
N ILE F 4 -45.23 18.81 24.53
CA ILE F 4 -46.36 17.93 24.27
C ILE F 4 -47.67 18.72 24.31
N SER F 5 -47.58 20.05 24.42
CA SER F 5 -48.75 20.92 24.47
C SER F 5 -49.63 20.84 23.23
N VAL F 6 -49.08 20.34 22.10
CA VAL F 6 -49.89 20.25 20.88
C VAL F 6 -51.09 19.33 21.09
N ILE F 7 -50.91 18.27 21.88
CA ILE F 7 -51.98 17.31 22.12
C ILE F 7 -53.05 17.95 23.00
N LYS F 8 -54.28 18.02 22.49
CA LYS F 8 -55.43 18.51 23.24
C LYS F 8 -56.44 17.39 23.36
N ASN F 9 -56.84 17.11 24.61
CA ASN F 9 -57.65 15.92 24.87
C ASN F 9 -59.07 16.07 24.33
N GLU F 10 -59.61 17.30 24.40
CA GLU F 10 -60.99 17.53 23.96
C GLU F 10 -61.19 17.11 22.51
N ASP F 11 -60.17 17.23 21.67
CA ASP F 11 -60.31 16.84 20.28
C ASP F 11 -60.54 15.34 20.14
N TYR F 12 -59.87 14.53 20.97
CA TYR F 12 -59.96 13.08 20.86
C TYR F 12 -60.96 12.48 21.83
N GLU F 13 -61.81 13.31 22.46
CA GLU F 13 -62.78 12.77 23.41
C GLU F 13 -63.90 12.07 22.64
N GLY F 14 -64.24 10.87 23.07
CA GLY F 14 -65.23 10.07 22.38
C GLY F 14 -64.72 9.35 21.15
N SER F 15 -63.43 9.48 20.82
CA SER F 15 -62.83 8.89 19.64
C SER F 15 -61.71 7.97 20.07
N HIS F 16 -61.69 6.75 19.51
CA HIS F 16 -60.66 5.77 19.77
C HIS F 16 -59.62 5.68 18.66
N ARG F 17 -59.48 6.75 17.86
CA ARG F 17 -58.62 6.69 16.68
C ARG F 17 -57.16 6.47 17.02
N PHE F 18 -56.68 7.00 18.15
CA PHE F 18 -55.25 6.87 18.41
C PHE F 18 -54.85 5.45 18.76
N LEU F 19 -55.81 4.57 19.01
CA LEU F 19 -55.51 3.18 19.28
C LEU F 19 -55.63 2.36 18.00
N ALA F 20 -54.81 1.31 17.91
CA ALA F 20 -54.82 0.45 16.74
C ALA F 20 -55.05 -0.99 17.18
N GLU F 21 -53.97 -1.68 17.56
CA GLU F 21 -54.13 -3.01 18.13
C GLU F 21 -54.74 -2.93 19.51
N GLU F 22 -54.54 -1.81 20.20
CA GLU F 22 -55.07 -1.61 21.54
C GLU F 22 -56.58 -1.43 21.52
N LEU F 23 -57.17 -1.36 20.33
CA LEU F 23 -58.62 -1.38 20.20
C LEU F 23 -59.19 -2.72 20.62
N LEU F 24 -58.34 -3.76 20.70
CA LEU F 24 -58.78 -5.07 21.18
C LEU F 24 -58.56 -5.25 22.67
N MET F 25 -58.03 -4.23 23.36
CA MET F 25 -57.73 -4.32 24.77
C MET F 25 -58.77 -3.57 25.58
N PRO F 26 -59.51 -4.24 26.46
CA PRO F 26 -60.43 -3.51 27.33
C PRO F 26 -59.67 -2.73 28.41
N ASN F 27 -60.28 -1.63 28.85
CA ASN F 27 -59.73 -0.78 29.90
C ASN F 27 -58.26 -0.43 29.62
N ALA F 28 -58.02 0.07 28.41
CA ALA F 28 -56.65 0.35 27.98
C ALA F 28 -56.05 1.55 28.69
N ASN F 29 -56.88 2.47 29.20
CA ASN F 29 -56.34 3.60 29.95
C ASN F 29 -55.61 3.15 31.21
N LYS F 30 -56.01 2.02 31.79
CA LYS F 30 -55.41 1.55 33.03
C LYS F 30 -54.14 0.73 32.83
N THR F 31 -53.83 0.32 31.61
CA THR F 31 -52.69 -0.55 31.37
C THR F 31 -51.50 0.28 30.93
N ASP F 32 -50.32 -0.10 31.42
CA ASP F 32 -49.10 0.63 31.13
C ASP F 32 -48.69 0.45 29.67
N GLY F 33 -47.90 1.41 29.17
CA GLY F 33 -47.46 1.33 27.79
C GLY F 33 -46.60 0.12 27.51
N ASN F 34 -45.77 -0.28 28.47
CA ASN F 34 -44.92 -1.45 28.30
C ASN F 34 -45.77 -2.70 28.10
N ARG F 35 -46.78 -2.87 28.96
CA ARG F 35 -47.67 -4.02 28.84
C ARG F 35 -48.44 -3.96 27.53
N SER F 36 -48.81 -2.75 27.10
CA SER F 36 -49.54 -2.59 25.84
C SER F 36 -48.70 -3.01 24.65
N THR F 37 -47.42 -2.61 24.61
CA THR F 37 -46.58 -3.01 23.49
C THR F 37 -46.33 -4.52 23.52
N MET F 38 -46.22 -5.10 24.72
CA MET F 38 -46.14 -6.56 24.79
C MET F 38 -47.40 -7.20 24.25
N PHE F 39 -48.56 -6.62 24.53
CA PHE F 39 -49.82 -7.16 24.00
C PHE F 39 -49.87 -7.06 22.49
N CYS F 40 -49.40 -5.94 21.92
CA CYS F 40 -49.37 -5.80 20.48
C CYS F 40 -48.50 -6.88 19.84
N SER F 41 -47.36 -7.18 20.47
CA SER F 41 -46.55 -8.28 19.96
C SER F 41 -47.26 -9.63 20.12
N HIS F 42 -47.95 -9.82 21.25
CA HIS F 42 -48.60 -11.10 21.53
C HIS F 42 -49.69 -11.39 20.53
N LEU F 43 -50.42 -10.35 20.10
CA LEU F 43 -51.49 -10.55 19.13
C LEU F 43 -50.96 -11.17 17.85
N ALA F 44 -49.79 -10.73 17.39
CA ALA F 44 -49.15 -11.36 16.24
C ALA F 44 -48.62 -12.74 16.61
N GLN F 45 -48.19 -12.94 17.85
CA GLN F 45 -47.70 -14.25 18.26
C GLN F 45 -48.81 -15.24 18.59
N ALA F 46 -50.06 -14.80 18.63
CA ALA F 46 -51.17 -15.67 18.99
C ALA F 46 -51.43 -16.73 17.91
N VAL F 47 -51.85 -17.91 18.35
CA VAL F 47 -52.16 -19.02 17.46
C VAL F 47 -53.65 -19.31 17.51
N THR F 48 -54.18 -19.84 16.41
CA THR F 48 -55.60 -20.12 16.28
C THR F 48 -56.02 -21.22 17.26
N LEU F 49 -57.22 -21.07 17.82
CA LEU F 49 -57.75 -22.00 18.82
C LEU F 49 -59.01 -22.66 18.28
N GLN F 50 -59.12 -23.97 18.49
CA GLN F 50 -60.25 -24.73 17.94
C GLN F 50 -61.57 -24.25 18.51
N LYS F 51 -61.63 -23.98 19.80
CA LYS F 51 -62.86 -23.67 20.51
C LYS F 51 -62.92 -22.20 20.92
N ALA F 52 -62.45 -21.32 20.04
CA ALA F 52 -62.40 -19.90 20.35
C ALA F 52 -63.80 -19.34 20.57
N GLU F 53 -63.90 -18.39 21.50
CA GLU F 53 -65.15 -17.81 21.95
C GLU F 53 -65.07 -16.29 21.87
N PRO F 54 -66.20 -15.63 21.63
CA PRO F 54 -66.23 -14.17 21.77
C PRO F 54 -66.01 -13.77 23.22
N PRO F 55 -65.21 -12.73 23.47
CA PRO F 55 -64.89 -12.36 24.85
C PRO F 55 -66.12 -11.94 25.64
N LEU F 56 -66.18 -12.37 26.91
CA LEU F 56 -67.25 -11.89 27.79
C LEU F 56 -67.14 -10.39 28.02
N VAL F 57 -65.93 -9.89 28.24
CA VAL F 57 -65.68 -8.45 28.31
C VAL F 57 -65.06 -8.03 26.99
N TYR F 58 -65.79 -7.24 26.21
CA TYR F 58 -65.38 -6.94 24.83
C TYR F 58 -65.37 -5.44 24.60
N THR F 59 -64.60 -5.03 23.60
CA THR F 59 -64.48 -3.63 23.21
C THR F 59 -65.42 -3.26 22.07
N ASN F 60 -66.04 -4.23 21.41
CA ASN F 60 -67.00 -4.13 20.32
C ASN F 60 -66.31 -3.89 18.98
N PHE F 61 -64.98 -3.85 18.94
CA PHE F 61 -64.27 -3.80 17.67
C PHE F 61 -63.76 -5.17 17.22
N GLU F 62 -63.88 -6.18 18.09
CA GLU F 62 -63.30 -7.49 17.79
C GLU F 62 -63.91 -8.06 16.51
N ASN F 63 -65.23 -7.99 16.40
CA ASN F 63 -65.89 -8.50 15.20
C ASN F 63 -65.38 -7.79 13.96
N GLN F 64 -65.14 -6.48 14.06
CA GLN F 64 -64.62 -5.76 12.90
C GLN F 64 -63.25 -6.28 12.51
N VAL F 65 -62.42 -6.61 13.51
CA VAL F 65 -61.11 -7.19 13.22
C VAL F 65 -61.28 -8.51 12.47
N GLY F 66 -62.32 -9.27 12.81
CA GLY F 66 -62.59 -10.48 12.06
C GLY F 66 -63.02 -10.21 10.64
N LYS F 67 -63.80 -9.14 10.42
CA LYS F 67 -64.30 -8.85 9.08
C LYS F 67 -63.18 -8.42 8.15
N TYR F 68 -62.33 -7.49 8.60
CA TYR F 68 -61.32 -6.90 7.73
C TYR F 68 -60.04 -7.73 7.64
N SER F 69 -59.93 -8.79 8.42
CA SER F 69 -58.84 -9.76 8.27
C SER F 69 -59.35 -10.87 7.36
N THR F 70 -59.05 -10.74 6.06
CA THR F 70 -59.66 -11.60 5.05
C THR F 70 -59.06 -13.01 5.02
N ALA F 71 -57.97 -13.25 5.74
CA ALA F 71 -57.33 -14.57 5.70
C ALA F 71 -58.17 -15.65 6.35
N GLY F 72 -59.11 -15.28 7.22
CA GLY F 72 -59.84 -16.28 7.99
C GLY F 72 -61.16 -16.76 7.41
N TYR F 73 -61.79 -15.95 6.56
CA TYR F 73 -63.09 -16.33 6.00
C TYR F 73 -63.13 -15.91 4.53
N ARG F 74 -63.97 -16.63 3.77
CA ARG F 74 -64.22 -16.33 2.37
C ARG F 74 -65.64 -15.80 2.22
N LYS F 75 -65.77 -14.57 1.73
CA LYS F 75 -67.06 -13.96 1.46
C LYS F 75 -67.21 -13.75 -0.03
N ALA F 76 -68.37 -14.14 -0.56
CA ALA F 76 -68.69 -13.86 -1.95
C ALA F 76 -68.77 -12.36 -2.18
N ASN F 77 -68.34 -11.93 -3.36
CA ASN F 77 -68.41 -10.53 -3.74
C ASN F 77 -69.51 -10.27 -4.76
N SER F 78 -70.29 -11.29 -5.11
CA SER F 78 -71.40 -11.16 -6.05
C SER F 78 -72.33 -12.36 -5.86
N ASN F 79 -73.51 -12.25 -6.44
CA ASN F 79 -74.44 -13.37 -6.45
C ASN F 79 -73.98 -14.45 -7.42
N TYR F 80 -73.97 -15.70 -6.97
CA TYR F 80 -73.47 -16.79 -7.77
C TYR F 80 -74.47 -17.94 -7.77
N LYS F 81 -74.34 -18.81 -8.77
CA LYS F 81 -75.17 -20.00 -8.91
C LYS F 81 -74.26 -21.18 -9.21
N VAL F 82 -74.52 -22.30 -8.55
CA VAL F 82 -73.62 -23.44 -8.61
C VAL F 82 -73.83 -24.16 -9.94
N ILE F 83 -72.85 -24.04 -10.84
CA ILE F 83 -72.92 -24.76 -12.10
C ILE F 83 -72.61 -26.23 -11.90
N GLU F 84 -71.51 -26.54 -11.22
CA GLU F 84 -71.13 -27.94 -11.06
C GLU F 84 -70.13 -28.05 -9.91
N LYS F 85 -69.90 -29.30 -9.48
CA LYS F 85 -68.93 -29.60 -8.44
C LYS F 85 -68.06 -30.76 -8.91
N ILE F 86 -66.74 -30.60 -8.81
CA ILE F 86 -65.80 -31.63 -9.21
C ILE F 86 -64.87 -31.92 -8.04
N TYR F 87 -64.54 -33.19 -7.85
CA TYR F 87 -63.75 -33.65 -6.72
C TYR F 87 -62.40 -34.14 -7.19
N LYS F 88 -61.33 -33.67 -6.55
CA LYS F 88 -60.02 -34.27 -6.72
C LYS F 88 -59.78 -35.35 -5.67
N ASN F 89 -60.02 -35.01 -4.40
CA ASN F 89 -59.94 -35.93 -3.29
C ASN F 89 -61.23 -35.81 -2.49
N ASP F 90 -61.41 -36.72 -1.54
CA ASP F 90 -62.53 -36.57 -0.62
C ASP F 90 -62.42 -35.27 0.18
N TYR F 91 -61.19 -34.89 0.55
CA TYR F 91 -60.99 -33.69 1.37
C TYR F 91 -60.99 -32.41 0.54
N ASN F 92 -60.40 -32.44 -0.65
CA ASN F 92 -60.20 -31.25 -1.48
C ASN F 92 -61.05 -31.34 -2.74
N TYR F 93 -61.74 -30.25 -3.08
CA TYR F 93 -62.56 -30.25 -4.29
C TYR F 93 -62.75 -28.83 -4.79
N VAL F 94 -63.29 -28.71 -6.00
CA VAL F 94 -63.52 -27.41 -6.64
C VAL F 94 -64.98 -27.29 -7.04
N LEU F 95 -65.52 -26.09 -6.94
CA LEU F 95 -66.91 -25.79 -7.21
C LEU F 95 -66.96 -24.71 -8.29
N ILE F 96 -67.64 -24.99 -9.40
CA ILE F 96 -67.76 -24.06 -10.51
C ILE F 96 -69.11 -23.36 -10.41
N VAL F 97 -69.08 -22.02 -10.41
CA VAL F 97 -70.26 -21.18 -10.26
C VAL F 97 -70.23 -20.13 -11.35
N GLN F 98 -71.41 -19.55 -11.62
CA GLN F 98 -71.56 -18.48 -12.59
C GLN F 98 -72.26 -17.30 -11.95
N ASP F 99 -71.73 -16.10 -12.17
CA ASP F 99 -72.38 -14.89 -11.68
C ASP F 99 -73.76 -14.77 -12.32
N GLN F 100 -74.78 -14.59 -11.48
CA GLN F 100 -76.15 -14.52 -11.97
C GLN F 100 -76.46 -13.19 -12.66
N GLU F 101 -75.63 -12.17 -12.43
CA GLU F 101 -75.80 -10.89 -13.10
C GLU F 101 -74.77 -10.67 -14.21
N THR F 102 -73.48 -10.65 -13.83
CA THR F 102 -72.43 -10.39 -14.81
C THR F 102 -72.34 -11.52 -15.82
N GLY F 103 -72.60 -12.75 -15.40
CA GLY F 103 -72.39 -13.92 -16.23
C GLY F 103 -70.99 -14.48 -16.20
N GLU F 104 -70.06 -13.82 -15.51
CA GLU F 104 -68.71 -14.33 -15.42
C GLU F 104 -68.68 -15.63 -14.63
N TYR F 105 -67.83 -16.56 -15.07
CA TYR F 105 -67.73 -17.88 -14.47
C TYR F 105 -66.52 -17.92 -13.55
N THR F 106 -66.75 -18.31 -12.30
CA THR F 106 -65.69 -18.34 -11.28
C THR F 106 -65.70 -19.70 -10.61
N LEU F 107 -64.65 -19.96 -9.82
CA LEU F 107 -64.49 -21.21 -9.11
C LEU F 107 -64.08 -20.95 -7.67
N PHE F 108 -64.50 -21.85 -6.78
CA PHE F 108 -64.14 -21.84 -5.37
C PHE F 108 -63.51 -23.17 -4.99
N GLU F 109 -62.44 -23.14 -4.20
CA GLU F 109 -61.75 -24.36 -3.81
C GLU F 109 -62.00 -24.65 -2.33
N ARG F 110 -62.24 -25.92 -2.02
CA ARG F 110 -62.51 -26.35 -0.65
C ARG F 110 -61.41 -27.32 -0.21
N ALA F 111 -60.82 -27.01 0.95
CA ALA F 111 -59.86 -27.87 1.62
C ALA F 111 -60.01 -27.67 3.12
N GLU F 112 -59.61 -28.69 3.89
CA GLU F 112 -59.76 -28.63 5.35
C GLU F 112 -58.77 -27.65 5.99
N CYS F 113 -57.55 -27.57 5.47
CA CYS F 113 -56.49 -26.86 6.18
C CYS F 113 -55.96 -25.70 5.35
N GLU F 114 -55.44 -24.69 6.06
CA GLU F 114 -54.71 -23.58 5.49
C GLU F 114 -53.32 -23.55 6.09
N PHE F 115 -52.31 -23.60 5.22
CA PHE F 115 -50.91 -23.52 5.59
C PHE F 115 -50.47 -22.06 5.66
N LEU F 116 -49.82 -21.66 6.75
CA LEU F 116 -49.34 -20.30 6.89
C LEU F 116 -47.83 -20.21 6.72
N THR F 117 -47.09 -20.86 7.60
CA THR F 117 -45.63 -21.01 7.48
C THR F 117 -45.20 -22.06 8.49
N GLU F 118 -44.06 -22.69 8.20
CA GLU F 118 -43.48 -23.70 9.09
C GLU F 118 -44.54 -24.76 9.44
N HIS F 119 -44.83 -24.95 10.73
CA HIS F 119 -45.89 -25.85 11.17
C HIS F 119 -47.21 -25.13 11.41
N TYR F 120 -47.23 -23.81 11.29
CA TYR F 120 -48.40 -23.02 11.66
C TYR F 120 -49.46 -23.05 10.56
N GLY F 121 -50.69 -23.32 10.96
CA GLY F 121 -51.81 -23.35 10.05
C GLY F 121 -53.09 -23.52 10.85
N PHE F 122 -54.21 -23.51 10.13
CA PHE F 122 -55.49 -23.67 10.81
C PHE F 122 -56.48 -24.44 9.94
N GLN F 123 -57.40 -25.13 10.60
CA GLN F 123 -58.43 -25.91 9.94
C GLN F 123 -59.59 -25.03 9.48
N TRP F 124 -60.35 -25.54 8.52
CA TRP F 124 -61.47 -24.83 7.91
C TRP F 124 -62.76 -25.54 8.30
N ASP F 125 -63.79 -24.75 8.62
CA ASP F 125 -65.14 -25.30 8.76
C ASP F 125 -65.85 -25.15 7.41
N ASN F 126 -65.90 -26.26 6.66
CA ASN F 126 -66.42 -26.24 5.30
C ASN F 126 -67.87 -26.68 5.21
N ASP F 127 -68.64 -26.49 6.29
CA ASP F 127 -70.00 -27.01 6.34
C ASP F 127 -70.87 -26.38 5.24
N LYS F 128 -70.81 -25.06 5.11
CA LYS F 128 -71.68 -24.38 4.16
C LYS F 128 -71.33 -24.75 2.71
N ILE F 129 -70.04 -24.72 2.37
CA ILE F 129 -69.64 -25.00 0.99
C ILE F 129 -69.94 -26.46 0.62
N ASP F 130 -69.79 -27.38 1.57
CA ASP F 130 -70.21 -28.76 1.32
C ASP F 130 -71.73 -28.85 1.20
N SER F 131 -72.45 -28.02 1.95
CA SER F 131 -73.91 -28.01 1.87
C SER F 131 -74.40 -27.54 0.51
N LEU F 132 -73.68 -26.63 -0.13
CA LEU F 132 -74.10 -26.11 -1.43
C LEU F 132 -74.17 -27.25 -2.43
N LYS F 133 -75.23 -27.25 -3.22
CA LYS F 133 -75.50 -28.31 -4.18
C LYS F 133 -75.58 -27.72 -5.57
N LYS F 134 -75.58 -28.61 -6.58
CA LYS F 134 -75.71 -28.15 -7.95
C LYS F 134 -77.06 -27.47 -8.13
N ASP F 135 -77.06 -26.38 -8.89
CA ASP F 135 -78.24 -25.56 -9.13
C ASP F 135 -78.75 -24.88 -7.86
N ASP F 136 -77.84 -24.54 -6.94
CA ASP F 136 -78.17 -23.78 -5.74
C ASP F 136 -77.54 -22.40 -5.84
N THR F 137 -78.33 -21.36 -5.59
CA THR F 137 -77.84 -20.00 -5.68
C THR F 137 -77.08 -19.60 -4.41
N ILE F 138 -75.94 -18.94 -4.61
CA ILE F 138 -75.13 -18.42 -3.52
C ILE F 138 -75.40 -16.93 -3.41
N GLU F 139 -75.86 -16.49 -2.24
CA GLU F 139 -76.23 -15.09 -2.06
C GLU F 139 -74.98 -14.21 -2.02
N LYS F 140 -75.21 -12.91 -1.97
CA LYS F 140 -74.14 -11.94 -2.23
C LYS F 140 -73.06 -11.98 -1.15
N ASP F 141 -73.46 -11.92 0.13
CA ASP F 141 -72.50 -11.77 1.23
C ASP F 141 -72.35 -13.04 2.06
N THR F 142 -72.74 -14.19 1.51
CA THR F 142 -72.61 -15.45 2.25
C THR F 142 -71.14 -15.80 2.50
N VAL F 143 -70.90 -16.42 3.65
CA VAL F 143 -69.57 -16.87 4.04
C VAL F 143 -69.49 -18.36 3.76
N LEU F 144 -68.76 -18.73 2.70
CA LEU F 144 -68.72 -20.13 2.27
C LEU F 144 -67.96 -20.99 3.27
N TYR F 145 -66.75 -20.58 3.66
CA TYR F 145 -65.98 -21.31 4.65
C TYR F 145 -65.29 -20.33 5.59
N LYS F 146 -65.20 -20.70 6.86
CA LYS F 146 -64.75 -19.81 7.92
C LYS F 146 -63.73 -20.51 8.81
N ASN F 147 -62.95 -19.69 9.51
CA ASN F 147 -62.02 -20.18 10.51
C ASN F 147 -62.76 -20.42 11.84
N THR F 148 -62.10 -21.17 12.73
CA THR F 148 -62.71 -21.46 14.03
C THR F 148 -62.93 -20.21 14.88
N CYS F 149 -62.25 -19.10 14.56
CA CYS F 149 -62.40 -17.88 15.35
C CYS F 149 -63.81 -17.32 15.21
N TYR F 150 -64.41 -17.44 14.04
CA TYR F 150 -65.73 -16.87 13.79
C TYR F 150 -66.82 -17.83 14.24
N ASP F 151 -67.94 -17.27 14.68
CA ASP F 151 -69.06 -18.06 15.17
C ASP F 151 -70.20 -18.04 14.16
N GLU F 152 -71.40 -18.41 14.62
CA GLU F 152 -72.54 -18.55 13.71
C GLU F 152 -72.85 -17.24 13.00
N ASN F 153 -72.80 -16.12 13.72
CA ASN F 153 -73.02 -14.80 13.13
C ASN F 153 -71.73 -14.07 12.84
N MET F 154 -70.62 -14.80 12.69
CA MET F 154 -69.32 -14.25 12.28
C MET F 154 -68.77 -13.25 13.29
N ASN F 155 -69.07 -13.45 14.56
CA ASN F 155 -68.36 -12.71 15.60
C ASN F 155 -66.98 -13.31 15.80
N PHE F 156 -66.02 -12.48 16.17
CA PHE F 156 -64.62 -12.84 16.13
C PHE F 156 -64.09 -13.07 17.54
N GLY F 157 -63.41 -14.20 17.72
CA GLY F 157 -62.80 -14.53 19.00
C GLY F 157 -61.40 -15.07 18.82
N TYR F 158 -60.43 -14.46 19.52
CA TYR F 158 -59.04 -14.88 19.44
C TYR F 158 -58.57 -15.64 20.68
N GLY F 159 -59.47 -15.90 21.64
CA GLY F 159 -59.09 -16.61 22.84
C GLY F 159 -60.31 -17.26 23.47
N VAL F 160 -60.08 -17.95 24.58
CA VAL F 160 -61.16 -18.59 25.33
C VAL F 160 -61.22 -17.97 26.72
N ASN F 161 -62.42 -17.93 27.28
CA ASN F 161 -62.63 -17.41 28.62
C ASN F 161 -62.50 -18.52 29.64
N LEU F 162 -61.59 -18.35 30.61
CA LEU F 162 -61.31 -19.35 31.62
C LEU F 162 -61.50 -18.76 33.01
N ASN F 163 -62.11 -19.54 33.90
CA ASN F 163 -62.25 -19.10 35.29
C ASN F 163 -60.87 -18.97 35.92
N ALA F 164 -60.61 -17.80 36.52
CA ALA F 164 -59.31 -17.48 37.07
C ALA F 164 -59.46 -17.08 38.52
N ALA F 165 -58.49 -17.49 39.33
CA ALA F 165 -58.36 -17.08 40.72
C ALA F 165 -56.88 -16.83 40.98
N TYR F 166 -56.59 -15.77 41.72
CA TYR F 166 -55.22 -15.43 42.07
C TYR F 166 -54.88 -16.19 43.35
N PHE F 167 -54.06 -17.23 43.23
CA PHE F 167 -53.82 -18.15 44.33
C PHE F 167 -52.42 -18.73 44.23
N SER F 168 -51.82 -18.99 45.39
CA SER F 168 -50.47 -19.55 45.47
C SER F 168 -50.60 -21.06 45.63
N TYR F 169 -50.43 -21.79 44.52
CA TYR F 169 -50.63 -23.24 44.48
C TYR F 169 -49.28 -23.91 44.67
N LYS F 170 -48.97 -24.27 45.92
CA LYS F 170 -47.77 -25.02 46.28
C LYS F 170 -46.49 -24.36 45.76
N ASN F 171 -46.54 -23.04 45.54
CA ASN F 171 -45.44 -22.24 45.00
C ASN F 171 -45.13 -22.57 43.54
N GLU F 172 -45.99 -23.37 42.89
CA GLU F 172 -45.79 -23.66 41.47
C GLU F 172 -46.03 -22.43 40.60
N THR F 173 -46.92 -21.54 41.04
CA THR F 173 -47.18 -20.27 40.33
C THR F 173 -46.16 -19.22 40.80
N LEU F 174 -44.92 -19.45 40.43
CA LEU F 174 -43.81 -18.55 40.78
C LEU F 174 -43.45 -17.69 39.57
N GLU F 175 -43.33 -16.38 39.80
CA GLU F 175 -43.08 -15.40 38.75
C GLU F 175 -44.22 -15.53 37.73
N ASP F 176 -43.94 -15.69 36.44
CA ASP F 176 -44.98 -15.83 35.43
C ASP F 176 -45.21 -17.32 35.16
N ALA F 177 -45.91 -17.96 36.09
CA ALA F 177 -46.28 -19.37 35.97
C ALA F 177 -47.76 -19.55 36.23
N ILE F 178 -48.35 -20.53 35.55
CA ILE F 178 -49.79 -20.77 35.58
C ILE F 178 -50.03 -22.27 35.76
N VAL F 179 -51.07 -22.61 36.52
CA VAL F 179 -51.53 -23.98 36.67
C VAL F 179 -52.96 -24.07 36.15
N ILE F 180 -53.23 -25.09 35.34
CA ILE F 180 -54.48 -25.17 34.58
C ILE F 180 -55.16 -26.51 34.82
N SER F 181 -56.49 -26.49 34.78
CA SER F 181 -57.30 -27.69 34.80
C SER F 181 -57.27 -28.38 33.43
N GLU F 182 -57.42 -29.70 33.44
CA GLU F 182 -57.30 -30.49 32.22
C GLU F 182 -58.34 -30.10 31.18
N SER F 183 -59.58 -29.84 31.61
CA SER F 183 -60.61 -29.40 30.68
C SER F 183 -60.26 -28.05 30.06
N ALA F 184 -59.78 -27.11 30.87
CA ALA F 184 -59.38 -25.82 30.33
C ALA F 184 -58.27 -25.99 29.31
N ALA F 185 -57.29 -26.85 29.60
CA ALA F 185 -56.25 -27.12 28.61
C ALA F 185 -56.82 -27.75 27.36
N LYS F 186 -57.87 -28.57 27.48
CA LYS F 186 -58.56 -29.05 26.29
C LYS F 186 -59.12 -27.88 25.48
N LYS F 187 -59.54 -26.82 26.15
CA LYS F 187 -60.04 -25.66 25.40
C LYS F 187 -58.94 -24.95 24.62
N LEU F 188 -57.70 -24.93 25.13
CA LEU F 188 -56.58 -24.28 24.42
C LEU F 188 -55.93 -25.29 23.47
N GLY F 189 -56.61 -25.51 22.35
CA GLY F 189 -56.12 -26.45 21.35
C GLY F 189 -55.83 -25.74 20.05
N THR F 190 -54.69 -26.02 19.42
CA THR F 190 -54.31 -25.34 18.20
C THR F 190 -54.22 -26.37 17.08
N PHE F 191 -54.30 -25.91 15.83
CA PHE F 191 -54.05 -26.79 14.70
C PHE F 191 -52.62 -26.58 14.21
N SER F 192 -52.03 -27.64 13.64
CA SER F 192 -50.73 -27.54 13.00
C SER F 192 -50.81 -28.24 11.64
N VAL F 193 -50.46 -27.51 10.59
CA VAL F 193 -50.39 -28.07 9.25
C VAL F 193 -48.95 -27.94 8.75
N ASN F 194 -48.44 -29.02 8.17
CA ASN F 194 -47.08 -29.09 7.68
C ASN F 194 -47.10 -29.59 6.25
N LYS F 195 -46.33 -28.94 5.38
CA LYS F 195 -46.15 -29.38 4.01
C LYS F 195 -44.76 -29.98 3.88
N VAL F 196 -44.69 -31.28 3.64
CA VAL F 196 -43.42 -32.00 3.57
C VAL F 196 -43.25 -32.54 2.16
N LYS F 197 -42.08 -32.28 1.57
CA LYS F 197 -41.76 -32.68 0.20
C LYS F 197 -40.79 -33.85 0.23
N VAL F 198 -41.18 -34.96 -0.39
CA VAL F 198 -40.29 -36.09 -0.60
C VAL F 198 -39.92 -36.14 -2.08
N SER F 199 -38.61 -36.15 -2.35
CA SER F 199 -38.08 -36.18 -3.70
C SER F 199 -37.51 -37.57 -3.95
N VAL F 200 -38.06 -38.27 -4.95
CA VAL F 200 -37.57 -39.60 -5.32
C VAL F 200 -37.03 -39.53 -6.74
N ASN F 201 -35.76 -39.90 -6.90
CA ASN F 201 -35.12 -39.87 -8.20
C ASN F 201 -35.40 -41.18 -8.94
N THR F 202 -34.80 -41.35 -10.12
CA THR F 202 -35.09 -42.51 -10.94
C THR F 202 -34.69 -43.81 -10.23
N ASN F 203 -33.51 -43.84 -9.64
CA ASN F 203 -33.00 -45.02 -8.96
C ASN F 203 -33.38 -45.09 -7.48
N ASP F 204 -34.11 -44.09 -6.97
CA ASP F 204 -34.54 -44.09 -5.58
C ASP F 204 -35.89 -44.76 -5.46
N ILE F 205 -36.12 -45.48 -4.36
CA ILE F 205 -37.41 -46.13 -4.12
C ILE F 205 -37.86 -45.86 -2.68
N LEU F 206 -39.16 -46.01 -2.46
CA LEU F 206 -39.78 -45.78 -1.16
C LEU F 206 -40.10 -47.11 -0.49
N LEU F 207 -39.70 -47.25 0.76
CA LEU F 207 -39.86 -48.52 1.48
C LEU F 207 -41.32 -48.78 1.81
N ASN F 208 -41.67 -50.06 1.92
CA ASN F 208 -43.04 -50.50 2.17
C ASN F 208 -43.36 -50.43 3.67
N LEU F 209 -43.30 -49.22 4.20
CA LEU F 209 -43.55 -49.02 5.63
C LEU F 209 -45.02 -49.19 5.98
N TYR F 210 -45.93 -48.79 5.10
CA TYR F 210 -47.35 -48.75 5.40
C TYR F 210 -48.16 -49.84 4.69
N GLY F 211 -47.51 -50.82 4.08
CA GLY F 211 -48.20 -51.79 3.25
C GLY F 211 -47.77 -53.21 3.57
N ASP F 212 -48.64 -54.14 3.17
CA ASP F 212 -48.38 -55.56 3.32
C ASP F 212 -47.63 -56.06 2.07
N ASN F 213 -47.49 -57.38 1.94
CA ASN F 213 -46.75 -57.91 0.80
C ASN F 213 -47.54 -57.80 -0.49
N GLU F 214 -48.85 -58.08 -0.44
CA GLU F 214 -49.65 -58.01 -1.66
C GLU F 214 -49.86 -56.58 -2.13
N ASN F 215 -50.08 -55.65 -1.21
CA ASN F 215 -50.35 -54.25 -1.53
C ASN F 215 -49.21 -53.39 -1.00
N TYR F 216 -48.52 -52.70 -1.91
CA TYR F 216 -47.34 -51.91 -1.57
C TYR F 216 -47.79 -50.49 -1.25
N LYS F 217 -47.68 -50.11 0.01
CA LYS F 217 -47.95 -48.74 0.46
C LYS F 217 -46.70 -48.21 1.16
N GLY F 218 -46.05 -47.23 0.52
CA GLY F 218 -44.84 -46.63 1.05
C GLY F 218 -45.09 -45.33 1.77
N PHE F 219 -46.32 -44.86 1.79
CA PHE F 219 -46.71 -43.62 2.45
C PHE F 219 -48.17 -43.74 2.85
N PRO F 220 -48.63 -42.94 3.80
CA PRO F 220 -50.01 -43.10 4.29
C PRO F 220 -51.02 -42.76 3.20
N ASP F 221 -52.24 -43.26 3.40
CA ASP F 221 -53.30 -42.97 2.45
C ASP F 221 -54.02 -41.67 2.84
N ILE F 222 -54.87 -41.19 1.94
CA ILE F 222 -55.42 -39.84 2.03
C ILE F 222 -56.15 -39.61 3.36
N GLY F 223 -56.75 -40.64 3.94
CA GLY F 223 -57.45 -40.52 5.19
C GLY F 223 -56.75 -41.04 6.43
N GLU F 224 -55.47 -41.41 6.33
CA GLU F 224 -54.80 -42.16 7.38
C GLU F 224 -53.73 -41.31 8.07
N HIS F 225 -53.64 -41.46 9.39
CA HIS F 225 -52.65 -40.76 10.20
C HIS F 225 -51.29 -41.45 10.10
N ILE F 226 -50.25 -40.68 10.39
CA ILE F 226 -48.88 -41.19 10.35
C ILE F 226 -48.64 -42.13 11.52
N LYS F 227 -47.87 -43.20 11.27
CA LYS F 227 -47.54 -44.18 12.28
C LYS F 227 -46.05 -44.13 12.57
N ASN F 228 -45.71 -44.17 13.86
CA ASN F 228 -44.32 -44.17 14.34
C ASN F 228 -43.56 -42.91 13.94
N GLN F 229 -44.30 -41.85 13.57
CA GLN F 229 -43.74 -40.54 13.24
C GLN F 229 -42.85 -40.59 12.00
N ILE F 230 -43.04 -41.58 11.13
CA ILE F 230 -42.29 -41.71 9.89
C ILE F 230 -43.30 -41.71 8.75
N ILE F 231 -43.27 -40.66 7.92
CA ILE F 231 -44.15 -40.62 6.76
C ILE F 231 -43.71 -41.66 5.74
N ALA F 232 -42.43 -41.65 5.40
CA ALA F 232 -41.87 -42.58 4.44
C ALA F 232 -40.37 -42.62 4.64
N SER F 233 -39.75 -43.65 4.07
CA SER F 233 -38.31 -43.80 4.06
C SER F 233 -37.86 -44.05 2.63
N ARG F 234 -36.85 -43.32 2.20
CA ARG F 234 -36.35 -43.42 0.83
C ARG F 234 -34.99 -44.13 0.84
N ARG F 235 -34.85 -45.13 -0.03
CA ARG F 235 -33.59 -45.82 -0.24
C ARG F 235 -33.05 -45.39 -1.60
N ARG F 236 -31.84 -44.82 -1.59
CA ARG F 236 -31.17 -44.40 -2.80
C ARG F 236 -30.32 -45.56 -3.34
N PHE F 237 -30.42 -45.81 -4.64
CA PHE F 237 -29.67 -46.86 -5.29
C PHE F 237 -28.81 -46.23 -6.37
N ASP F 238 -27.59 -46.77 -6.53
CA ASP F 238 -26.71 -46.28 -7.59
C ASP F 238 -27.20 -46.69 -8.97
N TYR F 239 -27.78 -47.89 -9.11
CA TYR F 239 -28.20 -48.34 -10.43
C TYR F 239 -29.61 -48.91 -10.50
N ASN F 240 -30.09 -49.53 -9.41
CA ASN F 240 -31.43 -50.12 -9.30
C ASN F 240 -31.60 -51.39 -10.14
N THR F 241 -30.54 -51.92 -10.73
CA THR F 241 -30.68 -53.06 -11.63
C THR F 241 -31.09 -54.33 -10.88
N ALA F 242 -30.42 -54.62 -9.76
CA ALA F 242 -30.59 -55.91 -9.12
C ALA F 242 -31.96 -56.07 -8.48
N LEU F 243 -32.36 -55.12 -7.63
CA LEU F 243 -33.58 -55.24 -6.83
C LEU F 243 -33.57 -56.55 -6.03
N TYR F 244 -32.39 -56.99 -5.62
CA TYR F 244 -32.23 -58.30 -5.00
C TYR F 244 -32.65 -58.35 -3.54
N GLU F 245 -32.57 -57.24 -2.81
CA GLU F 245 -32.90 -57.26 -1.38
C GLU F 245 -34.39 -56.96 -1.15
N LEU F 246 -35.23 -57.78 -1.77
CA LEU F 246 -36.67 -57.60 -1.62
C LEU F 246 -37.09 -57.71 -0.16
N LYS F 247 -36.43 -58.58 0.60
CA LYS F 247 -36.73 -58.63 2.03
C LYS F 247 -36.22 -57.39 2.74
N ASN F 248 -35.16 -56.77 2.22
CA ASN F 248 -34.68 -55.55 2.84
C ASN F 248 -35.51 -54.34 2.41
N LEU F 249 -36.36 -54.50 1.40
CA LEU F 249 -37.22 -53.41 0.97
C LEU F 249 -38.26 -53.12 2.05
N ASN F 250 -38.81 -54.17 2.66
CA ASN F 250 -39.78 -54.00 3.71
C ASN F 250 -39.12 -53.43 4.96
N GLU F 251 -37.89 -53.86 5.22
CA GLU F 251 -37.11 -53.45 6.38
C GLU F 251 -36.58 -52.04 6.18
N MET F 252 -36.03 -51.48 7.25
CA MET F 252 -35.48 -50.13 7.24
C MET F 252 -34.02 -50.21 7.67
N ARG F 253 -33.23 -49.24 7.19
CA ARG F 253 -31.80 -49.23 7.45
C ARG F 253 -31.33 -47.83 7.81
N ASP F 254 -30.12 -47.75 8.37
CA ASP F 254 -29.56 -46.47 8.75
C ASP F 254 -29.24 -45.61 7.53
N SER F 255 -28.78 -46.23 6.44
CA SER F 255 -28.46 -45.48 5.24
C SER F 255 -29.70 -44.82 4.64
N ASP F 256 -30.85 -45.50 4.72
CA ASP F 256 -32.09 -44.96 4.17
C ASP F 256 -32.46 -43.66 4.86
N THR F 257 -32.95 -42.70 4.07
CA THR F 257 -33.31 -41.39 4.60
C THR F 257 -34.77 -41.38 5.02
N PRO F 258 -35.08 -41.19 6.30
CA PRO F 258 -36.47 -41.19 6.75
C PRO F 258 -37.02 -39.78 6.93
N PHE F 259 -38.28 -39.56 6.57
CA PHE F 259 -38.93 -38.26 6.71
C PHE F 259 -39.91 -38.33 7.87
N PHE F 260 -39.80 -37.37 8.80
CA PHE F 260 -40.51 -37.42 10.07
C PHE F 260 -41.55 -36.30 10.15
N ALA F 261 -42.76 -36.65 10.56
CA ALA F 261 -43.82 -35.71 10.92
C ALA F 261 -44.94 -36.50 11.57
N ASP F 262 -45.86 -35.79 12.20
CA ASP F 262 -47.02 -36.39 12.85
C ASP F 262 -48.30 -35.69 12.43
N GLY F 263 -49.35 -36.49 12.19
CA GLY F 263 -50.66 -35.98 11.88
C GLY F 263 -51.38 -36.79 10.82
N LYS F 264 -52.56 -36.32 10.41
CA LYS F 264 -53.32 -36.92 9.32
C LYS F 264 -53.00 -36.18 8.03
N ILE F 265 -52.50 -36.89 7.02
CA ILE F 265 -52.33 -36.26 5.73
C ILE F 265 -53.72 -36.01 5.14
N VAL F 266 -53.89 -34.85 4.53
CA VAL F 266 -55.18 -34.47 3.97
C VAL F 266 -55.12 -34.19 2.47
N ASP F 267 -53.93 -34.01 1.89
CA ASP F 267 -53.81 -33.83 0.46
C ASP F 267 -52.41 -34.23 0.03
N ILE F 268 -52.32 -34.88 -1.12
CA ILE F 268 -51.05 -35.27 -1.74
C ILE F 268 -51.02 -34.72 -3.15
N GLU F 269 -49.94 -34.04 -3.52
CA GLU F 269 -49.74 -33.57 -4.89
C GLU F 269 -48.46 -34.17 -5.44
N ILE F 270 -48.58 -34.91 -6.54
CA ILE F 270 -47.48 -35.64 -7.14
C ILE F 270 -47.12 -34.98 -8.47
N PHE F 271 -45.83 -34.65 -8.64
CA PHE F 271 -45.32 -34.07 -9.86
C PHE F 271 -44.35 -35.08 -10.48
N SER F 272 -44.71 -35.61 -11.65
CA SER F 272 -44.04 -36.75 -12.26
C SER F 272 -43.34 -36.35 -13.55
N ASN F 273 -42.05 -36.69 -13.65
CA ASN F 273 -41.29 -36.61 -14.89
C ASN F 273 -40.87 -37.99 -15.39
N VAL F 274 -41.56 -39.04 -14.95
CA VAL F 274 -41.20 -40.41 -15.32
C VAL F 274 -42.24 -40.97 -16.28
N PRO F 275 -41.83 -41.74 -17.28
CA PRO F 275 -42.80 -42.33 -18.21
C PRO F 275 -43.78 -43.23 -17.47
N GLU F 276 -45.02 -43.25 -17.97
CA GLU F 276 -46.06 -44.04 -17.32
C GLU F 276 -45.69 -45.52 -17.31
N GLU F 277 -45.05 -45.99 -18.38
CA GLU F 277 -44.70 -47.41 -18.48
C GLU F 277 -43.73 -47.83 -17.39
N GLU F 278 -42.76 -46.97 -17.06
CA GLU F 278 -41.84 -47.28 -15.97
C GLU F 278 -42.58 -47.41 -14.64
N LEU F 279 -43.59 -46.55 -14.42
CA LEU F 279 -44.37 -46.66 -13.19
C LEU F 279 -45.21 -47.94 -13.19
N LYS F 280 -45.79 -48.28 -14.34
CA LYS F 280 -46.68 -49.44 -14.39
C LYS F 280 -45.91 -50.74 -14.20
N VAL F 281 -44.71 -50.83 -14.79
CA VAL F 281 -43.98 -52.10 -14.78
C VAL F 281 -43.50 -52.45 -13.37
N GLN F 282 -43.00 -51.47 -12.63
CA GLN F 282 -42.45 -51.70 -11.30
C GLN F 282 -43.55 -51.59 -10.26
N LYS F 283 -43.62 -52.57 -9.35
CA LYS F 283 -44.67 -52.58 -8.34
C LYS F 283 -44.51 -51.45 -7.32
N TYR F 284 -43.28 -51.00 -7.04
CA TYR F 284 -43.11 -50.05 -5.94
C TYR F 284 -43.78 -48.71 -6.21
N ASN F 285 -44.06 -48.39 -7.48
CA ASN F 285 -44.73 -47.13 -7.81
C ASN F 285 -46.25 -47.25 -7.79
N GLU F 286 -46.78 -48.45 -7.54
CA GLU F 286 -48.21 -48.67 -7.72
C GLU F 286 -49.04 -47.65 -6.93
N GLN F 287 -48.74 -47.49 -5.65
CA GLN F 287 -49.48 -46.53 -4.84
C GLN F 287 -49.42 -45.15 -5.47
N VAL F 288 -48.20 -44.69 -5.79
CA VAL F 288 -48.05 -43.39 -6.41
C VAL F 288 -48.90 -43.33 -7.68
N LEU F 289 -48.82 -44.37 -8.51
CA LEU F 289 -49.55 -44.35 -9.76
C LEU F 289 -51.02 -44.11 -9.52
N TYR F 290 -51.59 -44.80 -8.52
CA TYR F 290 -53.02 -44.66 -8.28
C TYR F 290 -53.36 -43.20 -8.04
N TYR F 291 -52.63 -42.56 -7.13
CA TYR F 291 -52.93 -41.16 -6.82
C TYR F 291 -52.72 -40.29 -8.05
N ILE F 292 -51.66 -40.58 -8.82
CA ILE F 292 -51.44 -39.84 -10.06
C ILE F 292 -52.66 -39.96 -10.94
N ASN F 293 -53.14 -41.19 -11.15
CA ASN F 293 -54.32 -41.39 -11.98
C ASN F 293 -55.49 -40.59 -11.42
N LYS F 294 -55.65 -40.58 -10.10
CA LYS F 294 -56.76 -39.84 -9.52
C LYS F 294 -56.70 -38.39 -9.94
N GLN F 295 -55.51 -37.78 -9.82
CA GLN F 295 -55.34 -36.40 -10.25
C GLN F 295 -55.75 -36.26 -11.70
N LYS F 296 -55.24 -37.16 -12.55
CA LYS F 296 -55.54 -37.10 -13.98
C LYS F 296 -57.04 -37.13 -14.21
N GLU F 297 -57.74 -38.04 -13.52
CA GLU F 297 -59.19 -38.12 -13.74
C GLU F 297 -59.83 -36.77 -13.46
N PHE F 298 -59.49 -36.20 -12.31
CA PHE F 298 -60.03 -34.89 -11.95
C PHE F 298 -59.73 -33.89 -13.05
N SER F 299 -58.47 -33.82 -13.47
CA SER F 299 -58.08 -32.85 -14.48
C SER F 299 -58.91 -33.05 -15.74
N ASN F 300 -58.95 -34.29 -16.23
CA ASN F 300 -59.69 -34.53 -17.46
C ASN F 300 -61.13 -34.06 -17.31
N ASN F 301 -61.75 -34.37 -16.18
CA ASN F 301 -63.15 -34.04 -16.02
C ASN F 301 -63.37 -32.54 -16.15
N VAL F 302 -62.51 -31.74 -15.50
CA VAL F 302 -62.75 -30.30 -15.54
C VAL F 302 -62.67 -29.82 -16.97
N TYR F 303 -61.67 -30.32 -17.72
CA TYR F 303 -61.52 -29.89 -19.10
C TYR F 303 -62.79 -30.20 -19.87
N GLN F 304 -63.27 -31.44 -19.74
CA GLN F 304 -64.47 -31.84 -20.47
C GLN F 304 -65.66 -30.99 -20.07
N LYS F 305 -65.75 -30.62 -18.78
CA LYS F 305 -66.90 -29.85 -18.35
C LYS F 305 -66.79 -28.40 -18.81
N LEU F 306 -65.57 -27.85 -18.85
CA LEU F 306 -65.42 -26.42 -19.05
C LEU F 306 -64.89 -26.02 -20.42
N LYS F 307 -64.53 -26.98 -21.28
CA LYS F 307 -63.95 -26.63 -22.56
C LYS F 307 -64.86 -25.68 -23.34
N LYS F 308 -66.15 -26.01 -23.40
CA LYS F 308 -67.12 -25.18 -24.12
C LYS F 308 -67.14 -23.76 -23.55
N ILE F 309 -67.01 -23.63 -22.24
CA ILE F 309 -67.03 -22.31 -21.63
C ILE F 309 -65.78 -21.53 -22.01
N VAL F 310 -64.62 -22.17 -22.02
CA VAL F 310 -63.38 -21.44 -22.23
C VAL F 310 -63.24 -21.01 -23.69
N GLU F 311 -63.42 -21.94 -24.62
CA GLU F 311 -63.25 -21.68 -26.04
C GLU F 311 -64.55 -21.25 -26.73
N GLY F 312 -65.67 -21.22 -25.99
CA GLY F 312 -66.92 -20.75 -26.55
C GLY F 312 -66.93 -19.25 -26.78
N LYS F 313 -67.90 -18.82 -27.60
CA LYS F 313 -67.97 -17.43 -28.02
C LYS F 313 -68.20 -16.49 -26.85
N ASP F 314 -69.01 -16.91 -25.88
CA ASP F 314 -69.29 -16.04 -24.74
C ASP F 314 -68.01 -15.74 -23.95
N ASN F 315 -67.27 -16.80 -23.59
CA ASN F 315 -65.97 -16.70 -22.93
C ASN F 315 -66.01 -15.73 -21.75
N ASN F 316 -67.08 -15.81 -20.96
CA ASN F 316 -67.21 -15.04 -19.73
C ASN F 316 -66.59 -15.84 -18.58
N VAL F 317 -65.26 -15.87 -18.56
CA VAL F 317 -64.52 -16.66 -17.57
C VAL F 317 -63.64 -15.73 -16.75
N SER F 318 -63.57 -16.00 -15.45
CA SER F 318 -62.66 -15.28 -14.58
C SER F 318 -61.22 -15.70 -14.83
N ASP F 319 -60.30 -14.79 -14.51
CA ASP F 319 -58.88 -15.09 -14.70
C ASP F 319 -58.44 -16.28 -13.83
N LYS F 320 -59.00 -16.40 -12.64
CA LYS F 320 -58.67 -17.51 -11.75
C LYS F 320 -59.07 -18.85 -12.37
N LEU F 321 -60.31 -18.93 -12.87
CA LEU F 321 -60.78 -20.14 -13.54
C LEU F 321 -59.96 -20.43 -14.78
N LEU F 322 -59.61 -19.38 -15.54
CA LEU F 322 -58.81 -19.57 -16.75
C LEU F 322 -57.45 -20.17 -16.41
N HIS F 323 -56.80 -19.66 -15.36
CA HIS F 323 -55.48 -20.18 -15.00
C HIS F 323 -55.56 -21.60 -14.48
N PHE F 324 -56.59 -21.91 -13.69
CA PHE F 324 -56.77 -23.27 -13.21
C PHE F 324 -56.99 -24.24 -14.37
N TYR F 325 -57.84 -23.86 -15.32
CA TYR F 325 -58.11 -24.69 -16.49
C TYR F 325 -56.84 -24.90 -17.31
N ASN F 326 -56.06 -23.83 -17.50
CA ASN F 326 -54.82 -23.95 -18.24
C ASN F 326 -53.84 -24.89 -17.55
N ASN F 327 -53.77 -24.84 -16.21
CA ASN F 327 -52.85 -25.72 -15.51
C ASN F 327 -53.26 -27.18 -15.65
N CYS F 328 -54.56 -27.47 -15.51
CA CYS F 328 -55.02 -28.84 -15.69
C CYS F 328 -54.75 -29.33 -17.11
N LYS F 329 -55.01 -28.47 -18.10
CA LYS F 329 -54.72 -28.83 -19.49
C LYS F 329 -53.23 -29.09 -19.69
N MET F 330 -52.39 -28.28 -19.05
CA MET F 330 -50.95 -28.53 -19.10
C MET F 330 -50.63 -29.92 -18.54
N ARG F 331 -51.31 -30.31 -17.48
CA ARG F 331 -51.06 -31.63 -16.91
C ARG F 331 -51.44 -32.74 -17.89
N ILE F 332 -52.60 -32.63 -18.53
CA ILE F 332 -52.99 -33.73 -19.42
C ILE F 332 -52.12 -33.79 -20.67
N ASP F 333 -51.61 -32.66 -21.14
CA ASP F 333 -50.79 -32.63 -22.36
C ASP F 333 -49.49 -33.41 -22.16
N GLU F 334 -49.03 -34.07 -23.21
CA GLU F 334 -47.80 -34.83 -23.17
C GLU F 334 -46.58 -33.91 -23.25
N ASN F 335 -45.41 -34.49 -23.00
CA ASN F 335 -44.13 -33.78 -23.07
C ASN F 335 -44.05 -32.59 -22.11
N ILE F 336 -44.77 -32.68 -20.99
CA ILE F 336 -44.71 -31.66 -19.95
C ILE F 336 -43.62 -32.05 -18.96
N SER F 337 -42.53 -31.28 -18.95
CA SER F 337 -41.40 -31.53 -18.06
C SER F 337 -41.50 -30.61 -16.86
N TYR F 338 -41.67 -31.20 -15.68
CA TYR F 338 -41.81 -30.43 -14.45
C TYR F 338 -40.44 -30.06 -13.90
N THR F 339 -40.30 -28.81 -13.45
CA THR F 339 -39.03 -28.31 -12.93
C THR F 339 -39.22 -27.76 -11.51
N TYR F 340 -38.26 -28.08 -10.65
CA TYR F 340 -38.20 -27.57 -9.28
C TYR F 340 -36.87 -26.86 -9.08
N GLN F 341 -36.94 -25.62 -8.56
CA GLN F 341 -35.75 -24.79 -8.35
C GLN F 341 -34.97 -24.58 -9.66
N ASN F 342 -35.72 -24.33 -10.74
CA ASN F 342 -35.16 -24.02 -12.06
C ASN F 342 -34.32 -25.17 -12.61
N SER F 343 -34.70 -26.41 -12.31
CA SER F 343 -34.01 -27.56 -12.86
C SER F 343 -34.99 -28.71 -13.04
N LYS F 344 -34.86 -29.42 -14.16
CA LYS F 344 -35.66 -30.61 -14.36
C LYS F 344 -35.22 -31.69 -13.39
N PHE F 345 -36.18 -32.39 -12.79
CA PHE F 345 -35.89 -33.35 -11.73
C PHE F 345 -36.20 -34.76 -12.21
N SER F 346 -35.33 -35.70 -11.85
CA SER F 346 -35.57 -37.10 -12.11
C SER F 346 -36.66 -37.64 -11.18
N GLY F 347 -37.30 -38.72 -11.60
CA GLY F 347 -38.30 -39.34 -10.77
C GLY F 347 -39.48 -38.41 -10.58
N PHE F 348 -39.96 -38.33 -9.34
CA PHE F 348 -41.11 -37.50 -9.03
C PHE F 348 -40.97 -36.87 -7.65
N ILE F 349 -41.65 -35.74 -7.47
CA ILE F 349 -41.66 -35.00 -6.21
C ILE F 349 -43.08 -35.02 -5.66
N MET F 350 -43.22 -35.43 -4.40
CA MET F 350 -44.51 -35.53 -3.74
C MET F 350 -44.58 -34.53 -2.61
N GLU F 351 -45.69 -33.81 -2.52
CA GLU F 351 -45.96 -32.89 -1.42
C GLU F 351 -47.12 -33.44 -0.60
N PHE F 352 -46.86 -33.68 0.69
CA PHE F 352 -47.87 -34.10 1.64
C PHE F 352 -48.29 -32.91 2.49
N THR F 353 -49.60 -32.75 2.68
CA THR F 353 -50.15 -31.76 3.60
C THR F 353 -50.70 -32.51 4.81
N ILE F 354 -50.16 -32.20 5.99
CA ILE F 354 -50.42 -32.98 7.20
C ILE F 354 -51.04 -32.06 8.25
N LEU F 355 -52.20 -32.45 8.76
CA LEU F 355 -52.94 -31.68 9.76
C LEU F 355 -53.04 -32.46 11.06
N GLU F 356 -52.60 -31.85 12.16
CA GLU F 356 -52.68 -32.46 13.48
C GLU F 356 -53.24 -31.47 14.49
N GLU F 357 -54.16 -31.94 15.34
CA GLU F 357 -54.65 -31.14 16.46
C GLU F 357 -53.65 -31.22 17.61
N GLU F 358 -53.00 -30.10 17.91
CA GLU F 358 -51.96 -30.03 18.91
C GLU F 358 -52.54 -29.53 20.23
N PRO F 359 -52.42 -30.30 21.31
CA PRO F 359 -52.96 -29.88 22.60
C PRO F 359 -51.94 -29.06 23.38
N LEU F 360 -52.43 -28.45 24.46
CA LEU F 360 -51.58 -27.65 25.32
C LEU F 360 -50.61 -28.56 26.07
N ASN F 361 -49.33 -28.15 26.11
CA ASN F 361 -48.30 -28.94 26.75
C ASN F 361 -47.48 -28.06 27.68
N LYS F 362 -46.73 -28.73 28.57
CA LYS F 362 -45.92 -28.01 29.54
C LYS F 362 -44.87 -27.15 28.86
N GLY F 363 -44.70 -25.92 29.36
CA GLY F 363 -43.81 -24.97 28.76
C GLY F 363 -44.46 -24.06 27.74
N SER F 364 -45.70 -24.34 27.34
CA SER F 364 -46.41 -23.47 26.43
C SER F 364 -46.77 -22.17 27.14
N LYS F 365 -46.85 -21.09 26.36
CA LYS F 365 -47.09 -19.76 26.89
C LYS F 365 -48.50 -19.31 26.52
N ILE F 366 -49.31 -19.01 27.53
CA ILE F 366 -50.64 -18.45 27.35
C ILE F 366 -50.72 -17.18 28.19
N THR F 367 -51.45 -16.20 27.69
CA THR F 367 -51.46 -14.87 28.28
C THR F 367 -52.85 -14.26 28.14
N GLY F 368 -53.01 -13.08 28.73
CA GLY F 368 -54.21 -12.29 28.57
C GLY F 368 -53.97 -11.05 27.72
N ARG F 369 -55.04 -10.27 27.58
CA ARG F 369 -55.02 -9.10 26.70
C ARG F 369 -54.33 -7.89 27.32
N TYR F 370 -53.78 -8.01 28.53
CA TYR F 370 -53.27 -6.86 29.26
C TYR F 370 -51.76 -6.91 29.45
N GLY F 371 -51.04 -7.62 28.58
CA GLY F 371 -49.60 -7.63 28.64
C GLY F 371 -49.00 -8.58 29.64
N ASN F 372 -49.82 -9.29 30.42
CA ASN F 372 -49.30 -10.28 31.34
C ASN F 372 -48.80 -11.47 30.56
N LYS F 373 -47.82 -12.16 31.12
CA LYS F 373 -47.24 -13.33 30.48
C LYS F 373 -47.31 -14.50 31.44
N GLY F 374 -47.47 -15.70 30.90
CA GLY F 374 -47.57 -16.88 31.74
C GLY F 374 -47.06 -18.12 31.04
N VAL F 375 -46.47 -19.01 31.84
CA VAL F 375 -45.96 -20.29 31.36
C VAL F 375 -46.69 -21.40 32.11
N ILE F 376 -47.15 -22.40 31.37
CA ILE F 376 -47.95 -23.49 31.94
C ILE F 376 -46.99 -24.44 32.64
N SER F 377 -46.88 -24.31 33.96
CA SER F 377 -45.98 -25.17 34.73
C SER F 377 -46.57 -26.56 34.92
N LYS F 378 -47.85 -26.64 35.26
CA LYS F 378 -48.48 -27.92 35.57
C LYS F 378 -49.91 -27.94 35.06
N ILE F 379 -50.32 -29.10 34.57
CA ILE F 379 -51.71 -29.39 34.22
C ILE F 379 -52.25 -30.37 35.25
N LEU F 380 -53.32 -29.98 35.93
CA LEU F 380 -53.83 -30.71 37.08
C LEU F 380 -55.29 -31.09 36.88
N PRO F 381 -55.76 -32.14 37.56
CA PRO F 381 -57.17 -32.51 37.44
C PRO F 381 -58.09 -31.42 37.96
N ASP F 382 -59.31 -31.39 37.42
CA ASP F 382 -60.27 -30.35 37.80
C ASP F 382 -60.59 -30.38 39.29
N ASP F 383 -60.66 -31.58 39.87
CA ASP F 383 -60.97 -31.67 41.30
C ASP F 383 -59.89 -31.07 42.16
N GLN F 384 -58.62 -31.12 41.71
CA GLN F 384 -57.51 -30.59 42.49
C GLN F 384 -57.48 -29.06 42.49
N MET F 385 -58.23 -28.42 41.61
CA MET F 385 -58.22 -26.96 41.55
C MET F 385 -59.11 -26.39 42.64
N PRO F 386 -58.84 -25.15 43.07
CA PRO F 386 -59.67 -24.53 44.12
C PRO F 386 -61.15 -24.58 43.78
N THR F 387 -61.93 -25.22 44.65
CA THR F 387 -63.36 -25.37 44.44
C THR F 387 -64.09 -24.80 45.65
N VAL F 388 -64.91 -23.79 45.42
CA VAL F 388 -65.70 -23.21 46.48
C VAL F 388 -66.79 -24.18 46.91
N ALA F 389 -67.06 -24.21 48.22
CA ALA F 389 -67.99 -25.16 48.81
C ALA F 389 -68.97 -24.44 49.72
N GLU F 390 -70.12 -25.08 49.92
CA GLU F 390 -71.15 -24.63 50.85
C GLU F 390 -71.62 -23.20 50.53
N GLY F 391 -72.06 -23.02 49.29
CA GLY F 391 -72.63 -21.76 48.86
C GLY F 391 -73.63 -21.99 47.74
N ARG F 392 -74.29 -20.90 47.33
CA ARG F 392 -75.11 -20.96 46.13
C ARG F 392 -74.25 -21.31 44.91
N PHE F 393 -73.05 -20.72 44.83
CA PHE F 393 -72.06 -21.11 43.84
C PHE F 393 -71.19 -22.19 44.45
N LYS F 394 -71.74 -23.40 44.51
CA LYS F 394 -71.02 -24.54 45.09
C LYS F 394 -70.54 -25.44 43.96
N GLY F 395 -69.27 -25.83 44.04
CA GLY F 395 -68.68 -26.63 42.99
C GLY F 395 -68.05 -25.84 41.86
N LEU F 396 -68.03 -24.52 41.94
CA LEU F 396 -67.32 -23.72 40.95
C LEU F 396 -65.83 -24.03 41.02
N LYS F 397 -65.25 -24.40 39.89
CA LYS F 397 -63.86 -24.83 39.82
C LYS F 397 -63.04 -23.80 39.07
N ALA F 398 -61.82 -23.56 39.54
CA ALA F 398 -60.96 -22.57 38.91
C ALA F 398 -60.27 -23.19 37.71
N ASP F 399 -60.44 -22.59 36.54
CA ASP F 399 -59.80 -23.11 35.35
C ASP F 399 -58.30 -22.81 35.37
N ILE F 400 -57.92 -21.61 35.79
CA ILE F 400 -56.52 -21.20 35.88
C ILE F 400 -56.29 -20.54 37.23
N CYS F 401 -55.12 -20.77 37.80
CA CYS F 401 -54.68 -20.11 39.03
C CYS F 401 -53.41 -19.33 38.73
N LEU F 402 -53.40 -18.05 39.09
CA LEU F 402 -52.32 -17.14 38.74
C LEU F 402 -51.59 -16.67 39.99
N ASN F 403 -50.33 -16.29 39.81
CA ASN F 403 -49.51 -15.84 40.92
C ASN F 403 -50.06 -14.53 41.49
N PRO F 404 -50.29 -14.45 42.81
CA PRO F 404 -50.77 -13.19 43.39
C PRO F 404 -49.68 -12.14 43.57
N LEU F 405 -48.43 -12.59 43.74
CA LEU F 405 -47.36 -11.65 44.03
C LEU F 405 -46.95 -10.86 42.80
N GLY F 406 -46.85 -9.55 42.96
CA GLY F 406 -46.39 -8.67 41.90
C GLY F 406 -47.46 -8.16 40.96
N VAL F 407 -48.73 -8.46 41.22
CA VAL F 407 -49.80 -8.04 40.31
C VAL F 407 -49.82 -6.53 40.19
N PHE F 408 -49.70 -5.82 41.31
CA PHE F 408 -49.69 -4.37 41.26
C PHE F 408 -48.39 -3.84 40.67
N ASN F 409 -47.29 -4.54 40.87
CA ASN F 409 -46.02 -4.12 40.30
C ASN F 409 -46.06 -4.14 38.77
N ARG F 410 -46.83 -5.06 38.20
CA ARG F 410 -46.87 -5.21 36.74
C ARG F 410 -47.46 -3.99 36.05
N LEU F 411 -48.29 -3.19 36.75
CA LEU F 411 -48.96 -2.03 36.20
C LEU F 411 -49.99 -2.40 35.12
N ASN F 412 -50.65 -3.55 35.29
CA ASN F 412 -51.73 -3.99 34.42
C ASN F 412 -52.99 -4.23 35.25
N PRO F 413 -53.55 -3.17 35.85
CA PRO F 413 -54.70 -3.37 36.75
C PRO F 413 -55.94 -3.92 36.07
N SER F 414 -56.05 -3.83 34.74
CA SER F 414 -57.33 -4.11 34.09
C SER F 414 -57.73 -5.59 34.17
N GLN F 415 -56.75 -6.50 34.22
CA GLN F 415 -57.08 -7.92 34.32
C GLN F 415 -57.92 -8.21 35.56
N LEU F 416 -57.58 -7.55 36.67
CA LEU F 416 -58.36 -7.70 37.89
C LEU F 416 -59.78 -7.20 37.69
N ILE F 417 -59.93 -6.10 36.95
CA ILE F 417 -61.27 -5.57 36.70
C ILE F 417 -62.10 -6.54 35.85
N GLU F 418 -61.48 -7.15 34.84
CA GLU F 418 -62.20 -8.17 34.07
C GLU F 418 -62.64 -9.32 34.96
N GLN F 419 -61.73 -9.84 35.78
CA GLN F 419 -62.06 -10.96 36.66
C GLN F 419 -63.20 -10.59 37.60
N GLU F 420 -63.10 -9.42 38.23
CA GLU F 420 -64.11 -8.99 39.20
C GLU F 420 -65.44 -8.71 38.52
N LEU F 421 -65.41 -8.16 37.30
CA LEU F 421 -66.64 -7.89 36.57
C LEU F 421 -67.35 -9.20 36.24
N ASN F 422 -66.61 -10.21 35.81
CA ASN F 422 -67.24 -11.50 35.53
C ASN F 422 -67.72 -12.16 36.82
N TRP F 423 -67.06 -11.91 37.94
CA TRP F 423 -67.49 -12.46 39.22
C TRP F 423 -68.81 -11.85 39.70
N ILE F 424 -68.90 -10.52 39.70
CA ILE F 424 -70.18 -9.88 40.03
C ILE F 424 -71.25 -10.27 39.01
N ALA F 425 -70.85 -10.47 37.76
CA ALA F 425 -71.79 -10.91 36.75
C ALA F 425 -72.29 -12.33 37.02
N LYS F 426 -71.42 -13.20 37.56
CA LYS F 426 -71.86 -14.50 38.02
C LYS F 426 -72.95 -14.35 39.06
N PHE F 427 -72.75 -13.42 39.99
CA PHE F 427 -73.78 -13.18 41.00
C PHE F 427 -75.08 -12.71 40.37
N ILE F 428 -75.01 -11.79 39.41
CA ILE F 428 -76.23 -11.31 38.75
C ILE F 428 -76.94 -12.43 38.01
N ARG F 429 -76.17 -13.32 37.38
CA ARG F 429 -76.75 -14.44 36.64
C ARG F 429 -77.50 -15.38 37.57
N LYS F 430 -76.87 -15.74 38.70
CA LYS F 430 -77.55 -16.60 39.66
C LYS F 430 -78.77 -15.92 40.25
N ASP F 431 -78.69 -14.60 40.47
CA ASP F 431 -79.85 -13.87 40.98
C ASP F 431 -81.01 -13.91 39.99
N MET F 432 -80.72 -13.73 38.70
CA MET F 432 -81.77 -13.81 37.70
C MET F 432 -82.39 -15.21 37.66
N GLU F 433 -81.56 -16.25 37.72
CA GLU F 433 -82.09 -17.61 37.69
C GLU F 433 -82.95 -17.90 38.91
N GLU F 434 -82.54 -17.38 40.09
CA GLU F 434 -83.12 -17.82 41.34
C GLU F 434 -84.59 -17.46 41.47
N ALA F 435 -84.98 -16.25 41.06
CA ALA F 435 -86.35 -15.81 41.29
C ALA F 435 -86.75 -14.80 40.23
N GLY F 436 -88.07 -14.65 40.08
CA GLY F 436 -88.66 -13.62 39.25
C GLY F 436 -89.24 -14.20 37.97
N SER F 437 -90.00 -13.35 37.28
CA SER F 437 -90.47 -13.67 35.94
C SER F 437 -89.40 -13.26 34.93
N ASN F 438 -89.70 -13.45 33.65
CA ASN F 438 -88.75 -13.03 32.61
C ASN F 438 -88.52 -11.52 32.67
N GLU F 439 -89.58 -10.77 32.97
CA GLU F 439 -89.46 -9.31 33.08
C GLU F 439 -88.52 -8.93 34.22
N GLU F 440 -88.63 -9.59 35.36
CA GLU F 440 -87.72 -9.32 36.47
C GLU F 440 -86.28 -9.65 36.08
N LYS F 441 -86.07 -10.74 35.34
CA LYS F 441 -84.73 -11.12 34.92
C LYS F 441 -84.12 -10.05 34.03
N VAL F 442 -84.87 -9.57 33.04
CA VAL F 442 -84.35 -8.52 32.18
C VAL F 442 -84.12 -7.24 32.99
N SER F 443 -84.94 -7.00 34.03
CA SER F 443 -84.74 -5.81 34.85
C SER F 443 -83.41 -5.87 35.60
N ILE F 444 -83.10 -7.02 36.20
CA ILE F 444 -81.81 -7.16 36.89
C ILE F 444 -80.67 -7.01 35.90
N LEU F 445 -80.80 -7.63 34.72
CA LEU F 445 -79.78 -7.51 33.69
C LEU F 445 -79.54 -6.04 33.32
N LEU F 446 -80.63 -5.30 33.12
CA LEU F 446 -80.51 -3.89 32.73
C LEU F 446 -79.88 -3.06 33.85
N ASP F 447 -80.20 -3.38 35.10
CA ASP F 447 -79.60 -2.64 36.22
C ASP F 447 -78.09 -2.84 36.24
N PHE F 448 -77.64 -4.09 36.15
CA PHE F 448 -76.20 -4.35 36.14
C PHE F 448 -75.52 -3.68 34.96
N LEU F 449 -76.13 -3.77 33.78
CA LEU F 449 -75.51 -3.19 32.59
C LEU F 449 -75.46 -1.66 32.67
N ASN F 450 -76.51 -1.04 33.20
CA ASN F 450 -76.49 0.41 33.41
C ASN F 450 -75.39 0.79 34.38
N ARG F 451 -75.13 -0.05 35.38
CA ARG F 451 -73.99 0.21 36.25
C ARG F 451 -72.67 0.09 35.50
N VAL F 452 -72.60 -0.77 34.49
CA VAL F 452 -71.34 -0.93 33.77
C VAL F 452 -71.26 -0.02 32.56
N ASN F 453 -72.17 -0.17 31.60
CA ASN F 453 -72.15 0.62 30.37
C ASN F 453 -73.58 1.00 29.98
N LYS F 454 -73.86 2.29 29.93
CA LYS F 454 -75.21 2.77 29.64
C LYS F 454 -75.61 2.49 28.18
N GLU F 455 -74.69 2.71 27.24
CA GLU F 455 -75.01 2.47 25.83
C GLU F 455 -75.35 1.00 25.59
N GLU F 456 -74.56 0.11 26.18
CA GLU F 456 -74.89 -1.31 26.11
C GLU F 456 -76.26 -1.59 26.70
N THR F 457 -76.61 -0.90 27.78
CA THR F 457 -77.93 -1.10 28.38
C THR F 457 -79.05 -0.70 27.43
N GLU F 458 -78.91 0.45 26.77
CA GLU F 458 -79.95 0.89 25.86
C GLU F 458 -80.09 -0.06 24.67
N LEU F 459 -78.96 -0.45 24.07
CA LEU F 459 -79.02 -1.37 22.95
C LEU F 459 -79.53 -2.74 23.39
N MET F 460 -79.21 -3.16 24.60
CA MET F 460 -79.69 -4.43 25.13
C MET F 460 -81.19 -4.40 25.35
N GLU F 461 -81.71 -3.26 25.82
CA GLU F 461 -83.16 -3.11 25.94
C GLU F 461 -83.83 -3.16 24.58
N GLU F 462 -83.22 -2.54 23.57
CA GLU F 462 -83.77 -2.63 22.22
C GLU F 462 -83.82 -4.08 21.75
N PHE F 463 -82.72 -4.81 21.93
CA PHE F 463 -82.67 -6.21 21.53
C PHE F 463 -83.70 -7.05 22.29
N ILE F 464 -83.86 -6.76 23.59
CA ILE F 464 -84.78 -7.55 24.42
C ILE F 464 -86.23 -7.32 24.00
N ASN F 465 -86.62 -6.05 23.87
CA ASN F 465 -88.01 -5.77 23.47
C ASN F 465 -88.29 -6.22 22.05
N SER F 466 -87.28 -6.19 21.17
CA SER F 466 -87.47 -6.67 19.81
C SER F 466 -87.78 -8.17 19.79
N LEU F 467 -87.12 -8.93 20.65
CA LEU F 467 -87.28 -10.38 20.64
C LEU F 467 -88.70 -10.75 21.05
N ASN F 468 -89.24 -11.78 20.40
CA ASN F 468 -90.49 -12.36 20.86
C ASN F 468 -90.24 -13.18 22.12
N LYS F 469 -91.33 -13.51 22.83
CA LYS F 469 -91.22 -14.11 24.15
C LYS F 469 -90.44 -15.42 24.13
N THR F 470 -90.64 -16.25 23.11
CA THR F 470 -89.85 -17.47 23.00
C THR F 470 -88.36 -17.14 22.81
N GLU F 471 -88.08 -16.20 21.90
CA GLU F 471 -86.71 -15.75 21.69
C GLU F 471 -86.15 -15.13 22.96
N LEU F 472 -86.99 -14.37 23.68
CA LEU F 472 -86.56 -13.76 24.93
C LEU F 472 -86.19 -14.81 25.97
N GLU F 473 -87.00 -15.87 26.07
CA GLU F 473 -86.70 -16.96 27.00
C GLU F 473 -85.38 -17.64 26.65
N GLU F 474 -85.16 -17.88 25.36
CA GLU F 474 -83.90 -18.50 24.94
C GLU F 474 -82.71 -17.60 25.27
N PHE F 475 -82.85 -16.30 25.02
CA PHE F 475 -81.78 -15.35 25.35
C PHE F 475 -81.51 -15.33 26.85
N LEU F 476 -82.57 -15.36 27.65
CA LEU F 476 -82.41 -15.33 29.11
C LEU F 476 -81.68 -16.57 29.61
N ASN F 477 -82.07 -17.75 29.12
CA ASN F 477 -81.39 -18.96 29.54
C ASN F 477 -79.93 -18.96 29.10
N ASP F 478 -79.65 -18.48 27.88
CA ASP F 478 -78.28 -18.36 27.41
C ASP F 478 -77.47 -17.46 28.33
N ILE F 479 -78.04 -16.33 28.76
CA ILE F 479 -77.33 -15.44 29.66
C ILE F 479 -77.07 -16.12 31.00
N ILE F 480 -78.06 -16.86 31.51
CA ILE F 480 -77.90 -17.49 32.82
C ILE F 480 -76.78 -18.53 32.78
N GLU F 481 -76.75 -19.36 31.75
CA GLU F 481 -75.83 -20.49 31.74
C GLU F 481 -74.52 -20.21 31.03
N ASN F 482 -74.57 -19.72 29.79
CA ASN F 482 -73.34 -19.58 29.00
C ASN F 482 -72.49 -18.41 29.49
N GLY F 483 -73.11 -17.29 29.82
CA GLY F 483 -72.37 -16.12 30.25
C GLY F 483 -73.15 -14.85 29.98
N ILE F 484 -72.52 -13.74 30.36
CA ILE F 484 -73.13 -12.42 30.31
C ILE F 484 -72.27 -11.54 29.41
N PRO F 485 -72.84 -10.86 28.41
CA PRO F 485 -72.05 -9.89 27.63
C PRO F 485 -71.86 -8.60 28.41
N ILE F 486 -70.60 -8.18 28.53
CA ILE F 486 -70.24 -6.92 29.15
C ILE F 486 -69.31 -6.17 28.20
N CYS F 487 -69.62 -4.90 27.94
CA CYS F 487 -68.86 -4.10 26.97
C CYS F 487 -68.02 -3.08 27.72
N GLN F 488 -66.70 -3.20 27.60
CA GLN F 488 -65.75 -2.25 28.18
C GLN F 488 -64.87 -1.70 27.06
N LYS F 489 -65.20 -0.51 26.59
CA LYS F 489 -64.46 0.10 25.50
C LYS F 489 -63.02 0.42 25.96
N PRO F 490 -62.06 0.47 25.04
CA PRO F 490 -60.66 0.58 25.46
C PRO F 490 -60.33 1.83 26.28
N PHE F 491 -60.73 3.00 25.83
CA PHE F 491 -60.38 4.25 26.49
C PHE F 491 -61.59 5.03 26.98
N PHE F 492 -62.64 5.14 26.17
CA PHE F 492 -63.82 5.93 26.50
C PHE F 492 -64.99 4.97 26.64
N GLY F 493 -65.52 4.86 27.86
CA GLY F 493 -66.59 3.91 28.16
C GLY F 493 -66.21 2.85 29.19
N ASN F 494 -64.99 2.88 29.72
CA ASN F 494 -64.56 1.92 30.73
C ASN F 494 -65.00 2.35 32.12
N ILE F 495 -65.09 1.37 33.02
CA ILE F 495 -65.45 1.61 34.41
C ILE F 495 -64.17 1.85 35.20
N GLY F 496 -64.32 2.42 36.39
CA GLY F 496 -63.16 2.74 37.21
C GLY F 496 -63.28 2.23 38.63
N LEU F 497 -62.35 2.68 39.49
CA LEU F 497 -62.38 2.27 40.89
C LEU F 497 -63.70 2.65 41.56
N ASP F 498 -64.18 3.86 41.30
CA ASP F 498 -65.42 4.33 41.94
C ASP F 498 -66.62 3.53 41.46
N GLU F 499 -66.65 3.18 40.17
CA GLU F 499 -67.78 2.43 39.63
C GLU F 499 -67.80 1.00 40.17
N LEU F 500 -66.63 0.38 40.27
CA LEU F 500 -66.53 -0.92 40.93
C LEU F 500 -66.93 -0.83 42.39
N TRP F 501 -66.59 0.30 43.03
CA TRP F 501 -66.99 0.55 44.41
C TRP F 501 -68.51 0.57 44.54
N GLU F 502 -69.18 1.29 43.62
CA GLU F 502 -70.63 1.31 43.61
C GLU F 502 -71.21 -0.07 43.37
N LEU F 503 -70.61 -0.84 42.46
CA LEU F 503 -71.08 -2.19 42.19
C LEU F 503 -71.01 -3.06 43.44
N TYR F 504 -69.93 -2.96 44.19
CA TYR F 504 -69.80 -3.78 45.39
C TYR F 504 -70.70 -3.29 46.52
N ASN F 505 -70.82 -1.98 46.69
CA ASN F 505 -71.61 -1.46 47.80
C ASN F 505 -73.11 -1.68 47.59
N HIS F 506 -73.62 -1.45 46.37
CA HIS F 506 -75.03 -1.67 46.13
C HIS F 506 -75.40 -3.13 46.32
N TYR F 507 -74.60 -4.04 45.76
CA TYR F 507 -74.82 -5.47 45.90
C TYR F 507 -74.04 -5.94 47.12
N ASP F 508 -74.62 -5.69 48.30
CA ASP F 508 -73.94 -6.01 49.56
C ASP F 508 -73.76 -7.50 49.75
N HIS F 509 -74.61 -8.31 49.13
CA HIS F 509 -74.53 -9.76 49.27
C HIS F 509 -73.26 -10.35 48.63
N ILE F 510 -72.59 -9.60 47.76
CA ILE F 510 -71.44 -10.12 47.02
C ILE F 510 -70.20 -10.11 47.90
N ASP F 511 -69.63 -11.29 48.13
CA ASP F 511 -68.42 -11.43 48.93
C ASP F 511 -67.63 -12.62 48.41
N TYR F 512 -66.37 -12.68 48.81
CA TYR F 512 -65.44 -13.67 48.27
C TYR F 512 -65.91 -15.09 48.54
N PHE F 513 -65.51 -16.00 47.64
CA PHE F 513 -65.78 -17.41 47.81
C PHE F 513 -64.77 -18.04 48.75
N LYS F 514 -65.24 -18.86 49.69
CA LYS F 514 -64.39 -19.63 50.58
C LYS F 514 -64.27 -21.03 50.00
N CYS F 515 -63.07 -21.37 49.51
CA CYS F 515 -62.86 -22.63 48.82
C CYS F 515 -62.58 -23.77 49.80
N GLU F 516 -62.53 -24.98 49.25
CA GLU F 516 -62.60 -26.20 50.05
C GLU F 516 -61.44 -26.29 51.05
N GLY F 517 -60.21 -26.11 50.59
CA GLY F 517 -59.07 -26.31 51.46
C GLY F 517 -58.27 -25.05 51.66
N ILE F 518 -58.86 -23.91 51.32
CA ILE F 518 -58.17 -22.63 51.34
C ILE F 518 -58.75 -21.81 52.48
N SER F 519 -57.87 -21.39 53.40
CA SER F 519 -58.31 -20.52 54.48
C SER F 519 -58.68 -19.13 53.96
N THR F 520 -57.87 -18.60 53.05
CA THR F 520 -58.10 -17.28 52.51
C THR F 520 -59.27 -17.30 51.53
N PRO F 521 -60.19 -16.34 51.61
CA PRO F 521 -61.25 -16.23 50.60
C PRO F 521 -60.68 -15.79 49.25
N LEU F 522 -61.27 -16.32 48.18
CA LEU F 522 -60.78 -16.13 46.82
C LEU F 522 -61.87 -15.58 45.90
N ILE F 523 -61.43 -14.89 44.85
CA ILE F 523 -62.29 -14.42 43.77
C ILE F 523 -62.04 -15.30 42.55
N ILE F 524 -63.10 -15.89 42.02
CA ILE F 524 -63.02 -16.69 40.80
C ILE F 524 -63.86 -15.99 39.74
N GLY F 525 -63.21 -15.53 38.68
CA GLY F 525 -63.91 -14.81 37.62
C GLY F 525 -63.28 -15.11 36.28
N GLU F 526 -64.08 -15.06 35.23
CA GLU F 526 -63.59 -15.43 33.91
C GLU F 526 -62.66 -14.36 33.35
N ILE F 527 -61.50 -14.81 32.86
CA ILE F 527 -60.53 -13.96 32.18
C ILE F 527 -60.29 -14.52 30.78
N TYR F 528 -60.16 -13.61 29.82
CA TYR F 528 -59.85 -13.99 28.44
C TYR F 528 -58.40 -14.42 28.33
N MET F 529 -58.16 -15.58 27.74
CA MET F 529 -56.82 -16.15 27.63
C MET F 529 -56.56 -16.54 26.18
N VAL F 530 -55.35 -16.25 25.72
CA VAL F 530 -54.92 -16.52 24.36
C VAL F 530 -53.65 -17.35 24.42
N ARG F 531 -53.42 -18.14 23.38
CA ARG F 531 -52.26 -19.03 23.30
C ARG F 531 -51.22 -18.43 22.37
N LEU F 532 -49.98 -18.34 22.85
CA LEU F 532 -48.89 -17.75 22.09
C LEU F 532 -48.14 -18.82 21.30
N LYS F 533 -47.35 -18.37 20.32
CA LYS F 533 -46.68 -19.28 19.41
C LYS F 533 -45.61 -20.10 20.11
N HIS F 534 -44.95 -19.53 21.13
CA HIS F 534 -43.81 -20.21 21.73
CA HIS F 534 -43.81 -20.20 21.75
C HIS F 534 -44.21 -21.54 22.35
N GLU F 535 -43.38 -22.55 22.10
CA GLU F 535 -43.54 -23.91 22.60
C GLU F 535 -42.15 -24.44 22.91
N PRO F 536 -42.02 -25.40 23.83
CA PRO F 536 -40.69 -25.93 24.14
C PRO F 536 -40.03 -26.64 22.97
N HIS F 537 -40.81 -27.19 22.04
CA HIS F 537 -40.26 -27.98 20.94
C HIS F 537 -39.31 -27.14 20.07
N SER F 538 -39.63 -25.86 19.91
CA SER F 538 -38.89 -25.02 18.96
C SER F 538 -37.41 -24.95 19.29
N LYS F 539 -37.07 -24.90 20.58
CA LYS F 539 -35.70 -24.65 21.01
C LYS F 539 -35.03 -25.90 21.57
N PHE F 540 -35.63 -27.07 21.38
CA PHE F 540 -35.09 -28.32 21.91
C PHE F 540 -33.89 -28.80 21.10
N SER F 541 -32.84 -29.22 21.79
CA SER F 541 -31.64 -29.74 21.15
C SER F 541 -31.11 -30.94 21.93
N ALA F 542 -30.68 -31.97 21.20
CA ALA F 542 -30.08 -33.16 21.79
C ALA F 542 -29.01 -33.70 20.85
N ARG F 543 -27.86 -34.07 21.43
CA ARG F 543 -26.69 -34.47 20.64
C ARG F 543 -26.09 -35.77 21.17
N SER F 544 -25.82 -36.71 20.26
CA SER F 544 -25.02 -37.89 20.56
C SER F 544 -24.01 -38.11 19.44
N THR F 545 -22.79 -38.48 19.83
CA THR F 545 -21.72 -38.69 18.86
C THR F 545 -22.06 -39.87 17.94
N SER F 546 -21.60 -39.79 16.70
CA SER F 546 -21.80 -40.87 15.75
C SER F 546 -20.49 -41.27 15.08
N LYS F 556 -24.82 -28.13 12.32
CA LYS F 556 -26.27 -27.93 12.45
C LYS F 556 -27.02 -29.09 11.80
N SER F 557 -28.19 -29.41 12.37
CA SER F 557 -29.04 -30.47 11.85
C SER F 557 -29.78 -29.93 10.63
N LYS F 558 -29.17 -30.10 9.45
CA LYS F 558 -29.85 -29.68 8.23
C LYS F 558 -30.99 -30.62 7.88
N ASN F 559 -30.96 -31.84 8.41
CA ASN F 559 -32.04 -32.80 8.19
C ASN F 559 -33.33 -32.39 8.90
N PHE F 560 -33.19 -31.85 10.12
CA PHE F 560 -34.37 -31.48 10.90
C PHE F 560 -35.19 -30.41 10.21
N LYS F 561 -34.53 -29.43 9.59
CA LYS F 561 -35.27 -28.40 8.86
C LYS F 561 -36.00 -28.97 7.65
N GLU F 562 -35.43 -29.99 7.02
CA GLU F 562 -36.05 -30.66 5.89
C GLU F 562 -36.85 -31.88 6.30
N HIS F 563 -37.10 -32.06 7.60
CA HIS F 563 -37.90 -33.15 8.17
C HIS F 563 -37.23 -34.51 8.06
N LYS F 564 -35.92 -34.54 7.86
CA LYS F 564 -35.18 -35.80 7.77
C LYS F 564 -34.62 -36.24 9.12
N ASP F 565 -34.79 -35.45 10.18
CA ASP F 565 -34.37 -35.81 11.52
C ASP F 565 -35.49 -35.46 12.49
N LEU F 566 -35.68 -36.32 13.50
CA LEU F 566 -36.81 -36.14 14.41
C LEU F 566 -36.70 -34.86 15.22
N TYR F 567 -35.50 -34.55 15.71
CA TYR F 567 -35.29 -33.34 16.50
C TYR F 567 -33.92 -32.77 16.18
N SER F 568 -33.74 -31.49 16.50
CA SER F 568 -32.49 -30.82 16.17
C SER F 568 -31.34 -31.43 16.96
N LYS F 569 -30.22 -31.63 16.27
CA LYS F 569 -29.00 -32.15 16.88
C LYS F 569 -27.88 -31.13 16.84
N THR F 570 -28.21 -29.84 16.76
CA THR F 570 -27.21 -28.81 16.72
C THR F 570 -26.42 -28.80 18.03
N PRO F 571 -25.09 -28.92 17.99
CA PRO F 571 -24.32 -29.05 19.22
C PRO F 571 -24.26 -27.74 20.00
N VAL F 572 -24.09 -27.88 21.31
CA VAL F 572 -23.82 -26.73 22.17
C VAL F 572 -22.35 -26.36 22.04
N ARG F 573 -22.04 -25.08 22.20
CA ARG F 573 -20.69 -24.58 22.00
C ARG F 573 -20.08 -24.19 23.34
N ILE F 574 -18.85 -24.64 23.58
CA ILE F 574 -18.11 -24.33 24.79
C ILE F 574 -17.05 -23.29 24.43
N GLY F 575 -16.99 -22.21 25.21
CA GLY F 575 -16.10 -21.11 24.91
C GLY F 575 -15.14 -20.77 26.04
N ASN F 576 -14.42 -19.66 25.89
CA ASN F 576 -13.41 -19.29 26.88
C ASN F 576 -14.03 -18.98 28.23
N MET F 577 -15.20 -18.34 28.23
CA MET F 577 -15.91 -18.08 29.49
C MET F 577 -16.27 -19.38 30.20
N GLU F 578 -16.79 -20.35 29.43
CA GLU F 578 -17.14 -21.64 30.01
C GLU F 578 -15.91 -22.35 30.54
N ILE F 579 -14.80 -22.30 29.80
CA ILE F 579 -13.57 -22.95 30.24
C ILE F 579 -13.06 -22.31 31.53
N SER F 580 -13.19 -20.99 31.66
CA SER F 580 -12.77 -20.31 32.89
C SER F 580 -13.65 -20.71 34.06
N ASN F 581 -14.97 -20.72 33.85
CA ASN F 581 -15.88 -21.13 34.92
C ASN F 581 -15.60 -22.57 35.35
N LEU F 582 -15.26 -23.43 34.39
CA LEU F 582 -14.85 -24.79 34.75
C LEU F 582 -13.51 -24.79 35.47
N SER F 583 -12.60 -23.89 35.08
CA SER F 583 -11.28 -23.80 35.69
C SER F 583 -11.36 -23.32 37.13
N LEU F 584 -12.52 -22.78 37.53
CA LEU F 584 -12.74 -22.54 38.95
C LEU F 584 -12.45 -23.79 39.77
N THR F 585 -12.74 -24.97 39.23
CA THR F 585 -12.47 -26.21 39.94
C THR F 585 -10.99 -26.42 40.20
N ASN F 586 -10.12 -25.79 39.42
CA ASN F 586 -8.67 -25.91 39.51
C ASN F 586 -8.17 -27.29 39.10
N GLU F 587 -8.95 -28.00 38.30
CA GLU F 587 -8.57 -29.31 37.77
C GLU F 587 -8.59 -29.22 36.24
N MET F 588 -7.60 -28.50 35.69
CA MET F 588 -7.57 -28.24 34.25
C MET F 588 -7.51 -29.52 33.44
N GLY F 589 -6.84 -30.55 33.95
CA GLY F 589 -6.73 -31.80 33.23
C GLY F 589 -8.08 -32.42 32.93
N SER F 590 -9.01 -32.37 33.88
CA SER F 590 -10.33 -32.94 33.67
C SER F 590 -11.10 -32.16 32.62
N ILE F 591 -10.97 -30.83 32.62
CA ILE F 591 -11.62 -30.02 31.59
C ILE F 591 -11.07 -30.38 30.22
N MET F 592 -9.75 -30.54 30.12
CA MET F 592 -9.16 -30.94 28.85
C MET F 592 -9.61 -32.33 28.44
N ASP F 593 -9.78 -33.23 29.41
CA ASP F 593 -10.27 -34.58 29.10
C ASP F 593 -11.67 -34.52 28.52
N MET F 594 -12.55 -33.73 29.14
CA MET F 594 -13.92 -33.59 28.62
C MET F 594 -13.92 -32.95 27.25
N LEU F 595 -13.10 -31.91 27.06
CA LEU F 595 -13.07 -31.20 25.78
C LEU F 595 -12.57 -32.10 24.66
N ASN F 596 -11.49 -32.85 24.92
CA ASN F 596 -10.93 -33.72 23.89
C ASN F 596 -11.83 -34.92 23.61
N SER F 597 -12.36 -35.54 24.66
CA SER F 597 -13.22 -36.71 24.47
C SER F 597 -14.52 -36.32 23.78
N TYR F 598 -15.05 -35.14 24.08
CA TYR F 598 -16.31 -34.73 23.48
C TYR F 598 -16.12 -34.07 22.12
N SER F 599 -14.97 -33.43 21.88
CA SER F 599 -14.80 -32.67 20.64
C SER F 599 -13.41 -32.81 20.02
N ASN F 600 -12.39 -32.30 20.71
CA ASN F 600 -11.12 -32.00 20.05
C ASN F 600 -10.42 -33.26 19.52
N ASN F 601 -10.38 -34.33 20.31
CA ASN F 601 -9.59 -35.51 19.97
C ASN F 601 -10.52 -36.58 19.39
N GLU F 602 -10.28 -36.96 18.13
CA GLU F 602 -11.13 -37.94 17.47
C GLU F 602 -10.94 -39.34 18.07
N THR F 603 -9.69 -39.71 18.33
CA THR F 603 -9.41 -41.04 18.89
C THR F 603 -10.07 -41.19 20.25
N ASN F 604 -9.94 -40.16 21.10
CA ASN F 604 -10.53 -40.21 22.43
C ASN F 604 -12.06 -40.29 22.37
N ARG F 605 -12.68 -39.60 21.42
CA ARG F 605 -14.13 -39.66 21.30
C ARG F 605 -14.60 -41.05 20.85
N ARG F 606 -13.90 -41.65 19.88
CA ARG F 606 -14.23 -43.03 19.50
C ARG F 606 -14.08 -43.96 20.70
N GLU F 607 -12.99 -43.81 21.46
CA GLU F 607 -12.80 -44.64 22.64
C GLU F 607 -13.89 -44.43 23.67
N LEU F 608 -14.32 -43.18 23.86
CA LEU F 608 -15.38 -42.90 24.82
C LEU F 608 -16.67 -43.60 24.44
N ILE F 609 -17.04 -43.53 23.16
CA ILE F 609 -18.25 -44.22 22.71
C ILE F 609 -18.13 -45.72 22.97
N MET F 610 -16.99 -46.30 22.59
CA MET F 610 -16.80 -47.74 22.75
C MET F 610 -16.86 -48.15 24.21
N GLN F 611 -16.20 -47.39 25.09
CA GLN F 611 -16.19 -47.72 26.52
C GLN F 611 -17.58 -47.58 27.12
N LEU F 612 -18.32 -46.55 26.70
CA LEU F 612 -19.66 -46.37 27.21
C LEU F 612 -20.57 -47.51 26.80
N LEU F 613 -20.37 -48.07 25.61
CA LEU F 613 -21.22 -49.16 25.17
C LEU F 613 -20.76 -50.54 25.63
N THR F 614 -19.49 -50.70 26.00
CA THR F 614 -18.97 -51.99 26.42
C THR F 614 -18.72 -52.11 27.91
N GLY F 615 -18.75 -51.01 28.66
CA GLY F 615 -18.45 -51.03 30.07
C GLY F 615 -19.61 -51.48 30.94
N ASN F 616 -19.37 -51.44 32.24
CA ASN F 616 -20.42 -51.75 33.20
C ASN F 616 -21.57 -50.75 33.06
N PRO F 617 -22.82 -51.21 33.12
CA PRO F 617 -23.95 -50.28 32.90
C PRO F 617 -24.02 -49.16 33.92
N PHE F 618 -23.82 -49.47 35.20
CA PHE F 618 -23.96 -48.51 36.28
C PHE F 618 -22.62 -47.99 36.79
N ASP F 619 -21.52 -48.43 36.21
CA ASP F 619 -20.19 -47.93 36.55
C ASP F 619 -19.52 -47.46 35.26
N THR F 620 -19.16 -46.18 35.23
CA THR F 620 -18.53 -45.57 34.06
C THR F 620 -17.19 -44.99 34.49
N ASN F 621 -16.11 -45.67 34.13
CA ASN F 621 -14.76 -45.16 34.29
C ASN F 621 -14.05 -45.30 32.96
N ILE F 622 -13.62 -44.17 32.39
CA ILE F 622 -13.07 -44.13 31.04
C ILE F 622 -11.58 -43.80 31.12
N ASP F 623 -10.78 -44.59 30.42
CA ASP F 623 -9.35 -44.32 30.25
C ASP F 623 -9.12 -43.90 28.81
N LEU F 624 -8.60 -42.68 28.63
CA LEU F 624 -8.42 -42.08 27.33
C LEU F 624 -6.93 -41.98 27.02
N SER F 625 -6.55 -42.40 25.81
CA SER F 625 -5.16 -42.38 25.43
C SER F 625 -4.65 -40.94 25.27
N ASP F 626 -3.38 -40.75 25.61
CA ASP F 626 -2.72 -39.45 25.45
C ASP F 626 -2.09 -39.44 24.06
N VAL F 627 -2.72 -38.74 23.13
CA VAL F 627 -2.31 -38.73 21.74
C VAL F 627 -2.52 -37.33 21.17
N GLU F 628 -1.73 -37.00 20.16
CA GLU F 628 -1.91 -35.74 19.45
C GLU F 628 -3.26 -35.75 18.73
N SER F 629 -3.93 -34.60 18.74
CA SER F 629 -5.22 -34.51 18.09
C SER F 629 -5.05 -34.56 16.58
N GLY F 630 -6.13 -34.91 15.88
CA GLY F 630 -6.08 -34.91 14.43
C GLY F 630 -5.76 -33.53 13.88
N THR F 631 -6.33 -32.49 14.50
CA THR F 631 -5.96 -31.13 14.14
C THR F 631 -4.48 -30.89 14.36
N SER F 632 -3.94 -31.42 15.46
CA SER F 632 -2.51 -31.27 15.73
C SER F 632 -1.67 -31.97 14.67
N LYS F 633 -2.10 -33.16 14.25
CA LYS F 633 -1.37 -33.88 13.19
C LYS F 633 -1.38 -33.09 11.90
N ILE F 634 -2.55 -32.60 11.48
CA ILE F 634 -2.64 -31.82 10.25
C ILE F 634 -1.79 -30.55 10.35
N LEU F 635 -1.81 -29.90 11.52
CA LEU F 635 -1.01 -28.69 11.69
C LEU F 635 0.48 -28.98 11.60
N LYS F 636 0.92 -30.08 12.23
CA LYS F 636 2.34 -30.44 12.20
C LYS F 636 2.78 -30.78 10.79
N SER F 637 1.94 -31.48 10.02
CA SER F 637 2.28 -31.79 8.64
C SER F 637 2.48 -30.51 7.83
N LEU F 638 1.53 -29.57 7.91
CA LEU F 638 1.60 -28.35 7.11
C LEU F 638 2.80 -27.48 7.50
N PHE F 639 3.07 -27.35 8.81
CA PHE F 639 4.17 -26.49 9.24
C PHE F 639 5.52 -27.04 8.81
N THR F 640 5.70 -28.36 8.88
CA THR F 640 6.93 -28.96 8.38
C THR F 640 7.09 -28.71 6.88
N CYS F 641 5.99 -28.74 6.14
CA CYS F 641 6.04 -28.34 4.73
C CYS F 641 6.47 -26.88 4.60
N LEU F 642 6.00 -26.02 5.50
CA LEU F 642 6.48 -24.65 5.52
C LEU F 642 7.93 -24.57 5.96
N GLY F 643 8.40 -25.53 6.73
CA GLY F 643 9.75 -25.53 7.25
C GLY F 643 9.88 -25.04 8.69
N LEU F 644 8.76 -24.89 9.40
CA LEU F 644 8.77 -24.36 10.76
C LEU F 644 8.26 -25.41 11.75
N SER F 645 8.92 -25.49 12.90
CA SER F 645 8.55 -26.41 13.96
C SER F 645 8.61 -25.70 15.32
N ILE F 646 7.69 -26.07 16.21
CA ILE F 646 7.70 -25.52 17.56
C ILE F 646 8.91 -26.02 18.33
N ASP F 647 9.53 -25.12 19.09
CA ASP F 647 10.61 -25.48 20.00
C ASP F 647 10.28 -25.02 21.42
N ASP F 648 10.81 -25.74 22.41
CA ASP F 648 10.61 -25.42 23.82
C ASP F 648 9.13 -25.34 24.18
N VAL F 649 8.34 -26.26 23.64
CA VAL F 649 6.89 -26.31 23.87
C VAL F 649 6.53 -26.16 25.35
N MET G 1 -51.09 -30.18 70.11
CA MET G 1 -50.24 -29.11 70.61
C MET G 1 -49.90 -29.29 72.09
N GLU G 2 -49.03 -30.24 72.39
CA GLU G 2 -48.52 -30.38 73.74
C GLU G 2 -47.81 -29.11 74.17
N LYS G 3 -48.00 -28.72 75.44
CA LYS G 3 -47.52 -27.43 75.88
C LYS G 3 -46.00 -27.35 75.86
N THR G 4 -45.33 -28.40 76.32
CA THR G 4 -43.88 -28.39 76.49
C THR G 4 -43.22 -29.28 75.45
N TYR G 5 -42.19 -28.75 74.80
CA TYR G 5 -41.33 -29.51 73.90
C TYR G 5 -39.88 -29.31 74.34
N ASN G 6 -39.20 -30.41 74.64
CA ASN G 6 -37.79 -30.33 75.00
C ASN G 6 -36.98 -30.29 73.72
N LEU G 7 -36.33 -29.15 73.45
CA LEU G 7 -35.55 -28.96 72.24
C LEU G 7 -34.49 -30.05 72.13
N ASN G 8 -33.53 -30.05 73.05
CA ASN G 8 -32.41 -31.00 72.99
C ASN G 8 -32.90 -32.43 72.94
N ASP G 9 -33.93 -32.78 73.71
CA ASP G 9 -34.42 -34.16 73.72
C ASP G 9 -35.05 -34.55 72.39
N ILE G 10 -35.77 -33.62 71.76
CA ILE G 10 -36.37 -33.90 70.45
C ILE G 10 -35.29 -33.99 69.38
N LEU G 11 -34.31 -33.08 69.40
CA LEU G 11 -33.20 -33.15 68.44
C LEU G 11 -32.36 -34.42 68.64
N LEU G 12 -32.13 -34.83 69.88
CA LEU G 12 -31.41 -36.08 70.13
C LEU G 12 -32.33 -37.29 70.14
N SER G 13 -33.62 -37.12 69.89
CA SER G 13 -34.52 -38.26 69.80
C SER G 13 -34.25 -39.05 68.53
N ASN G 14 -34.36 -40.37 68.63
CA ASN G 14 -34.15 -41.24 67.47
C ASN G 14 -35.35 -41.27 66.54
N GLU G 15 -36.38 -40.47 66.81
CA GLU G 15 -37.52 -40.31 65.92
C GLU G 15 -37.81 -38.81 65.73
N TYR G 16 -36.78 -38.08 65.31
CA TYR G 16 -36.93 -36.63 65.12
C TYR G 16 -37.79 -36.32 63.91
N GLU G 17 -37.71 -37.15 62.86
CA GLU G 17 -38.50 -36.91 61.66
C GLU G 17 -39.99 -37.13 61.93
N LYS G 18 -40.33 -38.19 62.65
CA LYS G 18 -41.73 -38.49 62.93
C LYS G 18 -42.37 -37.41 63.80
N ILE G 19 -41.64 -36.94 64.82
CA ILE G 19 -42.14 -35.85 65.65
C ILE G 19 -42.37 -34.60 64.81
N LYS G 20 -41.41 -34.29 63.94
CA LYS G 20 -41.54 -33.14 63.05
C LYS G 20 -42.69 -33.33 62.07
N GLU G 21 -42.81 -34.52 61.48
CA GLU G 21 -43.86 -34.77 60.50
C GLU G 21 -45.24 -34.68 61.13
N ASP G 22 -45.38 -35.06 62.39
CA ASP G 22 -46.68 -34.98 63.06
C ASP G 22 -47.10 -33.53 63.26
N ILE G 23 -46.17 -32.67 63.67
CA ILE G 23 -46.51 -31.27 63.88
C ILE G 23 -46.91 -30.61 62.57
N LYS G 24 -46.22 -30.94 61.48
CA LYS G 24 -46.57 -30.40 60.18
C LYS G 24 -48.00 -30.78 59.79
N GLU G 25 -48.37 -32.04 60.00
CA GLU G 25 -49.72 -32.48 59.67
C GLU G 25 -50.76 -31.75 60.52
N GLU G 26 -50.45 -31.49 61.79
CA GLU G 26 -51.42 -30.84 62.67
C GLU G 26 -51.69 -29.41 62.23
N ILE G 27 -50.64 -28.69 61.80
CA ILE G 27 -50.80 -27.29 61.43
C ILE G 27 -51.59 -27.15 60.14
N ILE G 28 -51.23 -27.94 59.11
CA ILE G 28 -51.88 -27.79 57.82
C ILE G 28 -53.32 -28.31 57.87
N ASN G 29 -53.55 -29.41 58.61
CA ASN G 29 -54.92 -29.90 58.77
C ASN G 29 -55.77 -28.91 59.55
N ASP G 30 -55.17 -28.19 60.50
CA ASP G 30 -55.88 -27.13 61.21
C ASP G 30 -56.25 -25.99 60.27
N MET G 31 -55.34 -25.63 59.37
CA MET G 31 -55.58 -24.51 58.47
C MET G 31 -56.67 -24.82 57.46
N ALA G 32 -56.69 -26.05 56.93
CA ALA G 32 -57.68 -26.41 55.93
C ALA G 32 -59.09 -26.36 56.50
N SER G 33 -59.27 -26.80 57.75
CA SER G 33 -60.59 -26.77 58.36
C SER G 33 -61.03 -25.35 58.69
N LYS G 34 -60.09 -24.51 59.12
CA LYS G 34 -60.41 -23.17 59.56
C LYS G 34 -60.35 -22.17 58.39
N LYS G 35 -60.77 -20.95 58.69
CA LYS G 35 -60.78 -19.85 57.73
C LYS G 35 -60.31 -18.59 58.43
N VAL G 36 -59.83 -17.63 57.66
CA VAL G 36 -59.27 -16.40 58.19
C VAL G 36 -60.31 -15.30 58.07
N LYS G 37 -60.53 -14.59 59.17
CA LYS G 37 -61.45 -13.45 59.22
C LYS G 37 -60.64 -12.16 59.17
N TYR G 38 -61.14 -11.20 58.40
CA TYR G 38 -60.44 -9.94 58.15
C TYR G 38 -61.22 -8.78 58.76
N SER G 39 -60.59 -8.08 59.70
CA SER G 39 -61.20 -6.89 60.29
C SER G 39 -61.13 -5.70 59.35
N ASN G 40 -60.06 -5.61 58.57
CA ASN G 40 -59.81 -4.47 57.68
C ASN G 40 -59.80 -3.15 58.44
N THR G 41 -59.47 -3.21 59.73
CA THR G 41 -59.37 -2.02 60.56
C THR G 41 -58.14 -2.17 61.45
N SER G 42 -57.85 -1.11 62.21
CA SER G 42 -56.67 -1.13 63.08
C SER G 42 -56.77 -2.20 64.16
N GLU G 43 -57.99 -2.47 64.64
CA GLU G 43 -58.20 -3.54 65.62
C GLU G 43 -58.29 -4.87 64.88
N PHE G 44 -57.25 -5.69 65.00
CA PHE G 44 -57.19 -6.95 64.28
C PHE G 44 -58.32 -7.88 64.71
N ALA G 45 -58.87 -8.61 63.76
CA ALA G 45 -59.89 -9.61 64.07
C ALA G 45 -59.25 -10.82 64.75
N LYS G 46 -60.01 -11.43 65.67
CA LYS G 46 -59.51 -12.55 66.43
C LYS G 46 -59.69 -13.83 65.63
N ASN G 47 -58.59 -14.56 65.39
CA ASN G 47 -58.62 -15.82 64.67
C ASN G 47 -57.89 -16.88 65.48
N ASP G 48 -58.45 -18.08 65.51
CA ASP G 48 -57.83 -19.22 66.19
C ASP G 48 -57.06 -20.04 65.16
N PHE G 49 -55.73 -19.97 65.23
CA PHE G 49 -54.86 -20.72 64.34
C PHE G 49 -53.77 -21.37 65.17
N LEU G 50 -53.53 -22.66 64.94
CA LEU G 50 -52.56 -23.39 65.74
C LEU G 50 -51.15 -22.84 65.56
N LYS G 51 -50.86 -22.25 64.40
CA LYS G 51 -49.53 -21.69 64.17
C LYS G 51 -49.26 -20.51 65.10
N ASP G 52 -50.30 -19.77 65.46
CA ASP G 52 -50.14 -18.60 66.33
C ASP G 52 -50.01 -18.98 67.79
N GLU G 53 -50.52 -20.15 68.18
CA GLU G 53 -50.51 -20.55 69.58
C GLU G 53 -49.08 -20.82 70.05
N PHE G 54 -48.82 -20.53 71.32
CA PHE G 54 -47.50 -20.68 71.89
C PHE G 54 -47.28 -22.09 72.41
N ILE G 55 -46.01 -22.50 72.43
CA ILE G 55 -45.57 -23.75 73.04
C ILE G 55 -44.34 -23.46 73.89
N ASP G 56 -43.85 -24.49 74.58
CA ASP G 56 -42.71 -24.37 75.46
C ASP G 56 -41.51 -25.09 74.87
N LEU G 57 -40.34 -24.47 75.00
CA LEU G 57 -39.10 -24.94 74.38
C LEU G 57 -38.03 -25.09 75.44
N VAL G 58 -37.67 -26.33 75.77
CA VAL G 58 -36.67 -26.62 76.78
C VAL G 58 -35.31 -26.65 76.12
N VAL G 59 -34.47 -25.67 76.44
CA VAL G 59 -33.12 -25.56 75.89
C VAL G 59 -32.15 -25.63 77.05
N ASP G 60 -31.61 -26.81 77.32
CA ASP G 60 -30.60 -27.02 78.36
C ASP G 60 -31.08 -26.51 79.72
N GLY G 61 -32.35 -26.73 80.01
CA GLY G 61 -32.90 -26.44 81.32
C GLY G 61 -33.68 -25.15 81.43
N GLU G 62 -33.75 -24.34 80.37
CA GLU G 62 -34.48 -23.09 80.39
C GLU G 62 -35.56 -23.13 79.32
N THR G 63 -36.82 -22.98 79.73
CA THR G 63 -37.92 -22.95 78.79
C THR G 63 -37.93 -21.62 78.04
N TYR G 64 -38.51 -21.65 76.83
CA TYR G 64 -38.52 -20.49 75.96
C TYR G 64 -39.91 -20.27 75.38
N GLU G 65 -40.28 -19.01 75.21
CA GLU G 65 -41.60 -18.63 74.70
C GLU G 65 -41.54 -18.62 73.18
N ILE G 66 -42.11 -19.66 72.57
CA ILE G 66 -42.02 -19.89 71.14
C ILE G 66 -43.38 -20.33 70.62
N THR G 67 -43.84 -19.70 69.54
CA THR G 67 -45.11 -20.09 68.93
C THR G 67 -44.98 -21.44 68.25
N TYR G 68 -46.12 -22.12 68.09
CA TYR G 68 -46.12 -23.44 67.47
C TYR G 68 -45.54 -23.38 66.06
N GLY G 69 -45.75 -22.27 65.34
CA GLY G 69 -45.14 -22.12 64.04
C GLY G 69 -43.65 -21.86 64.11
N ASN G 70 -43.23 -21.05 65.09
CA ASN G 70 -41.79 -20.82 65.29
C ASN G 70 -41.06 -22.12 65.62
N LEU G 71 -41.73 -23.04 66.33
CA LEU G 71 -41.08 -24.29 66.71
C LEU G 71 -40.82 -25.17 65.50
N ILE G 72 -41.84 -25.36 64.65
CA ILE G 72 -41.68 -26.24 63.49
C ILE G 72 -40.65 -25.68 62.54
N THR G 73 -40.49 -24.35 62.50
CA THR G 73 -39.37 -23.76 61.78
C THR G 73 -38.06 -24.11 62.45
N LEU G 74 -38.02 -24.03 63.79
CA LEU G 74 -36.79 -24.34 64.52
C LEU G 74 -36.41 -25.80 64.37
N LEU G 75 -37.40 -26.70 64.36
CA LEU G 75 -37.11 -28.12 64.23
C LEU G 75 -36.50 -28.44 62.87
N ILE G 76 -37.04 -27.83 61.81
CA ILE G 76 -36.47 -28.04 60.48
C ILE G 76 -35.09 -27.41 60.39
N VAL G 77 -34.91 -26.22 60.96
CA VAL G 77 -33.65 -25.51 60.84
C VAL G 77 -32.60 -26.05 61.78
N ALA G 78 -32.99 -26.89 62.75
CA ALA G 78 -32.05 -27.55 63.64
C ALA G 78 -31.81 -29.01 63.24
N ARG G 79 -32.07 -29.37 61.99
CA ARG G 79 -31.69 -30.68 61.48
C ARG G 79 -30.21 -31.01 61.67
N PRO G 80 -29.25 -30.07 61.55
CA PRO G 80 -27.84 -30.45 61.75
C PRO G 80 -27.56 -31.08 63.10
N PHE G 81 -28.19 -30.59 64.16
CA PHE G 81 -27.91 -31.11 65.50
C PHE G 81 -28.35 -32.56 65.64
N ASN G 82 -29.41 -32.96 64.96
CA ASN G 82 -29.87 -34.34 65.04
C ASN G 82 -28.93 -35.27 64.29
N HIS G 83 -28.43 -34.83 63.13
CA HIS G 83 -27.55 -35.68 62.33
C HIS G 83 -26.26 -36.00 63.06
N PHE G 84 -25.67 -35.01 63.73
CA PHE G 84 -24.41 -35.19 64.46
C PHE G 84 -24.59 -35.55 65.92
N LYS G 85 -25.83 -35.60 66.42
CA LYS G 85 -26.14 -35.95 67.81
C LYS G 85 -25.40 -35.01 68.75
N VAL G 86 -25.71 -33.72 68.58
CA VAL G 86 -24.94 -32.65 69.19
C VAL G 86 -25.87 -31.52 69.56
N PRO G 87 -25.59 -30.87 70.67
CA PRO G 87 -26.55 -29.95 71.28
C PRO G 87 -26.45 -28.56 70.65
N MET G 88 -27.27 -27.65 71.15
CA MET G 88 -27.46 -26.29 70.66
C MET G 88 -27.55 -25.36 71.86
N THR G 89 -27.06 -24.14 71.70
CA THR G 89 -26.97 -23.17 72.78
C THR G 89 -27.95 -22.02 72.56
N GLU G 90 -28.01 -21.13 73.56
CA GLU G 90 -28.96 -20.03 73.53
C GLU G 90 -28.56 -18.96 72.52
N ASP G 91 -27.26 -18.67 72.42
CA ASP G 91 -26.80 -17.66 71.48
C ASP G 91 -27.10 -18.05 70.04
N LEU G 92 -27.15 -19.34 69.76
CA LEU G 92 -27.49 -19.80 68.41
C LEU G 92 -28.94 -19.48 68.07
N LEU G 93 -29.81 -19.38 69.07
CA LEU G 93 -31.20 -19.04 68.84
C LEU G 93 -31.32 -17.58 68.39
N PHE G 94 -32.30 -17.33 67.51
CA PHE G 94 -32.50 -16.02 66.93
C PHE G 94 -33.99 -15.72 66.91
N ASP G 95 -34.33 -14.53 66.42
CA ASP G 95 -35.73 -14.16 66.22
C ASP G 95 -36.22 -14.81 64.93
N LEU G 96 -36.99 -15.89 65.07
CA LEU G 96 -37.55 -16.56 63.90
C LEU G 96 -38.63 -15.73 63.21
N SER G 97 -39.05 -14.61 63.81
CA SER G 97 -40.05 -13.77 63.18
C SER G 97 -39.45 -12.98 62.01
N ASP G 98 -38.20 -12.52 62.16
CA ASP G 98 -37.50 -11.81 61.10
C ASP G 98 -36.78 -12.82 60.22
N LEU G 99 -37.27 -12.98 59.00
CA LEU G 99 -36.68 -13.96 58.08
C LEU G 99 -35.31 -13.54 57.59
N LYS G 100 -34.94 -12.26 57.77
CA LYS G 100 -33.62 -11.81 57.35
C LYS G 100 -32.53 -12.50 58.15
N GLU G 101 -32.76 -12.69 59.45
CA GLU G 101 -31.74 -13.20 60.35
C GLU G 101 -31.41 -14.66 60.12
N TYR G 102 -32.19 -15.38 59.31
CA TYR G 102 -31.93 -16.79 59.08
C TYR G 102 -30.56 -16.99 58.44
N GLN G 103 -30.18 -16.09 57.52
CA GLN G 103 -28.90 -16.23 56.82
C GLN G 103 -27.72 -16.19 57.80
N ASN G 104 -27.82 -15.35 58.83
CA ASN G 104 -26.75 -15.32 59.83
C ASN G 104 -26.69 -16.62 60.60
N TYR G 105 -27.85 -17.25 60.84
CA TYR G 105 -27.86 -18.54 61.54
C TYR G 105 -27.14 -19.59 60.70
N TYR G 106 -27.47 -19.67 59.41
CA TYR G 106 -26.79 -20.61 58.53
C TYR G 106 -25.29 -20.35 58.51
N THR G 107 -24.90 -19.07 58.63
CA THR G 107 -23.49 -18.73 58.67
C THR G 107 -22.84 -19.19 59.96
N THR G 108 -23.50 -18.93 61.10
CA THR G 108 -22.98 -19.42 62.38
C THR G 108 -22.88 -20.94 62.38
N LEU G 109 -23.87 -21.61 61.81
CA LEU G 109 -23.80 -23.07 61.67
C LEU G 109 -22.57 -23.48 60.88
N LEU G 110 -22.32 -22.78 59.75
CA LEU G 110 -21.12 -23.06 58.97
C LEU G 110 -19.85 -22.74 59.75
N GLU G 111 -19.85 -21.59 60.44
CA GLU G 111 -18.66 -21.18 61.19
C GLU G 111 -18.35 -22.16 62.31
N HIS G 112 -19.37 -22.55 63.07
CA HIS G 112 -19.14 -23.41 64.23
C HIS G 112 -18.77 -24.84 63.81
N PHE G 113 -19.44 -25.37 62.79
CA PHE G 113 -19.17 -26.74 62.37
C PHE G 113 -17.88 -26.83 61.55
N GLY G 114 -17.58 -25.82 60.75
CA GLY G 114 -16.30 -25.78 60.06
C GLY G 114 -16.37 -26.00 58.57
N TYR G 115 -17.51 -25.67 57.96
CA TYR G 115 -17.70 -25.71 56.51
C TYR G 115 -17.47 -27.12 55.96
N SER G 116 -17.93 -28.13 56.68
CA SER G 116 -17.79 -29.50 56.21
C SER G 116 -18.64 -29.75 54.98
N ASN G 117 -18.35 -30.84 54.27
CA ASN G 117 -19.21 -31.25 53.17
C ASN G 117 -20.56 -31.73 53.68
N GLU G 118 -20.59 -32.30 54.88
CA GLU G 118 -21.83 -32.87 55.40
C GLU G 118 -22.79 -31.78 55.87
N ILE G 119 -22.27 -30.73 56.51
CA ILE G 119 -23.13 -29.63 56.92
C ILE G 119 -23.72 -28.92 55.71
N LYS G 120 -22.94 -28.78 54.64
CA LYS G 120 -23.48 -28.20 53.41
C LYS G 120 -24.67 -29.00 52.90
N SER G 121 -24.59 -30.33 52.97
CA SER G 121 -25.71 -31.17 52.56
C SER G 121 -26.92 -30.96 53.48
N ILE G 122 -26.66 -30.74 54.77
CA ILE G 122 -27.76 -30.56 55.71
C ILE G 122 -28.44 -29.22 55.48
N ILE G 123 -27.65 -28.16 55.28
CA ILE G 123 -28.23 -26.85 54.97
C ILE G 123 -28.99 -26.91 53.66
N LYS G 124 -28.49 -27.69 52.70
CA LYS G 124 -29.24 -27.93 51.48
C LYS G 124 -30.58 -28.59 51.78
N ASP G 125 -30.59 -29.55 52.71
CA ASP G 125 -31.83 -30.23 53.06
C ASP G 125 -32.76 -29.33 53.86
N VAL G 126 -32.21 -28.36 54.59
CA VAL G 126 -33.04 -27.44 55.37
C VAL G 126 -33.80 -26.50 54.45
N ILE G 127 -33.12 -25.95 53.45
CA ILE G 127 -33.77 -25.05 52.50
C ILE G 127 -34.83 -25.79 51.71
N SER G 128 -34.54 -27.04 51.31
CA SER G 128 -35.50 -27.81 50.53
C SER G 128 -36.74 -28.15 51.37
N GLU G 129 -36.53 -28.65 52.60
CA GLU G 129 -37.67 -29.00 53.44
C GLU G 129 -38.50 -27.77 53.79
N LEU G 130 -37.85 -26.66 54.09
CA LEU G 130 -38.58 -25.43 54.40
C LEU G 130 -39.40 -24.96 53.21
N ALA G 131 -38.86 -25.12 52.00
CA ALA G 131 -39.57 -24.68 50.80
C ALA G 131 -40.73 -25.62 50.48
N ILE G 132 -40.53 -26.93 50.64
CA ILE G 132 -41.62 -27.88 50.45
C ILE G 132 -42.75 -27.59 51.42
N PHE G 133 -42.43 -27.34 52.69
CA PHE G 133 -43.45 -27.01 53.67
C PHE G 133 -44.13 -25.69 53.36
N SER G 134 -43.36 -24.71 52.88
CA SER G 134 -43.93 -23.41 52.55
C SER G 134 -44.96 -23.52 51.42
N GLY G 135 -44.72 -24.42 50.47
CA GLY G 135 -45.72 -24.68 49.45
C GLY G 135 -46.98 -25.29 50.03
N ASP G 136 -46.83 -26.19 51.00
CA ASP G 136 -47.99 -26.75 51.69
C ASP G 136 -48.72 -25.68 52.49
N ILE G 137 -47.99 -24.69 53.01
CA ILE G 137 -48.63 -23.59 53.70
C ILE G 137 -49.43 -22.73 52.73
N ASN G 138 -48.84 -22.42 51.57
CA ASN G 138 -49.47 -21.49 50.64
C ASN G 138 -50.67 -22.11 49.95
N VAL G 139 -50.70 -23.43 49.78
CA VAL G 139 -51.86 -24.04 49.16
C VAL G 139 -53.00 -24.18 50.16
N THR G 140 -52.68 -24.37 51.45
CA THR G 140 -53.71 -24.51 52.46
C THR G 140 -54.19 -23.15 52.95
N PHE G 141 -53.26 -22.26 53.33
CA PHE G 141 -53.64 -20.94 53.80
C PHE G 141 -54.17 -20.10 52.64
N GLY G 142 -53.34 -19.86 51.65
CA GLY G 142 -53.77 -19.16 50.46
C GLY G 142 -53.31 -17.71 50.44
N ASN G 143 -53.15 -17.17 49.24
CA ASN G 143 -52.79 -15.78 49.04
C ASN G 143 -53.46 -15.29 47.77
N THR G 144 -54.14 -14.14 47.86
CA THR G 144 -54.90 -13.62 46.73
C THR G 144 -54.76 -12.11 46.68
N VAL G 145 -55.13 -11.55 45.52
CA VAL G 145 -55.07 -10.11 45.26
C VAL G 145 -56.39 -9.69 44.63
N SER G 146 -56.96 -8.60 45.12
CA SER G 146 -58.23 -8.10 44.62
C SER G 146 -58.25 -6.59 44.72
N ILE G 147 -58.91 -5.96 43.73
CA ILE G 147 -59.18 -4.54 43.82
C ILE G 147 -60.21 -4.27 44.91
N LYS G 148 -61.11 -5.22 45.15
CA LYS G 148 -62.08 -5.08 46.23
C LYS G 148 -61.40 -4.92 47.58
N SER G 149 -60.27 -5.61 47.77
CA SER G 149 -59.53 -5.49 49.03
C SER G 149 -59.09 -4.05 49.27
N LEU G 150 -58.72 -3.34 48.21
CA LEU G 150 -58.39 -1.93 48.35
C LEU G 150 -59.64 -1.12 48.66
N ILE G 151 -60.75 -1.45 47.99
CA ILE G 151 -62.01 -0.77 48.24
C ILE G 151 -62.48 -1.01 49.66
N ASP G 152 -62.35 -2.25 50.14
CA ASP G 152 -62.83 -2.60 51.47
C ASP G 152 -62.10 -1.82 52.55
N LEU G 153 -60.79 -1.64 52.40
CA LEU G 153 -60.04 -0.84 53.36
C LEU G 153 -60.48 0.61 53.34
N GLY G 154 -60.71 1.16 52.15
CA GLY G 154 -61.16 2.54 52.06
C GLY G 154 -62.47 2.78 52.76
N ASN G 155 -63.37 1.79 52.73
CA ASN G 155 -64.64 1.92 53.44
C ASN G 155 -64.42 1.96 54.95
N LYS G 156 -63.49 1.14 55.45
CA LYS G 156 -63.23 1.11 56.89
C LYS G 156 -62.35 2.29 57.30
N VAL G 157 -61.28 2.55 56.57
CA VAL G 157 -60.32 3.60 56.90
C VAL G 157 -60.56 4.77 55.98
N LYS G 158 -60.99 5.91 56.55
CA LYS G 158 -61.28 7.09 55.75
C LYS G 158 -60.01 7.63 55.08
N ARG G 159 -58.89 7.58 55.78
CA ARG G 159 -57.64 8.10 55.22
C ARG G 159 -57.20 7.27 54.00
N PHE G 160 -57.38 5.96 54.06
CA PHE G 160 -56.99 5.11 52.94
C PHE G 160 -57.84 5.41 51.71
N ARG G 161 -59.13 5.68 51.92
CA ARG G 161 -59.98 6.13 50.81
C ARG G 161 -59.45 7.43 50.23
N GLU G 162 -59.02 8.36 51.09
CA GLU G 162 -58.53 9.64 50.62
C GLU G 162 -57.23 9.49 49.84
N LEU G 163 -56.38 8.54 50.23
CA LEU G 163 -55.10 8.35 49.55
C LEU G 163 -55.30 7.80 48.15
N LEU G 164 -56.25 6.88 47.98
CA LEU G 164 -56.50 6.30 46.67
C LEU G 164 -57.08 7.31 45.69
N HIS G 165 -57.78 8.32 46.20
CA HIS G 165 -58.41 9.35 45.36
C HIS G 165 -57.57 10.61 45.24
N TYR G 166 -56.30 10.55 45.61
CA TYR G 166 -55.49 11.78 45.64
C TYR G 166 -55.26 12.33 44.24
N ARG G 167 -55.32 13.64 44.13
CA ARG G 167 -55.01 14.36 42.90
C ARG G 167 -54.23 15.61 43.28
N LEU G 168 -53.14 15.88 42.56
CA LEU G 168 -52.26 16.99 42.92
C LEU G 168 -53.01 18.31 42.81
N PRO G 169 -52.68 19.28 43.67
CA PRO G 169 -53.43 20.53 43.69
C PRO G 169 -53.32 21.29 42.38
N ASN G 170 -54.34 22.10 42.11
CA ASN G 170 -54.40 22.88 40.87
C ASN G 170 -53.51 24.11 40.89
N ASP G 171 -52.95 24.48 42.04
CA ASP G 171 -52.06 25.62 42.09
C ASP G 171 -50.79 25.34 41.28
N GLU G 172 -50.33 26.36 40.55
CA GLU G 172 -49.19 26.20 39.66
C GLU G 172 -47.85 26.20 40.39
N ALA G 173 -47.86 26.32 41.72
CA ALA G 173 -46.63 26.33 42.50
C ALA G 173 -45.96 24.97 42.56
N LEU G 174 -46.64 23.90 42.16
CA LEU G 174 -46.04 22.57 42.20
C LEU G 174 -44.82 22.49 41.30
N GLU G 175 -43.76 21.86 41.81
CA GLU G 175 -42.51 21.72 41.09
C GLU G 175 -42.09 20.25 41.14
N PHE G 176 -41.13 19.89 40.28
CA PHE G 176 -40.73 18.49 40.16
C PHE G 176 -40.26 17.94 41.51
N ASN G 177 -39.43 18.71 42.21
CA ASN G 177 -38.99 18.28 43.54
C ASN G 177 -40.16 18.25 44.51
N ASP G 178 -41.08 19.20 44.40
CA ASP G 178 -42.25 19.21 45.27
C ASP G 178 -43.21 18.08 44.91
N ILE G 179 -43.40 17.83 43.62
CA ILE G 179 -44.29 16.75 43.19
C ILE G 179 -43.74 15.40 43.62
N GLU G 180 -42.44 15.19 43.41
CA GLU G 180 -41.83 13.92 43.77
C GLU G 180 -41.86 13.68 45.28
N ALA G 181 -41.73 14.74 46.07
CA ALA G 181 -41.83 14.60 47.52
C ALA G 181 -43.24 14.19 47.93
N ILE G 182 -44.26 14.73 47.25
CA ILE G 182 -45.64 14.37 47.56
C ILE G 182 -45.89 12.90 47.26
N ILE G 183 -45.26 12.39 46.18
CA ILE G 183 -45.39 10.98 45.84
C ILE G 183 -44.87 10.11 46.97
N LYS G 184 -43.75 10.49 47.56
CA LYS G 184 -43.16 9.70 48.64
C LYS G 184 -44.03 9.72 49.89
N LYS G 185 -44.55 10.89 50.26
CA LYS G 185 -45.34 11.01 51.49
C LYS G 185 -46.60 10.17 51.42
N ASN G 186 -47.37 10.32 50.33
CA ASN G 186 -48.63 9.59 50.22
C ASN G 186 -48.39 8.09 50.13
N LEU G 187 -47.31 7.67 49.48
CA LEU G 187 -46.96 6.25 49.43
C LEU G 187 -46.56 5.73 50.80
N ASP G 188 -45.83 6.55 51.57
CA ASP G 188 -45.41 6.13 52.91
C ASP G 188 -46.62 5.85 53.79
N GLU G 189 -47.66 6.68 53.68
CA GLU G 189 -48.88 6.45 54.46
C GLU G 189 -49.58 5.16 54.03
N ILE G 190 -49.61 4.88 52.73
CA ILE G 190 -50.27 3.68 52.24
C ILE G 190 -49.61 2.44 52.82
N MET G 191 -48.28 2.36 52.75
CA MET G 191 -47.57 1.22 53.28
C MET G 191 -47.71 1.13 54.80
N LYS G 192 -47.68 2.28 55.48
CA LYS G 192 -47.86 2.29 56.93
C LYS G 192 -49.25 1.78 57.31
N ILE G 193 -50.27 2.23 56.59
CA ILE G 193 -51.64 1.77 56.86
C ILE G 193 -51.73 0.26 56.72
N LEU G 194 -51.14 -0.29 55.66
CA LEU G 194 -51.25 -1.73 55.42
C LEU G 194 -50.49 -2.54 56.46
N SER G 195 -49.43 -1.99 57.03
CA SER G 195 -48.70 -2.71 58.07
C SER G 195 -49.51 -2.80 59.35
N GLU G 196 -50.28 -1.75 59.67
CA GLU G 196 -51.01 -1.67 60.92
C GLU G 196 -52.47 -2.10 60.78
N THR G 197 -52.92 -2.45 59.59
CA THR G 197 -54.31 -2.81 59.35
C THR G 197 -54.39 -4.26 58.88
N ASP G 198 -55.53 -4.89 59.14
CA ASP G 198 -55.76 -6.29 58.77
C ASP G 198 -56.34 -6.40 57.37
N ASN G 199 -55.54 -5.98 56.39
CA ASN G 199 -55.96 -6.16 55.01
C ASN G 199 -55.57 -7.55 54.51
N MET G 200 -56.15 -7.94 53.38
CA MET G 200 -55.78 -9.20 52.74
C MET G 200 -54.41 -9.14 52.09
N LEU G 201 -53.81 -7.95 51.97
CA LEU G 201 -52.52 -7.76 51.34
C LEU G 201 -51.42 -7.42 52.33
N ARG G 202 -51.72 -7.42 53.63
CA ARG G 202 -50.74 -6.98 54.61
C ARG G 202 -49.59 -7.97 54.75
N TYR G 203 -49.87 -9.26 54.57
CA TYR G 203 -48.80 -10.26 54.71
C TYR G 203 -47.75 -10.08 53.62
N TYR G 204 -48.14 -9.57 52.45
CA TYR G 204 -47.15 -9.22 51.44
C TYR G 204 -46.27 -8.08 51.92
N ILE G 205 -46.89 -7.03 52.45
CA ILE G 205 -46.17 -5.79 52.74
C ILE G 205 -45.10 -6.02 53.80
N ASP G 206 -45.49 -6.63 54.92
CA ASP G 206 -44.54 -6.87 56.00
C ASP G 206 -43.46 -7.87 55.58
N SER G 207 -43.82 -8.85 54.74
CA SER G 207 -42.85 -9.83 54.30
C SER G 207 -41.87 -9.23 53.28
N GLY G 208 -42.28 -8.18 52.57
CA GLY G 208 -41.47 -7.65 51.50
C GLY G 208 -41.53 -8.46 50.23
N ALA G 209 -42.50 -9.34 50.09
CA ALA G 209 -42.64 -10.23 48.95
C ALA G 209 -43.85 -9.82 48.12
N GLY G 210 -43.63 -9.60 46.83
CA GLY G 210 -44.71 -9.31 45.90
C GLY G 210 -45.12 -7.86 45.80
N ILE G 211 -44.45 -6.96 46.51
CA ILE G 211 -44.78 -5.54 46.49
C ILE G 211 -43.51 -4.74 46.22
N ASN G 212 -43.56 -3.89 45.20
CA ASN G 212 -42.54 -2.88 44.96
C ASN G 212 -43.17 -1.51 45.16
N SER G 213 -42.50 -0.67 45.95
CA SER G 213 -43.13 0.54 46.45
C SER G 213 -43.54 1.49 45.33
N LYS G 214 -42.60 1.80 44.42
CA LYS G 214 -42.88 2.79 43.39
C LYS G 214 -44.02 2.35 42.47
N GLN G 215 -44.01 1.10 42.04
CA GLN G 215 -45.04 0.63 41.12
C GLN G 215 -46.37 0.43 41.83
N PHE G 216 -46.34 0.01 43.09
CA PHE G 216 -47.57 -0.11 43.87
C PHE G 216 -48.29 1.23 44.00
N GLY G 217 -47.53 2.31 44.14
CA GLY G 217 -48.14 3.62 44.23
C GLY G 217 -48.68 4.13 42.91
N GLN G 218 -48.06 3.73 41.80
CA GLN G 218 -48.55 4.15 40.49
C GLN G 218 -49.92 3.55 40.20
N VAL G 219 -50.15 2.31 40.62
CA VAL G 219 -51.44 1.67 40.39
C VAL G 219 -52.50 2.27 41.31
N LEU G 220 -52.13 2.59 42.54
CA LEU G 220 -53.08 2.97 43.58
C LEU G 220 -53.36 4.47 43.62
N SER G 221 -52.32 5.29 43.71
CA SER G 221 -52.51 6.71 44.01
C SER G 221 -51.92 7.61 42.92
N LEU G 222 -50.61 7.62 42.73
CA LEU G 222 -49.96 8.62 41.89
C LEU G 222 -48.97 7.96 40.93
N VAL G 223 -49.13 8.23 39.64
CA VAL G 223 -48.13 7.81 38.66
C VAL G 223 -46.88 8.68 38.76
N GLY G 224 -47.08 9.99 38.71
CA GLY G 224 -45.98 10.94 38.87
C GLY G 224 -45.49 11.47 37.55
N SER G 225 -44.50 12.35 37.65
CA SER G 225 -43.88 12.91 36.46
C SER G 225 -42.93 11.89 35.82
N LYS G 226 -42.87 11.89 34.50
CA LYS G 226 -42.12 10.89 33.76
C LYS G 226 -41.10 11.55 32.84
N PRO G 227 -39.89 10.99 32.72
CA PRO G 227 -38.92 11.51 31.77
C PRO G 227 -39.32 11.19 30.33
N ASP G 228 -38.81 12.00 29.41
CA ASP G 228 -39.05 11.79 28.00
C ASP G 228 -37.98 10.87 27.42
N LEU G 229 -37.88 10.81 26.09
CA LEU G 229 -36.98 9.87 25.44
C LEU G 229 -35.53 10.12 25.83
N PHE G 230 -35.15 11.39 26.02
CA PHE G 230 -33.77 11.76 26.33
C PHE G 230 -33.58 12.19 27.78
N GLY G 231 -34.57 11.95 28.65
CA GLY G 231 -34.45 12.23 30.06
C GLY G 231 -35.10 13.51 30.53
N LYS G 232 -35.63 14.33 29.62
CA LYS G 232 -36.27 15.57 30.02
C LYS G 232 -37.63 15.26 30.64
N ILE G 233 -37.87 15.79 31.83
CA ILE G 233 -39.13 15.59 32.53
C ILE G 233 -40.24 16.26 31.73
N ILE G 234 -41.26 15.49 31.38
CA ILE G 234 -42.39 16.03 30.61
C ILE G 234 -43.15 17.02 31.48
N PRO G 235 -43.48 18.23 30.97
CA PRO G 235 -44.08 19.25 31.85
C PRO G 235 -45.38 18.83 32.51
N TYR G 236 -46.27 18.17 31.77
CA TYR G 236 -47.59 17.82 32.29
C TYR G 236 -47.53 16.46 32.96
N PRO G 237 -47.59 16.39 34.29
CA PRO G 237 -47.49 15.09 34.97
C PRO G 237 -48.80 14.31 34.88
N ILE G 238 -48.73 13.06 35.33
CA ILE G 238 -49.86 12.14 35.28
C ILE G 238 -50.43 12.03 36.68
N ASN G 239 -51.55 12.73 36.92
CA ASN G 239 -52.18 12.70 38.24
C ASN G 239 -52.91 11.37 38.48
N THR G 240 -53.76 10.97 37.53
CA THR G 240 -54.59 9.79 37.72
C THR G 240 -53.74 8.53 37.84
N SER G 241 -53.98 7.76 38.90
CA SER G 241 -53.37 6.45 39.00
C SER G 241 -53.99 5.51 37.97
N PHE G 242 -53.27 4.42 37.69
CA PHE G 242 -53.73 3.49 36.66
C PHE G 242 -55.11 2.93 36.99
N LEU G 243 -55.35 2.59 38.27
CA LEU G 243 -56.64 2.03 38.66
C LEU G 243 -57.77 3.00 38.38
N ARG G 244 -57.52 4.30 38.53
CA ARG G 244 -58.57 5.29 38.33
C ARG G 244 -58.80 5.60 36.86
N GLY G 245 -57.74 5.65 36.07
CA GLY G 245 -57.83 5.95 34.66
C GLY G 245 -56.59 6.66 34.20
N LEU G 246 -56.65 7.16 32.96
CA LEU G 246 -55.49 7.86 32.41
C LEU G 246 -55.95 8.74 31.26
N ASP G 247 -55.30 9.91 31.15
CA ASP G 247 -55.64 10.90 30.16
C ASP G 247 -55.02 10.51 28.81
N VAL G 248 -55.66 10.96 27.72
CA VAL G 248 -55.15 10.60 26.39
C VAL G 248 -53.80 11.26 26.15
N ARG G 249 -53.59 12.47 26.69
CA ARG G 249 -52.27 13.08 26.63
C ARG G 249 -51.26 12.28 27.46
N SER G 250 -51.68 11.79 28.63
CA SER G 250 -50.79 11.01 29.48
C SER G 250 -50.49 9.64 28.91
N PHE G 251 -51.34 9.12 28.01
CA PHE G 251 -51.07 7.85 27.37
C PHE G 251 -49.87 7.96 26.44
N TYR G 252 -49.73 9.09 25.75
CA TYR G 252 -48.60 9.28 24.85
C TYR G 252 -47.30 9.41 25.63
N ILE G 253 -47.35 10.03 26.81
CA ILE G 253 -46.15 10.11 27.66
C ILE G 253 -45.70 8.72 28.08
N ASN G 254 -46.66 7.88 28.46
CA ASN G 254 -46.34 6.50 28.81
C ASN G 254 -45.74 5.76 27.61
N ALA G 255 -46.21 6.07 26.41
CA ALA G 255 -45.69 5.42 25.22
C ALA G 255 -44.24 5.81 24.95
N LEU G 256 -43.89 7.07 25.23
CA LEU G 256 -42.51 7.51 25.03
C LEU G 256 -41.55 6.76 25.96
N GLY G 257 -41.94 6.59 27.22
CA GLY G 257 -41.12 5.84 28.14
C GLY G 257 -41.03 4.37 27.77
N ALA G 258 -42.14 3.80 27.28
CA ALA G 258 -42.11 2.42 26.83
C ALA G 258 -41.24 2.26 25.59
N ARG G 259 -41.32 3.22 24.66
CA ARG G 259 -40.46 3.18 23.48
C ARG G 259 -39.00 3.35 23.86
N LYS G 260 -38.72 4.24 24.82
CA LYS G 260 -37.33 4.46 25.24
C LYS G 260 -36.73 3.20 25.83
N ALA G 261 -37.53 2.42 26.57
CA ALA G 261 -37.04 1.16 27.11
C ALA G 261 -36.72 0.18 26.00
N LEU G 262 -37.58 0.10 24.97
CA LEU G 262 -37.31 -0.75 23.83
C LEU G 262 -36.04 -0.31 23.10
N ILE G 263 -35.86 1.00 22.96
CA ILE G 263 -34.65 1.52 22.32
C ILE G 263 -33.43 1.22 23.18
N THR G 264 -33.58 1.32 24.51
CA THR G 264 -32.44 1.13 25.40
C THR G 264 -31.95 -0.31 25.37
N ASN G 265 -32.87 -1.28 25.33
CA ASN G 265 -32.48 -2.68 25.26
C ASN G 265 -31.70 -2.96 23.99
N TYR G 266 -32.10 -2.36 22.87
CA TYR G 266 -31.38 -2.54 21.62
C TYR G 266 -29.96 -2.00 21.70
N GLN G 267 -29.75 -0.92 22.46
CA GLN G 267 -28.41 -0.40 22.66
C GLN G 267 -27.59 -1.28 23.59
N GLN G 268 -28.23 -2.10 24.42
CA GLN G 268 -27.53 -2.94 25.38
C GLN G 268 -26.84 -4.13 24.73
N VAL G 269 -27.03 -4.35 23.42
CA VAL G 269 -26.54 -5.58 22.79
C VAL G 269 -25.03 -5.67 22.80
N ARG G 270 -24.32 -4.55 22.98
CA ARG G 270 -22.87 -4.55 22.92
C ARG G 270 -22.29 -5.36 24.08
N ASN G 271 -21.45 -6.33 23.73
CA ASN G 271 -20.69 -7.10 24.70
C ASN G 271 -19.28 -7.33 24.16
N SER G 272 -18.37 -7.64 25.06
CA SER G 272 -16.97 -7.80 24.67
C SER G 272 -16.33 -9.01 25.34
N GLY G 273 -16.12 -8.94 26.66
CA GLY G 273 -15.48 -10.04 27.33
C GLY G 273 -13.98 -10.13 27.14
N TYR G 274 -13.37 -9.17 26.44
CA TYR G 274 -11.92 -9.21 26.26
C TYR G 274 -11.19 -9.02 27.58
N LEU G 275 -11.74 -8.22 28.49
CA LEU G 275 -11.13 -8.05 29.80
C LEU G 275 -11.15 -9.34 30.59
N THR G 276 -12.22 -10.14 30.44
CA THR G 276 -12.34 -11.37 31.20
C THR G 276 -11.27 -12.39 30.82
N ARG G 277 -11.02 -12.55 29.52
CA ARG G 277 -10.05 -13.53 29.06
C ARG G 277 -8.64 -13.20 29.54
N LYS G 278 -8.27 -11.91 29.50
CA LYS G 278 -6.92 -11.51 29.86
C LYS G 278 -6.65 -11.72 31.34
N ILE G 279 -7.59 -11.32 32.20
CA ILE G 279 -7.44 -11.57 33.63
C ILE G 279 -7.51 -13.06 33.92
N SER G 280 -8.32 -13.80 33.16
CA SER G 280 -8.39 -15.24 33.33
C SER G 280 -7.04 -15.90 33.06
N MET G 281 -6.33 -15.42 32.03
CA MET G 281 -5.02 -15.99 31.71
C MET G 281 -3.98 -15.59 32.74
N LEU G 282 -4.06 -14.36 33.26
CA LEU G 282 -3.07 -13.91 34.23
C LEU G 282 -3.30 -14.54 35.60
N LEU G 283 -4.56 -14.64 36.03
CA LEU G 283 -4.89 -15.10 37.37
C LEU G 283 -5.12 -16.61 37.45
N MET G 284 -4.94 -17.34 36.34
CA MET G 284 -5.24 -18.77 36.35
C MET G 284 -4.30 -19.53 37.27
N ASP G 285 -3.03 -19.12 37.33
CA ASP G 285 -2.03 -19.85 38.10
C ASP G 285 -1.83 -19.30 39.51
N THR G 286 -2.73 -18.43 39.98
CA THR G 286 -2.68 -17.98 41.37
C THR G 286 -3.02 -19.13 42.29
N LYS G 287 -2.21 -19.31 43.33
CA LYS G 287 -2.32 -20.47 44.21
C LYS G 287 -2.28 -20.03 45.67
N LEU G 288 -2.60 -20.98 46.54
CA LEU G 288 -2.62 -20.78 47.99
C LEU G 288 -1.71 -21.82 48.63
N ILE G 289 -0.90 -21.37 49.59
CA ILE G 289 0.05 -22.23 50.29
C ILE G 289 -0.20 -22.18 51.80
N ASP G 290 -0.02 -23.33 52.45
CA ASP G 290 -0.42 -23.51 53.83
C ASP G 290 0.53 -22.86 54.83
N LEU G 291 1.75 -22.52 54.40
CA LEU G 291 2.71 -21.85 55.28
C LEU G 291 2.08 -20.59 55.87
N ASP G 292 2.06 -20.52 57.20
CA ASP G 292 1.26 -19.51 57.89
C ASP G 292 1.78 -18.11 57.64
N ASP G 293 3.09 -17.90 57.70
CA ASP G 293 3.68 -16.57 57.63
C ASP G 293 4.65 -16.48 56.47
N CYS G 294 4.50 -15.44 55.66
CA CYS G 294 5.45 -15.20 54.58
C CYS G 294 6.76 -14.66 55.12
N GLY G 295 6.70 -13.87 56.19
CA GLY G 295 7.83 -13.14 56.70
C GLY G 295 7.87 -11.68 56.30
N SER G 296 6.78 -11.15 55.73
CA SER G 296 6.77 -9.77 55.26
C SER G 296 7.01 -8.79 56.40
N HIS G 297 7.81 -7.77 56.13
CA HIS G 297 8.16 -6.78 57.13
C HIS G 297 6.99 -5.82 57.37
N GLU G 298 6.99 -5.18 58.54
CA GLU G 298 5.91 -4.25 58.87
C GLU G 298 5.92 -3.04 57.95
N ASN G 299 7.11 -2.49 57.66
CA ASN G 299 7.20 -1.44 56.66
C ASN G 299 6.77 -1.93 55.28
N ASN G 300 7.00 -3.22 55.01
CA ASN G 300 6.63 -3.82 53.73
C ASN G 300 5.13 -4.02 53.60
N TYR G 301 4.41 -4.09 54.71
CA TYR G 301 2.98 -4.35 54.67
C TYR G 301 2.24 -3.22 53.97
N LEU G 302 1.16 -3.58 53.29
CA LEU G 302 0.30 -2.60 52.62
C LEU G 302 -0.37 -1.70 53.64
N SER G 303 -0.46 -0.42 53.32
CA SER G 303 -1.12 0.57 54.16
C SER G 303 -2.41 1.00 53.48
N ILE G 304 -3.55 0.72 54.13
CA ILE G 304 -4.87 1.00 53.57
C ILE G 304 -5.56 2.04 54.44
N ASN G 305 -6.07 3.09 53.82
CA ASN G 305 -6.77 4.14 54.54
C ASN G 305 -8.23 3.76 54.74
N VAL G 306 -8.71 3.99 55.96
CA VAL G 306 -10.10 3.72 56.32
C VAL G 306 -10.81 5.04 56.53
N GLU G 307 -11.63 5.43 55.56
CA GLU G 307 -12.39 6.67 55.64
C GLU G 307 -13.89 6.48 55.47
N ASN G 308 -14.35 5.30 55.06
CA ASN G 308 -15.76 5.05 54.83
C ASN G 308 -16.17 3.74 55.47
N LYS G 309 -17.49 3.61 55.71
CA LYS G 309 -18.02 2.36 56.25
C LYS G 309 -17.81 1.20 55.28
N ASP G 310 -17.97 1.46 53.98
CA ASP G 310 -17.81 0.40 52.98
C ASP G 310 -16.39 -0.12 52.93
N VAL G 311 -15.41 0.71 53.30
CA VAL G 311 -14.01 0.28 53.28
C VAL G 311 -13.80 -0.88 54.25
N LEU G 312 -14.42 -0.81 55.43
CA LEU G 312 -14.18 -1.82 56.46
C LEU G 312 -14.76 -3.17 56.06
N LYS G 313 -15.86 -3.19 55.31
CA LYS G 313 -16.48 -4.46 54.92
C LYS G 313 -15.51 -5.32 54.13
N ARG G 314 -14.69 -4.70 53.29
CA ARG G 314 -13.84 -5.45 52.36
C ARG G 314 -12.74 -6.23 53.07
N PHE G 315 -12.42 -5.88 54.31
CA PHE G 315 -11.33 -6.50 55.04
C PHE G 315 -11.82 -7.48 56.11
N SER G 316 -13.04 -8.00 55.97
CA SER G 316 -13.48 -9.06 56.85
C SER G 316 -12.63 -10.31 56.61
N LYS G 317 -12.47 -11.11 57.67
CA LYS G 317 -11.64 -12.32 57.64
C LYS G 317 -10.18 -11.99 57.34
N ARG G 318 -9.72 -10.82 57.78
CA ARG G 318 -8.38 -10.34 57.47
C ARG G 318 -7.76 -9.75 58.72
N SER G 319 -6.44 -9.85 58.80
CA SER G 319 -5.68 -9.37 59.95
C SER G 319 -5.23 -7.93 59.76
N TYR G 320 -4.86 -7.29 60.87
CA TYR G 320 -4.35 -5.93 60.84
C TYR G 320 -3.45 -5.71 62.04
N LEU G 321 -2.71 -4.61 62.01
CA LEU G 321 -1.75 -4.28 63.04
C LEU G 321 -2.40 -3.33 64.05
N ASN G 322 -2.48 -3.76 65.30
CA ASN G 322 -3.08 -2.95 66.35
C ASN G 322 -2.20 -1.74 66.64
N ASN G 323 -2.79 -0.75 67.33
CA ASN G 323 -2.05 0.47 67.65
C ASN G 323 -0.83 0.18 68.51
N ASN G 324 -0.97 -0.73 69.48
CA ASN G 324 0.16 -1.22 70.27
C ASN G 324 0.42 -2.70 70.07
N GLY G 325 -0.36 -3.38 69.23
CA GLY G 325 -0.20 -4.81 69.02
C GLY G 325 0.01 -5.13 67.55
N GLU G 326 0.32 -6.40 67.29
CA GLU G 326 0.67 -6.88 65.96
C GLU G 326 -0.25 -8.02 65.56
N LEU G 327 -0.67 -8.00 64.29
CA LEU G 327 -1.31 -9.15 63.64
C LEU G 327 -2.53 -9.64 64.41
N VAL G 328 -3.44 -8.71 64.71
CA VAL G 328 -4.73 -9.02 65.29
C VAL G 328 -5.77 -8.95 64.16
N GLU G 329 -6.77 -9.83 64.22
CA GLU G 329 -7.80 -9.81 63.19
C GLU G 329 -8.71 -8.61 63.39
N ILE G 330 -9.09 -7.99 62.29
CA ILE G 330 -9.93 -6.79 62.34
C ILE G 330 -11.39 -7.18 62.49
N ASP G 331 -12.17 -6.28 63.10
CA ASP G 331 -13.60 -6.43 63.23
C ASP G 331 -14.28 -5.29 62.49
N ILE G 332 -15.23 -5.62 61.62
CA ILE G 332 -15.88 -4.62 60.79
C ILE G 332 -16.63 -3.61 61.64
N ASN G 333 -17.12 -4.04 62.81
CA ASN G 333 -18.01 -3.19 63.59
C ASN G 333 -17.29 -2.03 64.24
N ASP G 334 -16.01 -2.19 64.58
CA ASP G 334 -15.26 -1.13 65.23
C ASP G 334 -15.16 0.10 64.32
N GLU G 335 -15.72 1.21 64.78
CA GLU G 335 -15.70 2.46 64.03
C GLU G 335 -14.52 3.36 64.40
N SER G 336 -13.70 2.94 65.36
CA SER G 336 -12.50 3.69 65.70
C SER G 336 -11.49 3.64 64.56
N LEU G 337 -11.50 2.57 63.76
CA LEU G 337 -10.58 2.46 62.62
C LEU G 337 -10.86 3.53 61.58
N ILE G 338 -12.12 3.94 61.44
CA ILE G 338 -12.46 4.99 60.49
C ILE G 338 -11.80 6.30 60.91
N GLY G 339 -11.23 6.99 59.93
CA GLY G 339 -10.46 8.19 60.22
C GLY G 339 -9.07 7.92 60.72
N GLN G 340 -8.54 6.72 60.49
CA GLN G 340 -7.24 6.33 60.99
C GLN G 340 -6.54 5.47 59.95
N VAL G 341 -5.22 5.54 59.90
CA VAL G 341 -4.41 4.77 58.96
C VAL G 341 -3.91 3.52 59.66
N ILE G 342 -4.03 2.38 58.98
CA ILE G 342 -3.66 1.08 59.54
C ILE G 342 -2.86 0.28 58.51
N LYS G 343 -2.06 -0.65 59.02
CA LYS G 343 -1.21 -1.50 58.19
C LYS G 343 -1.85 -2.87 58.05
N ILE G 344 -1.97 -3.34 56.82
CA ILE G 344 -2.67 -4.60 56.54
C ILE G 344 -1.77 -5.55 55.76
N PRO G 345 -1.70 -6.82 56.12
CA PRO G 345 -1.05 -7.80 55.24
C PRO G 345 -1.84 -7.95 53.95
N SER G 346 -1.11 -8.13 52.85
CA SER G 346 -1.73 -8.16 51.53
C SER G 346 -1.11 -9.24 50.68
N PRO G 347 -1.90 -9.88 49.80
CA PRO G 347 -1.32 -10.84 48.86
C PRO G 347 -0.30 -10.22 47.92
N THR G 348 -0.35 -8.90 47.72
CA THR G 348 0.64 -8.24 46.88
C THR G 348 2.06 -8.42 47.44
N THR G 349 2.18 -8.59 48.76
CA THR G 349 3.48 -8.62 49.43
C THR G 349 3.83 -10.01 49.94
N CYS G 350 3.21 -11.05 49.41
CA CYS G 350 3.51 -12.41 49.84
C CYS G 350 4.95 -12.77 49.47
N ALA G 351 5.52 -13.68 50.26
CA ALA G 351 6.95 -13.97 50.19
C ALA G 351 7.23 -15.42 49.79
N SER G 352 6.26 -16.13 49.24
CA SER G 352 6.44 -17.51 48.81
C SER G 352 6.23 -17.59 47.31
N ASN G 353 7.29 -17.96 46.59
CA ASN G 353 7.19 -18.18 45.14
C ASN G 353 6.27 -19.34 44.79
N GLU G 354 5.85 -20.13 45.79
CA GLU G 354 4.93 -21.24 45.54
C GLU G 354 3.47 -20.81 45.60
N GLY G 355 3.16 -19.74 46.31
CA GLY G 355 1.79 -19.26 46.36
C GLY G 355 1.62 -18.20 47.42
N VAL G 356 0.36 -17.86 47.66
CA VAL G 356 0.01 -16.81 48.60
C VAL G 356 -0.10 -17.41 50.00
N CYS G 357 0.49 -16.73 50.98
CA CYS G 357 0.48 -17.25 52.33
C CYS G 357 -0.91 -17.13 52.96
N ARG G 358 -1.05 -17.74 54.13
CA ARG G 358 -2.35 -17.79 54.79
C ARG G 358 -2.71 -16.45 55.41
N LYS G 359 -1.73 -15.77 56.01
CA LYS G 359 -2.02 -14.55 56.75
C LYS G 359 -2.36 -13.39 55.83
N CYS G 360 -1.78 -13.36 54.63
CA CYS G 360 -2.10 -12.27 53.70
C CYS G 360 -3.43 -12.51 53.00
N TYR G 361 -3.73 -13.77 52.66
CA TYR G 361 -5.03 -14.07 52.09
C TYR G 361 -6.14 -13.85 53.11
N GLY G 362 -5.92 -14.24 54.35
CA GLY G 362 -6.87 -14.04 55.42
C GLY G 362 -7.48 -15.35 55.89
N LYS G 363 -8.51 -15.21 56.73
CA LYS G 363 -9.22 -16.38 57.26
C LYS G 363 -9.90 -17.17 56.16
N LEU G 364 -10.13 -16.57 55.00
CA LEU G 364 -10.79 -17.22 53.87
C LEU G 364 -9.97 -18.36 53.27
N PHE G 365 -8.75 -18.59 53.75
CA PHE G 365 -7.89 -19.64 53.20
C PHE G 365 -8.62 -20.99 53.20
N ASP G 366 -9.09 -21.41 54.37
CA ASP G 366 -9.71 -22.73 54.48
C ASP G 366 -11.07 -22.78 53.78
N ILE G 367 -11.76 -21.64 53.68
CA ILE G 367 -13.08 -21.64 53.06
C ILE G 367 -12.96 -21.75 51.54
N ASN G 368 -12.04 -21.02 50.94
CA ASN G 368 -11.90 -20.94 49.50
C ASN G 368 -10.84 -21.87 48.93
N LYS G 369 -10.23 -22.72 49.76
CA LYS G 369 -9.10 -23.53 49.28
C LYS G 369 -9.51 -24.50 48.20
N ASP G 370 -10.76 -24.98 48.22
CA ASP G 370 -11.16 -26.01 47.27
C ASP G 370 -11.22 -25.49 45.85
N LEU G 371 -11.50 -24.20 45.67
CA LEU G 371 -11.64 -23.60 44.36
C LEU G 371 -10.47 -22.65 44.10
N ASN G 372 -10.20 -22.42 42.81
CA ASN G 372 -9.08 -21.57 42.42
C ASN G 372 -9.28 -20.16 42.94
N ILE G 373 -8.29 -19.66 43.68
CA ILE G 373 -8.41 -18.35 44.32
C ILE G 373 -8.50 -17.25 43.27
N GLY G 374 -7.61 -17.28 42.28
CA GLY G 374 -7.62 -16.26 41.25
C GLY G 374 -8.87 -16.33 40.37
N MET G 375 -9.31 -17.55 40.04
CA MET G 375 -10.51 -17.70 39.24
C MET G 375 -11.74 -17.20 39.98
N ILE G 376 -11.76 -17.33 41.31
CA ILE G 376 -12.81 -16.69 42.09
C ILE G 376 -12.72 -15.18 41.97
N ALA G 377 -11.50 -14.64 42.01
CA ALA G 377 -11.32 -13.19 42.02
C ALA G 377 -11.78 -12.57 40.70
N VAL G 378 -11.43 -13.18 39.57
CA VAL G 378 -11.81 -12.59 38.29
C VAL G 378 -13.32 -12.63 38.11
N LEU G 379 -13.96 -13.75 38.44
CA LEU G 379 -15.41 -13.84 38.28
C LEU G 379 -16.15 -12.92 39.24
N LEU G 380 -15.58 -12.65 40.41
CA LEU G 380 -16.22 -11.73 41.35
C LEU G 380 -16.16 -10.29 40.85
N LEU G 381 -15.11 -9.93 40.11
CA LEU G 381 -15.03 -8.61 39.52
C LEU G 381 -15.68 -8.53 38.15
N THR G 382 -15.61 -9.62 37.37
CA THR G 382 -16.13 -9.61 36.01
C THR G 382 -17.65 -9.46 35.99
N ASP G 383 -18.34 -10.25 36.83
CA ASP G 383 -19.80 -10.26 36.78
C ASP G 383 -20.41 -8.88 37.02
N PRO G 384 -20.02 -8.13 38.06
CA PRO G 384 -20.54 -6.75 38.16
C PRO G 384 -20.05 -5.85 37.05
N LEU G 385 -18.81 -6.02 36.60
CA LEU G 385 -18.25 -5.09 35.61
C LEU G 385 -18.99 -5.18 34.28
N THR G 386 -19.34 -6.39 33.85
CA THR G 386 -19.99 -6.59 32.56
C THR G 386 -21.50 -6.69 32.64
N GLN G 387 -22.03 -7.44 33.62
CA GLN G 387 -23.48 -7.64 33.68
C GLN G 387 -24.21 -6.38 34.11
N ARG G 388 -23.69 -5.68 35.13
CA ARG G 388 -24.36 -4.46 35.61
C ARG G 388 -24.42 -3.40 34.52
N LEU G 389 -23.41 -3.33 33.66
CA LEU G 389 -23.47 -2.42 32.51
C LEU G 389 -24.43 -2.93 31.45
N LEU G 390 -24.30 -4.21 31.09
CA LEU G 390 -25.16 -4.80 30.06
C LEU G 390 -26.63 -4.61 30.40
N SER G 391 -27.01 -4.89 31.65
CA SER G 391 -28.38 -4.74 32.12
C SER G 391 -29.36 -5.47 31.20
N ALA G 392 -28.97 -6.66 30.76
CA ALA G 392 -29.75 -7.40 29.77
C ALA G 392 -31.10 -7.81 30.32
N LYS G 393 -31.15 -8.17 31.60
CA LYS G 393 -32.40 -8.62 32.19
C LYS G 393 -33.37 -7.46 32.38
N HIS G 394 -34.67 -7.76 32.24
CA HIS G 394 -35.69 -6.74 32.43
C HIS G 394 -35.87 -6.37 33.89
N LEU G 395 -35.50 -7.24 34.82
CA LEU G 395 -35.69 -6.94 36.24
C LEU G 395 -34.84 -5.76 36.67
N LEU G 396 -33.60 -5.67 36.17
CA LEU G 396 -32.79 -4.49 36.42
C LEU G 396 -33.40 -3.25 35.77
N GLU G 397 -34.11 -3.43 34.65
CA GLU G 397 -34.75 -2.32 33.96
C GLU G 397 -36.04 -1.87 34.64
N THR G 398 -36.58 -2.66 35.56
CA THR G 398 -37.74 -2.20 36.33
C THR G 398 -37.38 -1.01 37.20
N ARG G 399 -36.11 -0.92 37.63
CA ARG G 399 -35.59 0.27 38.30
C ARG G 399 -34.97 1.16 37.24
N SER G 400 -35.60 2.29 36.97
CA SER G 400 -35.16 3.18 35.91
C SER G 400 -33.89 3.93 36.31
N SER G 401 -33.13 4.32 35.30
CA SER G 401 -31.94 5.13 35.52
C SER G 401 -32.32 6.51 36.06
N LYS G 402 -31.54 6.99 37.03
CA LYS G 402 -31.83 8.26 37.69
C LYS G 402 -31.28 9.39 36.83
N ILE G 403 -32.18 10.14 36.18
CA ILE G 403 -31.77 11.25 35.33
C ILE G 403 -31.30 12.40 36.21
N ASP G 404 -30.16 12.99 35.85
CA ASP G 404 -29.61 14.10 36.60
C ASP G 404 -28.57 14.81 35.75
N TRP G 405 -28.29 16.06 36.12
CA TRP G 405 -27.26 16.86 35.48
C TRP G 405 -26.53 17.65 36.55
N GLY G 406 -25.26 17.95 36.29
CA GLY G 406 -24.46 18.67 37.26
C GLY G 406 -24.97 20.09 37.47
N THR G 407 -24.85 20.54 38.73
CA THR G 407 -25.27 21.91 39.04
C THR G 407 -24.39 22.94 38.35
N ASN G 408 -23.10 22.66 38.20
CA ASN G 408 -22.23 23.56 37.45
C ASN G 408 -22.56 23.55 35.97
N PHE G 409 -22.92 22.38 35.44
CA PHE G 409 -23.33 22.29 34.04
C PHE G 409 -24.64 23.03 33.82
N GLU G 410 -25.59 22.90 34.75
CA GLU G 410 -26.85 23.61 34.63
C GLU G 410 -26.66 25.12 34.76
N GLU G 411 -25.60 25.56 35.45
CA GLU G 411 -25.40 26.99 35.67
C GLU G 411 -24.99 27.70 34.39
N ASN G 412 -24.13 27.08 33.58
CA ASN G 412 -23.60 27.71 32.39
C ASN G 412 -24.08 27.08 31.09
N PHE G 413 -24.73 25.92 31.14
CA PHE G 413 -25.22 25.24 29.95
C PHE G 413 -26.66 24.80 30.17
N ILE G 414 -27.39 24.69 29.06
CA ILE G 414 -28.76 24.18 29.05
C ILE G 414 -28.86 23.12 27.98
N VAL G 415 -29.32 21.93 28.36
CA VAL G 415 -29.51 20.82 27.43
C VAL G 415 -30.96 20.82 27.00
N ASN G 416 -31.22 21.38 25.82
CA ASN G 416 -32.54 21.36 25.21
C ASN G 416 -32.40 20.87 23.78
N ARG G 417 -33.53 20.42 23.21
CA ARG G 417 -33.55 19.74 21.92
C ARG G 417 -32.64 18.51 21.92
N ASN G 418 -32.43 17.94 23.10
CA ASN G 418 -31.55 16.78 23.29
C ASN G 418 -30.11 17.08 22.85
N LEU G 419 -29.69 18.34 23.00
CA LEU G 419 -28.36 18.76 22.62
C LEU G 419 -27.80 19.68 23.70
N ILE G 420 -26.47 19.76 23.77
CA ILE G 420 -25.78 20.61 24.73
C ILE G 420 -25.65 22.00 24.11
N TYR G 421 -26.38 22.97 24.66
CA TYR G 421 -26.41 24.33 24.15
C TYR G 421 -25.92 25.29 25.23
N PRO G 422 -24.96 26.16 24.92
CA PRO G 422 -24.45 27.09 25.93
C PRO G 422 -25.37 28.30 26.09
N LYS G 423 -25.72 28.60 27.34
CA LYS G 423 -26.48 29.81 27.61
C LYS G 423 -25.64 31.05 27.36
N VAL G 424 -24.41 31.05 27.86
CA VAL G 424 -23.47 32.14 27.63
C VAL G 424 -22.66 31.83 26.39
N TYR G 425 -22.68 32.74 25.42
CA TYR G 425 -21.97 32.53 24.17
C TYR G 425 -20.58 33.15 24.16
N ASN G 426 -20.09 33.60 25.32
CA ASN G 426 -18.71 34.05 25.48
C ASN G 426 -18.06 33.24 26.58
N GLY G 427 -16.91 32.65 26.27
CA GLY G 427 -16.20 31.83 27.23
C GLY G 427 -15.18 30.96 26.51
N THR G 428 -14.64 30.01 27.27
CA THR G 428 -13.66 29.08 26.73
C THR G 428 -13.86 27.73 27.42
N VAL G 429 -13.51 26.66 26.70
CA VAL G 429 -13.70 25.29 27.17
C VAL G 429 -12.32 24.65 27.28
N ILE G 430 -11.93 24.27 28.48
CA ILE G 430 -10.62 23.69 28.77
C ILE G 430 -10.80 22.20 28.99
N ILE G 431 -10.30 21.39 28.06
CA ILE G 431 -10.35 19.94 28.15
C ILE G 431 -8.96 19.37 27.93
N LYS G 432 -8.51 18.52 28.85
CA LYS G 432 -7.22 17.86 28.69
C LYS G 432 -7.27 16.89 27.53
N GLU G 433 -6.19 16.85 26.73
CA GLU G 433 -6.09 15.87 25.65
C GLU G 433 -6.15 14.45 26.19
N ASP G 434 -5.59 14.22 27.38
CA ASP G 434 -5.72 12.91 28.02
C ASP G 434 -7.17 12.64 28.41
N ASP G 435 -7.92 13.67 28.80
CA ASP G 435 -9.33 13.49 29.10
C ASP G 435 -10.09 13.09 27.84
N PHE G 436 -9.69 13.61 26.69
CA PHE G 436 -10.18 13.09 25.42
C PHE G 436 -9.78 11.63 25.28
N LYS G 437 -10.76 10.78 25.06
CA LYS G 437 -10.52 9.37 24.78
C LYS G 437 -11.69 8.87 23.95
N GLU G 438 -11.52 7.67 23.39
CA GLU G 438 -12.62 6.99 22.71
C GLU G 438 -12.73 5.59 23.29
N ASP G 439 -13.87 5.31 23.92
CA ASP G 439 -14.20 3.92 24.22
C ASP G 439 -14.22 3.15 22.91
N GLU G 440 -13.48 2.04 22.87
CA GLU G 440 -13.39 1.26 21.63
C GLU G 440 -14.75 0.90 21.09
N GLU G 441 -15.76 0.83 21.96
CA GLU G 441 -17.13 0.60 21.52
C GLU G 441 -17.71 1.84 20.86
N THR G 442 -17.50 3.01 21.47
CA THR G 442 -18.13 4.23 20.98
C THR G 442 -17.60 4.62 19.60
N GLU G 443 -16.31 4.41 19.35
CA GLU G 443 -15.63 4.74 18.10
C GLU G 443 -15.70 6.22 17.77
N GLU G 444 -16.16 7.05 18.69
CA GLU G 444 -16.19 8.50 18.53
C GLU G 444 -15.53 9.11 19.76
N GLN G 445 -14.65 10.09 19.54
CA GLN G 445 -13.88 10.65 20.64
C GLN G 445 -14.77 11.35 21.65
N VAL G 446 -14.58 11.05 22.92
CA VAL G 446 -15.40 11.58 24.00
C VAL G 446 -14.51 12.42 24.90
N PHE G 447 -15.11 13.45 25.52
CA PHE G 447 -14.45 14.19 26.58
C PHE G 447 -15.30 14.10 27.84
N ASP G 448 -14.70 13.57 28.91
CA ASP G 448 -15.45 13.28 30.13
C ASP G 448 -15.90 14.55 30.82
N THR G 449 -14.95 15.44 31.15
CA THR G 449 -15.25 16.67 31.85
C THR G 449 -14.44 17.80 31.24
N PHE G 450 -14.92 19.03 31.43
CA PHE G 450 -14.26 20.22 30.91
C PHE G 450 -14.37 21.33 31.95
N THR G 451 -13.50 22.32 31.81
CA THR G 451 -13.46 23.47 32.71
C THR G 451 -13.82 24.71 31.90
N LEU G 452 -15.05 25.19 32.07
CA LEU G 452 -15.48 26.41 31.41
C LEU G 452 -14.70 27.60 31.94
N LYS G 453 -14.25 28.45 31.02
CA LYS G 453 -13.50 29.65 31.39
C LYS G 453 -14.45 30.83 31.54
N SER G 454 -14.24 31.59 32.61
CA SER G 454 -15.12 32.67 32.99
C SER G 454 -14.28 33.78 33.61
N GLY G 455 -13.38 34.33 32.80
CA GLY G 455 -12.31 35.16 33.32
C GLY G 455 -11.19 34.29 33.85
N ASN G 456 -10.47 34.81 34.85
CA ASN G 456 -9.44 34.01 35.49
C ASN G 456 -10.07 32.91 36.34
N ARG G 457 -11.23 33.16 36.94
CA ARG G 457 -11.93 32.13 37.68
C ARG G 457 -12.51 31.10 36.72
N PHE G 458 -12.42 29.83 37.11
CA PHE G 458 -12.86 28.71 36.28
C PHE G 458 -13.94 27.92 36.99
N ILE G 459 -14.95 27.50 36.23
CA ILE G 459 -16.04 26.68 36.75
C ILE G 459 -15.84 25.27 36.21
N SER G 460 -15.51 24.34 37.10
CA SER G 460 -15.35 22.95 36.71
C SER G 460 -16.72 22.32 36.46
N ILE G 461 -16.79 21.49 35.42
CA ILE G 461 -18.04 20.90 34.96
C ILE G 461 -17.94 19.39 35.11
N SER G 462 -18.96 18.79 35.73
CA SER G 462 -19.07 17.35 35.89
C SER G 462 -20.29 16.87 35.11
N SER G 463 -20.07 15.97 34.16
CA SER G 463 -21.12 15.52 33.27
C SER G 463 -21.42 14.04 33.49
N PRO G 464 -22.65 13.67 33.81
CA PRO G 464 -22.98 12.23 33.88
C PRO G 464 -22.84 11.52 32.56
N MET G 465 -23.12 12.20 31.45
CA MET G 465 -23.00 11.64 30.11
C MET G 465 -21.92 12.40 29.35
N ARG G 466 -21.04 11.67 28.67
CA ARG G 466 -19.98 12.29 27.89
C ARG G 466 -20.56 12.93 26.63
N LEU G 467 -19.74 13.73 25.95
CA LEU G 467 -20.22 14.62 24.90
C LEU G 467 -19.32 14.55 23.67
N PHE G 468 -19.90 14.84 22.52
CA PHE G 468 -19.20 14.92 21.23
C PHE G 468 -19.24 16.35 20.72
N LEU G 469 -18.08 16.97 20.56
CA LEU G 469 -18.01 18.35 20.05
C LEU G 469 -18.56 18.42 18.62
N ASN G 470 -19.02 19.61 18.25
CA ASN G 470 -19.55 19.85 16.92
C ASN G 470 -18.51 19.55 15.85
N LYS G 471 -18.94 18.87 14.78
CA LYS G 471 -18.00 18.40 13.77
C LYS G 471 -17.31 19.55 13.05
N ASP G 472 -18.07 20.59 12.68
CA ASP G 472 -17.49 21.71 11.95
C ASP G 472 -16.41 22.40 12.76
N LEU G 473 -16.65 22.59 14.06
CA LEU G 473 -15.62 23.15 14.93
C LEU G 473 -14.52 22.15 15.21
N LYS G 474 -14.86 20.85 15.26
CA LYS G 474 -13.88 19.82 15.61
C LYS G 474 -12.83 19.64 14.54
N LYS G 475 -13.19 19.82 13.27
CA LYS G 475 -12.20 19.71 12.20
C LYS G 475 -11.10 20.76 12.36
N GLN G 476 -11.47 22.00 12.65
CA GLN G 476 -10.46 23.02 12.94
C GLN G 476 -9.72 22.71 14.24
N LEU G 477 -10.37 22.00 15.16
CA LEU G 477 -9.75 21.71 16.46
C LEU G 477 -8.54 20.81 16.32
N ASP G 478 -8.49 20.01 15.25
CA ASP G 478 -7.37 19.08 15.06
C ASP G 478 -6.05 19.82 14.92
N GLU G 479 -6.08 21.04 14.35
CA GLU G 479 -4.85 21.77 14.12
C GLU G 479 -4.91 23.19 14.68
N SER G 480 -5.82 24.01 14.15
CA SER G 480 -5.77 25.43 14.44
C SER G 480 -6.28 25.76 15.83
N PHE G 481 -7.43 25.19 16.20
CA PHE G 481 -8.02 25.53 17.50
C PHE G 481 -7.18 25.03 18.66
N TYR G 482 -6.45 23.93 18.47
CA TYR G 482 -5.64 23.36 19.55
C TYR G 482 -4.51 24.31 19.92
N ASN G 483 -4.31 24.48 21.23
CA ASN G 483 -3.27 25.35 21.75
C ASN G 483 -2.13 24.48 22.27
N ILE G 484 -0.96 24.60 21.63
CA ILE G 484 0.20 23.84 22.08
C ILE G 484 0.72 24.37 23.41
N GLU G 485 0.47 25.64 23.71
CA GLU G 485 0.96 26.23 24.94
C GLU G 485 0.23 25.64 26.15
N GLU G 486 -1.09 25.53 26.07
CA GLU G 486 -1.86 24.96 27.17
C GLU G 486 -1.64 23.47 27.30
N MET G 487 -1.39 22.78 26.18
CA MET G 487 -1.34 21.33 26.03
C MET G 487 -2.71 20.70 26.21
N GLN G 488 -3.74 21.48 26.49
CA GLN G 488 -5.11 21.02 26.59
C GLN G 488 -5.96 21.82 25.62
N PHE G 489 -6.80 21.13 24.85
CA PHE G 489 -7.61 21.78 23.82
C PHE G 489 -8.53 22.83 24.44
N GLU G 490 -8.46 24.05 23.90
CA GLU G 490 -9.28 25.16 24.36
C GLU G 490 -9.87 25.88 23.16
N ILE G 491 -11.17 26.10 23.19
CA ILE G 491 -11.90 26.74 22.10
C ILE G 491 -12.64 27.95 22.67
N PRO G 492 -12.48 29.13 22.09
CA PRO G 492 -13.29 30.27 22.53
C PRO G 492 -14.74 30.14 22.08
N LEU G 493 -15.66 30.41 23.01
CA LEU G 493 -17.07 30.42 22.65
C LEU G 493 -17.41 31.54 21.68
N ASN G 494 -16.52 32.51 21.48
CA ASN G 494 -16.73 33.53 20.47
C ASN G 494 -16.72 32.94 19.07
N LYS G 495 -15.93 31.88 18.86
CA LYS G 495 -15.95 31.18 17.58
C LYS G 495 -17.30 30.53 17.33
N LEU G 496 -17.95 30.07 18.39
CA LEU G 496 -19.27 29.46 18.27
C LEU G 496 -20.32 30.51 17.90
N ASP G 497 -21.30 30.08 17.12
CA ASP G 497 -22.40 30.95 16.68
C ASP G 497 -23.70 30.53 17.34
N GLU G 498 -24.64 31.47 17.37
CA GLU G 498 -25.95 31.20 17.94
C GLU G 498 -26.69 30.19 17.05
N GLY G 499 -27.31 29.20 17.69
CA GLY G 499 -28.02 28.16 16.98
C GLY G 499 -27.21 26.92 16.69
N ASP G 500 -25.94 26.88 17.08
CA ASP G 500 -25.08 25.71 16.90
C ASP G 500 -24.77 25.13 18.27
N SER G 501 -25.09 23.84 18.44
CA SER G 501 -24.94 23.20 19.73
C SER G 501 -23.47 23.03 20.09
N PHE G 502 -23.19 23.08 21.40
CA PHE G 502 -21.83 22.86 21.87
C PHE G 502 -21.40 21.42 21.63
N ALA G 503 -22.26 20.46 21.98
CA ALA G 503 -21.90 19.05 21.87
C ALA G 503 -23.17 18.21 21.89
N THR G 504 -22.99 16.91 21.66
CA THR G 504 -24.05 15.92 21.74
C THR G 504 -23.67 14.87 22.77
N PHE G 505 -24.58 14.62 23.70
CA PHE G 505 -24.26 13.73 24.82
C PHE G 505 -24.48 12.27 24.44
N ILE G 506 -23.82 11.38 25.18
CA ILE G 506 -23.97 9.94 25.00
C ILE G 506 -25.03 9.45 25.98
N MET G 507 -26.08 8.84 25.45
CA MET G 507 -27.19 8.36 26.26
C MET G 507 -27.17 6.86 26.50
N ASP G 508 -26.20 6.13 25.93
CA ASP G 508 -26.15 4.68 26.12
C ASP G 508 -25.86 4.29 27.57
N ASN G 509 -25.05 5.08 28.27
CA ASN G 509 -24.65 4.74 29.62
C ASN G 509 -25.81 4.95 30.60
N ASN G 510 -25.91 4.05 31.58
CA ASN G 510 -26.89 4.21 32.65
C ASN G 510 -26.30 5.12 33.73
N GLU G 511 -26.91 5.11 34.92
CA GLU G 511 -26.49 6.04 35.97
C GLU G 511 -25.16 5.63 36.60
N LEU G 512 -24.94 4.33 36.80
CA LEU G 512 -23.85 3.83 37.62
C LEU G 512 -22.64 3.38 36.82
N SER G 513 -22.60 3.65 35.51
CA SER G 513 -21.55 3.10 34.68
C SER G 513 -20.28 3.93 34.66
N LYS G 514 -20.33 5.19 35.11
CA LYS G 514 -19.16 6.05 35.05
C LYS G 514 -18.01 5.54 35.91
N PRO G 515 -18.20 5.21 37.20
CA PRO G 515 -17.06 4.67 37.96
C PRO G 515 -16.58 3.33 37.45
N LEU G 516 -17.48 2.52 36.88
CA LEU G 516 -17.08 1.23 36.32
C LEU G 516 -16.08 1.40 35.20
N ARG G 517 -16.25 2.43 34.36
CA ARG G 517 -15.33 2.67 33.27
C ARG G 517 -13.96 3.08 33.78
N GLU G 518 -13.91 3.78 34.92
CA GLU G 518 -12.61 4.14 35.50
C GLU G 518 -11.90 2.91 36.05
N ILE G 519 -12.64 1.92 36.53
CA ILE G 519 -12.03 0.67 36.99
C ILE G 519 -11.30 -0.01 35.84
N LYS G 520 -11.93 -0.05 34.66
CA LYS G 520 -11.29 -0.64 33.49
C LYS G 520 -10.03 0.12 33.10
N ASP G 521 -10.05 1.45 33.27
CA ASP G 521 -8.88 2.25 32.92
C ASP G 521 -7.68 1.88 33.77
N LEU G 522 -7.89 1.65 35.07
CA LEU G 522 -6.77 1.38 35.97
C LEU G 522 -6.10 0.06 35.63
N ILE G 523 -6.86 -0.95 35.22
CA ILE G 523 -6.29 -2.27 35.04
C ILE G 523 -5.71 -2.48 33.63
N GLU G 524 -6.21 -1.75 32.63
CA GLU G 524 -5.77 -1.98 31.25
C GLU G 524 -4.96 -0.83 30.66
N THR G 525 -4.81 0.28 31.38
CA THR G 525 -4.02 1.40 30.90
C THR G 525 -2.88 1.70 31.85
N ASN G 526 -1.90 2.44 31.35
CA ASN G 526 -0.74 2.87 32.14
C ASN G 526 -0.93 4.30 32.69
N LYS G 527 -2.17 4.79 32.74
CA LYS G 527 -2.41 6.14 33.22
C LYS G 527 -2.08 6.26 34.70
N TYR G 528 -2.57 5.32 35.51
CA TYR G 528 -2.38 5.35 36.95
C TYR G 528 -1.41 4.28 37.45
N ILE G 529 -1.12 3.26 36.64
CA ILE G 529 -0.27 2.16 37.08
C ILE G 529 1.17 2.62 37.25
N LYS G 530 1.68 3.42 36.31
CA LYS G 530 3.11 3.71 36.27
C LYS G 530 3.52 4.71 37.34
N ASP G 531 2.68 5.71 37.61
CA ASP G 531 3.07 6.85 38.44
C ASP G 531 2.47 6.81 39.83
N HIS G 532 2.10 5.63 40.33
CA HIS G 532 1.48 5.54 41.64
C HIS G 532 1.91 4.27 42.35
N ASN G 533 1.98 4.36 43.68
CA ASN G 533 2.44 3.26 44.52
C ASN G 533 1.37 2.17 44.60
N VAL G 534 1.83 0.97 44.98
CA VAL G 534 0.89 -0.13 45.19
C VAL G 534 -0.05 0.21 46.34
N ASN G 535 0.43 0.99 47.32
CA ASN G 535 -0.46 1.50 48.36
C ASN G 535 -1.54 2.36 47.76
N GLU G 536 -1.15 3.23 46.82
CA GLU G 536 -2.10 4.15 46.20
C GLU G 536 -3.03 3.42 45.24
N VAL G 537 -2.52 2.40 44.55
CA VAL G 537 -3.33 1.67 43.58
C VAL G 537 -4.45 0.91 44.27
N VAL G 538 -4.12 0.20 45.35
CA VAL G 538 -5.14 -0.59 46.04
C VAL G 538 -6.17 0.32 46.69
N ASN G 539 -5.73 1.44 47.27
CA ASN G 539 -6.68 2.36 47.90
C ASN G 539 -7.52 3.08 46.85
N TYR G 540 -6.94 3.37 45.69
CA TYR G 540 -7.73 3.89 44.57
C TYR G 540 -8.70 2.83 44.07
N PHE G 541 -8.27 1.57 44.03
CA PHE G 541 -9.12 0.50 43.53
C PHE G 541 -10.35 0.34 44.42
N ILE G 542 -10.15 0.30 45.74
CA ILE G 542 -11.28 0.21 46.65
C ILE G 542 -12.11 1.49 46.63
N TYR G 543 -11.48 2.63 46.33
CA TYR G 543 -12.25 3.85 46.15
C TYR G 543 -13.19 3.73 44.95
N LEU G 544 -12.68 3.16 43.86
CA LEU G 544 -13.52 2.95 42.68
C LEU G 544 -14.62 1.94 42.98
N LEU G 545 -14.32 0.92 43.78
CA LEU G 545 -15.31 -0.11 44.08
C LEU G 545 -16.43 0.45 44.96
N ASN G 546 -16.08 1.27 45.95
CA ASN G 546 -17.11 1.87 46.81
C ASN G 546 -18.00 2.82 46.01
N GLU G 547 -17.38 3.66 45.17
CA GLU G 547 -18.15 4.61 44.39
C GLU G 547 -19.02 3.91 43.36
N SER G 548 -18.52 2.84 42.75
CA SER G 548 -19.31 2.08 41.79
C SER G 548 -20.42 1.28 42.46
N GLY G 549 -20.18 0.83 43.70
CA GLY G 549 -21.14 0.02 44.41
C GLY G 549 -20.88 -1.47 44.36
N ILE G 550 -19.82 -1.90 43.67
CA ILE G 550 -19.48 -3.31 43.62
C ILE G 550 -19.10 -3.79 45.01
N ASN G 551 -19.78 -4.83 45.49
CA ASN G 551 -19.46 -5.43 46.79
C ASN G 551 -18.48 -6.57 46.56
N ILE G 552 -17.20 -6.31 46.81
CA ILE G 552 -16.15 -7.30 46.66
C ILE G 552 -15.09 -7.04 47.72
N GLN G 553 -14.51 -8.11 48.23
CA GLN G 553 -13.50 -8.00 49.27
C GLN G 553 -12.21 -7.41 48.72
N SER G 554 -11.50 -6.69 49.59
CA SER G 554 -10.24 -6.09 49.17
C SER G 554 -9.19 -7.15 48.86
N VAL G 555 -9.29 -8.33 49.47
CA VAL G 555 -8.32 -9.38 49.24
C VAL G 555 -8.40 -9.88 47.80
N HIS G 556 -9.63 -10.03 47.27
CA HIS G 556 -9.78 -10.49 45.90
C HIS G 556 -9.34 -9.41 44.91
N SER G 557 -9.59 -8.13 45.24
CA SER G 557 -9.07 -7.06 44.41
C SER G 557 -7.56 -6.96 44.50
N GLU G 558 -7.01 -7.24 45.70
CA GLU G 558 -5.56 -7.18 45.87
C GLU G 558 -4.84 -8.28 45.11
N LEU G 559 -5.52 -9.41 44.89
CA LEU G 559 -4.91 -10.50 44.13
C LEU G 559 -4.59 -10.08 42.71
N ILE G 560 -5.45 -9.28 42.10
CA ILE G 560 -5.25 -8.87 40.71
C ILE G 560 -4.09 -7.88 40.61
N ILE G 561 -4.03 -6.91 41.52
CA ILE G 561 -2.92 -5.96 41.53
C ILE G 561 -1.60 -6.67 41.77
N ARG G 562 -1.63 -7.74 42.58
CA ARG G 562 -0.42 -8.51 42.83
C ARG G 562 0.05 -9.20 41.56
N GLU G 563 -0.87 -9.85 40.85
CA GLU G 563 -0.49 -10.58 39.64
C GLU G 563 -0.07 -9.63 38.53
N MET G 564 -0.72 -8.47 38.44
CA MET G 564 -0.27 -7.44 37.50
C MET G 564 1.13 -6.95 37.86
N MET G 565 1.43 -6.88 39.15
CA MET G 565 2.73 -6.43 39.62
C MET G 565 3.81 -7.43 39.25
N LYS G 566 4.94 -6.91 38.75
CA LYS G 566 6.07 -7.74 38.35
C LYS G 566 7.31 -7.23 39.07
N LEU G 567 8.06 -8.15 39.68
CA LEU G 567 9.18 -7.80 40.55
C LEU G 567 10.49 -7.85 39.78
N ASP G 568 11.33 -6.83 39.97
CA ASP G 568 12.66 -6.84 39.39
C ASP G 568 13.55 -7.87 40.07
N ASP G 569 13.41 -8.02 41.39
CA ASP G 569 14.23 -8.98 42.11
C ASP G 569 13.92 -10.41 41.70
N SER G 570 12.64 -10.70 41.43
CA SER G 570 12.11 -11.99 41.00
C SER G 570 12.06 -13.03 42.11
N ASP G 571 12.51 -12.71 43.32
CA ASP G 571 12.37 -13.59 44.47
C ASP G 571 11.60 -12.85 45.55
N ARG G 572 10.57 -13.50 46.09
CA ARG G 572 9.68 -12.84 47.04
C ARG G 572 10.18 -12.92 48.48
N THR G 573 11.30 -13.62 48.74
CA THR G 573 11.91 -13.55 50.05
C THR G 573 12.40 -12.14 50.38
N GLN G 574 12.55 -11.29 49.35
CA GLN G 574 13.01 -9.92 49.57
C GLN G 574 12.02 -9.12 50.41
N PHE G 575 10.74 -9.53 50.42
CA PHE G 575 9.74 -8.81 51.21
C PHE G 575 10.07 -8.85 52.70
N LYS G 576 10.81 -9.88 53.14
CA LYS G 576 11.20 -9.95 54.55
C LYS G 576 12.08 -8.78 54.95
N ASN G 577 13.02 -8.40 54.08
CA ASN G 577 13.87 -7.26 54.35
C ASN G 577 13.03 -5.99 54.47
N ASP G 578 13.47 -5.08 55.33
CA ASP G 578 12.67 -3.90 55.66
C ASP G 578 12.40 -3.04 54.42
N LYS G 579 13.33 -2.99 53.49
CA LYS G 579 13.17 -2.19 52.29
C LYS G 579 12.21 -2.88 51.31
N MET G 580 11.41 -2.07 50.63
CA MET G 580 10.47 -2.60 49.65
C MET G 580 11.24 -3.09 48.42
N PRO G 581 10.88 -4.24 47.86
CA PRO G 581 11.55 -4.72 46.65
C PRO G 581 11.21 -3.84 45.46
N ASP G 582 12.15 -3.80 44.51
CA ASP G 582 11.96 -3.03 43.28
C ASP G 582 11.03 -3.80 42.34
N TYR G 583 10.04 -3.09 41.79
CA TYR G 583 9.02 -3.74 40.98
C TYR G 583 8.46 -2.76 39.96
N GLU G 584 7.69 -3.32 39.02
CA GLU G 584 6.98 -2.54 38.01
C GLU G 584 5.59 -3.13 37.83
N ILE G 585 4.56 -2.34 38.15
CA ILE G 585 3.19 -2.75 37.89
C ILE G 585 2.91 -2.64 36.39
N PHE G 586 1.93 -3.41 35.93
CA PHE G 586 1.69 -3.52 34.49
C PHE G 586 0.19 -3.56 34.20
N ARG G 587 -0.16 -3.13 33.00
CA ARG G 587 -1.51 -3.30 32.50
C ARG G 587 -1.79 -4.78 32.24
N ILE G 588 -3.08 -5.13 32.23
CA ILE G 588 -3.46 -6.53 32.21
C ILE G 588 -3.07 -7.18 30.89
N THR G 589 -3.33 -6.51 29.77
CA THR G 589 -3.06 -7.10 28.47
C THR G 589 -1.58 -7.34 28.26
N ASP G 590 -0.75 -6.35 28.58
CA ASP G 590 0.68 -6.48 28.31
C ASP G 590 1.33 -7.51 29.23
N ALA G 591 0.97 -7.49 30.52
CA ALA G 591 1.61 -8.39 31.48
C ALA G 591 1.32 -9.84 31.17
N ASN G 592 0.12 -10.13 30.67
CA ASN G 592 -0.23 -11.52 30.35
C ASN G 592 0.60 -12.04 29.20
N LEU G 593 0.83 -11.22 28.18
CA LEU G 593 1.64 -11.61 27.02
C LEU G 593 3.10 -11.22 27.17
N LYS G 594 3.48 -10.57 28.27
CA LYS G 594 4.88 -10.22 28.48
C LYS G 594 5.74 -11.46 28.69
N GLY G 595 5.20 -12.50 29.33
CA GLY G 595 6.01 -13.65 29.69
C GLY G 595 6.53 -14.41 28.48
N ASP G 596 5.66 -14.64 27.50
CA ASP G 596 5.92 -15.42 26.27
C ASP G 596 6.99 -16.50 26.41
N MET H 23 4.25 -14.07 7.08
CA MET H 23 3.74 -12.73 7.36
C MET H 23 3.97 -12.34 8.80
N GLY H 24 5.17 -11.84 9.09
CA GLY H 24 5.52 -11.41 10.43
C GLY H 24 5.34 -12.50 11.48
N LYS H 25 5.97 -13.65 11.27
CA LYS H 25 5.89 -14.75 12.21
C LYS H 25 7.31 -15.21 12.51
N LYS H 26 7.59 -15.46 13.78
CA LYS H 26 8.91 -15.89 14.23
C LYS H 26 8.82 -17.24 14.93
N LEU H 27 9.39 -18.27 14.33
CA LEU H 27 9.39 -19.60 14.94
C LEU H 27 10.60 -20.35 14.39
N SER H 28 10.91 -21.48 15.03
CA SER H 28 12.11 -22.23 14.69
C SER H 28 12.02 -22.79 13.27
N LEU H 29 13.14 -22.69 12.56
CA LEU H 29 13.27 -23.22 11.21
C LEU H 29 13.74 -24.68 11.25
N ILE H 30 13.54 -25.39 10.13
CA ILE H 30 13.82 -26.81 10.04
C ILE H 30 14.87 -27.05 8.97
N ASP H 31 15.86 -27.88 9.29
CA ASP H 31 16.84 -28.37 8.32
C ASP H 31 16.26 -29.64 7.67
N PHE H 32 15.85 -29.52 6.41
CA PHE H 32 15.16 -30.62 5.74
C PHE H 32 16.04 -31.85 5.61
N ASN H 33 17.35 -31.65 5.40
CA ASN H 33 18.25 -32.79 5.22
C ASN H 33 18.26 -33.68 6.45
N GLU H 34 18.16 -33.10 7.65
CA GLU H 34 18.09 -33.89 8.86
C GLU H 34 16.83 -34.77 8.87
N ILE H 35 15.71 -34.21 8.42
CA ILE H 35 14.43 -34.93 8.41
C ILE H 35 14.24 -35.78 7.16
N TYR H 36 15.08 -35.61 6.14
CA TYR H 36 14.89 -36.32 4.88
C TYR H 36 14.96 -37.82 5.07
N ASN H 37 13.99 -38.53 4.50
CA ASN H 37 13.92 -39.99 4.54
C ASN H 37 13.86 -40.53 3.11
N GLU H 38 14.80 -41.40 2.75
CA GLU H 38 14.77 -42.02 1.43
C GLU H 38 13.57 -42.95 1.29
N GLU H 39 13.11 -43.55 2.38
CA GLU H 39 11.99 -44.49 2.31
C GLU H 39 10.71 -43.79 1.86
N ASN H 40 10.43 -42.61 2.41
CA ASN H 40 9.30 -41.79 1.98
C ASN H 40 9.77 -40.75 0.97
N LEU H 41 10.12 -41.25 -0.22
CA LEU H 41 10.62 -40.41 -1.31
C LEU H 41 9.64 -40.45 -2.47
N ILE H 42 9.17 -39.27 -2.89
CA ILE H 42 8.25 -39.13 -4.02
C ILE H 42 9.05 -38.56 -5.19
N THR H 43 9.50 -39.45 -6.09
CA THR H 43 10.19 -39.03 -7.30
C THR H 43 9.36 -39.23 -8.57
N ARG H 44 8.16 -39.80 -8.46
CA ARG H 44 7.31 -40.08 -9.61
C ARG H 44 6.15 -39.09 -9.67
N ALA H 45 6.03 -38.37 -10.79
CA ALA H 45 4.96 -37.39 -10.92
C ALA H 45 3.63 -38.02 -11.31
N ASN H 46 3.64 -39.21 -11.91
CA ASN H 46 2.40 -39.85 -12.31
C ASN H 46 1.67 -40.36 -11.07
N PRO H 47 0.44 -39.91 -10.80
CA PRO H 47 -0.28 -40.42 -9.61
C PRO H 47 -0.68 -41.88 -9.70
N ILE H 48 -1.03 -42.38 -10.89
CA ILE H 48 -1.53 -43.74 -11.05
C ILE H 48 -0.56 -44.54 -11.91
N GLU H 49 -0.35 -45.80 -11.55
CA GLU H 49 0.49 -46.73 -12.28
C GLU H 49 -0.32 -47.98 -12.62
N ASN H 50 -0.46 -48.25 -13.92
CA ASN H 50 -1.11 -49.47 -14.40
C ASN H 50 -2.49 -49.67 -13.77
N HIS H 51 -3.29 -48.60 -13.80
CA HIS H 51 -4.68 -48.59 -13.34
C HIS H 51 -4.80 -48.81 -11.84
N GLU H 52 -3.77 -48.43 -11.07
CA GLU H 52 -3.85 -48.45 -9.62
C GLU H 52 -2.97 -47.33 -9.09
N PHE H 53 -3.26 -46.88 -7.87
CA PHE H 53 -2.49 -45.79 -7.27
C PHE H 53 -1.03 -46.19 -7.15
N SER H 54 -0.16 -45.34 -7.70
CA SER H 54 1.25 -45.65 -7.80
C SER H 54 1.91 -45.66 -6.43
N ASP H 55 2.72 -46.68 -6.19
CA ASP H 55 3.44 -46.77 -4.92
C ASP H 55 4.45 -45.63 -4.76
N ASP H 56 5.06 -45.20 -5.86
CA ASP H 56 5.99 -44.07 -5.85
C ASP H 56 5.35 -42.76 -6.30
N GLY H 57 4.06 -42.78 -6.64
CA GLY H 57 3.41 -41.59 -7.14
C GLY H 57 3.07 -40.58 -6.07
N ILE H 58 2.63 -39.40 -6.51
CA ILE H 58 2.20 -38.35 -5.60
C ILE H 58 1.03 -38.84 -4.75
N TYR H 59 0.06 -39.50 -5.38
CA TYR H 59 -1.07 -40.12 -4.68
C TYR H 59 -0.69 -41.57 -4.41
N SER H 60 0.04 -41.78 -3.31
CA SER H 60 0.58 -43.10 -3.00
C SER H 60 -0.09 -43.67 -1.75
N GLU H 61 -0.79 -44.80 -1.92
CA GLU H 61 -1.31 -45.53 -0.78
C GLU H 61 -0.17 -46.16 0.01
N ARG H 62 0.95 -46.42 -0.65
CA ARG H 62 2.07 -47.13 -0.02
C ARG H 62 2.67 -46.32 1.13
N ILE H 63 2.86 -45.02 0.94
CA ILE H 63 3.59 -44.22 1.91
C ILE H 63 2.63 -43.46 2.81
N PHE H 64 1.46 -43.09 2.29
CA PHE H 64 0.50 -42.34 3.08
C PHE H 64 -0.61 -43.20 3.68
N GLY H 65 -1.10 -44.21 2.96
CA GLY H 65 -2.09 -45.10 3.52
C GLY H 65 -3.47 -44.90 2.92
N SER H 66 -4.41 -45.69 3.43
CA SER H 66 -5.80 -45.67 3.02
C SER H 66 -6.67 -45.81 4.26
N TYR H 67 -7.63 -44.90 4.42
CA TYR H 67 -8.47 -44.88 5.62
C TYR H 67 -9.34 -46.12 5.75
N ASN H 68 -9.81 -46.69 4.64
CA ASN H 68 -10.71 -47.83 4.71
C ASN H 68 -10.01 -49.05 5.31
N GLU H 69 -8.90 -49.48 4.70
CA GLU H 69 -8.21 -50.67 5.18
C GLU H 69 -7.33 -50.32 6.38
N ASP H 70 -7.42 -51.14 7.43
CA ASP H 70 -6.64 -50.94 8.64
C ASP H 70 -5.14 -51.12 8.42
N ASP H 71 -4.75 -51.80 7.35
CA ASP H 71 -3.34 -52.11 7.10
C ASP H 71 -2.45 -50.88 6.98
N ASP H 72 -3.01 -49.71 6.66
CA ASP H 72 -2.16 -48.54 6.41
C ASP H 72 -1.30 -48.20 7.63
N ASP H 73 -1.91 -48.17 8.82
CA ASP H 73 -1.20 -47.86 10.07
C ASP H 73 -0.38 -46.58 9.97
N LYS H 74 -0.82 -45.63 9.15
CA LYS H 74 -0.09 -44.40 8.92
C LYS H 74 -1.00 -43.20 9.06
N ASP H 75 -0.61 -42.25 9.90
CA ASP H 75 -1.44 -41.08 10.15
C ASP H 75 -1.13 -40.00 9.12
N ILE H 76 -1.86 -38.89 9.20
CA ILE H 76 -1.61 -37.77 8.30
C ILE H 76 -0.20 -37.18 8.50
N ASP H 77 0.35 -37.32 9.70
CA ASP H 77 1.68 -36.78 10.00
C ASP H 77 2.75 -37.28 9.03
N THR H 78 2.49 -38.38 8.32
CA THR H 78 3.43 -38.87 7.33
C THR H 78 3.64 -37.85 6.21
N ILE H 79 4.90 -37.56 5.91
CA ILE H 79 5.27 -36.53 4.95
C ILE H 79 6.27 -37.11 3.96
N GLY H 80 6.02 -36.92 2.66
CA GLY H 80 6.94 -37.38 1.64
C GLY H 80 8.11 -36.43 1.43
N TRP H 81 9.12 -36.90 0.69
CA TRP H 81 10.33 -36.13 0.48
C TRP H 81 10.76 -36.15 -0.98
N ILE H 82 11.42 -35.06 -1.39
CA ILE H 82 11.96 -34.89 -2.74
C ILE H 82 13.40 -34.38 -2.65
N ASN H 83 14.24 -34.81 -3.58
CA ASN H 83 15.64 -34.42 -3.64
C ASN H 83 15.85 -33.54 -4.88
N ILE H 84 16.34 -32.31 -4.66
CA ILE H 84 16.58 -31.38 -5.76
C ILE H 84 18.05 -31.32 -6.18
N GLU H 85 18.93 -32.08 -5.53
CA GLU H 85 20.36 -32.06 -5.86
C GLU H 85 20.55 -32.51 -7.31
N PRO H 86 21.55 -31.95 -8.02
CA PRO H 86 22.68 -31.13 -7.57
C PRO H 86 22.50 -29.62 -7.64
N TYR H 87 21.26 -29.16 -7.56
CA TYR H 87 20.98 -27.72 -7.61
C TYR H 87 20.09 -27.35 -6.43
N TYR H 88 20.24 -26.11 -5.98
CA TYR H 88 19.56 -25.65 -4.78
C TYR H 88 18.60 -24.53 -5.14
N ILE H 89 17.50 -24.48 -4.40
CA ILE H 89 16.50 -23.43 -4.59
C ILE H 89 16.45 -22.58 -3.33
N ILE H 90 15.96 -21.35 -3.51
CA ILE H 90 15.81 -20.42 -2.40
C ILE H 90 14.73 -20.95 -1.45
N ASN H 91 14.98 -20.81 -0.15
CA ASN H 91 14.03 -21.26 0.84
C ASN H 91 12.70 -20.54 0.64
N PRO H 92 11.60 -21.25 0.44
CA PRO H 92 10.33 -20.57 0.14
C PRO H 92 9.84 -19.65 1.24
N ILE H 93 9.97 -20.05 2.49
CA ILE H 93 9.48 -19.23 3.60
C ILE H 93 10.29 -17.93 3.71
N LEU H 94 11.59 -17.99 3.43
CA LEU H 94 12.49 -16.85 3.61
C LEU H 94 12.61 -15.96 2.37
N PHE H 95 11.84 -16.23 1.32
CA PHE H 95 12.00 -15.47 0.08
C PHE H 95 11.72 -13.98 0.29
N THR H 96 10.65 -13.65 1.01
CA THR H 96 10.30 -12.25 1.23
C THR H 96 11.38 -11.54 2.03
N ILE H 97 11.95 -12.25 3.02
CA ILE H 97 13.02 -11.66 3.82
C ILE H 97 14.26 -11.42 2.96
N ILE H 98 14.58 -12.35 2.08
CA ILE H 98 15.69 -12.16 1.14
C ILE H 98 15.38 -11.04 0.16
N LYS H 99 14.12 -10.96 -0.30
CA LYS H 99 13.74 -9.94 -1.27
C LYS H 99 13.91 -8.53 -0.71
N LYS H 100 13.53 -8.31 0.55
CA LYS H 100 13.70 -7.00 1.15
C LYS H 100 15.18 -6.61 1.23
N CYS H 101 16.03 -7.54 1.65
CA CYS H 101 17.46 -7.27 1.69
C CYS H 101 18.02 -7.10 0.28
N ILE H 102 17.71 -8.02 -0.63
CA ILE H 102 18.25 -8.04 -1.97
C ILE H 102 17.11 -7.80 -2.96
N PRO H 103 16.95 -6.57 -3.46
CA PRO H 103 15.88 -6.30 -4.42
C PRO H 103 16.04 -7.03 -5.74
N SER H 104 17.27 -7.32 -6.16
CA SER H 104 17.51 -7.91 -7.47
C SER H 104 17.35 -9.43 -7.49
N ILE H 105 16.83 -10.04 -6.43
CA ILE H 105 16.72 -11.50 -6.38
C ILE H 105 15.83 -12.00 -7.52
N ASN H 106 14.72 -11.29 -7.79
CA ASN H 106 13.81 -11.71 -8.85
C ASN H 106 14.49 -11.64 -10.21
N LYS H 107 15.22 -10.56 -10.47
CA LYS H 107 15.92 -10.41 -11.74
C LYS H 107 17.10 -11.38 -11.84
N ILE H 108 17.85 -11.53 -10.75
CA ILE H 108 19.11 -12.27 -10.80
C ILE H 108 18.89 -13.74 -11.12
N ILE H 109 17.86 -14.36 -10.55
CA ILE H 109 17.70 -15.80 -10.72
C ILE H 109 17.43 -16.16 -12.18
N ASN H 110 16.63 -15.34 -12.87
CA ASN H 110 16.40 -15.51 -14.29
C ASN H 110 17.54 -14.92 -15.11
N TYR H 111 17.72 -15.43 -16.31
CA TYR H 111 18.74 -14.95 -17.23
C TYR H 111 18.08 -14.30 -18.44
N GLN H 112 18.46 -13.06 -18.73
CA GLN H 112 17.90 -12.31 -19.85
C GLN H 112 19.00 -11.57 -20.61
N GLY H 129 21.57 -4.12 -11.61
CA GLY H 129 22.88 -3.61 -11.26
C GLY H 129 24.01 -4.24 -12.06
N GLU H 130 25.22 -4.17 -11.51
CA GLU H 130 26.38 -4.77 -12.17
C GLU H 130 26.21 -6.28 -12.31
N ASP H 131 25.60 -6.93 -11.32
CA ASP H 131 25.38 -8.36 -11.32
C ASP H 131 23.94 -8.72 -11.65
N ASP H 132 23.26 -7.86 -12.42
CA ASP H 132 21.89 -8.12 -12.82
C ASP H 132 21.82 -9.33 -13.72
N TYR H 133 20.88 -10.23 -13.43
CA TYR H 133 20.61 -11.42 -14.24
C TYR H 133 21.83 -12.33 -14.36
N ILE H 134 22.58 -12.51 -13.26
CA ILE H 134 23.74 -13.40 -13.31
C ILE H 134 23.29 -14.85 -13.39
N GLY H 135 22.25 -15.21 -12.64
CA GLY H 135 21.78 -16.58 -12.57
C GLY H 135 21.68 -17.12 -11.15
N LEU H 136 20.85 -18.15 -10.96
CA LEU H 136 20.62 -18.68 -9.62
C LEU H 136 21.86 -19.33 -9.05
N VAL H 137 22.55 -20.15 -9.86
CA VAL H 137 23.75 -20.82 -9.37
C VAL H 137 24.83 -19.81 -9.07
N LYS H 138 24.97 -18.77 -9.90
CA LYS H 138 25.93 -17.72 -9.62
C LYS H 138 25.53 -16.95 -8.36
N PHE H 139 24.23 -16.71 -8.18
CA PHE H 139 23.76 -16.06 -6.96
C PHE H 139 24.06 -16.90 -5.73
N LYS H 140 23.87 -18.22 -5.85
CA LYS H 140 24.14 -19.11 -4.73
C LYS H 140 25.61 -19.07 -4.33
N ASP H 141 26.51 -19.04 -5.31
CA ASP H 141 27.94 -18.99 -5.00
C ASP H 141 28.34 -17.65 -4.40
N ASN H 142 27.71 -16.56 -4.85
CA ASN H 142 28.06 -15.20 -4.44
C ASN H 142 27.06 -14.58 -3.47
N PHE H 143 26.29 -15.41 -2.76
CA PHE H 143 25.22 -14.87 -1.91
C PHE H 143 25.78 -13.94 -0.85
N ASP H 144 26.90 -14.30 -0.22
CA ASP H 144 27.48 -13.46 0.82
C ASP H 144 27.87 -12.10 0.26
N ASP H 145 28.45 -12.07 -0.94
CA ASP H 145 28.78 -10.80 -1.59
C ASP H 145 27.52 -10.01 -1.93
N LEU H 146 26.48 -10.68 -2.45
CA LEU H 146 25.27 -9.98 -2.84
C LEU H 146 24.52 -9.43 -1.63
N LEU H 147 24.45 -10.21 -0.55
CA LEU H 147 23.73 -9.77 0.64
C LEU H 147 24.38 -8.52 1.24
N GLU H 148 25.71 -8.51 1.32
CA GLU H 148 26.41 -7.30 1.78
C GLU H 148 26.22 -6.15 0.79
N LYS H 149 26.13 -6.47 -0.50
CA LYS H 149 25.98 -5.45 -1.53
C LYS H 149 24.64 -4.75 -1.43
N TYR H 150 23.58 -5.49 -1.14
CA TYR H 150 22.21 -5.00 -1.12
C TYR H 150 21.70 -5.10 0.32
N THR H 151 21.85 -4.01 1.07
CA THR H 151 21.30 -3.92 2.41
C THR H 151 20.98 -2.46 2.72
N ASP H 152 19.97 -2.28 3.56
CA ASP H 152 19.61 -0.98 4.10
C ASP H 152 20.18 -0.89 5.51
N LYS H 153 21.04 0.11 5.74
CA LYS H 153 21.76 0.19 6.99
C LYS H 153 20.81 0.26 8.18
N LYS H 154 19.80 1.14 8.10
CA LYS H 154 18.84 1.27 9.19
C LYS H 154 17.63 0.33 9.04
N LYS H 155 17.05 0.26 7.84
CA LYS H 155 15.78 -0.43 7.68
C LYS H 155 15.91 -1.94 7.78
N TYR H 156 16.94 -2.54 7.19
CA TYR H 156 17.00 -3.99 7.07
C TYR H 156 18.16 -4.59 7.84
N GLN H 157 18.64 -3.92 8.89
CA GLN H 157 19.70 -4.48 9.71
C GLN H 157 19.21 -5.72 10.46
N LYS H 158 17.96 -5.67 10.96
CA LYS H 158 17.39 -6.81 11.66
C LYS H 158 17.27 -8.02 10.74
N GLU H 159 16.84 -7.81 9.50
CA GLU H 159 16.76 -8.91 8.54
C GLU H 159 18.12 -9.49 8.24
N TYR H 160 19.13 -8.63 8.09
CA TYR H 160 20.48 -9.09 7.79
C TYR H 160 21.02 -9.96 8.93
N ASP H 161 20.77 -9.56 10.17
CA ASP H 161 21.21 -10.36 11.31
C ASP H 161 20.54 -11.73 11.34
N PHE H 162 19.25 -11.78 10.99
CA PHE H 162 18.56 -13.06 10.92
C PHE H 162 19.18 -13.95 9.84
N LEU H 163 19.55 -13.38 8.70
CA LEU H 163 20.18 -14.16 7.65
C LEU H 163 21.55 -14.68 8.10
N ILE H 164 22.28 -13.88 8.88
CA ILE H 164 23.52 -14.38 9.47
C ILE H 164 23.24 -15.53 10.42
N GLU H 165 22.16 -15.44 11.19
CA GLU H 165 21.84 -16.49 12.15
C GLU H 165 21.50 -17.80 11.43
N ASN H 166 20.77 -17.72 10.32
CA ASN H 166 20.27 -18.88 9.60
C ASN H 166 20.98 -19.10 8.26
N HIS H 167 22.32 -18.99 8.25
CA HIS H 167 23.05 -19.22 7.00
C HIS H 167 22.75 -20.60 6.43
N ASP H 168 22.71 -21.62 7.28
CA ASP H 168 22.52 -22.98 6.81
C ASP H 168 21.15 -23.21 6.18
N LYS H 169 20.13 -22.46 6.61
CA LYS H 169 18.77 -22.69 6.15
C LYS H 169 18.39 -21.85 4.93
N ILE H 170 19.30 -21.03 4.41
CA ILE H 170 18.99 -20.18 3.26
C ILE H 170 18.75 -21.03 2.02
N PHE H 171 19.59 -22.06 1.82
CA PHE H 171 19.53 -22.89 0.63
C PHE H 171 18.80 -24.18 0.93
N ILE H 172 17.92 -24.59 0.02
CA ILE H 172 17.06 -25.75 0.22
C ILE H 172 17.41 -26.79 -0.83
N ASN H 173 17.80 -27.98 -0.38
CA ASN H 173 18.07 -29.12 -1.25
C ASN H 173 16.91 -30.10 -1.33
N LYS H 174 16.05 -30.14 -0.31
CA LYS H 174 14.97 -31.11 -0.23
C LYS H 174 13.64 -30.38 -0.08
N LEU H 175 12.65 -30.77 -0.88
CA LEU H 175 11.34 -30.15 -0.81
C LEU H 175 10.33 -31.13 -0.24
N PRO H 176 9.60 -30.76 0.80
CA PRO H 176 8.61 -31.68 1.37
C PRO H 176 7.33 -31.68 0.56
N VAL H 177 6.68 -32.84 0.56
CA VAL H 177 5.35 -33.00 -0.04
C VAL H 177 4.45 -33.61 1.02
N PHE H 178 3.33 -32.94 1.31
CA PHE H 178 2.46 -33.41 2.37
C PHE H 178 1.60 -34.58 1.90
N SER H 179 0.99 -35.25 2.87
CA SER H 179 0.31 -36.51 2.61
C SER H 179 -0.83 -36.33 1.62
N HIS H 180 -1.02 -37.34 0.76
CA HIS H 180 -2.13 -37.31 -0.19
C HIS H 180 -3.48 -37.41 0.52
N LYS H 181 -3.49 -37.95 1.75
CA LYS H 181 -4.72 -38.03 2.52
C LYS H 181 -5.32 -36.65 2.77
N LEU H 182 -4.46 -35.66 3.03
CA LEU H 182 -4.95 -34.30 3.25
C LEU H 182 -5.48 -33.67 1.97
N ARG H 183 -4.87 -33.98 0.82
CA ARG H 183 -5.30 -33.43 -0.47
C ARG H 183 -6.19 -34.43 -1.18
N PRO H 184 -7.51 -34.32 -1.03
CA PRO H 184 -8.41 -35.36 -1.53
C PRO H 184 -8.60 -35.30 -3.03
N ALA H 185 -8.88 -36.48 -3.59
CA ALA H 185 -9.21 -36.65 -5.00
C ALA H 185 -10.63 -37.24 -5.03
N THR H 186 -11.60 -36.39 -5.37
CA THR H 186 -12.99 -36.80 -5.35
C THR H 186 -13.28 -37.67 -6.56
N LEU H 187 -13.93 -38.82 -6.33
CA LEU H 187 -14.18 -39.77 -7.40
C LEU H 187 -15.40 -39.32 -8.21
N LEU H 188 -15.21 -39.17 -9.52
CA LEU H 188 -16.28 -38.77 -10.42
C LEU H 188 -16.07 -39.49 -11.75
N THR H 189 -17.17 -39.72 -12.47
CA THR H 189 -17.12 -40.37 -13.77
C THR H 189 -17.02 -39.35 -14.90
N GLY H 190 -16.12 -39.60 -15.83
CA GLY H 190 -15.96 -38.72 -16.98
C GLY H 190 -16.01 -39.53 -18.27
N SER H 191 -16.55 -38.89 -19.31
CA SER H 191 -16.71 -39.57 -20.59
C SER H 191 -15.38 -39.90 -21.24
N LYS H 192 -14.48 -38.92 -21.32
CA LYS H 192 -13.13 -39.18 -21.83
C LYS H 192 -12.38 -40.15 -20.93
N GLY H 193 -12.45 -39.91 -19.63
CA GLY H 193 -11.86 -40.80 -18.65
C GLY H 193 -12.39 -40.44 -17.29
N LYS H 194 -12.25 -41.38 -16.36
CA LYS H 194 -12.75 -41.16 -15.01
C LYS H 194 -12.12 -39.90 -14.43
N VAL H 195 -12.96 -39.04 -13.85
CA VAL H 195 -12.50 -37.71 -13.48
C VAL H 195 -11.62 -37.80 -12.25
N LEU H 196 -10.51 -37.10 -12.27
CA LEU H 196 -9.62 -36.99 -11.14
C LEU H 196 -9.78 -35.57 -10.59
N ALA H 197 -10.30 -35.47 -9.37
CA ALA H 197 -10.46 -34.19 -8.72
C ALA H 197 -9.19 -33.84 -7.97
N PHE H 198 -8.81 -32.58 -8.02
CA PHE H 198 -7.56 -32.16 -7.40
C PHE H 198 -7.74 -30.79 -6.80
N ASP H 199 -6.98 -30.53 -5.73
CA ASP H 199 -6.92 -29.20 -5.18
C ASP H 199 -6.18 -28.29 -6.16
N GLU H 200 -6.36 -26.98 -6.01
CA GLU H 200 -5.63 -26.08 -6.89
C GLU H 200 -4.13 -26.29 -6.77
N ILE H 201 -3.67 -26.67 -5.58
CA ILE H 201 -2.27 -26.97 -5.32
C ILE H 201 -1.87 -28.30 -5.96
N ASN H 202 -2.79 -29.27 -6.00
CA ASN H 202 -2.48 -30.60 -6.52
C ASN H 202 -2.05 -30.54 -7.98
N ASN H 203 -2.66 -29.68 -8.78
CA ASN H 203 -2.20 -29.50 -10.15
C ASN H 203 -0.74 -29.06 -10.18
N TYR H 204 -0.37 -28.16 -9.27
CA TYR H 204 1.01 -27.70 -9.18
C TYR H 204 1.96 -28.81 -8.77
N TYR H 205 1.52 -29.70 -7.87
CA TYR H 205 2.43 -30.73 -7.34
C TYR H 205 2.98 -31.63 -8.44
N ASN H 206 2.11 -32.15 -9.30
CA ASN H 206 2.61 -33.01 -10.37
C ASN H 206 3.52 -32.23 -11.31
N PHE H 207 3.21 -30.96 -11.54
CA PHE H 207 4.06 -30.11 -12.37
C PHE H 207 5.46 -29.94 -11.77
N VAL H 208 5.54 -29.70 -10.47
CA VAL H 208 6.82 -29.40 -9.82
C VAL H 208 7.78 -30.58 -9.96
N ILE H 209 7.29 -31.81 -9.75
CA ILE H 209 8.14 -32.98 -9.81
C ILE H 209 8.72 -33.16 -11.22
N GLU H 210 7.94 -32.84 -12.25
CA GLU H 210 8.39 -33.05 -13.62
C GLU H 210 9.63 -32.24 -13.96
N TYR H 211 9.71 -30.99 -13.49
CA TYR H 211 10.83 -30.12 -13.87
C TYR H 211 12.17 -30.71 -13.42
N ILE H 212 12.26 -31.15 -12.16
CA ILE H 212 13.53 -31.68 -11.66
C ILE H 212 13.85 -33.02 -12.30
N ASN H 213 12.82 -33.84 -12.57
CA ASN H 213 13.06 -35.19 -13.06
C ASN H 213 13.93 -35.20 -14.31
N GLN H 214 13.68 -34.26 -15.22
CA GLN H 214 14.44 -34.25 -16.47
C GLN H 214 15.90 -33.85 -16.27
N ILE H 215 16.17 -32.92 -15.33
CA ILE H 215 17.54 -32.43 -15.18
C ILE H 215 18.46 -33.54 -14.68
N ASN H 216 17.97 -34.40 -13.77
CA ASN H 216 18.79 -35.45 -13.20
C ASN H 216 19.00 -36.63 -14.14
N GLU H 217 18.07 -36.88 -15.06
CA GLU H 217 18.18 -38.06 -15.92
C GLU H 217 19.46 -38.03 -16.75
N GLY H 218 19.81 -36.86 -17.27
CA GLY H 218 21.00 -36.70 -18.09
C GLY H 218 22.24 -36.64 -17.23
N VAL H 219 23.18 -37.54 -17.44
CA VAL H 219 24.43 -37.48 -16.68
C VAL H 219 25.49 -36.73 -17.48
N VAL H 220 25.82 -37.23 -18.67
CA VAL H 220 26.80 -36.62 -19.55
C VAL H 220 26.15 -35.83 -20.68
N SER H 221 24.81 -35.83 -20.76
CA SER H 221 24.10 -35.30 -21.92
C SER H 221 24.39 -33.83 -22.20
N ASP H 222 24.59 -33.01 -21.17
CA ASP H 222 24.64 -31.57 -21.43
C ASP H 222 25.93 -31.15 -22.12
N ASP H 223 26.99 -31.97 -22.05
CA ASP H 223 28.30 -31.65 -22.61
C ASP H 223 28.77 -30.25 -22.31
N SER H 224 28.18 -29.61 -21.29
CA SER H 224 28.52 -28.26 -20.83
C SER H 224 28.16 -27.19 -21.87
N ILE H 225 27.49 -27.55 -22.96
CA ILE H 225 27.28 -26.60 -24.05
C ILE H 225 26.13 -25.63 -23.77
N ASP H 226 25.15 -26.01 -22.94
CA ASP H 226 23.96 -25.18 -22.80
C ASP H 226 23.15 -25.62 -21.59
N LEU H 227 23.11 -24.76 -20.58
CA LEU H 227 22.39 -25.02 -19.33
C LEU H 227 20.99 -24.43 -19.44
N LEU H 228 20.01 -25.29 -19.75
CA LEU H 228 18.60 -24.92 -19.75
C LEU H 228 17.91 -25.32 -18.45
N LEU H 229 18.67 -25.82 -17.48
CA LEU H 229 18.10 -26.20 -16.20
C LEU H 229 17.60 -24.99 -15.40
N LEU H 230 18.16 -23.81 -15.64
CA LEU H 230 17.75 -22.64 -14.86
C LEU H 230 16.28 -22.27 -15.06
N PRO H 231 15.72 -22.27 -16.28
CA PRO H 231 14.27 -22.02 -16.39
C PRO H 231 13.41 -23.01 -15.63
N LEU H 232 13.77 -24.31 -15.67
CA LEU H 232 13.01 -25.31 -14.93
C LEU H 232 13.06 -25.04 -13.44
N LEU H 233 14.25 -24.74 -12.91
CA LEU H 233 14.39 -24.44 -11.50
C LEU H 233 13.70 -23.13 -11.12
N TYR H 234 13.75 -22.14 -12.02
CA TYR H 234 13.18 -20.82 -11.74
C TYR H 234 11.68 -20.89 -11.52
N ASN H 235 10.94 -21.44 -12.49
CA ASN H 235 9.49 -21.58 -12.35
C ASN H 235 9.13 -22.40 -11.11
N MET H 236 9.96 -23.40 -10.78
CA MET H 236 9.69 -24.23 -9.62
C MET H 236 9.67 -23.41 -8.33
N GLN H 237 10.56 -22.44 -8.21
CA GLN H 237 10.60 -21.63 -6.99
C GLN H 237 9.29 -20.88 -6.79
N PHE H 238 8.74 -20.30 -7.86
CA PHE H 238 7.45 -19.62 -7.76
C PHE H 238 6.33 -20.62 -7.49
N TYR H 239 6.39 -21.79 -8.13
CA TYR H 239 5.36 -22.79 -7.92
C TYR H 239 5.34 -23.27 -6.47
N ALA H 240 6.51 -23.54 -5.90
CA ALA H 240 6.58 -23.90 -4.49
C ALA H 240 6.15 -22.74 -3.60
N ASN H 241 6.52 -21.51 -3.98
CA ASN H 241 6.09 -20.34 -3.22
C ASN H 241 4.58 -20.18 -3.26
N ASN H 242 3.97 -20.37 -4.43
CA ASN H 242 2.51 -20.35 -4.52
C ASN H 242 1.91 -21.53 -3.77
N ILE H 243 2.61 -22.68 -3.77
CA ILE H 243 2.19 -23.80 -2.95
C ILE H 243 2.22 -23.42 -1.48
N LEU H 244 3.28 -22.72 -1.07
CA LEU H 244 3.35 -22.21 0.31
C LEU H 244 2.21 -21.24 0.59
N THR H 245 1.92 -20.35 -0.35
CA THR H 245 0.79 -19.44 -0.19
C THR H 245 -0.52 -20.22 -0.13
N ARG H 246 -0.62 -21.30 -0.90
CA ARG H 246 -1.80 -22.15 -0.83
C ARG H 246 -1.95 -22.77 0.54
N ILE H 247 -0.82 -23.17 1.16
CA ILE H 247 -0.87 -23.69 2.52
C ILE H 247 -1.40 -22.63 3.47
N ILE H 248 -1.03 -21.37 3.24
CA ILE H 248 -1.62 -20.26 4.00
C ILE H 248 -3.12 -20.19 3.74
N SER H 249 -3.52 -20.34 2.48
CA SER H 249 -4.95 -20.40 2.18
C SER H 249 -5.57 -21.67 2.73
N GLU H 250 -4.82 -22.78 2.73
CA GLU H 250 -5.32 -24.00 3.36
C GLU H 250 -5.50 -23.80 4.86
N TYR H 251 -4.59 -23.07 5.50
CA TYR H 251 -4.81 -22.68 6.89
C TYR H 251 -6.09 -21.86 7.00
N LEU H 252 -6.31 -20.96 6.05
CA LEU H 252 -7.56 -20.23 5.98
C LEU H 252 -8.73 -21.16 5.69
N ARG H 253 -8.50 -22.24 4.93
CA ARG H 253 -9.57 -23.16 4.55
C ARG H 253 -9.73 -24.24 5.62
N GLY H 254 -10.09 -23.83 6.83
CA GLY H 254 -10.48 -24.81 7.82
C GLY H 254 -9.38 -25.72 8.33
N LYS H 255 -8.15 -25.23 8.46
CA LYS H 255 -7.10 -26.03 9.08
C LYS H 255 -6.68 -25.45 10.42
N LYS H 256 -6.08 -24.26 10.44
CA LYS H 256 -5.86 -23.57 11.70
C LYS H 256 -7.12 -22.87 12.19
N GLY H 257 -7.94 -22.41 11.24
CA GLY H 257 -9.21 -21.78 11.59
C GLY H 257 -10.12 -22.68 12.40
N PHE H 258 -10.20 -23.97 12.05
CA PHE H 258 -11.02 -24.89 12.83
C PHE H 258 -10.49 -24.99 14.26
N LEU H 259 -9.18 -24.95 14.44
CA LEU H 259 -8.64 -24.89 15.79
C LEU H 259 -9.10 -23.62 16.48
N ARG H 260 -9.09 -22.49 15.76
CA ARG H 260 -9.62 -21.25 16.31
C ARG H 260 -11.14 -21.35 16.52
N LYS H 261 -11.83 -22.16 15.71
CA LYS H 261 -13.24 -22.40 15.94
C LYS H 261 -13.47 -23.09 17.28
N ASN H 262 -12.57 -24.00 17.66
CA ASN H 262 -12.67 -24.64 18.97
C ASN H 262 -12.48 -23.62 20.10
N ILE H 263 -11.52 -22.71 19.94
CA ILE H 263 -11.34 -21.64 20.92
C ILE H 263 -12.55 -20.71 20.93
N MET H 264 -13.06 -20.36 19.74
CA MET H 264 -14.28 -19.58 19.68
C MET H 264 -15.47 -20.36 20.23
N GLY H 265 -15.60 -21.62 19.81
CA GLY H 265 -16.63 -22.48 20.34
C GLY H 265 -16.37 -23.93 20.01
N SER H 266 -15.90 -24.70 20.98
CA SER H 266 -15.69 -26.12 20.75
C SER H 266 -17.03 -26.82 20.70
N ARG H 267 -17.29 -27.53 19.61
CA ARG H 267 -18.58 -28.16 19.40
C ARG H 267 -18.57 -29.49 20.14
N ILE H 268 -19.26 -29.53 21.29
CA ILE H 268 -19.21 -30.70 22.15
C ILE H 268 -20.36 -31.60 21.76
N ASN H 269 -20.04 -32.85 21.43
CA ASN H 269 -21.08 -33.85 21.31
C ASN H 269 -21.49 -34.31 22.71
N PHE H 270 -22.58 -35.08 22.77
CA PHE H 270 -23.23 -35.41 24.03
C PHE H 270 -23.62 -34.13 24.77
N SER H 271 -24.38 -33.28 24.10
CA SER H 271 -24.84 -32.01 24.65
C SER H 271 -26.33 -31.83 24.35
N ALA H 272 -26.98 -30.99 25.15
CA ALA H 272 -28.41 -30.77 24.98
C ALA H 272 -28.79 -29.36 25.42
N ARG H 273 -29.94 -28.91 24.91
CA ARG H 273 -30.56 -27.64 25.30
C ARG H 273 -32.03 -27.89 25.62
N ASN H 274 -32.51 -27.24 26.69
CA ASN H 274 -33.87 -27.44 27.12
C ASN H 274 -34.38 -26.18 27.80
N VAL H 275 -35.68 -25.95 27.69
CA VAL H 275 -36.34 -24.86 28.39
C VAL H 275 -36.52 -25.24 29.84
N ILE H 276 -36.54 -24.24 30.73
CA ILE H 276 -36.63 -24.47 32.16
C ILE H 276 -38.05 -24.17 32.64
N THR H 277 -38.58 -25.08 33.44
CA THR H 277 -39.88 -24.98 34.09
C THR H 277 -39.71 -25.33 35.57
N PRO H 278 -40.42 -24.66 36.48
CA PRO H 278 -40.20 -24.92 37.90
C PRO H 278 -40.61 -26.34 38.30
N LEU H 279 -39.81 -26.92 39.19
CA LEU H 279 -40.07 -28.22 39.78
C LEU H 279 -40.18 -28.07 41.28
N ILE H 280 -41.22 -28.67 41.87
CA ILE H 280 -41.44 -28.62 43.31
C ILE H 280 -41.50 -30.05 43.83
N GLY H 281 -41.05 -30.23 45.06
CA GLY H 281 -41.09 -31.52 45.72
C GLY H 281 -39.81 -32.34 45.61
N HIS H 282 -38.77 -31.77 45.02
CA HIS H 282 -37.48 -32.45 44.89
C HIS H 282 -36.38 -31.55 45.43
N PRO H 283 -35.26 -32.13 45.89
CA PRO H 283 -34.17 -31.33 46.44
C PRO H 283 -33.60 -30.35 45.44
N ILE H 284 -32.82 -29.39 45.97
CA ILE H 284 -32.24 -28.34 45.13
C ILE H 284 -31.33 -28.93 44.08
N ASP H 285 -30.52 -29.92 44.46
CA ASP H 285 -29.55 -30.48 43.52
C ASP H 285 -30.21 -31.33 42.45
N GLU H 286 -31.35 -31.95 42.75
CA GLU H 286 -31.99 -32.85 41.80
C GLU H 286 -32.89 -32.07 40.83
N VAL H 287 -32.99 -32.58 39.60
CA VAL H 287 -33.78 -31.96 38.55
C VAL H 287 -34.55 -33.05 37.81
N ALA H 288 -35.47 -32.61 36.96
CA ALA H 288 -36.28 -33.51 36.13
C ALA H 288 -35.88 -33.34 34.67
N MET H 289 -35.53 -34.46 34.01
CA MET H 289 -35.02 -34.43 32.64
C MET H 289 -36.00 -35.12 31.69
N PRO H 290 -36.26 -34.51 30.52
CA PRO H 290 -37.23 -35.09 29.58
C PRO H 290 -36.79 -36.44 29.03
N TYR H 291 -37.78 -37.18 28.52
CA TYR H 291 -37.55 -38.52 28.00
C TYR H 291 -36.58 -38.51 26.82
N LYS H 292 -36.79 -37.61 25.86
CA LYS H 292 -35.93 -37.58 24.69
C LYS H 292 -34.53 -37.12 25.02
N THR H 293 -34.40 -36.15 25.94
CA THR H 293 -33.09 -35.62 26.29
C THR H 293 -32.20 -36.70 26.88
N PHE H 294 -32.73 -37.48 27.82
CA PHE H 294 -31.95 -38.52 28.46
C PHE H 294 -31.58 -39.63 27.49
N ALA H 295 -32.51 -39.98 26.60
CA ALA H 295 -32.29 -41.10 25.69
C ALA H 295 -31.11 -40.83 24.77
N GLU H 296 -31.08 -39.64 24.15
CA GLU H 296 -30.00 -39.32 23.22
C GLU H 296 -28.67 -39.14 23.96
N LEU H 297 -28.70 -38.40 25.08
CA LEU H 297 -27.47 -38.13 25.81
C LEU H 297 -26.86 -39.42 26.36
N TYR H 298 -27.71 -40.33 26.82
CA TYR H 298 -27.27 -41.60 27.39
C TYR H 298 -27.55 -42.77 26.44
N LYS H 299 -27.53 -42.50 25.14
CA LYS H 299 -27.85 -43.52 24.15
C LYS H 299 -26.89 -44.71 24.25
N PHE H 300 -25.59 -44.43 24.27
CA PHE H 300 -24.61 -45.51 24.30
C PHE H 300 -24.63 -46.22 25.65
N GLN H 301 -24.88 -45.48 26.73
CA GLN H 301 -25.05 -46.13 28.03
C GLN H 301 -26.28 -47.03 28.06
N LEU H 302 -27.38 -46.56 27.47
CA LEU H 302 -28.62 -47.32 27.48
C LEU H 302 -28.51 -48.59 26.67
N ILE H 303 -27.87 -48.52 25.49
CA ILE H 303 -27.78 -49.69 24.61
C ILE H 303 -26.97 -50.80 25.27
N ASN H 304 -25.95 -50.44 26.04
CA ASN H 304 -25.18 -51.46 26.75
C ASN H 304 -26.08 -52.29 27.66
N LEU H 305 -26.98 -51.64 28.40
CA LEU H 305 -27.90 -52.36 29.26
C LEU H 305 -28.88 -53.21 28.45
N ILE H 306 -29.42 -52.64 27.36
CA ILE H 306 -30.41 -53.34 26.56
C ILE H 306 -29.81 -54.60 25.92
N SER H 307 -28.57 -54.49 25.44
CA SER H 307 -27.92 -55.66 24.85
C SER H 307 -27.72 -56.77 25.88
N LYS H 308 -27.30 -56.41 27.10
CA LYS H 308 -27.06 -57.41 28.12
C LYS H 308 -28.36 -58.05 28.61
N VAL H 309 -29.39 -57.24 28.86
CA VAL H 309 -30.62 -57.77 29.46
C VAL H 309 -31.31 -58.73 28.49
N LYS H 310 -31.36 -58.39 27.21
CA LYS H 310 -32.05 -59.21 26.22
C LYS H 310 -31.12 -60.18 25.51
N GLY H 311 -29.83 -60.15 25.81
CA GLY H 311 -28.87 -61.03 25.18
C GLY H 311 -28.90 -60.91 23.67
N ILE H 312 -28.91 -59.68 23.16
CA ILE H 312 -29.05 -59.43 21.74
C ILE H 312 -27.85 -58.61 21.27
N ASN H 313 -27.63 -58.64 19.96
CA ASN H 313 -26.53 -57.89 19.37
C ASN H 313 -26.79 -56.39 19.49
N TYR H 314 -25.68 -55.63 19.49
CA TYR H 314 -25.79 -54.18 19.62
C TYR H 314 -26.58 -53.57 18.46
N ASN H 315 -26.45 -54.14 17.26
CA ASN H 315 -27.26 -53.68 16.14
C ASN H 315 -28.74 -53.89 16.41
N GLU H 316 -29.10 -55.05 16.96
CA GLU H 316 -30.49 -55.32 17.31
C GLU H 316 -30.96 -54.45 18.46
N ALA H 317 -30.07 -54.17 19.43
CA ALA H 317 -30.43 -53.29 20.54
C ALA H 317 -30.69 -51.88 20.05
N LEU H 318 -29.95 -51.42 19.05
CA LEU H 318 -30.18 -50.09 18.49
C LEU H 318 -31.59 -49.98 17.91
N LYS H 319 -32.09 -51.06 17.31
CA LYS H 319 -33.44 -51.04 16.75
C LYS H 319 -34.48 -50.74 17.82
N PHE H 320 -34.32 -51.33 19.01
CA PHE H 320 -35.23 -51.04 20.11
C PHE H 320 -35.12 -49.58 20.55
N TRP H 321 -33.90 -49.05 20.59
CA TRP H 321 -33.71 -47.66 20.99
C TRP H 321 -34.40 -46.72 20.00
N GLU H 322 -34.35 -47.04 18.71
CA GLU H 322 -35.00 -46.20 17.71
C GLU H 322 -36.51 -46.19 17.91
N LYS H 323 -37.11 -47.35 18.22
CA LYS H 323 -38.54 -47.40 18.44
C LYS H 323 -38.95 -46.59 19.67
N GLY H 324 -38.16 -46.65 20.75
CA GLY H 324 -38.50 -45.91 21.94
C GLY H 324 -38.42 -44.41 21.75
N ILE H 325 -37.46 -43.94 20.97
CA ILE H 325 -37.32 -42.50 20.72
C ILE H 325 -38.55 -41.97 20.00
N LEU H 326 -39.13 -42.77 19.10
CA LEU H 326 -40.25 -42.32 18.30
C LEU H 326 -41.47 -42.03 19.18
N GLY H 327 -41.73 -42.87 20.17
CA GLY H 327 -42.84 -42.66 21.08
C GLY H 327 -42.58 -43.31 22.41
N PHE H 328 -43.26 -42.81 23.44
CA PHE H 328 -43.01 -43.26 24.79
C PHE H 328 -43.40 -44.74 24.95
N ASN H 329 -42.44 -45.53 25.42
CA ASN H 329 -42.68 -46.93 25.76
C ASN H 329 -42.19 -47.19 27.19
N GLN H 330 -43.00 -47.93 27.95
CA GLN H 330 -42.71 -48.17 29.35
C GLN H 330 -41.39 -48.91 29.52
N GLU H 331 -41.03 -49.79 28.59
CA GLU H 331 -39.85 -50.62 28.76
C GLU H 331 -38.57 -49.79 28.76
N LEU H 332 -38.43 -48.89 27.78
CA LEU H 332 -37.25 -48.02 27.75
C LEU H 332 -37.23 -47.07 28.94
N TYR H 333 -38.39 -46.58 29.37
CA TYR H 333 -38.44 -45.74 30.56
C TYR H 333 -37.95 -46.51 31.78
N ASN H 334 -38.27 -47.80 31.88
CA ASN H 334 -37.83 -48.60 33.00
C ASN H 334 -36.31 -48.77 33.02
N TYR H 335 -35.69 -49.02 31.86
CA TYR H 335 -34.24 -49.11 31.82
C TYR H 335 -33.60 -47.78 32.20
N MET H 336 -34.17 -46.67 31.74
CA MET H 336 -33.67 -45.35 32.11
C MET H 336 -33.86 -45.11 33.61
N GLU H 337 -35.01 -45.50 34.15
CA GLU H 337 -35.27 -45.33 35.57
C GLU H 337 -34.26 -46.11 36.41
N GLU H 338 -33.92 -47.33 35.98
CA GLU H 338 -32.92 -48.11 36.69
C GLU H 338 -31.55 -47.45 36.60
N LEU H 339 -31.22 -46.88 35.43
CA LEU H 339 -29.91 -46.29 35.24
C LEU H 339 -29.69 -45.09 36.17
N ILE H 340 -30.68 -44.21 36.29
CA ILE H 340 -30.51 -43.04 37.15
C ILE H 340 -30.41 -43.44 38.62
N THR H 341 -31.09 -44.52 39.01
CA THR H 341 -31.06 -44.94 40.41
C THR H 341 -29.74 -45.61 40.78
N LYS H 342 -29.21 -46.47 39.91
CA LYS H 342 -28.10 -47.35 40.26
C LYS H 342 -26.75 -46.87 39.73
N THR H 343 -26.70 -45.78 38.96
CA THR H 343 -25.42 -45.34 38.39
C THR H 343 -24.49 -44.85 39.48
N LYS H 344 -23.21 -45.20 39.36
CA LYS H 344 -22.21 -44.80 40.34
C LYS H 344 -21.97 -43.30 40.26
N GLY H 345 -22.00 -42.64 41.42
CA GLY H 345 -21.91 -41.20 41.46
C GLY H 345 -23.19 -40.49 41.08
N GLY H 346 -24.25 -41.25 40.79
CA GLY H 346 -25.49 -40.69 40.30
C GLY H 346 -25.38 -40.32 38.83
N CYS H 347 -26.52 -39.94 38.26
CA CYS H 347 -26.58 -39.43 36.90
C CYS H 347 -26.54 -37.91 36.99
N THR H 348 -25.44 -37.32 36.54
CA THR H 348 -25.17 -35.91 36.76
C THR H 348 -24.77 -35.23 35.46
N PHE H 349 -24.92 -33.91 35.44
CA PHE H 349 -24.67 -33.11 34.25
C PHE H 349 -24.26 -31.71 34.69
N LEU H 350 -23.92 -30.88 33.71
CA LEU H 350 -23.60 -29.48 33.93
C LEU H 350 -24.62 -28.60 33.23
N LEU H 351 -25.18 -27.64 33.97
CA LEU H 351 -26.19 -26.72 33.46
C LEU H 351 -25.60 -25.32 33.44
N ASN H 352 -25.48 -24.74 32.25
CA ASN H 352 -24.90 -23.41 32.09
C ASN H 352 -25.92 -22.48 31.43
N ARG H 353 -26.04 -21.27 31.98
CA ARG H 353 -26.83 -20.20 31.39
C ARG H 353 -25.87 -19.15 30.87
N ASN H 354 -25.90 -18.92 29.55
CA ASN H 354 -24.93 -17.97 29.02
C ASN H 354 -25.54 -16.57 28.98
N PRO H 355 -24.76 -15.53 29.36
CA PRO H 355 -23.30 -15.57 29.53
C PRO H 355 -22.82 -16.16 30.87
N THR H 356 -21.78 -16.98 30.78
CA THR H 356 -21.19 -17.64 31.95
C THR H 356 -20.13 -16.73 32.56
N ILE H 357 -20.60 -15.66 33.19
CA ILE H 357 -19.73 -14.61 33.71
C ILE H 357 -19.70 -14.57 35.23
N SER H 358 -20.46 -15.42 35.92
CA SER H 358 -20.59 -15.33 37.37
C SER H 358 -20.41 -16.71 38.00
N ILE H 359 -20.05 -16.69 39.28
CA ILE H 359 -19.97 -17.93 40.05
C ILE H 359 -21.38 -18.49 40.21
N GLY H 360 -21.54 -19.76 39.86
CA GLY H 360 -22.86 -20.35 39.82
C GLY H 360 -23.52 -20.31 38.46
N SER H 361 -22.88 -19.70 37.46
CA SER H 361 -23.43 -19.70 36.11
C SER H 361 -23.46 -21.11 35.55
N ILE H 362 -22.44 -21.91 35.85
CA ILE H 362 -22.42 -23.33 35.55
C ILE H 362 -22.52 -24.07 36.88
N LEU H 363 -23.47 -25.00 36.97
CA LEU H 363 -23.76 -25.70 38.21
C LEU H 363 -23.82 -27.21 37.95
N TYR H 364 -23.33 -27.98 38.91
CA TYR H 364 -23.31 -29.44 38.81
C TYR H 364 -24.54 -30.00 39.49
N LEU H 365 -25.39 -30.67 38.72
CA LEU H 365 -26.72 -31.07 39.19
C LEU H 365 -26.96 -32.55 38.94
N LYS H 366 -28.02 -33.06 39.55
CA LYS H 366 -28.36 -34.48 39.52
C LYS H 366 -29.71 -34.71 38.84
N ILE H 367 -29.81 -35.83 38.14
CA ILE H 367 -31.03 -36.23 37.44
C ILE H 367 -31.85 -37.08 38.41
N GLY H 368 -32.79 -36.44 39.10
CA GLY H 368 -33.62 -37.15 40.06
C GLY H 368 -34.69 -38.02 39.45
N LEU H 369 -35.37 -37.51 38.43
CA LEU H 369 -36.51 -38.20 37.84
C LEU H 369 -36.51 -38.02 36.33
N ILE H 370 -37.12 -38.96 35.63
CA ILE H 370 -37.32 -38.89 34.18
C ILE H 370 -38.82 -38.77 33.91
N LYS H 371 -39.20 -37.78 33.10
CA LYS H 371 -40.61 -37.52 32.85
C LYS H 371 -41.20 -38.57 31.92
N LYS H 372 -42.48 -38.88 32.15
CA LYS H 372 -43.18 -39.90 31.40
C LYS H 372 -44.03 -39.35 30.26
N ASP H 373 -44.03 -38.04 30.03
CA ASP H 373 -44.76 -37.44 28.91
C ASP H 373 -43.78 -37.12 27.79
N TYR H 374 -44.00 -37.73 26.62
CA TYR H 374 -43.14 -37.49 25.48
C TYR H 374 -43.16 -36.03 25.05
N LYS H 375 -44.34 -35.40 25.11
CA LYS H 375 -44.47 -34.01 24.69
C LYS H 375 -43.78 -33.06 25.66
N ASP H 376 -43.78 -33.36 26.95
CA ASP H 376 -43.18 -32.48 27.95
C ASP H 376 -41.65 -32.51 27.77
N LEU H 377 -41.09 -31.39 27.34
CA LEU H 377 -39.66 -31.27 27.07
C LEU H 377 -39.05 -30.11 27.86
N THR H 378 -39.49 -29.94 29.11
CA THR H 378 -39.01 -28.86 29.96
C THR H 378 -38.22 -29.44 31.14
N LEU H 379 -37.05 -28.86 31.38
CA LEU H 379 -36.26 -29.24 32.54
C LEU H 379 -36.86 -28.66 33.80
N GLY H 380 -37.00 -29.47 34.83
CA GLY H 380 -37.52 -29.03 36.11
C GLY H 380 -36.40 -28.73 37.08
N ILE H 381 -36.31 -27.48 37.49
CA ILE H 381 -35.23 -27.01 38.35
C ILE H 381 -35.82 -26.34 39.58
N SER H 382 -35.07 -26.37 40.68
CA SER H 382 -35.52 -25.72 41.90
C SER H 382 -35.41 -24.20 41.75
N ASN H 383 -36.38 -23.50 42.35
CA ASN H 383 -36.40 -22.05 42.26
C ASN H 383 -35.16 -21.42 42.89
N ASN H 384 -34.55 -22.11 43.87
CA ASN H 384 -33.36 -21.57 44.52
C ASN H 384 -32.16 -21.56 43.58
N LEU H 385 -32.10 -22.51 42.64
CA LEU H 385 -31.01 -22.52 41.68
C LEU H 385 -31.05 -21.32 40.74
N LEU H 386 -32.25 -20.79 40.50
CA LEU H 386 -32.44 -19.78 39.46
C LEU H 386 -31.60 -18.53 39.69
N SER H 387 -31.52 -18.07 40.93
CA SER H 387 -30.83 -16.80 41.20
C SER H 387 -29.34 -16.88 40.87
N ALA H 388 -28.70 -18.01 41.18
CA ALA H 388 -27.29 -18.18 40.84
C ALA H 388 -27.12 -18.25 39.32
N LEU H 389 -27.97 -19.03 38.65
CA LEU H 389 -27.89 -19.15 37.20
C LEU H 389 -28.18 -17.82 36.50
N SER H 390 -29.02 -16.98 37.11
CA SER H 390 -29.48 -15.67 36.63
C SER H 390 -30.54 -15.81 35.54
N GLY H 391 -31.02 -17.02 35.26
CA GLY H 391 -32.06 -17.22 34.27
C GLY H 391 -33.44 -16.98 34.83
N ASP H 392 -34.43 -17.07 33.94
CA ASP H 392 -35.84 -16.93 34.29
C ASP H 392 -36.66 -17.94 33.52
N TYR H 393 -37.84 -18.26 34.06
CA TYR H 393 -38.79 -19.15 33.40
C TYR H 393 -39.62 -18.38 32.34
N ASP H 394 -38.91 -17.78 31.39
CA ASP H 394 -39.56 -17.00 30.34
C ASP H 394 -39.47 -17.67 28.97
N GLY H 395 -39.10 -18.95 28.92
CA GLY H 395 -38.91 -19.64 27.66
C GLY H 395 -37.50 -19.65 27.14
N ASP H 396 -36.55 -19.06 27.86
CA ASP H 396 -35.15 -19.15 27.49
C ASP H 396 -34.63 -20.56 27.77
N VAL H 397 -33.58 -20.94 27.04
CA VAL H 397 -33.03 -22.29 27.08
C VAL H 397 -31.67 -22.27 27.74
N LEU H 398 -31.41 -23.32 28.54
CA LEU H 398 -30.15 -23.49 29.24
C LEU H 398 -29.45 -24.72 28.69
N ASN H 399 -28.12 -24.66 28.63
CA ASN H 399 -27.33 -25.73 28.03
C ASN H 399 -27.04 -26.84 29.03
N ILE H 400 -27.19 -28.08 28.57
CA ILE H 400 -26.98 -29.27 29.38
C ILE H 400 -25.76 -30.01 28.85
N ILE H 401 -24.74 -30.16 29.69
CA ILE H 401 -23.55 -30.93 29.36
C ILE H 401 -23.44 -32.08 30.35
N PRO H 402 -23.81 -33.29 29.96
CA PRO H 402 -23.70 -34.43 30.87
C PRO H 402 -22.25 -34.83 31.10
N VAL H 403 -21.99 -35.30 32.32
CA VAL H 403 -20.68 -35.80 32.71
C VAL H 403 -20.81 -37.29 33.01
N PHE H 404 -19.91 -38.09 32.43
CA PHE H 404 -19.99 -39.54 32.51
C PHE H 404 -18.98 -40.15 33.45
N ASP H 405 -17.70 -39.78 33.32
CA ASP H 405 -16.65 -40.40 34.13
C ASP H 405 -16.85 -40.06 35.60
N ASN H 406 -16.68 -41.07 36.47
CA ASN H 406 -16.82 -40.85 37.90
C ASN H 406 -15.77 -39.88 38.43
N LYS H 407 -14.56 -39.91 37.86
CA LYS H 407 -13.53 -38.97 38.28
C LYS H 407 -13.95 -37.53 37.98
N MET H 408 -14.45 -37.29 36.77
CA MET H 408 -14.89 -35.95 36.41
C MET H 408 -16.06 -35.49 37.28
N LYS H 409 -16.95 -36.41 37.64
CA LYS H 409 -18.09 -36.06 38.48
C LYS H 409 -17.65 -35.46 39.80
N GLU H 410 -16.65 -36.07 40.45
CA GLU H 410 -16.15 -35.52 41.71
C GLU H 410 -15.49 -34.17 41.49
N HIS H 411 -14.68 -34.05 40.44
CA HIS H 411 -13.98 -32.79 40.18
C HIS H 411 -14.97 -31.68 39.85
N PHE H 412 -15.98 -31.98 39.03
CA PHE H 412 -16.99 -31.00 38.68
C PHE H 412 -18.01 -30.78 39.80
N SER H 413 -18.03 -31.67 40.80
CA SER H 413 -18.89 -31.47 41.97
C SER H 413 -18.47 -30.26 42.79
N LEU H 414 -17.25 -29.74 42.57
CA LEU H 414 -16.86 -28.50 43.23
C LEU H 414 -17.71 -27.33 42.78
N LEU H 415 -18.43 -27.47 41.66
CA LEU H 415 -19.37 -26.48 41.17
C LEU H 415 -20.80 -26.76 41.61
N SER H 416 -21.02 -27.75 42.48
CA SER H 416 -22.36 -28.12 42.89
C SER H 416 -23.01 -27.00 43.70
N PRO H 417 -24.34 -26.98 43.77
CA PRO H 417 -25.00 -25.93 44.58
C PRO H 417 -24.63 -25.96 46.05
N GLN H 418 -24.44 -27.15 46.63
CA GLN H 418 -24.10 -27.22 48.05
C GLN H 418 -22.74 -26.58 48.32
N ASN H 419 -21.76 -26.81 47.43
CA ASN H 419 -20.45 -26.21 47.61
C ASN H 419 -20.50 -24.69 47.48
N PHE H 420 -21.45 -24.18 46.69
CA PHE H 420 -21.59 -22.75 46.49
C PHE H 420 -22.55 -22.11 47.48
N LEU H 421 -23.03 -22.87 48.48
CA LEU H 421 -23.81 -22.28 49.56
C LEU H 421 -23.01 -21.24 50.33
N VAL H 422 -21.69 -21.33 50.28
CA VAL H 422 -20.79 -20.38 50.92
C VAL H 422 -20.37 -19.36 49.88
N ASP H 423 -20.64 -18.09 50.14
CA ASP H 423 -20.18 -17.03 49.26
C ASP H 423 -18.66 -16.97 49.31
N ARG H 424 -18.01 -17.08 48.16
CA ARG H 424 -16.56 -17.10 48.11
C ARG H 424 -15.97 -15.74 48.47
N ASN H 425 -16.73 -14.67 48.26
CA ASN H 425 -16.25 -13.34 48.62
C ASN H 425 -16.14 -13.18 50.13
N ASN H 426 -17.22 -13.48 50.85
CA ASN H 426 -17.26 -13.24 52.30
C ASN H 426 -17.10 -14.48 53.15
N GLY H 427 -17.44 -15.66 52.62
CA GLY H 427 -17.54 -16.84 53.45
C GLY H 427 -18.89 -17.01 54.11
N ARG H 428 -19.80 -16.07 53.92
CA ARG H 428 -21.14 -16.09 54.48
C ARG H 428 -22.05 -16.97 53.61
N PHE H 429 -23.28 -17.15 54.07
CA PHE H 429 -24.28 -17.88 53.30
C PHE H 429 -24.64 -17.12 52.02
N ASN H 430 -24.87 -17.86 50.95
CA ASN H 430 -25.21 -17.29 49.66
C ASN H 430 -26.72 -17.11 49.57
N GLY H 431 -27.17 -15.85 49.43
CA GLY H 431 -28.59 -15.58 49.29
C GLY H 431 -29.19 -16.09 48.00
N ASP H 432 -28.35 -16.38 47.00
CA ASP H 432 -28.87 -16.91 45.74
C ASP H 432 -29.56 -18.25 45.94
N PHE H 433 -29.12 -19.04 46.90
CA PHE H 433 -29.67 -20.37 47.16
C PHE H 433 -30.67 -20.37 48.31
N ASP H 434 -31.07 -19.19 48.79
CA ASP H 434 -32.00 -19.08 49.90
C ASP H 434 -33.44 -19.17 49.39
N LEU H 435 -34.39 -19.03 50.31
CA LEU H 435 -35.80 -19.01 49.94
C LEU H 435 -36.11 -17.75 49.15
N GLN H 436 -36.98 -17.88 48.16
CA GLN H 436 -37.30 -16.79 47.26
C GLN H 436 -38.65 -16.17 47.62
N LYS H 437 -39.25 -15.43 46.68
CA LYS H 437 -40.40 -14.58 46.99
C LYS H 437 -41.59 -15.41 47.48
N ASP H 438 -42.01 -16.41 46.70
CA ASP H 438 -43.18 -17.20 47.08
C ASP H 438 -42.91 -17.97 48.36
N GLN H 439 -41.71 -18.51 48.52
CA GLN H 439 -41.38 -19.32 49.68
C GLN H 439 -41.30 -18.47 50.95
N ILE H 440 -40.73 -17.27 50.84
CA ILE H 440 -40.57 -16.41 52.01
C ILE H 440 -41.93 -16.06 52.60
N LEU H 441 -42.92 -15.82 51.75
CA LEU H 441 -44.24 -15.43 52.23
C LEU H 441 -44.85 -16.51 53.13
N GLY H 442 -44.72 -17.77 52.73
CA GLY H 442 -45.28 -18.85 53.54
C GLY H 442 -44.62 -18.96 54.90
N ILE H 443 -43.29 -18.87 54.93
CA ILE H 443 -42.57 -18.93 56.20
C ILE H 443 -42.88 -17.71 57.05
N PHE H 444 -43.05 -16.54 56.42
CA PHE H 444 -43.39 -15.33 57.18
C PHE H 444 -44.77 -15.47 57.82
N ILE H 445 -45.74 -15.98 57.07
CA ILE H 445 -47.08 -16.20 57.63
C ILE H 445 -47.01 -17.20 58.77
N LEU H 446 -46.16 -18.21 58.63
CA LEU H 446 -46.02 -19.23 59.67
C LEU H 446 -45.46 -18.65 60.96
N ASN H 447 -44.38 -17.87 60.86
CA ASN H 447 -43.67 -17.42 62.05
C ASN H 447 -44.14 -16.08 62.57
N ASN H 448 -44.56 -15.17 61.68
CA ASN H 448 -44.95 -13.84 62.12
C ASN H 448 -46.43 -13.58 61.86
ZN ZN I . -1.70 38.09 -39.75
ZN ZN J . 3.02 -13.92 52.05
#